data_7RZA
#
_entry.id   7RZA
#
_cell.length_a   1.00
_cell.length_b   1.00
_cell.length_c   1.00
_cell.angle_alpha   90.00
_cell.angle_beta   90.00
_cell.angle_gamma   90.00
#
_symmetry.space_group_name_H-M   'P 1'
#
loop_
_entity.id
_entity.type
_entity.pdbx_description
1 polymer 'Glutamate receptor 2'
2 non-polymer '(S)-2-AMINO-3-(3,5-DIOXO-[1,2,4]OXADIAZOLIDIN-2-YL)-PROPIONIC ACID'
#
_entity_poly.entity_id   1
_entity_poly.type   'polypeptide(L)'
_entity_poly.pdbx_seq_one_letter_code
;NSIQIGGLFPRGADQEYSAFRVGMVQFSTSEFRLTPHIDNLEVANSFAVTNAFCSQFSRGVYAIFGFYDKKSVNTITSFC
GTLHVSFITPSFPTDGTHPFVIQMRPDLKGALLSLIEYYQWDKFAYLYDSDRGLSTLQAVLDSAAEKKWQVTAINVGNIN
NDKKDETYRSLFQDLELKKERRVILDCERDKVNDIVDQVITIGKHVKGYHYIIANLGFTDGDLLKIQFGGAEVSGFQIVD
YDDSLVSKFIERWSTLEEKEYPGAHTATIKYTSALTYDAVQVMTEAFRNLRKQRIEISRRGNAGDCLANPAVPWGQGVEI
ERALKQVQVEGLSGNIKFDQNGKRINYTINIMELKTNGPRKIGYWSEVDKMVLTEDDTSGLEQKTVVVTTILESPYVMMK
KNHEMLEGNERYEGYCVDLAAEIAKHCGFKYKLTIVGDGKYGARDADTKIWNGMVGELVYGKADIAIAPLTITLVREEVI
DFSKPFMSLGISIMIKKPQKSKPGVFSFLDPLAYEIWMCIVFAYIGVSVVLFLVSRFSPYEWHTEEFEDGRETQSSESTN
EFGIFNSLWFSLGAFMQQGCDISPRSLSGRIVGGVWWFFTLIIISSYTANLAAFLTVERMVSPIESAEDLSKQTEIAYGT
LDSGSTKEFFRRSKIAVFDKMWTYMRSAEPSVFVRTTAEGVARVRKSKGKYAYLLESTMNEYIEQRKPCDTMKVGGNLDS
KGYGIATPKGSSLGTPVNLAVLKLSEQGVLDKLKNKWWYDKGECGAKDSGSKEKTSALSLSNVAGVFYILVGGLGLAMLV
ALIEFCYKSRAEAKRMKGTGKTSRRGRALLAVALNLLALLFATTAFLTTYWCQGTQRVPKPGCGQGGGANCPNSGANATA
NSTAAPVAASPAGAPYSWEAGDERFQLRRFHTGIWYSCEEELGGPGEKCRSFIDLAPASEKGVLWLSVVSEVLYILLLVV
GFSLMCLELLHSSSVIDGLKLNAFAAVFTVLSGLLGMVAHMMYTQVFQVTVSLGPEDWRPHSWDYGWSFCLAWGSFTCCM
AASVTTLNSYTKTVIEFRHKRKVFEQGYREEPTFIDPEAIKYFRERIEKGDVSEEEDFRLACRHERYPTRHQPHMGDSWP
RSSAHEAAELNRQCWVLGHWVGTGGLVPRGSAAA
;
_entity_poly.pdbx_strand_id   A,B,C,D
#
# COMPACT_ATOMS: atom_id res chain seq x y z
N ASN A 1 -38.46 -33.02 77.08
CA ASN A 1 -39.25 -33.38 75.91
C ASN A 1 -38.41 -34.25 74.98
N SER A 2 -38.94 -35.44 74.66
CA SER A 2 -38.24 -36.40 73.79
C SER A 2 -38.74 -36.24 72.36
N ILE A 3 -38.26 -35.17 71.71
CA ILE A 3 -38.73 -34.83 70.38
C ILE A 3 -38.15 -35.80 69.36
N GLN A 4 -38.86 -35.95 68.24
CA GLN A 4 -38.58 -36.95 67.22
C GLN A 4 -38.16 -36.25 65.93
N ILE A 5 -37.07 -36.71 65.32
CA ILE A 5 -36.66 -36.27 63.99
C ILE A 5 -36.42 -37.49 63.12
N GLY A 6 -36.57 -37.32 61.82
CA GLY A 6 -36.35 -38.43 60.91
C GLY A 6 -34.95 -38.42 60.34
N GLY A 7 -34.54 -39.57 59.82
CA GLY A 7 -33.23 -39.68 59.22
C GLY A 7 -33.26 -40.28 57.83
N LEU A 8 -32.79 -39.54 56.84
CA LEU A 8 -32.68 -40.03 55.47
C LEU A 8 -31.20 -40.13 55.13
N PHE A 9 -30.57 -41.22 55.53
CA PHE A 9 -29.16 -41.38 55.31
C PHE A 9 -28.91 -42.36 54.18
N PRO A 10 -28.06 -42.00 53.22
CA PRO A 10 -27.76 -42.90 52.11
C PRO A 10 -26.98 -44.11 52.58
N ARG A 11 -27.24 -45.23 51.91
CA ARG A 11 -26.56 -46.47 52.24
C ARG A 11 -25.08 -46.37 51.90
N GLY A 12 -24.24 -46.48 52.93
CA GLY A 12 -22.82 -46.29 52.78
C GLY A 12 -22.25 -45.07 53.48
N ALA A 13 -23.09 -44.30 54.18
CA ALA A 13 -22.63 -43.13 54.93
C ALA A 13 -22.28 -43.51 56.37
N ASP A 14 -21.37 -44.47 56.51
CA ASP A 14 -21.04 -45.01 57.83
C ASP A 14 -20.30 -44.00 58.68
N GLN A 15 -19.48 -43.15 58.05
CA GLN A 15 -18.84 -42.09 58.81
C GLN A 15 -19.84 -40.99 59.15
N GLU A 16 -20.77 -40.71 58.24
CA GLU A 16 -21.78 -39.69 58.52
C GLU A 16 -22.76 -40.15 59.59
N TYR A 17 -23.15 -41.44 59.56
CA TYR A 17 -24.05 -41.94 60.58
C TYR A 17 -23.36 -42.03 61.93
N SER A 18 -22.05 -42.25 61.92
CA SER A 18 -21.29 -42.30 63.17
C SER A 18 -21.22 -40.92 63.81
N ALA A 19 -20.86 -39.91 63.03
CA ALA A 19 -20.75 -38.56 63.57
C ALA A 19 -22.12 -37.97 63.89
N PHE A 20 -23.18 -38.56 63.33
CA PHE A 20 -24.52 -38.22 63.77
C PHE A 20 -24.73 -38.66 65.22
N ARG A 21 -24.24 -39.85 65.58
CA ARG A 21 -24.49 -40.37 66.92
C ARG A 21 -23.57 -39.73 67.95
N VAL A 22 -22.42 -39.21 67.52
CA VAL A 22 -21.49 -38.59 68.45
C VAL A 22 -22.07 -37.29 69.00
N GLY A 23 -22.76 -36.53 68.14
CA GLY A 23 -23.51 -35.39 68.64
C GLY A 23 -24.67 -35.80 69.52
N MET A 24 -25.25 -36.97 69.26
CA MET A 24 -26.28 -37.49 70.14
C MET A 24 -25.69 -37.86 71.50
N VAL A 25 -24.43 -38.26 71.53
CA VAL A 25 -23.76 -38.51 72.81
C VAL A 25 -23.43 -37.20 73.51
N GLN A 26 -22.74 -36.30 72.82
CA GLN A 26 -22.18 -35.13 73.49
C GLN A 26 -23.21 -34.04 73.76
N PHE A 27 -24.29 -33.97 72.97
CA PHE A 27 -25.27 -32.92 73.20
C PHE A 27 -26.52 -33.49 73.83
N SER A 28 -26.36 -34.41 74.78
CA SER A 28 -27.48 -35.06 75.46
C SER A 28 -27.84 -34.29 76.72
N THR A 29 -28.98 -33.61 76.70
CA THR A 29 -29.59 -33.02 77.88
C THR A 29 -30.97 -33.62 78.08
N SER A 30 -31.45 -33.63 79.33
CA SER A 30 -32.63 -34.42 79.66
C SER A 30 -33.91 -33.73 79.23
N GLU A 31 -33.96 -32.40 79.32
CA GLU A 31 -35.16 -31.68 78.89
C GLU A 31 -35.29 -31.69 77.37
N PHE A 32 -34.16 -31.56 76.66
CA PHE A 32 -34.14 -31.63 75.20
C PHE A 32 -33.15 -32.70 74.78
N ARG A 33 -33.63 -33.94 74.71
CA ARG A 33 -32.91 -35.01 74.04
C ARG A 33 -33.57 -35.24 72.70
N LEU A 34 -32.76 -35.27 71.65
CA LEU A 34 -33.29 -35.63 70.34
C LEU A 34 -33.51 -37.13 70.29
N THR A 35 -34.38 -37.58 69.39
CA THR A 35 -34.54 -39.00 69.20
C THR A 35 -34.59 -39.29 67.70
N PRO A 36 -33.69 -40.12 67.19
CA PRO A 36 -33.66 -40.37 65.75
C PRO A 36 -34.51 -41.56 65.30
N HIS A 37 -35.32 -41.35 64.27
CA HIS A 37 -35.89 -42.45 63.50
C HIS A 37 -35.16 -42.49 62.16
N ILE A 38 -34.38 -43.54 61.95
CA ILE A 38 -33.38 -43.58 60.90
C ILE A 38 -33.83 -44.57 59.82
N ASP A 39 -33.75 -44.14 58.57
CA ASP A 39 -34.09 -44.98 57.44
C ASP A 39 -32.99 -44.90 56.40
N ASN A 40 -32.40 -46.04 56.06
CA ASN A 40 -31.38 -46.12 55.04
C ASN A 40 -32.06 -46.40 53.69
N LEU A 41 -31.52 -45.79 52.64
CA LEU A 41 -32.14 -45.81 51.33
C LEU A 41 -31.12 -45.39 50.29
N GLU A 42 -31.34 -45.83 49.06
CA GLU A 42 -30.69 -45.18 47.94
C GLU A 42 -31.30 -43.81 47.77
N VAL A 43 -30.51 -42.87 47.26
CA VAL A 43 -30.97 -41.49 47.25
C VAL A 43 -31.23 -41.02 45.82
N ALA A 44 -30.82 -41.81 44.83
CA ALA A 44 -31.21 -41.52 43.46
C ALA A 44 -32.66 -41.90 43.19
N ASN A 45 -33.14 -42.94 43.88
CA ASN A 45 -34.53 -43.37 43.79
C ASN A 45 -35.44 -42.32 44.42
N SER A 46 -36.08 -41.49 43.60
CA SER A 46 -36.95 -40.46 44.13
C SER A 46 -38.23 -41.05 44.70
N PHE A 47 -38.61 -42.23 44.25
CA PHE A 47 -39.71 -42.95 44.87
C PHE A 47 -39.37 -43.34 46.30
N ALA A 48 -38.12 -43.75 46.53
CA ALA A 48 -37.69 -44.09 47.88
C ALA A 48 -37.64 -42.85 48.76
N VAL A 49 -37.21 -41.73 48.20
CA VAL A 49 -37.11 -40.47 48.94
C VAL A 49 -38.51 -39.96 49.29
N THR A 50 -39.47 -40.21 48.41
CA THR A 50 -40.86 -39.87 48.72
C THR A 50 -41.40 -40.79 49.82
N ASN A 51 -41.11 -42.09 49.73
CA ASN A 51 -41.68 -43.06 50.66
C ASN A 51 -41.13 -42.88 52.06
N ALA A 52 -39.85 -42.57 52.18
CA ALA A 52 -39.29 -42.29 53.49
C ALA A 52 -39.84 -40.98 54.04
N PHE A 53 -40.19 -40.06 53.15
CA PHE A 53 -40.71 -38.78 53.62
C PHE A 53 -42.12 -38.93 54.17
N CYS A 54 -42.99 -39.64 53.45
CA CYS A 54 -44.37 -39.77 53.88
C CYS A 54 -44.50 -40.69 55.09
N SER A 55 -43.68 -41.74 55.15
CA SER A 55 -43.73 -42.64 56.30
C SER A 55 -43.28 -41.93 57.57
N GLN A 56 -42.30 -41.05 57.46
CA GLN A 56 -41.87 -40.28 58.62
C GLN A 56 -42.85 -39.17 58.93
N PHE A 57 -43.56 -38.67 57.92
CA PHE A 57 -44.59 -37.67 58.17
C PHE A 57 -45.79 -38.31 58.86
N SER A 58 -45.94 -39.63 58.72
CA SER A 58 -46.94 -40.35 59.49
C SER A 58 -46.51 -40.51 60.95
N ARG A 59 -45.20 -40.61 61.20
CA ARG A 59 -44.72 -40.89 62.54
C ARG A 59 -44.71 -39.68 63.46
N GLY A 60 -45.12 -38.51 62.96
CA GLY A 60 -45.14 -37.32 63.79
C GLY A 60 -43.76 -36.79 64.10
N VAL A 61 -43.07 -36.29 63.07
CA VAL A 61 -41.71 -35.77 63.20
C VAL A 61 -41.76 -34.26 63.29
N TYR A 62 -40.76 -33.67 63.95
CA TYR A 62 -40.71 -32.22 64.10
C TYR A 62 -39.85 -31.60 63.01
N ALA A 63 -38.77 -32.26 62.62
CA ALA A 63 -37.95 -31.83 61.50
C ALA A 63 -37.33 -33.06 60.86
N ILE A 64 -36.87 -32.91 59.63
CA ILE A 64 -36.29 -34.01 58.87
C ILE A 64 -34.86 -33.66 58.54
N PHE A 65 -33.95 -34.50 58.99
CA PHE A 65 -32.52 -34.41 58.68
C PHE A 65 -32.17 -35.54 57.73
N GLY A 66 -31.58 -35.20 56.59
CA GLY A 66 -31.26 -36.21 55.59
C GLY A 66 -30.39 -35.62 54.51
N PHE A 67 -30.04 -36.45 53.53
CA PHE A 67 -29.23 -36.03 52.40
C PHE A 67 -30.10 -36.08 51.16
N TYR A 68 -29.59 -35.50 50.08
CA TYR A 68 -30.20 -35.63 48.76
C TYR A 68 -29.17 -35.37 47.69
N ASP A 69 -29.23 -36.14 46.60
CA ASP A 69 -28.30 -36.03 45.50
C ASP A 69 -28.89 -35.10 44.45
N LYS A 70 -28.29 -35.04 43.26
CA LYS A 70 -28.81 -34.21 42.18
C LYS A 70 -30.13 -34.74 41.66
N LYS A 71 -30.35 -36.05 41.76
CA LYS A 71 -31.57 -36.64 41.21
C LYS A 71 -32.81 -36.20 41.98
N SER A 72 -32.77 -36.26 43.31
CA SER A 72 -33.98 -35.97 44.05
C SER A 72 -33.86 -34.68 44.84
N VAL A 73 -33.24 -33.68 44.24
CA VAL A 73 -33.12 -32.36 44.85
C VAL A 73 -34.48 -31.67 44.92
N ASN A 74 -35.34 -31.89 43.93
CA ASN A 74 -36.56 -31.11 43.84
C ASN A 74 -37.67 -31.72 44.68
N THR A 75 -37.58 -33.03 44.94
CA THR A 75 -38.67 -33.72 45.62
C THR A 75 -38.77 -33.28 47.07
N ILE A 76 -37.65 -32.97 47.68
CA ILE A 76 -37.67 -32.50 49.06
C ILE A 76 -38.05 -31.03 49.12
N THR A 77 -37.53 -30.24 48.19
CA THR A 77 -37.82 -28.81 48.21
C THR A 77 -39.25 -28.50 47.79
N SER A 78 -39.87 -29.41 47.04
CA SER A 78 -41.29 -29.24 46.76
C SER A 78 -42.15 -29.65 47.95
N PHE A 79 -41.82 -30.79 48.57
CA PHE A 79 -42.61 -31.29 49.70
C PHE A 79 -42.50 -30.39 50.91
N CYS A 80 -41.28 -30.01 51.27
CA CYS A 80 -41.08 -29.21 52.48
C CYS A 80 -41.55 -27.77 52.29
N GLY A 81 -41.71 -27.35 51.03
CA GLY A 81 -42.33 -26.06 50.78
C GLY A 81 -43.82 -26.07 51.04
N THR A 82 -44.51 -27.11 50.58
CA THR A 82 -45.96 -27.15 50.74
C THR A 82 -46.34 -27.61 52.14
N LEU A 83 -45.64 -28.60 52.68
CA LEU A 83 -46.05 -29.26 53.91
C LEU A 83 -45.47 -28.61 55.15
N HIS A 84 -44.57 -27.63 54.98
CA HIS A 84 -44.10 -26.72 56.04
C HIS A 84 -43.34 -27.45 57.16
N VAL A 85 -42.73 -28.59 56.83
CA VAL A 85 -41.78 -29.24 57.72
C VAL A 85 -40.39 -28.81 57.27
N SER A 86 -39.51 -28.57 58.24
CA SER A 86 -38.23 -27.97 57.91
C SER A 86 -37.17 -29.03 57.70
N PHE A 87 -36.25 -28.75 56.78
CA PHE A 87 -35.30 -29.73 56.29
C PHE A 87 -33.91 -29.14 56.38
N ILE A 88 -33.09 -29.67 57.29
CA ILE A 88 -31.72 -29.23 57.48
C ILE A 88 -30.81 -30.30 56.88
N THR A 89 -29.85 -29.89 56.06
CA THR A 89 -29.15 -30.86 55.24
C THR A 89 -27.69 -30.49 55.00
N PRO A 90 -26.81 -31.49 54.98
CA PRO A 90 -25.43 -31.27 54.53
C PRO A 90 -25.21 -31.45 53.03
N SER A 91 -26.26 -31.48 52.22
CA SER A 91 -26.09 -31.71 50.81
C SER A 91 -25.63 -30.43 50.10
N PHE A 92 -25.62 -30.45 48.78
CA PHE A 92 -25.17 -29.29 48.05
C PHE A 92 -26.29 -28.25 48.03
N PRO A 93 -25.95 -26.96 47.98
CA PRO A 93 -26.99 -25.93 48.09
C PRO A 93 -27.77 -25.82 46.80
N THR A 94 -29.09 -25.66 46.94
CA THR A 94 -29.94 -25.53 45.77
C THR A 94 -29.76 -24.16 45.14
N ASP A 95 -29.72 -24.13 43.82
CA ASP A 95 -29.69 -22.87 43.09
C ASP A 95 -30.93 -22.05 43.35
N GLY A 96 -30.73 -20.76 43.60
CA GLY A 96 -31.85 -19.88 43.89
C GLY A 96 -32.45 -20.11 45.26
N THR A 97 -33.48 -19.34 45.55
CA THR A 97 -34.16 -19.44 46.84
C THR A 97 -35.06 -20.66 46.87
N HIS A 98 -35.27 -21.19 48.07
CA HIS A 98 -36.21 -22.25 48.31
C HIS A 98 -36.76 -22.12 49.73
N PRO A 99 -38.06 -22.27 49.92
CA PRO A 99 -38.63 -22.08 51.25
C PRO A 99 -38.38 -23.27 52.15
N PHE A 100 -38.24 -23.00 53.45
CA PHE A 100 -38.33 -23.99 54.52
C PHE A 100 -37.21 -25.03 54.48
N VAL A 101 -36.16 -24.78 53.73
CA VAL A 101 -35.03 -25.70 53.62
C VAL A 101 -33.78 -24.95 54.04
N ILE A 102 -32.98 -25.54 54.91
CA ILE A 102 -31.81 -24.91 55.48
C ILE A 102 -30.59 -25.72 55.09
N GLN A 103 -29.73 -25.14 54.26
CA GLN A 103 -28.54 -25.83 53.77
C GLN A 103 -27.42 -25.58 54.76
N MET A 104 -26.84 -26.65 55.29
CA MET A 104 -25.75 -26.49 56.24
C MET A 104 -24.44 -26.19 55.53
N ARG A 105 -24.18 -26.89 54.41
CA ARG A 105 -22.98 -26.65 53.63
C ARG A 105 -23.01 -25.26 53.02
N PRO A 106 -21.95 -24.48 53.14
CA PRO A 106 -21.96 -23.13 52.58
C PRO A 106 -21.78 -23.16 51.08
N ASP A 107 -21.96 -22.00 50.48
CA ASP A 107 -21.70 -21.86 49.06
C ASP A 107 -20.20 -21.90 48.79
N LEU A 108 -19.86 -22.10 47.53
CA LEU A 108 -18.50 -22.32 47.11
C LEU A 108 -18.12 -21.46 45.91
N LYS A 109 -19.09 -21.03 45.11
CA LYS A 109 -18.81 -20.39 43.83
C LYS A 109 -18.18 -19.03 44.01
N GLY A 110 -18.46 -18.37 45.15
CA GLY A 110 -17.79 -17.13 45.47
C GLY A 110 -16.30 -17.31 45.66
N ALA A 111 -15.90 -18.34 46.40
CA ALA A 111 -14.48 -18.54 46.69
C ALA A 111 -13.73 -19.04 45.47
N LEU A 112 -14.40 -19.79 44.61
CA LEU A 112 -13.70 -20.30 43.44
C LEU A 112 -13.53 -19.20 42.41
N LEU A 113 -14.38 -18.17 42.45
CA LEU A 113 -14.18 -17.01 41.59
C LEU A 113 -13.19 -16.03 42.19
N SER A 114 -12.98 -16.10 43.51
CA SER A 114 -11.97 -15.24 44.11
C SER A 114 -10.58 -15.86 43.99
N LEU A 115 -10.51 -17.19 43.97
CA LEU A 115 -9.23 -17.88 43.90
C LEU A 115 -8.58 -17.71 42.53
N ILE A 116 -9.37 -17.87 41.46
CA ILE A 116 -8.84 -17.79 40.10
C ILE A 116 -8.33 -16.39 39.80
N GLU A 117 -9.03 -15.38 40.31
CA GLU A 117 -8.58 -13.99 40.17
C GLU A 117 -7.29 -13.76 40.95
N TYR A 118 -7.08 -14.50 42.03
CA TYR A 118 -5.86 -14.37 42.82
C TYR A 118 -4.67 -15.03 42.13
N TYR A 119 -4.90 -16.06 41.33
CA TYR A 119 -3.80 -16.69 40.62
C TYR A 119 -3.57 -16.11 39.24
N GLN A 120 -4.35 -15.09 38.86
CA GLN A 120 -4.24 -14.37 37.58
C GLN A 120 -4.41 -15.29 36.38
N TRP A 121 -5.30 -16.27 36.46
CA TRP A 121 -5.48 -17.18 35.34
C TRP A 121 -6.43 -16.59 34.30
N ASP A 122 -6.27 -17.02 33.06
CA ASP A 122 -7.31 -16.83 32.06
C ASP A 122 -7.54 -18.03 31.16
N LYS A 123 -6.68 -19.05 31.20
CA LYS A 123 -6.78 -20.20 30.30
C LYS A 123 -6.72 -21.47 31.14
N PHE A 124 -7.88 -21.97 31.55
CA PHE A 124 -7.93 -23.13 32.42
C PHE A 124 -9.06 -24.05 32.02
N ALA A 125 -8.78 -25.34 31.98
CA ALA A 125 -9.82 -26.33 31.78
C ALA A 125 -10.63 -26.50 33.05
N TYR A 126 -11.61 -27.39 33.00
CA TYR A 126 -12.57 -27.55 34.08
C TYR A 126 -13.23 -28.90 33.90
N LEU A 127 -13.07 -29.79 34.86
CA LEU A 127 -13.61 -31.14 34.73
C LEU A 127 -14.67 -31.36 35.79
N TYR A 128 -15.91 -31.00 35.49
CA TYR A 128 -17.02 -31.04 36.40
C TYR A 128 -17.60 -32.43 36.49
N ASP A 129 -18.45 -32.66 37.49
CA ASP A 129 -19.24 -33.87 37.60
C ASP A 129 -20.71 -33.49 37.63
N SER A 130 -21.54 -34.34 37.03
CA SER A 130 -22.95 -34.00 36.87
C SER A 130 -23.71 -34.14 38.19
N ASP A 131 -23.29 -35.07 39.05
CA ASP A 131 -24.15 -35.49 40.15
C ASP A 131 -23.98 -34.61 41.38
N ARG A 132 -22.90 -33.83 41.43
CA ARG A 132 -22.86 -32.81 42.46
C ARG A 132 -23.80 -31.67 42.11
N GLY A 133 -24.07 -31.50 40.83
CA GLY A 133 -24.92 -30.43 40.35
C GLY A 133 -24.31 -29.84 39.10
N LEU A 134 -24.92 -28.79 38.57
CA LEU A 134 -24.29 -28.03 37.50
C LEU A 134 -24.14 -26.58 37.91
N SER A 135 -24.26 -26.29 39.20
CA SER A 135 -24.37 -24.90 39.66
C SER A 135 -23.04 -24.17 39.49
N THR A 136 -21.93 -24.84 39.79
CA THR A 136 -20.64 -24.17 39.70
C THR A 136 -20.23 -23.95 38.24
N LEU A 137 -20.68 -24.82 37.35
CA LEU A 137 -20.37 -24.63 35.94
C LEU A 137 -21.12 -23.44 35.37
N GLN A 138 -22.32 -23.19 35.88
CA GLN A 138 -23.09 -22.03 35.45
C GLN A 138 -22.45 -20.74 35.91
N ALA A 139 -21.75 -20.78 37.05
CA ALA A 139 -21.22 -19.55 37.63
C ALA A 139 -20.00 -19.06 36.89
N VAL A 140 -19.11 -19.96 36.51
CA VAL A 140 -17.85 -19.51 35.90
C VAL A 140 -18.05 -19.18 34.43
N LEU A 141 -19.07 -19.78 33.80
CA LEU A 141 -19.33 -19.48 32.40
C LEU A 141 -19.98 -18.12 32.24
N ASP A 142 -20.71 -17.65 33.25
CA ASP A 142 -21.10 -16.25 33.27
C ASP A 142 -19.88 -15.35 33.43
N SER A 143 -18.92 -15.76 34.25
CA SER A 143 -17.70 -14.98 34.40
C SER A 143 -16.75 -15.22 33.24
N ALA A 144 -17.06 -16.20 32.38
CA ALA A 144 -16.26 -16.41 31.18
C ALA A 144 -16.45 -15.26 30.19
N ALA A 145 -17.65 -14.68 30.17
CA ALA A 145 -17.88 -13.54 29.30
C ALA A 145 -17.25 -12.27 29.86
N GLU A 146 -17.20 -12.16 31.19
CA GLU A 146 -16.88 -10.89 31.82
C GLU A 146 -15.40 -10.57 31.87
N LYS A 147 -14.52 -11.57 31.87
CA LYS A 147 -13.10 -11.30 32.06
C LYS A 147 -12.21 -12.11 31.13
N LYS A 148 -12.72 -12.54 29.98
CA LYS A 148 -11.99 -13.22 28.90
C LYS A 148 -11.36 -14.54 29.38
N TRP A 149 -12.09 -15.32 30.16
CA TRP A 149 -11.61 -16.66 30.49
C TRP A 149 -12.00 -17.63 29.38
N GLN A 150 -11.02 -18.28 28.78
CA GLN A 150 -11.28 -19.27 27.75
C GLN A 150 -11.38 -20.64 28.41
N VAL A 151 -12.44 -20.83 29.19
CA VAL A 151 -12.69 -22.04 29.93
C VAL A 151 -12.99 -23.16 28.96
N THR A 152 -12.37 -24.31 29.17
CA THR A 152 -12.61 -25.49 28.36
C THR A 152 -13.22 -26.53 29.28
N ALA A 153 -14.53 -26.46 29.47
CA ALA A 153 -15.21 -27.26 30.48
C ALA A 153 -15.64 -28.57 29.85
N ILE A 154 -15.12 -29.68 30.35
CA ILE A 154 -15.36 -30.99 29.77
C ILE A 154 -15.94 -31.88 30.85
N ASN A 155 -17.03 -32.57 30.55
CA ASN A 155 -17.64 -33.48 31.52
C ASN A 155 -16.73 -34.68 31.74
N VAL A 156 -16.84 -35.28 32.92
CA VAL A 156 -16.11 -36.48 33.25
C VAL A 156 -17.01 -37.53 33.91
N GLY A 157 -18.23 -37.17 34.30
CA GLY A 157 -19.03 -38.07 35.11
C GLY A 157 -19.73 -39.15 34.32
N ASN A 158 -19.95 -38.91 33.03
CA ASN A 158 -20.58 -39.93 32.19
C ASN A 158 -19.64 -41.10 31.96
N ILE A 159 -18.33 -40.86 32.06
CA ILE A 159 -17.37 -41.94 31.94
C ILE A 159 -17.48 -42.83 33.18
N ASN A 160 -17.67 -44.12 32.95
CA ASN A 160 -18.00 -45.06 34.00
C ASN A 160 -17.04 -46.24 33.95
N ASN A 161 -17.39 -47.30 34.69
CA ASN A 161 -16.50 -48.44 34.89
C ASN A 161 -16.37 -49.32 33.64
N ASP A 162 -17.09 -48.99 32.56
CA ASP A 162 -16.91 -49.71 31.29
C ASP A 162 -15.52 -49.47 30.72
N LYS A 163 -15.12 -48.20 30.57
CA LYS A 163 -13.85 -47.84 29.95
C LYS A 163 -13.17 -46.81 30.83
N LYS A 164 -12.26 -47.27 31.70
CA LYS A 164 -11.69 -46.43 32.73
C LYS A 164 -10.40 -45.72 32.31
N ASP A 165 -9.37 -46.50 32.01
CA ASP A 165 -8.04 -45.92 31.84
C ASP A 165 -7.82 -45.38 30.43
N GLU A 166 -8.55 -45.92 29.46
CA GLU A 166 -8.40 -45.47 28.07
C GLU A 166 -9.02 -44.10 27.87
N THR A 167 -10.16 -43.85 28.50
CA THR A 167 -10.88 -42.61 28.24
C THR A 167 -10.25 -41.43 28.97
N TYR A 168 -9.80 -41.65 30.22
CA TYR A 168 -9.24 -40.55 31.02
C TYR A 168 -7.94 -40.04 30.44
N ARG A 169 -7.13 -40.93 29.86
CA ARG A 169 -5.87 -40.48 29.27
C ARG A 169 -6.14 -39.73 27.97
N SER A 170 -7.22 -40.10 27.26
CA SER A 170 -7.61 -39.38 26.06
C SER A 170 -8.15 -38.00 26.43
N LEU A 171 -8.78 -37.91 27.59
CA LEU A 171 -9.24 -36.63 28.11
C LEU A 171 -8.07 -35.70 28.41
N PHE A 172 -7.00 -36.24 28.97
CA PHE A 172 -5.85 -35.42 29.27
C PHE A 172 -5.07 -35.10 28.01
N GLN A 173 -5.16 -35.96 26.98
CA GLN A 173 -4.50 -35.68 25.71
C GLN A 173 -5.11 -34.48 25.01
N ASP A 174 -6.45 -34.39 25.01
CA ASP A 174 -7.12 -33.28 24.35
C ASP A 174 -6.92 -31.96 25.11
N LEU A 175 -6.48 -32.05 26.36
CA LEU A 175 -6.03 -30.86 27.07
C LEU A 175 -4.57 -30.54 26.74
N GLU A 176 -3.75 -31.58 26.59
CA GLU A 176 -2.33 -31.37 26.37
C GLU A 176 -2.05 -30.97 24.92
N LEU A 177 -2.81 -31.51 23.97
CA LEU A 177 -2.63 -31.16 22.57
C LEU A 177 -2.99 -29.70 22.30
N LYS A 178 -3.94 -29.15 23.06
CA LYS A 178 -4.19 -27.71 22.99
C LYS A 178 -3.44 -26.95 24.07
N LYS A 179 -2.60 -27.63 24.83
CA LYS A 179 -1.73 -27.07 25.87
C LYS A 179 -2.53 -26.38 26.97
N GLU A 180 -3.32 -27.19 27.67
CA GLU A 180 -3.99 -26.77 28.90
C GLU A 180 -3.13 -27.15 30.09
N ARG A 181 -2.90 -26.20 30.99
CA ARG A 181 -2.00 -26.39 32.10
C ARG A 181 -2.71 -26.39 33.45
N ARG A 182 -3.88 -25.79 33.55
CA ARG A 182 -4.48 -25.43 34.82
C ARG A 182 -5.81 -26.15 34.94
N VAL A 183 -5.81 -27.34 35.51
CA VAL A 183 -6.96 -28.23 35.42
C VAL A 183 -7.69 -28.19 36.75
N ILE A 184 -8.76 -27.41 36.83
CA ILE A 184 -9.57 -27.38 38.03
C ILE A 184 -10.55 -28.54 37.97
N LEU A 185 -10.14 -29.69 38.48
CA LEU A 185 -11.09 -30.78 38.57
C LEU A 185 -11.96 -30.54 39.80
N ASP A 186 -13.20 -30.98 39.74
CA ASP A 186 -14.16 -30.56 40.74
C ASP A 186 -15.30 -31.54 40.80
N CYS A 187 -15.33 -32.34 41.86
CA CYS A 187 -16.24 -33.48 41.96
C CYS A 187 -16.24 -34.07 43.36
N GLU A 188 -16.95 -35.17 43.54
CA GLU A 188 -16.94 -35.85 44.83
C GLU A 188 -15.61 -36.57 45.02
N ARG A 189 -15.39 -37.07 46.24
CA ARG A 189 -14.04 -37.46 46.67
C ARG A 189 -13.57 -38.73 45.98
N ASP A 190 -14.50 -39.58 45.53
CA ASP A 190 -14.10 -40.80 44.85
C ASP A 190 -13.64 -40.49 43.42
N LYS A 191 -14.29 -39.52 42.78
CA LYS A 191 -13.84 -39.12 41.45
C LYS A 191 -12.58 -38.26 41.56
N VAL A 192 -12.41 -37.57 42.69
CA VAL A 192 -11.12 -36.94 43.00
C VAL A 192 -10.02 -37.98 43.10
N ASN A 193 -10.28 -39.03 43.88
CA ASN A 193 -9.30 -40.11 44.06
C ASN A 193 -9.05 -40.84 42.75
N ASP A 194 -10.05 -40.89 41.88
CA ASP A 194 -9.86 -41.59 40.62
C ASP A 194 -9.01 -40.78 39.65
N ILE A 195 -9.31 -39.49 39.50
CA ILE A 195 -8.67 -38.69 38.46
C ILE A 195 -7.21 -38.39 38.84
N VAL A 196 -6.96 -38.10 40.11
CA VAL A 196 -5.60 -37.86 40.58
C VAL A 196 -4.76 -39.13 40.46
N ASP A 197 -5.40 -40.30 40.57
CA ASP A 197 -4.69 -41.54 40.31
C ASP A 197 -4.34 -41.68 38.83
N GLN A 198 -5.24 -41.26 37.94
CA GLN A 198 -4.97 -41.39 36.51
C GLN A 198 -4.13 -40.24 35.99
N VAL A 199 -3.88 -39.22 36.82
CA VAL A 199 -2.90 -38.19 36.48
C VAL A 199 -1.49 -38.77 36.54
N ILE A 200 -1.18 -39.44 37.65
CA ILE A 200 0.20 -39.87 37.92
C ILE A 200 0.56 -41.05 37.03
N THR A 201 -0.43 -41.83 36.61
CA THR A 201 -0.17 -42.98 35.75
C THR A 201 0.36 -42.57 34.39
N ILE A 202 -0.20 -41.51 33.81
CA ILE A 202 0.35 -41.00 32.56
C ILE A 202 1.41 -39.96 32.85
N GLY A 203 1.66 -39.70 34.14
CA GLY A 203 2.74 -38.81 34.52
C GLY A 203 2.48 -37.35 34.23
N LYS A 204 1.28 -36.88 34.57
CA LYS A 204 0.93 -35.48 34.41
C LYS A 204 1.05 -34.73 35.73
N HIS A 205 2.06 -35.06 36.53
CA HIS A 205 2.28 -34.51 37.86
C HIS A 205 3.52 -33.64 37.95
N VAL A 206 4.21 -33.40 36.83
CA VAL A 206 5.45 -32.64 36.84
C VAL A 206 5.15 -31.16 37.10
N LYS A 207 6.22 -30.40 37.36
CA LYS A 207 6.10 -28.96 37.56
C LYS A 207 5.60 -28.28 36.29
N GLY A 208 4.59 -27.43 36.45
CA GLY A 208 3.92 -26.76 35.36
C GLY A 208 2.44 -27.03 35.29
N TYR A 209 1.97 -28.12 35.87
CA TYR A 209 0.57 -28.47 35.93
C TYR A 209 0.05 -28.04 37.30
N HIS A 210 -0.99 -27.21 37.31
CA HIS A 210 -1.52 -26.66 38.55
C HIS A 210 -2.98 -27.09 38.67
N TYR A 211 -3.33 -27.66 39.81
CA TYR A 211 -4.65 -28.23 40.05
C TYR A 211 -5.35 -27.46 41.15
N ILE A 212 -6.68 -27.37 41.09
CA ILE A 212 -7.49 -26.90 42.20
C ILE A 212 -8.58 -27.93 42.45
N ILE A 213 -8.32 -28.90 43.31
CA ILE A 213 -9.35 -29.85 43.71
C ILE A 213 -10.29 -29.09 44.63
N ALA A 214 -11.53 -28.95 44.20
CA ALA A 214 -12.36 -27.85 44.68
C ALA A 214 -13.65 -28.36 45.32
N ASN A 215 -13.56 -29.48 45.98
CA ASN A 215 -14.58 -29.86 46.94
C ASN A 215 -14.06 -29.49 48.31
N LEU A 216 -14.98 -29.33 49.28
CA LEU A 216 -14.58 -28.73 50.55
C LEU A 216 -13.71 -29.66 51.39
N GLY A 217 -13.72 -30.95 51.13
CA GLY A 217 -12.84 -31.87 51.82
C GLY A 217 -11.52 -32.12 51.13
N PHE A 218 -10.63 -31.12 51.11
CA PHE A 218 -9.37 -31.27 50.39
C PHE A 218 -8.44 -32.27 51.06
N THR A 219 -8.43 -32.31 52.39
CA THR A 219 -7.55 -33.24 53.08
C THR A 219 -8.18 -34.62 53.18
N ASP A 220 -9.42 -34.77 52.72
CA ASP A 220 -10.07 -36.08 52.75
C ASP A 220 -9.52 -37.03 51.71
N GLY A 221 -9.02 -36.49 50.60
CA GLY A 221 -8.55 -37.34 49.53
C GLY A 221 -7.12 -37.80 49.71
N ASP A 222 -6.77 -38.84 48.95
CA ASP A 222 -5.40 -39.38 48.98
C ASP A 222 -4.49 -38.43 48.24
N LEU A 223 -4.06 -37.37 48.92
CA LEU A 223 -3.22 -36.34 48.34
C LEU A 223 -1.74 -36.67 48.49
N LEU A 224 -1.41 -37.83 49.04
CA LEU A 224 -0.02 -38.16 49.31
C LEU A 224 0.74 -38.45 48.03
N LYS A 225 0.06 -39.05 47.05
CA LYS A 225 0.75 -39.48 45.85
C LYS A 225 1.07 -38.31 44.93
N ILE A 226 0.37 -37.19 45.10
CA ILE A 226 0.62 -36.04 44.23
C ILE A 226 1.59 -35.08 44.89
N GLN A 227 1.94 -35.33 46.16
CA GLN A 227 2.76 -34.39 46.90
C GLN A 227 4.21 -34.38 46.42
N PHE A 228 4.71 -35.54 45.98
CA PHE A 228 6.11 -35.62 45.60
C PHE A 228 6.31 -35.47 44.09
N GLY A 229 5.24 -35.52 43.30
CA GLY A 229 5.40 -35.51 41.86
C GLY A 229 5.81 -34.16 41.30
N GLY A 230 5.49 -33.08 42.02
CA GLY A 230 5.95 -31.76 41.64
C GLY A 230 4.86 -30.77 41.23
N ALA A 231 3.63 -31.23 41.03
CA ALA A 231 2.53 -30.32 40.73
C ALA A 231 2.14 -29.50 41.95
N GLU A 232 1.55 -28.34 41.72
CA GLU A 232 1.20 -27.42 42.79
C GLU A 232 -0.32 -27.42 42.96
N VAL A 233 -0.81 -28.23 43.90
CA VAL A 233 -2.23 -28.49 44.07
C VAL A 233 -2.78 -27.60 45.17
N SER A 234 -3.66 -26.66 44.81
CA SER A 234 -4.35 -25.86 45.81
C SER A 234 -5.56 -26.63 46.32
N GLY A 235 -6.43 -25.97 47.09
CA GLY A 235 -7.56 -26.69 47.63
C GLY A 235 -8.55 -25.77 48.31
N PHE A 236 -9.49 -26.38 49.01
CA PHE A 236 -10.46 -25.68 49.83
C PHE A 236 -10.79 -26.52 51.05
N GLN A 237 -10.95 -25.87 52.20
CA GLN A 237 -11.14 -26.58 53.44
C GLN A 237 -11.94 -25.75 54.42
N ILE A 238 -12.94 -26.37 55.02
CA ILE A 238 -13.78 -25.72 56.01
C ILE A 238 -13.57 -26.28 57.41
N VAL A 239 -13.01 -27.47 57.54
CA VAL A 239 -12.79 -28.09 58.83
C VAL A 239 -11.31 -27.99 59.12
N ASP A 240 -10.94 -27.09 60.01
CA ASP A 240 -9.54 -26.77 60.24
C ASP A 240 -9.10 -27.42 61.54
N TYR A 241 -8.04 -28.22 61.46
CA TYR A 241 -7.64 -29.06 62.58
C TYR A 241 -6.94 -28.27 63.68
N ASP A 242 -6.54 -27.03 63.41
CA ASP A 242 -5.65 -26.33 64.33
C ASP A 242 -6.37 -25.86 65.59
N ASP A 243 -7.64 -25.48 65.47
CA ASP A 243 -8.36 -24.95 66.62
C ASP A 243 -8.69 -26.07 67.61
N SER A 244 -8.83 -25.68 68.88
CA SER A 244 -9.00 -26.66 69.94
C SER A 244 -10.36 -27.34 69.89
N LEU A 245 -11.39 -26.60 69.45
CA LEU A 245 -12.74 -27.14 69.39
C LEU A 245 -12.83 -28.28 68.38
N VAL A 246 -12.11 -28.16 67.29
CA VAL A 246 -11.93 -29.30 66.39
C VAL A 246 -11.00 -30.33 67.03
N SER A 247 -9.96 -29.87 67.73
CA SER A 247 -8.95 -30.79 68.23
C SER A 247 -9.46 -31.60 69.42
N LYS A 248 -10.39 -31.03 70.19
CA LYS A 248 -11.04 -31.83 71.23
C LYS A 248 -11.93 -32.90 70.63
N PHE A 249 -12.50 -32.61 69.45
CA PHE A 249 -13.33 -33.60 68.78
C PHE A 249 -12.50 -34.78 68.30
N ILE A 250 -11.34 -34.50 67.70
CA ILE A 250 -10.48 -35.56 67.15
C ILE A 250 -9.95 -36.44 68.28
N GLU A 251 -9.66 -35.84 69.43
CA GLU A 251 -9.33 -36.62 70.62
C GLU A 251 -10.48 -37.51 71.04
N ARG A 252 -11.71 -37.03 70.92
CA ARG A 252 -12.85 -37.91 71.15
C ARG A 252 -13.03 -38.86 69.98
N TRP A 253 -12.69 -38.41 68.77
CA TRP A 253 -12.93 -39.21 67.57
C TRP A 253 -11.98 -40.40 67.49
N SER A 254 -10.71 -40.17 67.83
CA SER A 254 -9.74 -41.25 67.78
C SER A 254 -9.96 -42.28 68.90
N THR A 255 -10.68 -41.91 69.94
CA THR A 255 -11.00 -42.81 71.04
C THR A 255 -12.34 -43.50 70.86
N LEU A 256 -12.72 -43.78 69.63
CA LEU A 256 -13.93 -44.55 69.35
C LEU A 256 -13.56 -45.81 68.56
N GLU A 257 -14.20 -46.91 68.89
CA GLU A 257 -13.87 -48.19 68.28
C GLU A 257 -14.44 -48.28 66.87
N GLU A 258 -13.91 -49.23 66.09
CA GLU A 258 -14.43 -49.46 64.75
C GLU A 258 -15.77 -50.19 64.80
N LYS A 259 -16.05 -50.89 65.89
CA LYS A 259 -17.24 -51.73 65.97
C LYS A 259 -18.48 -50.92 66.31
N GLU A 260 -18.38 -50.09 67.35
CA GLU A 260 -19.52 -49.26 67.74
C GLU A 260 -19.72 -48.12 66.76
N TYR A 261 -18.63 -47.58 66.22
CA TYR A 261 -18.70 -46.46 65.29
C TYR A 261 -17.90 -46.82 64.05
N PRO A 262 -18.54 -47.27 62.97
CA PRO A 262 -17.78 -47.71 61.79
C PRO A 262 -17.15 -46.54 61.06
N GLY A 263 -15.93 -46.76 60.61
CA GLY A 263 -15.17 -45.73 59.90
C GLY A 263 -14.86 -44.51 60.75
N ALA A 264 -14.62 -44.70 62.03
CA ALA A 264 -14.43 -43.57 62.93
C ALA A 264 -13.08 -43.52 63.62
N HIS A 265 -12.30 -44.61 63.63
CA HIS A 265 -10.98 -44.59 64.24
C HIS A 265 -9.94 -44.13 63.22
N THR A 266 -10.06 -42.87 62.85
CA THR A 266 -9.16 -42.24 61.88
C THR A 266 -8.68 -40.92 62.46
N ALA A 267 -7.66 -40.35 61.80
CA ALA A 267 -7.19 -39.04 62.22
C ALA A 267 -8.05 -37.93 61.61
N THR A 268 -8.42 -38.08 60.34
CA THR A 268 -9.13 -37.05 59.61
C THR A 268 -10.63 -37.18 59.83
N ILE A 269 -11.34 -36.14 59.45
CA ILE A 269 -12.80 -36.10 59.49
C ILE A 269 -13.30 -35.53 58.17
N LYS A 270 -14.41 -36.04 57.67
CA LYS A 270 -14.90 -35.55 56.39
C LYS A 270 -15.89 -34.42 56.58
N TYR A 271 -15.97 -33.56 55.56
CA TYR A 271 -16.76 -32.34 55.65
C TYR A 271 -18.25 -32.64 55.71
N THR A 272 -18.67 -33.72 55.06
CA THR A 272 -20.05 -34.17 55.21
C THR A 272 -20.29 -34.69 56.62
N SER A 273 -19.33 -35.44 57.16
CA SER A 273 -19.48 -35.97 58.50
C SER A 273 -19.35 -34.87 59.54
N ALA A 274 -18.57 -33.84 59.25
CA ALA A 274 -18.36 -32.79 60.24
C ALA A 274 -19.57 -31.88 60.33
N LEU A 275 -20.15 -31.51 59.20
CA LEU A 275 -21.34 -30.68 59.22
C LEU A 275 -22.53 -31.45 59.75
N THR A 276 -22.50 -32.77 59.65
CA THR A 276 -23.46 -33.61 60.34
C THR A 276 -23.39 -33.41 61.84
N TYR A 277 -22.17 -33.38 62.39
CA TYR A 277 -21.98 -33.11 63.81
C TYR A 277 -22.41 -31.70 64.16
N ASP A 278 -22.24 -30.76 63.22
CA ASP A 278 -22.63 -29.39 63.50
C ASP A 278 -24.15 -29.23 63.42
N ALA A 279 -24.80 -30.03 62.57
CA ALA A 279 -26.23 -29.86 62.35
C ALA A 279 -27.06 -30.32 63.54
N VAL A 280 -26.58 -31.34 64.24
CA VAL A 280 -27.28 -31.82 65.43
C VAL A 280 -27.20 -30.77 66.54
N GLN A 281 -26.05 -30.10 66.63
CA GLN A 281 -25.89 -28.98 67.56
C GLN A 281 -26.86 -27.84 67.23
N VAL A 282 -27.19 -27.66 65.95
CA VAL A 282 -28.12 -26.61 65.56
C VAL A 282 -29.51 -26.91 66.07
N MET A 283 -30.02 -28.11 65.81
CA MET A 283 -31.38 -28.45 66.20
C MET A 283 -31.50 -28.61 67.72
N THR A 284 -30.41 -28.98 68.39
CA THR A 284 -30.43 -29.04 69.84
C THR A 284 -30.59 -27.67 70.45
N GLU A 285 -29.88 -26.68 69.90
CA GLU A 285 -30.04 -25.30 70.34
C GLU A 285 -31.37 -24.73 69.87
N ALA A 286 -31.91 -25.28 68.78
CA ALA A 286 -33.11 -24.72 68.18
C ALA A 286 -34.35 -24.97 69.03
N PHE A 287 -34.62 -26.23 69.37
CA PHE A 287 -35.84 -26.55 70.11
C PHE A 287 -35.73 -26.11 71.57
N ARG A 288 -34.50 -25.96 72.07
CA ARG A 288 -34.32 -25.38 73.39
C ARG A 288 -34.68 -23.90 73.40
N ASN A 289 -34.57 -23.25 72.24
CA ASN A 289 -34.90 -21.84 72.16
C ASN A 289 -36.40 -21.62 71.95
N LEU A 290 -37.19 -22.69 71.98
CA LEU A 290 -38.65 -22.56 71.98
C LEU A 290 -39.17 -22.25 73.38
N ARG A 291 -38.74 -23.05 74.36
CA ARG A 291 -39.24 -22.89 75.73
C ARG A 291 -38.59 -21.68 76.40
N LYS A 292 -37.38 -21.32 75.98
CA LYS A 292 -36.67 -20.19 76.58
C LYS A 292 -37.38 -18.88 76.30
N GLN A 293 -37.80 -18.66 75.05
CA GLN A 293 -38.47 -17.44 74.65
C GLN A 293 -39.99 -17.56 74.71
N ARG A 294 -40.50 -18.62 75.34
CA ARG A 294 -41.92 -18.91 75.54
C ARG A 294 -42.67 -19.05 74.21
N ILE A 295 -42.33 -20.06 73.41
CA ILE A 295 -43.15 -20.48 72.29
C ILE A 295 -43.35 -21.98 72.45
N GLU A 296 -44.59 -22.44 72.47
CA GLU A 296 -44.89 -23.84 72.73
C GLU A 296 -45.20 -24.58 71.44
N ILE A 297 -44.74 -25.83 71.37
CA ILE A 297 -44.97 -26.71 70.24
C ILE A 297 -45.84 -27.87 70.70
N SER A 298 -46.89 -28.16 69.94
CA SER A 298 -47.84 -29.22 70.29
C SER A 298 -48.19 -30.06 69.07
N ARG A 299 -48.14 -31.38 69.24
CA ARG A 299 -48.59 -32.29 68.19
C ARG A 299 -50.11 -32.36 68.17
N ARG A 300 -50.70 -32.18 66.98
CA ARG A 300 -52.16 -32.21 66.87
C ARG A 300 -52.69 -33.64 66.88
N GLY A 301 -51.89 -34.60 66.39
CA GLY A 301 -52.31 -35.97 66.31
C GLY A 301 -51.76 -36.62 65.06
N ASN A 302 -52.59 -37.46 64.43
CA ASN A 302 -52.21 -38.10 63.18
C ASN A 302 -52.15 -37.05 62.07
N ALA A 303 -51.02 -37.04 61.36
CA ALA A 303 -50.87 -36.12 60.24
C ALA A 303 -51.60 -36.61 59.01
N GLY A 304 -51.32 -37.84 58.59
CA GLY A 304 -52.04 -38.40 57.46
C GLY A 304 -51.13 -39.00 56.40
N ASP A 305 -51.73 -39.17 55.22
CA ASP A 305 -51.07 -39.78 54.07
C ASP A 305 -50.42 -38.68 53.23
N CYS A 306 -49.52 -37.92 53.87
CA CYS A 306 -48.95 -36.66 53.39
C CYS A 306 -50.00 -35.67 52.91
N LEU A 307 -51.21 -35.73 53.49
CA LEU A 307 -52.29 -34.75 53.31
C LEU A 307 -52.67 -34.59 51.84
N ALA A 308 -52.85 -35.72 51.15
CA ALA A 308 -52.92 -35.82 49.69
C ALA A 308 -54.03 -35.00 49.06
N ASN A 309 -55.29 -35.33 49.35
CA ASN A 309 -56.41 -34.47 48.99
C ASN A 309 -56.29 -33.17 49.77
N PRO A 310 -56.61 -31.99 49.17
CA PRO A 310 -55.78 -30.76 49.19
C PRO A 310 -55.06 -30.36 50.48
N ALA A 311 -53.93 -29.67 50.26
CA ALA A 311 -52.87 -29.58 51.25
C ALA A 311 -53.28 -28.81 52.49
N VAL A 312 -52.91 -29.36 53.65
CA VAL A 312 -53.18 -28.76 54.94
C VAL A 312 -51.84 -28.26 55.46
N PRO A 313 -51.74 -27.01 55.93
CA PRO A 313 -50.40 -26.40 56.08
C PRO A 313 -49.55 -26.93 57.22
N TRP A 314 -50.14 -27.38 58.34
CA TRP A 314 -49.42 -27.63 59.60
C TRP A 314 -48.66 -26.37 60.05
N GLY A 315 -49.44 -25.37 60.47
CA GLY A 315 -48.94 -24.04 60.74
C GLY A 315 -47.90 -23.88 61.85
N GLN A 316 -47.73 -24.88 62.71
CA GLN A 316 -46.67 -24.79 63.71
C GLN A 316 -45.29 -24.94 63.11
N GLY A 317 -45.18 -25.45 61.88
CA GLY A 317 -43.88 -25.55 61.25
C GLY A 317 -43.31 -24.20 60.86
N VAL A 318 -44.17 -23.20 60.70
CA VAL A 318 -43.72 -21.83 60.48
C VAL A 318 -42.97 -21.33 61.71
N GLU A 319 -43.41 -21.74 62.89
CA GLU A 319 -42.72 -21.38 64.12
C GLU A 319 -41.35 -22.06 64.21
N ILE A 320 -41.24 -23.26 63.64
CA ILE A 320 -40.04 -24.08 63.82
C ILE A 320 -38.86 -23.49 63.07
N GLU A 321 -39.09 -23.01 61.85
CA GLU A 321 -37.98 -22.51 61.04
C GLU A 321 -37.48 -21.16 61.54
N ARG A 322 -38.33 -20.41 62.25
CA ARG A 322 -37.91 -19.12 62.77
C ARG A 322 -36.87 -19.30 63.88
N ALA A 323 -37.01 -20.39 64.65
CA ALA A 323 -35.99 -20.73 65.64
C ALA A 323 -34.79 -21.40 64.99
N LEU A 324 -35.01 -22.16 63.92
CA LEU A 324 -33.91 -22.78 63.19
C LEU A 324 -33.04 -21.72 62.52
N LYS A 325 -33.64 -20.63 62.06
CA LYS A 325 -32.84 -19.51 61.60
C LYS A 325 -32.23 -18.75 62.77
N GLN A 326 -32.90 -18.79 63.93
CA GLN A 326 -32.38 -18.13 65.12
C GLN A 326 -31.36 -19.03 65.81
N VAL A 327 -30.21 -19.25 65.16
CA VAL A 327 -29.12 -20.05 65.70
C VAL A 327 -27.83 -19.30 65.42
N GLN A 328 -26.95 -19.21 66.42
CA GLN A 328 -25.58 -18.75 66.19
C GLN A 328 -24.69 -19.47 67.18
N VAL A 329 -24.13 -20.61 66.76
CA VAL A 329 -23.32 -21.45 67.63
C VAL A 329 -21.96 -21.66 67.00
N GLU A 330 -21.04 -22.22 67.78
CA GLU A 330 -19.71 -22.55 67.31
C GLU A 330 -19.66 -24.03 66.96
N GLY A 331 -19.24 -24.33 65.73
CA GLY A 331 -19.21 -25.70 65.26
C GLY A 331 -17.86 -26.02 64.65
N LEU A 332 -17.76 -27.22 64.09
CA LEU A 332 -16.51 -27.67 63.49
C LEU A 332 -16.17 -26.86 62.26
N SER A 333 -17.18 -26.40 61.53
CA SER A 333 -16.94 -25.43 60.47
C SER A 333 -16.66 -24.06 61.05
N GLY A 334 -17.26 -23.76 62.20
CA GLY A 334 -17.03 -22.47 62.84
C GLY A 334 -18.29 -21.77 63.26
N ASN A 335 -18.37 -20.49 62.93
CA ASN A 335 -19.55 -19.70 63.26
C ASN A 335 -20.65 -19.92 62.22
N ILE A 336 -21.90 -19.87 62.67
CA ILE A 336 -23.06 -20.23 61.85
C ILE A 336 -24.08 -19.10 61.93
N LYS A 337 -24.50 -18.61 60.77
CA LYS A 337 -25.57 -17.63 60.69
C LYS A 337 -26.39 -17.89 59.43
N PHE A 338 -27.71 -17.78 59.55
CA PHE A 338 -28.64 -18.13 58.49
C PHE A 338 -29.44 -16.90 58.08
N ASP A 339 -29.65 -16.73 56.78
CA ASP A 339 -30.53 -15.67 56.27
C ASP A 339 -31.97 -16.15 56.24
N GLN A 340 -32.83 -15.33 55.64
CA GLN A 340 -34.21 -15.72 55.42
C GLN A 340 -34.32 -16.72 54.27
N ASN A 341 -33.31 -16.77 53.41
CA ASN A 341 -33.27 -17.79 52.37
C ASN A 341 -33.09 -19.18 52.98
N GLY A 342 -32.20 -19.30 53.94
CA GLY A 342 -31.74 -20.57 54.44
C GLY A 342 -30.31 -20.88 54.07
N LYS A 343 -29.64 -19.97 53.40
CA LYS A 343 -28.24 -20.15 53.06
C LYS A 343 -27.37 -19.64 54.19
N ARG A 344 -26.20 -20.24 54.32
CA ARG A 344 -25.30 -19.90 55.42
C ARG A 344 -24.44 -18.69 55.05
N ILE A 345 -24.28 -17.78 56.01
CA ILE A 345 -23.42 -16.61 55.84
C ILE A 345 -22.47 -16.51 57.01
N ASN A 346 -21.64 -15.46 56.98
CA ASN A 346 -20.69 -15.08 58.02
C ASN A 346 -19.65 -16.17 58.29
N TYR A 347 -19.29 -16.93 57.26
CA TYR A 347 -18.46 -18.12 57.40
C TYR A 347 -17.06 -17.91 56.85
N THR A 348 -16.18 -18.88 57.10
CA THR A 348 -14.81 -18.85 56.63
C THR A 348 -14.52 -20.10 55.81
N ILE A 349 -13.98 -19.92 54.62
CA ILE A 349 -13.41 -21.01 53.84
C ILE A 349 -11.91 -20.83 53.82
N ASN A 350 -11.18 -21.87 54.19
CA ASN A 350 -9.75 -21.77 54.43
C ASN A 350 -9.01 -22.39 53.25
N ILE A 351 -8.43 -21.53 52.41
CA ILE A 351 -7.67 -21.97 51.25
C ILE A 351 -6.44 -22.73 51.72
N MET A 352 -6.23 -23.93 51.20
CA MET A 352 -5.05 -24.69 51.54
C MET A 352 -4.29 -25.06 50.27
N GLU A 353 -3.02 -24.68 50.22
CA GLU A 353 -2.13 -25.06 49.14
C GLU A 353 -1.27 -26.21 49.61
N LEU A 354 -1.06 -27.19 48.74
CA LEU A 354 -0.22 -28.33 49.10
C LEU A 354 1.24 -27.93 48.91
N LYS A 355 1.87 -27.52 50.00
CA LYS A 355 3.32 -27.37 50.01
C LYS A 355 3.97 -28.74 50.14
N THR A 356 5.30 -28.75 50.10
CA THR A 356 6.04 -30.01 50.09
C THR A 356 5.94 -30.73 51.43
N ASN A 357 5.83 -29.97 52.53
CA ASN A 357 5.65 -30.57 53.84
C ASN A 357 4.26 -31.19 53.98
N GLY A 358 3.27 -30.61 53.33
CA GLY A 358 1.92 -31.11 53.38
C GLY A 358 0.86 -30.04 53.18
N PRO A 359 -0.36 -30.32 53.61
CA PRO A 359 -1.43 -29.32 53.49
C PRO A 359 -1.19 -28.15 54.44
N ARG A 360 -1.34 -26.95 53.90
CA ARG A 360 -0.93 -25.73 54.59
C ARG A 360 -1.88 -24.59 54.28
N LYS A 361 -2.39 -23.96 55.34
CA LYS A 361 -3.38 -22.89 55.23
C LYS A 361 -2.70 -21.60 54.81
N ILE A 362 -2.91 -21.17 53.56
CA ILE A 362 -2.26 -19.96 53.07
C ILE A 362 -3.17 -18.74 53.06
N GLY A 363 -4.27 -18.78 53.80
CA GLY A 363 -5.17 -17.64 53.83
C GLY A 363 -6.52 -18.04 54.38
N TYR A 364 -7.50 -17.19 54.08
CA TYR A 364 -8.89 -17.45 54.40
C TYR A 364 -9.78 -16.71 53.43
N TRP A 365 -10.92 -17.30 53.08
CA TRP A 365 -11.92 -16.65 52.25
C TRP A 365 -13.14 -16.35 53.10
N SER A 366 -13.82 -15.26 52.80
CA SER A 366 -15.12 -14.96 53.39
C SER A 366 -15.89 -14.09 52.43
N GLU A 367 -17.02 -13.55 52.90
CA GLU A 367 -17.82 -12.67 52.05
C GLU A 367 -17.28 -11.25 52.06
N VAL A 368 -17.02 -10.70 53.24
CA VAL A 368 -16.71 -9.27 53.34
C VAL A 368 -15.21 -9.02 53.19
N ASP A 369 -14.37 -9.85 53.81
CA ASP A 369 -12.94 -9.70 53.79
C ASP A 369 -12.28 -10.51 52.69
N LYS A 370 -12.54 -10.14 51.42
CA LYS A 370 -12.67 -11.00 50.22
C LYS A 370 -11.62 -12.11 50.19
N MET A 371 -10.33 -11.80 50.14
CA MET A 371 -9.29 -12.82 50.24
C MET A 371 -8.01 -12.19 50.77
N VAL A 372 -7.60 -12.61 51.95
CA VAL A 372 -6.43 -12.05 52.63
C VAL A 372 -5.43 -13.19 52.82
N LEU A 373 -4.15 -12.90 52.60
CA LEU A 373 -3.11 -13.86 52.92
C LEU A 373 -2.84 -13.84 54.41
N THR A 374 -2.45 -15.01 54.94
CA THR A 374 -2.05 -15.10 56.34
C THR A 374 -0.54 -14.88 56.44
N GLU A 375 0.05 -15.20 57.60
CA GLU A 375 1.44 -14.83 57.87
C GLU A 375 2.42 -15.56 56.96
N ASP A 376 2.10 -16.79 56.55
CA ASP A 376 2.79 -17.54 55.49
C ASP A 376 4.25 -17.82 55.84
N ASP A 377 4.53 -18.10 57.11
CA ASP A 377 5.87 -18.47 57.55
C ASP A 377 5.85 -19.94 57.93
N THR A 378 6.65 -20.74 57.24
CA THR A 378 6.64 -22.17 57.45
C THR A 378 7.26 -22.54 58.79
N SER A 379 7.00 -23.78 59.22
CA SER A 379 7.63 -24.29 60.43
C SER A 379 9.13 -24.49 60.23
N GLY A 380 9.53 -24.97 59.05
CA GLY A 380 10.92 -24.97 58.66
C GLY A 380 11.08 -24.23 57.35
N LEU A 381 11.92 -23.20 57.34
CA LEU A 381 12.07 -22.34 56.16
C LEU A 381 12.89 -23.08 55.12
N GLU A 382 12.18 -23.68 54.16
CA GLU A 382 12.80 -24.40 53.04
C GLU A 382 12.17 -23.83 51.78
N GLN A 383 12.76 -22.76 51.26
CA GLN A 383 12.20 -22.06 50.11
C GLN A 383 12.30 -22.93 48.87
N LYS A 384 11.26 -22.87 48.04
CA LYS A 384 11.23 -23.60 46.78
C LYS A 384 12.36 -23.13 45.87
N THR A 385 13.13 -24.10 45.37
CA THR A 385 14.27 -23.79 44.52
C THR A 385 13.79 -23.27 43.18
N VAL A 386 14.03 -21.98 42.94
CA VAL A 386 13.55 -21.30 41.74
C VAL A 386 14.36 -21.80 40.55
N VAL A 387 13.72 -22.55 39.66
CA VAL A 387 14.40 -23.06 38.50
C VAL A 387 14.62 -21.93 37.51
N VAL A 388 15.85 -21.76 37.06
CA VAL A 388 16.20 -20.73 36.08
C VAL A 388 16.43 -21.45 34.75
N THR A 389 15.93 -20.89 33.66
CA THR A 389 16.24 -21.41 32.34
C THR A 389 17.10 -20.41 31.60
N THR A 390 17.92 -20.92 30.68
CA THR A 390 18.69 -20.10 29.76
C THR A 390 19.12 -20.97 28.59
N ILE A 391 19.54 -20.30 27.53
CA ILE A 391 20.03 -20.97 26.33
C ILE A 391 21.54 -20.82 26.30
N LEU A 392 22.23 -21.81 25.72
CA LEU A 392 23.68 -21.74 25.64
C LEU A 392 24.03 -20.86 24.45
N GLU A 393 24.18 -19.57 24.73
CA GLU A 393 24.66 -18.60 23.76
C GLU A 393 25.77 -17.78 24.39
N SER A 394 26.98 -18.11 24.05
CA SER A 394 28.14 -17.38 24.51
C SER A 394 28.19 -16.05 23.80
N PRO A 395 28.68 -14.96 24.43
CA PRO A 395 29.37 -14.82 25.72
C PRO A 395 28.45 -14.73 26.93
N TYR A 396 27.16 -14.99 26.76
CA TYR A 396 26.23 -14.76 27.86
C TYR A 396 26.10 -16.00 28.74
N VAL A 397 25.91 -17.17 28.14
CA VAL A 397 25.91 -18.44 28.85
C VAL A 397 26.79 -19.42 28.10
N MET A 398 27.81 -19.93 28.77
CA MET A 398 28.88 -20.69 28.12
C MET A 398 29.12 -21.96 28.92
N MET A 399 29.37 -23.05 28.20
CA MET A 399 29.78 -24.30 28.83
C MET A 399 31.19 -24.14 29.42
N LYS A 400 31.43 -24.83 30.54
CA LYS A 400 32.76 -24.83 31.15
C LYS A 400 33.80 -25.50 30.26
N LYS A 401 35.06 -25.33 30.66
CA LYS A 401 36.16 -26.01 29.97
C LYS A 401 36.08 -27.51 30.18
N ASN A 402 35.60 -27.94 31.35
CA ASN A 402 35.43 -29.35 31.68
C ASN A 402 33.99 -29.58 32.11
N HIS A 403 33.13 -29.93 31.15
CA HIS A 403 31.72 -30.10 31.45
C HIS A 403 31.47 -31.38 32.25
N GLU A 404 32.38 -32.34 32.16
CA GLU A 404 32.21 -33.59 32.90
C GLU A 404 32.74 -33.47 34.32
N MET A 405 33.86 -32.75 34.50
CA MET A 405 34.51 -32.69 35.81
C MET A 405 33.73 -31.81 36.77
N LEU A 406 33.20 -30.70 36.30
CA LEU A 406 32.44 -29.81 37.17
C LEU A 406 31.00 -30.30 37.23
N GLU A 407 30.21 -29.67 38.09
CA GLU A 407 28.92 -30.23 38.46
C GLU A 407 27.92 -29.14 38.78
N GLY A 408 26.66 -29.38 38.40
CA GLY A 408 25.55 -28.58 38.89
C GLY A 408 25.40 -27.26 38.17
N ASN A 409 25.20 -26.19 38.95
CA ASN A 409 25.18 -24.85 38.39
C ASN A 409 26.58 -24.38 38.02
N GLU A 410 27.62 -25.08 38.51
CA GLU A 410 28.98 -24.82 38.06
C GLU A 410 29.32 -25.55 36.77
N ARG A 411 28.33 -26.11 36.08
CA ARG A 411 28.57 -26.62 34.73
C ARG A 411 28.56 -25.49 33.72
N TYR A 412 28.12 -24.30 34.11
CA TYR A 412 27.92 -23.19 33.20
C TYR A 412 28.62 -21.93 33.73
N GLU A 413 29.07 -21.11 32.79
CA GLU A 413 29.86 -19.92 33.06
C GLU A 413 29.51 -18.83 32.07
N GLY A 414 29.85 -17.59 32.42
CA GLY A 414 29.66 -16.50 31.49
C GLY A 414 29.10 -15.28 32.17
N TYR A 415 28.65 -14.35 31.32
CA TYR A 415 28.10 -13.07 31.78
C TYR A 415 26.82 -13.25 32.56
N CYS A 416 25.85 -13.98 31.99
CA CYS A 416 24.55 -14.12 32.65
C CYS A 416 24.63 -15.08 33.83
N VAL A 417 25.64 -15.95 33.85
CA VAL A 417 25.87 -16.83 34.99
C VAL A 417 26.26 -16.02 36.21
N ASP A 418 27.19 -15.08 36.03
CA ASP A 418 27.56 -14.20 37.13
C ASP A 418 26.44 -13.25 37.49
N LEU A 419 25.63 -12.86 36.51
CA LEU A 419 24.48 -11.99 36.76
C LEU A 419 23.45 -12.71 37.61
N ALA A 420 23.22 -14.00 37.33
CA ALA A 420 22.23 -14.77 38.07
C ALA A 420 22.64 -14.98 39.52
N ALA A 421 23.95 -14.98 39.78
CA ALA A 421 24.42 -15.04 41.16
C ALA A 421 24.08 -13.77 41.92
N GLU A 422 24.18 -12.62 41.26
CA GLU A 422 23.96 -11.36 41.95
C GLU A 422 22.48 -11.07 42.12
N ILE A 423 21.63 -11.60 41.24
CA ILE A 423 20.20 -11.55 41.47
C ILE A 423 19.83 -12.44 42.65
N ALA A 424 20.55 -13.54 42.82
CA ALA A 424 20.29 -14.45 43.93
C ALA A 424 20.67 -13.80 45.26
N LYS A 425 21.69 -12.96 45.25
CA LYS A 425 22.16 -12.36 46.50
C LYS A 425 21.19 -11.28 46.97
N HIS A 426 20.63 -10.51 46.03
CA HIS A 426 19.76 -9.41 46.43
C HIS A 426 18.39 -9.91 46.88
N CYS A 427 17.89 -10.98 46.27
CA CYS A 427 16.56 -11.48 46.58
C CYS A 427 16.57 -12.67 47.53
N GLY A 428 17.70 -13.36 47.67
CA GLY A 428 17.80 -14.43 48.63
C GLY A 428 17.02 -15.68 48.27
N PHE A 429 17.39 -16.33 47.18
CA PHE A 429 16.75 -17.57 46.75
C PHE A 429 17.79 -18.53 46.22
N LYS A 430 17.59 -19.82 46.49
CA LYS A 430 18.37 -20.84 45.81
C LYS A 430 17.91 -20.97 44.37
N TYR A 431 18.87 -21.09 43.44
CA TYR A 431 18.54 -21.21 42.03
C TYR A 431 19.30 -22.38 41.42
N LYS A 432 18.67 -23.06 40.47
CA LYS A 432 19.26 -24.19 39.77
C LYS A 432 19.17 -23.91 38.28
N LEU A 433 20.33 -23.89 37.61
CA LEU A 433 20.37 -23.53 36.19
C LEU A 433 19.94 -24.69 35.33
N THR A 434 19.20 -24.38 34.28
CA THR A 434 18.70 -25.37 33.33
C THR A 434 18.84 -24.82 31.92
N ILE A 435 18.77 -25.72 30.94
CA ILE A 435 18.93 -25.38 29.54
C ILE A 435 17.63 -25.74 28.82
N VAL A 436 17.21 -24.88 27.90
CA VAL A 436 16.09 -25.22 27.04
C VAL A 436 16.47 -26.38 26.13
N GLY A 437 15.63 -27.42 26.15
CA GLY A 437 15.89 -28.57 25.30
C GLY A 437 15.64 -28.28 23.84
N ASP A 438 14.76 -27.31 23.56
CA ASP A 438 14.43 -26.98 22.19
C ASP A 438 15.60 -26.29 21.48
N GLY A 439 16.49 -25.67 22.25
CA GLY A 439 17.66 -25.04 21.70
C GLY A 439 17.42 -23.74 20.97
N LYS A 440 16.23 -23.17 21.09
CA LYS A 440 15.88 -21.96 20.37
C LYS A 440 15.09 -21.04 21.28
N TYR A 441 15.17 -19.73 20.99
CA TYR A 441 14.43 -18.74 21.74
C TYR A 441 12.93 -18.92 21.57
N GLY A 442 12.49 -19.09 20.33
CA GLY A 442 11.11 -19.43 20.05
C GLY A 442 10.20 -18.23 20.03
N ALA A 443 9.17 -18.33 19.19
CA ALA A 443 8.07 -17.38 19.18
C ALA A 443 6.82 -18.17 18.81
N ARG A 444 5.67 -17.53 18.94
CA ARG A 444 4.41 -18.23 18.74
C ARG A 444 4.22 -18.56 17.27
N ASP A 445 3.73 -19.77 17.01
CA ASP A 445 3.62 -20.28 15.66
C ASP A 445 2.26 -19.88 15.10
N ALA A 446 2.13 -19.98 13.78
CA ALA A 446 0.93 -19.48 13.11
C ALA A 446 -0.28 -20.38 13.34
N ASP A 447 -0.16 -21.66 13.00
CA ASP A 447 -1.33 -22.53 13.00
C ASP A 447 -1.66 -23.07 14.38
N THR A 448 -0.64 -23.45 15.16
CA THR A 448 -0.87 -24.08 16.46
C THR A 448 -1.19 -23.05 17.53
N LYS A 449 -0.82 -21.78 17.29
CA LYS A 449 -1.10 -20.63 18.16
C LYS A 449 -0.45 -20.75 19.53
N ILE A 450 0.63 -21.52 19.65
CA ILE A 450 1.29 -21.78 20.93
C ILE A 450 2.74 -21.32 20.86
N TRP A 451 3.32 -21.08 22.03
CA TRP A 451 4.73 -20.73 22.12
C TRP A 451 5.60 -21.98 22.18
N ASN A 452 6.90 -21.79 22.01
CA ASN A 452 7.88 -22.86 22.16
C ASN A 452 9.22 -22.29 22.62
N GLY A 453 10.14 -23.19 22.94
CA GLY A 453 11.47 -22.79 23.32
C GLY A 453 11.53 -22.22 24.73
N MET A 454 12.29 -21.13 24.85
CA MET A 454 12.49 -20.51 26.16
C MET A 454 11.22 -19.84 26.67
N VAL A 455 10.59 -19.01 25.83
CA VAL A 455 9.36 -18.35 26.23
C VAL A 455 8.23 -19.38 26.36
N GLY A 456 8.37 -20.49 25.63
CA GLY A 456 7.48 -21.62 25.85
C GLY A 456 7.58 -22.20 27.26
N GLU A 457 8.74 -22.05 27.89
CA GLU A 457 8.88 -22.52 29.27
C GLU A 457 8.40 -21.48 30.27
N LEU A 458 8.38 -20.21 29.89
CA LEU A 458 7.94 -19.20 30.82
C LEU A 458 6.43 -19.03 30.81
N VAL A 459 5.79 -19.26 29.67
CA VAL A 459 4.33 -19.16 29.61
C VAL A 459 3.70 -20.36 30.32
N TYR A 460 4.23 -21.56 30.08
CA TYR A 460 3.56 -22.75 30.58
C TYR A 460 3.86 -23.01 32.04
N GLY A 461 5.13 -22.94 32.43
CA GLY A 461 5.46 -23.08 33.83
C GLY A 461 6.60 -24.03 34.12
N LYS A 462 7.25 -24.55 33.07
CA LYS A 462 8.36 -25.47 33.29
C LYS A 462 9.60 -24.74 33.79
N ALA A 463 9.60 -23.41 33.73
CA ALA A 463 10.67 -22.56 34.24
C ALA A 463 10.06 -21.53 35.16
N ASP A 464 10.91 -20.84 35.92
CA ASP A 464 10.39 -19.85 36.85
C ASP A 464 10.98 -18.47 36.63
N ILE A 465 12.17 -18.39 36.01
CA ILE A 465 12.77 -17.12 35.62
C ILE A 465 13.77 -17.43 34.52
N ALA A 466 14.10 -16.43 33.71
CA ALA A 466 15.04 -16.60 32.62
C ALA A 466 16.03 -15.43 32.61
N ILE A 467 17.17 -15.63 33.24
CA ILE A 467 18.32 -14.77 33.03
C ILE A 467 18.99 -15.34 31.80
N ALA A 468 18.95 -14.59 30.71
CA ALA A 468 19.09 -15.17 29.38
C ALA A 468 19.31 -14.04 28.39
N PRO A 469 19.72 -14.34 27.16
CA PRO A 469 19.80 -13.27 26.15
C PRO A 469 18.46 -12.99 25.49
N LEU A 470 17.47 -12.60 26.28
CA LEU A 470 16.09 -12.50 25.80
C LEU A 470 15.81 -11.05 25.43
N THR A 471 15.05 -10.85 24.36
CA THR A 471 14.84 -9.51 23.83
C THR A 471 13.42 -9.04 24.12
N ILE A 472 13.29 -7.79 24.56
CA ILE A 472 11.99 -7.22 24.87
C ILE A 472 11.19 -7.04 23.58
N THR A 473 10.08 -7.76 23.47
CA THR A 473 9.28 -7.79 22.27
C THR A 473 7.84 -7.55 22.66
N LEU A 474 7.09 -6.88 21.77
CA LEU A 474 5.72 -6.50 22.09
C LEU A 474 4.82 -7.71 22.17
N VAL A 475 5.03 -8.71 21.32
CA VAL A 475 4.27 -9.95 21.44
C VAL A 475 4.77 -10.76 22.61
N ARG A 476 6.00 -10.52 23.05
CA ARG A 476 6.50 -11.19 24.24
C ARG A 476 6.13 -10.42 25.50
N GLU A 477 5.70 -9.17 25.34
CA GLU A 477 5.31 -8.39 26.52
C GLU A 477 3.97 -8.89 27.07
N GLU A 478 3.07 -9.34 26.20
CA GLU A 478 1.71 -9.61 26.62
C GLU A 478 1.59 -10.94 27.36
N VAL A 479 2.48 -11.90 27.10
CA VAL A 479 2.30 -13.22 27.66
C VAL A 479 3.20 -13.46 28.87
N ILE A 480 4.32 -12.76 28.98
CA ILE A 480 5.25 -12.91 30.09
C ILE A 480 5.81 -11.54 30.43
N ASP A 481 6.16 -11.36 31.70
CA ASP A 481 6.66 -10.08 32.16
C ASP A 481 8.11 -9.88 31.75
N PHE A 482 8.58 -8.64 31.86
CA PHE A 482 9.98 -8.31 31.69
C PHE A 482 10.44 -7.40 32.81
N SER A 483 11.74 -7.39 33.03
CA SER A 483 12.31 -6.46 33.99
C SER A 483 12.77 -5.19 33.30
N LYS A 484 13.54 -4.40 34.03
CA LYS A 484 14.12 -3.20 33.48
C LYS A 484 15.20 -3.58 32.47
N PRO A 485 15.35 -2.84 31.37
CA PRO A 485 16.43 -3.12 30.42
C PRO A 485 17.82 -2.89 31.01
N PHE A 486 18.57 -3.99 31.20
CA PHE A 486 19.88 -3.88 31.81
C PHE A 486 20.99 -3.77 30.76
N MET A 487 20.67 -4.06 29.50
CA MET A 487 21.62 -3.94 28.41
C MET A 487 20.91 -3.43 27.17
N SER A 488 21.48 -2.41 26.54
CA SER A 488 20.92 -1.83 25.33
C SER A 488 21.62 -2.40 24.10
N LEU A 489 20.86 -2.61 23.04
CA LEU A 489 21.40 -3.25 21.84
C LEU A 489 20.54 -2.88 20.65
N GLY A 490 20.95 -3.36 19.49
CA GLY A 490 20.19 -3.17 18.27
C GLY A 490 20.51 -4.23 17.25
N ILE A 491 19.64 -4.35 16.25
CA ILE A 491 19.89 -5.27 15.15
C ILE A 491 20.88 -4.64 14.19
N SER A 492 21.99 -5.33 13.95
CA SER A 492 23.00 -4.87 13.00
C SER A 492 23.26 -5.96 11.98
N ILE A 493 24.28 -5.75 11.16
CA ILE A 493 24.57 -6.61 10.02
C ILE A 493 25.90 -7.30 10.27
N MET A 494 26.00 -8.58 9.90
CA MET A 494 27.26 -9.27 9.84
C MET A 494 27.48 -9.85 8.45
N ILE A 495 28.55 -9.43 7.80
CA ILE A 495 29.10 -10.11 6.64
C ILE A 495 30.46 -10.65 7.03
N LYS A 496 31.02 -11.50 6.17
CA LYS A 496 32.41 -11.89 6.31
C LYS A 496 33.27 -10.65 6.13
N LYS A 497 34.31 -10.53 6.95
CA LYS A 497 35.22 -9.41 6.82
C LYS A 497 35.90 -9.46 5.46
N PRO A 498 36.01 -8.34 4.76
CA PRO A 498 36.82 -8.30 3.53
C PRO A 498 38.25 -8.70 3.82
N GLN A 499 38.68 -9.78 3.17
CA GLN A 499 39.88 -10.51 3.57
C GLN A 499 41.14 -9.67 3.36
N LYS A 500 42.24 -10.13 3.93
CA LYS A 500 43.53 -9.48 3.74
C LYS A 500 43.91 -9.54 2.27
N SER A 501 44.30 -8.39 1.74
CA SER A 501 44.63 -8.30 0.33
C SER A 501 45.94 -9.01 0.08
N LYS A 502 45.85 -10.27 -0.34
CA LYS A 502 47.03 -11.08 -0.60
C LYS A 502 47.29 -11.04 -2.09
N PRO A 503 48.32 -10.32 -2.55
CA PRO A 503 48.53 -10.21 -4.00
C PRO A 503 49.15 -11.46 -4.58
N GLY A 504 49.90 -12.19 -3.76
CA GLY A 504 50.77 -13.22 -4.26
C GLY A 504 52.10 -12.63 -4.68
N VAL A 505 53.10 -13.52 -4.79
CA VAL A 505 54.42 -13.10 -5.27
C VAL A 505 54.45 -12.91 -6.78
N PHE A 506 53.37 -13.23 -7.48
CA PHE A 506 53.23 -13.07 -8.92
C PHE A 506 52.00 -12.25 -9.28
N SER A 507 51.80 -11.11 -8.62
CA SER A 507 50.63 -10.30 -8.90
C SER A 507 50.83 -9.37 -10.08
N PHE A 508 52.07 -9.07 -10.46
CA PHE A 508 52.27 -8.14 -11.56
C PHE A 508 52.00 -8.77 -12.91
N LEU A 509 52.00 -10.10 -12.98
CA LEU A 509 51.71 -10.81 -14.22
C LEU A 509 50.22 -11.08 -14.39
N ASP A 510 49.37 -10.41 -13.61
CA ASP A 510 47.95 -10.73 -13.59
C ASP A 510 47.09 -10.30 -14.78
N PRO A 511 47.22 -9.10 -15.38
CA PRO A 511 46.25 -8.75 -16.43
C PRO A 511 46.41 -9.56 -17.72
N LEU A 512 47.58 -10.11 -17.96
CA LEU A 512 47.75 -11.04 -19.06
C LEU A 512 47.78 -12.46 -18.52
N ALA A 513 47.09 -13.36 -19.20
CA ALA A 513 47.11 -14.77 -18.80
C ALA A 513 48.48 -15.37 -19.02
N TYR A 514 48.76 -16.45 -18.26
CA TYR A 514 50.10 -17.06 -18.27
C TYR A 514 50.43 -17.68 -19.61
N GLU A 515 49.40 -17.99 -20.41
CA GLU A 515 49.62 -18.51 -21.75
C GLU A 515 50.29 -17.48 -22.64
N ILE A 516 49.88 -16.22 -22.51
CA ILE A 516 50.36 -15.16 -23.39
C ILE A 516 51.82 -14.86 -23.10
N TRP A 517 52.20 -14.88 -21.82
CA TRP A 517 53.59 -14.62 -21.43
C TRP A 517 54.53 -15.67 -22.01
N MET A 518 54.08 -16.92 -22.07
CA MET A 518 54.86 -17.94 -22.77
C MET A 518 54.85 -17.68 -24.27
N CYS A 519 53.68 -17.37 -24.83
CA CYS A 519 53.58 -17.18 -26.28
C CYS A 519 54.31 -15.92 -26.73
N ILE A 520 54.56 -14.98 -25.83
CA ILE A 520 55.50 -13.90 -26.14
C ILE A 520 56.91 -14.45 -26.26
N VAL A 521 57.35 -15.19 -25.23
CA VAL A 521 58.75 -15.58 -25.11
C VAL A 521 59.13 -16.57 -26.19
N PHE A 522 58.25 -17.54 -26.49
CA PHE A 522 58.51 -18.45 -27.59
C PHE A 522 58.47 -17.73 -28.93
N ALA A 523 57.75 -16.61 -29.03
CA ALA A 523 57.82 -15.81 -30.24
C ALA A 523 58.96 -14.80 -30.16
N TYR A 524 59.37 -14.44 -28.95
CA TYR A 524 60.57 -13.61 -28.79
C TYR A 524 61.82 -14.31 -29.30
N ILE A 525 61.97 -15.60 -28.96
CA ILE A 525 63.09 -16.36 -29.49
C ILE A 525 62.93 -16.55 -30.97
N GLY A 526 61.68 -16.72 -31.44
CA GLY A 526 61.44 -17.02 -32.84
C GLY A 526 61.82 -15.88 -33.77
N VAL A 527 61.49 -14.66 -33.40
CA VAL A 527 61.85 -13.50 -34.22
C VAL A 527 63.35 -13.27 -34.19
N SER A 528 63.98 -13.46 -33.04
CA SER A 528 65.43 -13.31 -32.93
C SER A 528 66.18 -14.41 -33.67
N VAL A 529 65.59 -15.61 -33.74
CA VAL A 529 66.16 -16.67 -34.58
C VAL A 529 66.05 -16.29 -36.06
N VAL A 530 64.90 -15.74 -36.46
CA VAL A 530 64.70 -15.32 -37.84
C VAL A 530 65.65 -14.18 -38.19
N LEU A 531 65.77 -13.20 -37.28
CA LEU A 531 66.64 -12.05 -37.53
C LEU A 531 68.10 -12.48 -37.61
N PHE A 532 68.48 -13.54 -36.90
CA PHE A 532 69.85 -14.03 -36.99
C PHE A 532 70.07 -14.76 -38.32
N LEU A 533 69.03 -15.41 -38.83
CA LEU A 533 69.13 -16.08 -40.12
C LEU A 533 69.18 -15.06 -41.25
N VAL A 534 68.46 -13.95 -41.11
CA VAL A 534 68.33 -12.97 -42.20
C VAL A 534 69.66 -12.28 -42.44
N SER A 535 70.39 -11.97 -41.37
CA SER A 535 71.63 -11.18 -41.48
C SER A 535 72.72 -11.96 -42.20
N ARG A 536 72.78 -13.28 -41.99
CA ARG A 536 73.82 -14.10 -42.60
C ARG A 536 73.56 -14.34 -44.09
N PHE A 537 72.31 -14.63 -44.45
CA PHE A 537 71.97 -14.96 -45.84
C PHE A 537 72.10 -13.80 -46.82
N SER A 538 71.62 -12.62 -46.43
CA SER A 538 71.59 -11.51 -47.38
C SER A 538 72.97 -10.87 -47.50
N PRO A 539 73.34 -10.36 -48.68
CA PRO A 539 74.64 -9.68 -48.79
C PRO A 539 74.67 -8.33 -48.11
N TYR A 540 73.54 -7.62 -48.08
CA TYR A 540 73.36 -6.22 -47.64
C TYR A 540 74.50 -5.26 -48.03
N SER A 558 81.48 -8.22 -45.97
CA SER A 558 81.17 -7.07 -45.13
C SER A 558 81.35 -7.44 -43.66
N THR A 559 80.56 -6.79 -42.80
CA THR A 559 80.64 -7.05 -41.36
C THR A 559 79.21 -7.21 -40.87
N ASN A 560 78.99 -8.09 -39.89
CA ASN A 560 77.64 -8.42 -39.46
C ASN A 560 77.53 -8.26 -37.95
N GLU A 561 76.85 -7.19 -37.50
CA GLU A 561 76.71 -6.89 -36.08
C GLU A 561 75.45 -7.50 -35.50
N PHE A 562 75.03 -8.65 -36.01
CA PHE A 562 73.76 -9.27 -35.62
C PHE A 562 73.96 -10.74 -35.26
N GLY A 563 74.94 -11.02 -34.40
CA GLY A 563 75.24 -12.37 -33.99
C GLY A 563 74.18 -13.00 -33.11
N ILE A 564 74.39 -14.25 -32.71
CA ILE A 564 73.39 -14.94 -31.91
C ILE A 564 73.40 -14.42 -30.48
N PHE A 565 74.49 -13.76 -30.08
CA PHE A 565 74.47 -13.03 -28.81
C PHE A 565 73.86 -11.65 -28.99
N ASN A 566 73.97 -11.09 -30.20
CA ASN A 566 73.53 -9.71 -30.41
C ASN A 566 72.07 -9.65 -30.82
N SER A 567 71.59 -10.65 -31.58
CA SER A 567 70.21 -10.63 -32.05
C SER A 567 69.23 -10.88 -30.91
N LEU A 568 69.64 -11.62 -29.88
CA LEU A 568 68.80 -11.76 -28.71
C LEU A 568 68.80 -10.49 -27.86
N TRP A 569 69.78 -9.61 -28.09
CA TRP A 569 69.82 -8.37 -27.33
C TRP A 569 69.03 -7.26 -28.02
N PHE A 570 69.03 -7.24 -29.35
CA PHE A 570 68.30 -6.19 -30.07
C PHE A 570 66.80 -6.39 -29.96
N SER A 571 66.35 -7.63 -29.89
CA SER A 571 64.91 -7.90 -29.84
C SER A 571 64.36 -7.62 -28.46
N LEU A 572 65.21 -7.64 -27.45
CA LEU A 572 64.74 -7.39 -26.09
C LEU A 572 64.48 -5.90 -25.88
N GLY A 573 65.37 -5.05 -26.39
CA GLY A 573 65.19 -3.62 -26.22
C GLY A 573 64.02 -3.08 -27.02
N ALA A 574 63.71 -3.73 -28.13
CA ALA A 574 62.49 -3.41 -28.84
C ALA A 574 61.27 -3.80 -28.01
N PHE A 575 61.33 -4.93 -27.32
CA PHE A 575 60.15 -5.40 -26.61
C PHE A 575 59.95 -4.63 -25.31
N MET A 576 61.02 -4.15 -24.71
CA MET A 576 60.85 -3.34 -23.51
C MET A 576 60.78 -1.86 -23.81
N GLN A 577 60.71 -1.49 -25.09
CA GLN A 577 60.55 -0.15 -25.64
C GLN A 577 61.74 0.76 -25.33
N GLN A 578 62.91 0.21 -25.07
CA GLN A 578 64.06 1.06 -24.82
C GLN A 578 64.81 1.35 -26.12
N GLY A 579 64.86 0.36 -27.01
CA GLY A 579 65.67 0.48 -28.20
C GLY A 579 67.08 -0.02 -27.98
N CYS A 580 67.84 -0.07 -29.07
CA CYS A 580 69.20 -0.58 -29.02
C CYS A 580 70.05 0.18 -30.03
N ASP A 581 71.36 -0.02 -29.94
CA ASP A 581 72.29 0.79 -30.71
C ASP A 581 72.36 0.36 -32.17
N ILE A 582 72.33 -0.94 -32.43
CA ILE A 582 72.48 -1.41 -33.81
C ILE A 582 71.18 -1.24 -34.57
N SER A 583 71.31 -1.07 -35.88
CA SER A 583 70.18 -0.88 -36.76
C SER A 583 70.20 -1.92 -37.88
N PRO A 584 69.09 -2.63 -38.12
CA PRO A 584 69.01 -3.53 -39.27
C PRO A 584 69.10 -2.75 -40.58
N ARG A 585 69.96 -3.21 -41.48
CA ARG A 585 70.26 -2.48 -42.70
C ARG A 585 69.76 -3.15 -43.96
N SER A 586 69.52 -4.45 -43.96
CA SER A 586 68.90 -5.09 -45.10
C SER A 586 67.39 -4.89 -45.04
N LEU A 587 66.76 -4.86 -46.21
CA LEU A 587 65.32 -4.59 -46.26
C LEU A 587 64.54 -5.73 -45.63
N SER A 588 64.99 -6.97 -45.82
CA SER A 588 64.40 -8.09 -45.09
C SER A 588 64.74 -8.02 -43.61
N GLY A 589 65.85 -7.37 -43.27
CA GLY A 589 66.15 -7.13 -41.86
C GLY A 589 65.31 -6.02 -41.26
N ARG A 590 64.89 -5.06 -42.09
CA ARG A 590 64.04 -3.98 -41.58
C ARG A 590 62.60 -4.44 -41.46
N ILE A 591 62.21 -5.45 -42.24
CA ILE A 591 60.88 -6.04 -42.11
C ILE A 591 60.75 -6.76 -40.78
N VAL A 592 61.74 -7.59 -40.44
CA VAL A 592 61.67 -8.40 -39.22
C VAL A 592 61.82 -7.51 -37.99
N GLY A 593 62.45 -6.35 -38.14
CA GLY A 593 62.41 -5.37 -37.07
C GLY A 593 61.06 -4.70 -36.96
N GLY A 594 60.46 -4.34 -38.10
CA GLY A 594 59.24 -3.55 -38.07
C GLY A 594 58.04 -4.34 -37.60
N VAL A 595 58.00 -5.64 -37.89
CA VAL A 595 56.84 -6.44 -37.50
C VAL A 595 56.89 -6.75 -36.02
N TRP A 596 58.09 -7.02 -35.50
CA TRP A 596 58.27 -7.19 -34.06
C TRP A 596 57.95 -5.90 -33.31
N TRP A 597 58.20 -4.76 -33.94
CA TRP A 597 57.79 -3.48 -33.37
C TRP A 597 56.28 -3.37 -33.21
N PHE A 598 55.52 -3.74 -34.24
CA PHE A 598 54.07 -3.63 -34.13
C PHE A 598 53.50 -4.69 -33.19
N PHE A 599 54.27 -5.75 -32.93
CA PHE A 599 53.88 -6.69 -31.90
C PHE A 599 53.98 -6.09 -30.52
N THR A 600 55.06 -5.35 -30.25
CA THR A 600 55.30 -4.93 -28.87
C THR A 600 54.50 -3.69 -28.54
N LEU A 601 53.93 -3.03 -29.55
CA LEU A 601 53.12 -1.85 -29.27
C LEU A 601 51.68 -2.25 -28.96
N ILE A 602 51.25 -3.40 -29.46
CA ILE A 602 49.90 -3.86 -29.13
C ILE A 602 49.88 -4.52 -27.77
N ILE A 603 50.89 -5.34 -27.47
CA ILE A 603 50.89 -6.15 -26.25
C ILE A 603 51.02 -5.27 -25.02
N ILE A 604 51.97 -4.33 -25.03
CA ILE A 604 52.19 -3.46 -23.88
C ILE A 604 50.99 -2.54 -23.67
N SER A 605 50.43 -2.01 -24.76
CA SER A 605 49.25 -1.18 -24.63
C SER A 605 48.04 -2.01 -24.22
N SER A 606 48.02 -3.29 -24.58
CA SER A 606 47.01 -4.16 -24.00
C SER A 606 47.31 -4.42 -22.53
N TYR A 607 48.59 -4.47 -22.17
CA TYR A 607 48.93 -4.73 -20.78
C TYR A 607 48.60 -3.53 -19.90
N THR A 608 48.88 -2.32 -20.37
CA THR A 608 48.65 -1.14 -19.55
C THR A 608 47.17 -0.84 -19.44
N ALA A 609 46.41 -1.11 -20.50
CA ALA A 609 44.97 -0.90 -20.43
C ALA A 609 44.31 -1.90 -19.51
N ASN A 610 44.77 -3.15 -19.52
CA ASN A 610 44.13 -4.14 -18.68
C ASN A 610 44.55 -3.99 -17.23
N LEU A 611 45.74 -3.47 -16.98
CA LEU A 611 46.13 -3.21 -15.59
C LEU A 611 45.43 -1.97 -15.07
N ALA A 612 45.02 -1.08 -15.97
CA ALA A 612 44.08 -0.04 -15.57
C ALA A 612 42.69 -0.62 -15.38
N ALA A 613 42.38 -1.71 -16.08
CA ALA A 613 41.04 -2.26 -16.01
C ALA A 613 40.77 -2.95 -14.69
N PHE A 614 41.81 -3.53 -14.07
CA PHE A 614 41.63 -4.07 -12.72
C PHE A 614 41.38 -2.97 -11.72
N LEU A 615 42.25 -1.96 -11.70
CA LEU A 615 42.23 -0.99 -10.61
C LEU A 615 41.15 0.07 -10.82
N THR A 616 40.46 0.02 -11.95
CA THR A 616 39.21 0.76 -12.06
C THR A 616 38.09 0.00 -11.36
N VAL A 617 38.04 -1.31 -11.54
CA VAL A 617 37.03 -2.14 -10.90
C VAL A 617 37.24 -2.17 -9.39
N GLU A 618 38.51 -2.16 -8.96
CA GLU A 618 38.83 -2.28 -7.54
C GLU A 618 38.40 -1.07 -6.73
N ARG A 619 38.07 0.04 -7.40
CA ARG A 619 37.52 1.17 -6.68
C ARG A 619 36.00 1.20 -6.79
N MET A 620 35.42 0.54 -7.78
CA MET A 620 33.97 0.38 -7.82
C MET A 620 33.53 -0.94 -7.19
N VAL A 621 33.97 -1.21 -5.97
CA VAL A 621 33.54 -2.43 -5.30
C VAL A 621 32.21 -2.21 -4.58
N SER A 622 31.94 -0.99 -4.15
CA SER A 622 30.82 -0.65 -3.26
C SER A 622 30.80 -1.53 -2.00
N PRO A 623 31.68 -1.32 -1.03
CA PRO A 623 31.77 -2.16 0.16
C PRO A 623 30.60 -1.96 1.13
N ILE A 624 29.54 -2.77 0.94
CA ILE A 624 28.16 -2.58 1.40
C ILE A 624 28.06 -2.19 2.87
N GLU A 625 27.43 -1.04 3.13
CA GLU A 625 27.61 -0.36 4.39
C GLU A 625 26.31 -0.29 5.21
N SER A 626 25.16 -0.43 4.56
CA SER A 626 23.90 -0.32 5.26
C SER A 626 22.84 -1.17 4.58
N ALA A 627 21.64 -1.16 5.15
CA ALA A 627 20.57 -2.04 4.70
C ALA A 627 20.00 -1.60 3.36
N GLU A 628 20.05 -0.29 3.06
CA GLU A 628 19.67 0.18 1.73
C GLU A 628 20.64 -0.36 0.69
N ASP A 629 21.92 -0.46 1.04
CA ASP A 629 22.87 -1.08 0.14
C ASP A 629 22.78 -2.60 0.20
N LEU A 630 22.20 -3.14 1.28
CA LEU A 630 21.87 -4.56 1.26
C LEU A 630 20.69 -4.83 0.33
N SER A 631 19.59 -4.10 0.52
CA SER A 631 18.33 -4.50 -0.12
C SER A 631 18.33 -4.22 -1.62
N LYS A 632 19.23 -3.36 -2.08
CA LYS A 632 19.30 -3.04 -3.51
C LYS A 632 20.22 -3.95 -4.29
N GLN A 633 20.79 -4.99 -3.67
CA GLN A 633 21.69 -5.87 -4.39
C GLN A 633 21.48 -7.30 -3.92
N THR A 634 21.17 -8.19 -4.85
CA THR A 634 20.88 -9.58 -4.55
C THR A 634 22.08 -10.48 -4.74
N GLU A 635 23.28 -9.92 -4.78
CA GLU A 635 24.49 -10.74 -4.80
C GLU A 635 24.67 -11.46 -3.47
N ILE A 636 24.22 -10.85 -2.39
CA ILE A 636 24.46 -11.33 -1.04
C ILE A 636 23.15 -11.92 -0.51
N ALA A 637 23.23 -12.99 0.27
CA ALA A 637 22.03 -13.56 0.86
C ALA A 637 21.86 -13.09 2.31
N TYR A 638 20.61 -12.98 2.75
CA TYR A 638 20.27 -12.46 4.08
C TYR A 638 19.51 -13.54 4.86
N GLY A 639 20.13 -14.05 5.91
CA GLY A 639 19.47 -15.00 6.77
C GLY A 639 19.54 -14.59 8.23
N THR A 640 18.55 -15.04 9.00
CA THR A 640 18.50 -14.84 10.44
C THR A 640 18.24 -16.17 11.11
N LEU A 641 17.91 -16.13 12.40
CA LEU A 641 17.72 -17.34 13.17
C LEU A 641 16.36 -17.95 12.82
N ASP A 642 16.22 -19.27 13.06
CA ASP A 642 14.97 -19.96 12.73
C ASP A 642 13.80 -19.47 13.57
N SER A 643 14.05 -19.03 14.80
CA SER A 643 13.00 -18.55 15.67
C SER A 643 13.59 -17.58 16.68
N GLY A 644 13.29 -16.31 16.54
CA GLY A 644 13.85 -15.32 17.44
C GLY A 644 13.24 -13.97 17.20
N SER A 645 13.79 -12.99 17.91
CA SER A 645 13.24 -11.65 17.86
C SER A 645 13.67 -10.92 16.59
N THR A 646 14.65 -11.44 15.88
CA THR A 646 15.12 -10.78 14.67
C THR A 646 14.24 -11.13 13.47
N LYS A 647 13.96 -12.43 13.28
CA LYS A 647 13.09 -12.85 12.19
C LYS A 647 11.69 -12.28 12.32
N GLU A 648 11.17 -12.28 13.55
CA GLU A 648 9.83 -11.74 13.75
C GLU A 648 9.80 -10.22 13.59
N PHE A 649 10.94 -9.56 13.79
CA PHE A 649 11.00 -8.11 13.59
C PHE A 649 10.80 -7.74 12.14
N PHE A 650 11.33 -8.55 11.22
CA PHE A 650 11.14 -8.25 9.81
C PHE A 650 9.81 -8.77 9.30
N ARG A 651 9.17 -9.67 10.05
CA ARG A 651 7.84 -10.12 9.66
C ARG A 651 6.81 -9.02 9.83
N ARG A 652 6.69 -8.47 11.03
CA ARG A 652 5.70 -7.43 11.30
C ARG A 652 6.17 -6.03 10.93
N SER A 653 7.34 -5.89 10.32
CA SER A 653 7.79 -4.57 9.89
C SER A 653 7.00 -4.12 8.67
N LYS A 654 6.90 -2.80 8.50
CA LYS A 654 6.27 -2.21 7.32
C LYS A 654 7.08 -1.10 6.68
N ILE A 655 8.33 -0.89 7.12
CA ILE A 655 9.21 0.00 6.39
C ILE A 655 9.52 -0.63 5.04
N ALA A 656 9.61 0.21 4.00
CA ALA A 656 9.70 -0.28 2.62
C ALA A 656 10.99 -1.05 2.38
N VAL A 657 12.11 -0.56 2.95
CA VAL A 657 13.35 -1.32 2.90
C VAL A 657 13.21 -2.61 3.68
N PHE A 658 12.56 -2.55 4.84
CA PHE A 658 12.41 -3.74 5.66
C PHE A 658 11.39 -4.70 5.07
N ASP A 659 10.38 -4.17 4.37
CA ASP A 659 9.41 -5.03 3.69
C ASP A 659 10.07 -5.81 2.57
N LYS A 660 10.91 -5.14 1.79
CA LYS A 660 11.50 -5.77 0.61
C LYS A 660 12.48 -6.86 0.99
N MET A 661 13.11 -6.72 2.17
CA MET A 661 13.96 -7.79 2.68
C MET A 661 13.13 -9.01 3.07
N TRP A 662 11.99 -8.79 3.72
CA TRP A 662 11.18 -9.90 4.20
C TRP A 662 10.52 -10.63 3.04
N THR A 663 10.26 -9.93 1.94
CA THR A 663 9.84 -10.62 0.72
C THR A 663 10.97 -11.46 0.14
N TYR A 664 12.23 -11.07 0.42
CA TYR A 664 13.35 -11.90 0.00
C TYR A 664 13.63 -13.02 0.97
N MET A 665 13.48 -12.75 2.28
CA MET A 665 13.73 -13.77 3.30
C MET A 665 12.78 -14.94 3.17
N ARG A 666 11.52 -14.65 2.85
CA ARG A 666 10.56 -15.71 2.56
C ARG A 666 10.93 -16.44 1.28
N SER A 667 11.46 -15.71 0.29
CA SER A 667 11.77 -16.27 -1.02
C SER A 667 13.20 -16.83 -1.01
N ALA A 668 13.36 -17.90 -0.26
CA ALA A 668 14.68 -18.47 0.01
C ALA A 668 14.81 -19.83 -0.65
N GLU A 669 15.66 -19.91 -1.67
CA GLU A 669 16.00 -21.18 -2.31
C GLU A 669 17.51 -21.26 -2.42
N PRO A 670 18.20 -21.99 -1.53
CA PRO A 670 17.69 -22.70 -0.36
C PRO A 670 17.40 -21.78 0.82
N SER A 671 17.01 -22.34 1.97
CA SER A 671 16.59 -21.55 3.11
C SER A 671 17.74 -20.73 3.65
N VAL A 672 17.50 -19.43 3.82
CA VAL A 672 18.53 -18.55 4.34
C VAL A 672 18.65 -18.70 5.85
N PHE A 673 17.59 -19.18 6.50
CA PHE A 673 17.55 -19.19 7.96
C PHE A 673 18.43 -20.31 8.51
N VAL A 674 18.76 -20.22 9.79
CA VAL A 674 19.66 -21.15 10.46
C VAL A 674 19.08 -21.50 11.82
N ARG A 675 19.49 -22.65 12.36
CA ARG A 675 18.94 -23.13 13.62
C ARG A 675 19.44 -22.34 14.81
N THR A 676 20.74 -22.35 15.07
CA THR A 676 21.30 -21.60 16.16
C THR A 676 22.30 -20.58 15.63
N THR A 677 22.74 -19.69 16.54
CA THR A 677 23.65 -18.63 16.13
C THR A 677 25.01 -19.19 15.75
N ALA A 678 25.48 -20.21 16.47
CA ALA A 678 26.81 -20.75 16.23
C ALA A 678 26.90 -21.44 14.88
N GLU A 679 25.78 -21.99 14.40
CA GLU A 679 25.78 -22.51 13.04
C GLU A 679 25.71 -21.39 12.02
N GLY A 680 24.90 -20.36 12.30
CA GLY A 680 24.67 -19.31 11.32
C GLY A 680 25.89 -18.45 11.07
N VAL A 681 26.69 -18.21 12.12
CA VAL A 681 27.93 -17.47 11.94
C VAL A 681 28.96 -18.35 11.23
N ALA A 682 28.83 -19.67 11.34
CA ALA A 682 29.79 -20.56 10.70
C ALA A 682 29.56 -20.63 9.20
N ARG A 683 28.31 -20.39 8.74
CA ARG A 683 28.06 -20.29 7.31
C ARG A 683 28.75 -19.08 6.72
N VAL A 684 28.86 -18.01 7.50
CA VAL A 684 29.54 -16.80 7.05
C VAL A 684 31.02 -17.07 6.86
N ARG A 685 31.60 -17.95 7.68
CA ARG A 685 33.01 -18.31 7.53
C ARG A 685 33.25 -19.12 6.26
N LYS A 686 32.24 -19.83 5.76
CA LYS A 686 32.46 -20.70 4.62
C LYS A 686 31.91 -20.16 3.31
N SER A 687 30.98 -19.21 3.32
CA SER A 687 30.34 -18.78 2.09
C SER A 687 31.08 -17.68 1.36
N LYS A 688 32.22 -17.22 1.90
CA LYS A 688 33.15 -16.30 1.23
C LYS A 688 32.51 -14.97 0.85
N GLY A 689 31.79 -14.39 1.80
CA GLY A 689 31.23 -13.07 1.60
C GLY A 689 30.02 -12.98 0.71
N LYS A 690 29.39 -14.10 0.38
CA LYS A 690 28.16 -14.10 -0.39
C LYS A 690 26.93 -14.25 0.48
N TYR A 691 27.10 -14.45 1.78
CA TYR A 691 26.01 -14.72 2.70
C TYR A 691 26.14 -13.82 3.92
N ALA A 692 25.18 -12.92 4.08
CA ALA A 692 25.13 -12.04 5.23
C ALA A 692 24.17 -12.65 6.24
N TYR A 693 24.58 -12.66 7.51
CA TYR A 693 23.73 -13.13 8.58
C TYR A 693 23.45 -11.98 9.53
N LEU A 694 22.21 -11.50 9.52
CA LEU A 694 21.81 -10.41 10.39
C LEU A 694 21.63 -10.95 11.80
N LEU A 695 22.17 -10.23 12.79
CA LEU A 695 21.97 -10.58 14.17
C LEU A 695 22.20 -9.36 15.03
N GLU A 696 22.03 -9.55 16.34
CA GLU A 696 22.08 -8.44 17.27
C GLU A 696 23.52 -7.97 17.47
N SER A 697 23.63 -6.72 17.96
CA SER A 697 24.91 -6.03 17.95
C SER A 697 25.88 -6.60 18.97
N THR A 698 25.40 -6.91 20.17
CA THR A 698 26.30 -7.35 21.22
C THR A 698 26.76 -8.78 20.99
N MET A 699 25.99 -9.57 20.24
CA MET A 699 26.54 -10.83 19.74
C MET A 699 27.47 -10.58 18.57
N ASN A 700 27.28 -9.48 17.85
CA ASN A 700 28.13 -9.21 16.70
C ASN A 700 29.50 -8.70 17.15
N GLU A 701 29.55 -8.02 18.30
CA GLU A 701 30.84 -7.53 18.78
C GLU A 701 31.70 -8.64 19.35
N TYR A 702 31.07 -9.62 20.02
CA TYR A 702 31.87 -10.67 20.64
C TYR A 702 32.46 -11.61 19.60
N ILE A 703 31.77 -11.80 18.49
CA ILE A 703 32.32 -12.66 17.43
C ILE A 703 33.48 -11.95 16.73
N GLU A 704 33.45 -10.62 16.68
CA GLU A 704 34.52 -9.86 16.05
C GLU A 704 35.82 -9.97 16.85
N GLN A 705 35.70 -10.01 18.18
CA GLN A 705 36.87 -10.05 19.05
C GLN A 705 37.33 -11.47 19.36
N ARG A 706 37.09 -12.43 18.49
CA ARG A 706 37.56 -13.79 18.67
C ARG A 706 38.04 -14.33 17.33
N LYS A 707 39.05 -15.21 17.38
CA LYS A 707 39.72 -15.70 16.19
C LYS A 707 38.78 -16.52 15.31
N PRO A 708 38.95 -16.47 13.97
CA PRO A 708 39.94 -15.77 13.14
C PRO A 708 39.76 -14.26 12.98
N CYS A 709 38.80 -13.66 13.70
CA CYS A 709 38.48 -12.22 13.63
C CYS A 709 38.11 -11.82 12.21
N ASP A 710 37.38 -12.70 11.53
CA ASP A 710 37.15 -12.61 10.09
C ASP A 710 35.70 -12.26 9.77
N THR A 711 34.98 -11.63 10.70
CA THR A 711 33.66 -11.05 10.46
C THR A 711 33.67 -9.62 10.96
N MET A 712 33.11 -8.72 10.17
CA MET A 712 33.15 -7.30 10.51
C MET A 712 31.75 -6.73 10.55
N LYS A 713 31.44 -6.03 11.64
CA LYS A 713 30.22 -5.24 11.72
C LYS A 713 30.24 -4.13 10.70
N VAL A 714 29.17 -4.02 9.93
CA VAL A 714 29.00 -2.93 8.99
C VAL A 714 27.77 -2.13 9.37
N GLY A 715 27.88 -0.81 9.29
CA GLY A 715 26.77 0.06 9.58
C GLY A 715 26.48 0.19 11.06
N GLY A 716 25.42 0.96 11.34
CA GLY A 716 24.98 1.16 12.70
C GLY A 716 23.74 0.33 12.98
N ASN A 717 23.11 0.65 14.10
CA ASN A 717 21.96 -0.10 14.56
C ASN A 717 20.74 0.19 13.68
N LEU A 718 20.10 -0.87 13.20
CA LEU A 718 18.87 -0.71 12.45
C LEU A 718 17.69 -0.44 13.38
N ASP A 719 17.83 -0.77 14.65
CA ASP A 719 16.75 -0.67 15.61
C ASP A 719 17.37 -0.52 17.00
N SER A 720 16.53 -0.28 18.00
CA SER A 720 16.95 -0.22 19.39
C SER A 720 16.02 -1.07 20.24
N LYS A 721 16.57 -2.02 20.96
CA LYS A 721 15.82 -2.94 21.79
C LYS A 721 16.56 -3.12 23.11
N GLY A 722 15.99 -3.96 23.99
CA GLY A 722 16.57 -4.14 25.31
C GLY A 722 16.55 -5.57 25.84
N TYR A 723 17.62 -5.95 26.52
CA TYR A 723 17.66 -7.24 27.20
C TYR A 723 17.05 -7.13 28.59
N GLY A 724 16.26 -8.13 28.96
CA GLY A 724 15.54 -8.09 30.21
C GLY A 724 15.41 -9.47 30.84
N ILE A 725 15.40 -9.47 32.17
CA ILE A 725 15.08 -10.69 32.91
C ILE A 725 13.57 -10.89 32.90
N ALA A 726 13.14 -12.08 32.46
CA ALA A 726 11.73 -12.34 32.25
C ALA A 726 11.22 -13.38 33.23
N THR A 727 10.02 -13.13 33.73
CA THR A 727 9.28 -13.98 34.65
C THR A 727 7.99 -14.38 33.96
N PRO A 728 7.33 -15.46 34.41
CA PRO A 728 5.97 -15.73 33.94
C PRO A 728 5.00 -14.65 34.39
N LYS A 729 3.95 -14.47 33.60
CA LYS A 729 2.92 -13.49 33.94
C LYS A 729 2.18 -13.90 35.20
N GLY A 730 2.22 -13.03 36.20
CA GLY A 730 1.48 -13.27 37.42
C GLY A 730 2.24 -13.97 38.52
N SER A 731 3.54 -14.11 38.42
CA SER A 731 4.33 -14.55 39.56
C SER A 731 4.80 -13.35 40.36
N SER A 732 4.91 -13.51 41.67
CA SER A 732 5.29 -12.39 42.53
C SER A 732 6.80 -12.15 42.51
N LEU A 733 7.54 -13.07 41.90
CA LEU A 733 8.99 -12.97 41.85
C LEU A 733 9.47 -11.81 40.99
N GLY A 734 8.64 -11.32 40.07
CA GLY A 734 9.07 -10.30 39.14
C GLY A 734 9.33 -8.95 39.78
N THR A 735 8.73 -8.70 40.93
CA THR A 735 8.91 -7.41 41.59
C THR A 735 10.24 -7.27 42.34
N PRO A 736 10.70 -8.23 43.17
CA PRO A 736 12.03 -8.03 43.78
C PRO A 736 13.18 -8.18 42.79
N VAL A 737 12.98 -8.93 41.72
CA VAL A 737 13.99 -9.03 40.67
C VAL A 737 14.13 -7.69 39.95
N ASN A 738 13.00 -6.99 39.75
CA ASN A 738 13.03 -5.64 39.20
C ASN A 738 13.77 -4.69 40.13
N LEU A 739 13.71 -4.94 41.45
CA LEU A 739 14.46 -4.14 42.39
C LEU A 739 15.96 -4.36 42.24
N ALA A 740 16.37 -5.59 41.95
CA ALA A 740 17.79 -5.91 41.89
C ALA A 740 18.43 -5.37 40.61
N VAL A 741 17.63 -5.22 39.55
CA VAL A 741 18.16 -4.72 38.29
C VAL A 741 18.52 -3.24 38.41
N LEU A 742 17.65 -2.46 39.05
CA LEU A 742 17.99 -1.07 39.31
C LEU A 742 19.06 -0.96 40.40
N LYS A 743 19.13 -1.97 41.28
CA LYS A 743 20.15 -1.98 42.33
C LYS A 743 21.55 -2.09 41.73
N LEU A 744 21.74 -3.06 40.83
CA LEU A 744 23.04 -3.23 40.20
C LEU A 744 23.30 -2.17 39.14
N SER A 745 22.24 -1.47 38.71
CA SER A 745 22.41 -0.30 37.86
C SER A 745 22.98 0.87 38.66
N GLU A 746 22.49 1.05 39.89
CA GLU A 746 23.00 2.12 40.76
C GLU A 746 24.42 1.84 41.21
N GLN A 747 24.73 0.58 41.52
CA GLN A 747 26.04 0.17 42.02
C GLN A 747 27.12 0.27 40.95
N GLY A 748 26.75 0.26 39.68
CA GLY A 748 27.73 0.25 38.61
C GLY A 748 28.21 -1.16 38.33
N VAL A 749 27.63 -2.13 39.01
CA VAL A 749 28.08 -3.52 38.89
C VAL A 749 27.72 -4.11 37.54
N LEU A 750 26.61 -3.65 36.95
CA LEU A 750 26.24 -4.10 35.60
C LEU A 750 27.24 -3.63 34.56
N ASP A 751 27.64 -2.36 34.63
CA ASP A 751 28.71 -1.87 33.77
C ASP A 751 30.04 -2.52 34.16
N LYS A 752 30.20 -2.87 35.44
CA LYS A 752 31.40 -3.57 35.88
C LYS A 752 31.43 -4.98 35.31
N LEU A 753 30.28 -5.67 35.31
CA LEU A 753 30.21 -6.98 34.68
C LEU A 753 30.36 -6.87 33.18
N LYS A 754 29.95 -5.74 32.61
CA LYS A 754 30.02 -5.56 31.17
C LYS A 754 31.46 -5.49 30.70
N ASN A 755 32.24 -4.54 31.24
CA ASN A 755 33.61 -4.37 30.78
C ASN A 755 34.54 -5.43 31.36
N LYS A 756 34.04 -6.24 32.29
CA LYS A 756 34.79 -7.41 32.76
C LYS A 756 35.01 -8.41 31.64
N TRP A 757 33.94 -8.75 30.92
CA TRP A 757 33.98 -9.96 30.10
C TRP A 757 34.60 -9.69 28.74
N TRP A 758 34.12 -8.69 28.01
CA TRP A 758 34.57 -8.47 26.64
C TRP A 758 36.01 -7.98 26.59
N TYR A 759 36.47 -7.31 27.64
CA TYR A 759 37.80 -6.70 27.58
C TYR A 759 38.88 -7.66 28.02
N ASP A 760 38.71 -8.34 29.16
CA ASP A 760 39.74 -9.19 29.72
C ASP A 760 40.00 -10.42 28.87
N LYS A 761 39.01 -10.86 28.09
CA LYS A 761 39.21 -11.98 27.18
C LYS A 761 39.21 -11.46 25.75
N GLY A 762 39.81 -10.29 25.55
CA GLY A 762 39.93 -9.71 24.21
C GLY A 762 41.04 -10.35 23.41
N GLU A 763 40.68 -11.06 22.35
CA GLU A 763 41.65 -11.90 21.67
C GLU A 763 42.52 -11.10 20.71
N CYS A 764 41.94 -10.51 19.68
CA CYS A 764 42.74 -9.78 18.70
C CYS A 764 42.57 -8.28 18.89
N GLY A 765 41.33 -7.79 18.82
CA GLY A 765 41.01 -6.42 19.20
C GLY A 765 41.59 -5.34 18.30
N ALA A 766 41.23 -4.09 18.63
CA ALA A 766 41.79 -2.86 18.06
C ALA A 766 41.66 -2.81 16.54
N LYS A 767 40.42 -2.84 16.04
CA LYS A 767 40.20 -2.92 14.60
C LYS A 767 40.18 -1.53 13.96
N ASP A 768 39.80 -0.51 14.74
CA ASP A 768 39.81 0.85 14.23
C ASP A 768 41.23 1.35 13.99
N SER A 769 42.17 0.92 14.83
CA SER A 769 43.57 1.28 14.63
C SER A 769 44.19 0.45 13.52
N GLY A 770 43.67 -0.77 13.30
CA GLY A 770 44.14 -1.56 12.18
C GLY A 770 43.60 -1.06 10.85
N SER A 771 42.40 -0.50 10.86
CA SER A 771 41.77 0.03 9.65
C SER A 771 41.64 1.55 9.65
N LYS A 772 42.53 2.27 10.36
CA LYS A 772 42.53 3.73 10.27
C LYS A 772 43.06 4.19 8.92
N GLU A 773 44.00 3.45 8.34
CA GLU A 773 44.53 3.77 7.03
C GLU A 773 43.59 3.27 5.94
N LYS A 774 43.33 4.14 4.96
CA LYS A 774 42.53 3.77 3.81
C LYS A 774 43.44 3.59 2.61
N THR A 775 43.46 2.38 2.06
CA THR A 775 44.36 2.04 0.96
C THR A 775 43.70 2.42 -0.36
N SER A 776 44.49 3.07 -1.24
CA SER A 776 44.03 3.39 -2.58
C SER A 776 45.09 3.12 -3.64
N ALA A 777 46.36 3.09 -3.26
CA ALA A 777 47.46 2.94 -4.18
C ALA A 777 47.97 1.50 -4.16
N LEU A 778 48.88 1.20 -5.07
CA LEU A 778 49.56 -0.09 -5.02
C LEU A 778 50.45 -0.15 -3.79
N SER A 779 50.52 -1.32 -3.17
CA SER A 779 51.39 -1.49 -2.03
C SER A 779 52.82 -1.76 -2.49
N LEU A 780 53.68 -2.05 -1.52
CA LEU A 780 54.99 -2.60 -1.86
C LEU A 780 54.83 -4.03 -2.38
N SER A 781 53.82 -4.73 -1.89
CA SER A 781 53.68 -6.15 -2.21
C SER A 781 53.15 -6.36 -3.63
N ASN A 782 52.34 -5.43 -4.13
CA ASN A 782 51.64 -5.62 -5.39
C ASN A 782 52.55 -5.71 -6.59
N VAL A 783 53.74 -5.12 -6.52
CA VAL A 783 54.71 -5.24 -7.60
C VAL A 783 56.00 -5.80 -7.03
N ALA A 784 55.91 -6.51 -5.90
CA ALA A 784 57.10 -7.03 -5.25
C ALA A 784 57.72 -8.18 -6.04
N GLY A 785 56.92 -8.82 -6.90
CA GLY A 785 57.46 -9.86 -7.76
C GLY A 785 58.43 -9.32 -8.79
N VAL A 786 58.33 -8.04 -9.10
CA VAL A 786 59.29 -7.42 -10.01
C VAL A 786 60.61 -7.22 -9.29
N PHE A 787 60.56 -6.80 -8.02
CA PHE A 787 61.78 -6.61 -7.23
C PHE A 787 62.48 -7.94 -6.99
N TYR A 788 61.71 -9.01 -6.81
CA TYR A 788 62.31 -10.32 -6.61
C TYR A 788 62.93 -10.84 -7.90
N ILE A 789 62.41 -10.41 -9.05
CA ILE A 789 63.10 -10.68 -10.30
C ILE A 789 64.28 -9.73 -10.47
N LEU A 790 64.13 -8.49 -10.00
CA LEU A 790 65.20 -7.51 -10.21
C LEU A 790 66.40 -7.80 -9.32
N VAL A 791 66.17 -8.04 -8.02
CA VAL A 791 67.26 -8.35 -7.11
C VAL A 791 67.87 -9.71 -7.45
N GLY A 792 67.02 -10.71 -7.68
CA GLY A 792 67.53 -12.03 -8.01
C GLY A 792 68.16 -12.09 -9.39
N GLY A 793 67.68 -11.26 -10.32
CA GLY A 793 68.28 -11.23 -11.65
C GLY A 793 69.67 -10.64 -11.64
N LEU A 794 69.93 -9.71 -10.71
CA LEU A 794 71.30 -9.26 -10.52
C LEU A 794 72.12 -10.31 -9.80
N GLY A 795 71.46 -11.14 -8.99
CA GLY A 795 72.14 -12.25 -8.35
C GLY A 795 72.63 -13.28 -9.36
N LEU A 796 71.85 -13.51 -10.41
CA LEU A 796 72.34 -14.34 -11.51
C LEU A 796 73.34 -13.58 -12.36
N ALA A 797 73.28 -12.25 -12.35
CA ALA A 797 74.29 -11.46 -13.03
C ALA A 797 75.62 -11.50 -12.28
N MET A 798 75.56 -11.69 -10.95
CA MET A 798 76.79 -11.92 -10.19
C MET A 798 77.40 -13.26 -10.55
N LEU A 799 76.57 -14.26 -10.86
CA LEU A 799 77.07 -15.61 -11.08
C LEU A 799 77.75 -15.74 -12.42
N VAL A 800 77.19 -15.13 -13.46
CA VAL A 800 77.76 -15.25 -14.81
C VAL A 800 79.02 -14.41 -14.92
N ALA A 801 79.12 -13.35 -14.12
CA ALA A 801 80.32 -12.51 -14.11
C ALA A 801 81.53 -13.28 -13.60
N LEU A 802 81.33 -14.08 -12.54
CA LEU A 802 82.44 -14.87 -12.00
C LEU A 802 82.77 -16.04 -12.93
N ILE A 803 81.76 -16.59 -13.60
CA ILE A 803 81.98 -17.75 -14.47
C ILE A 803 82.71 -17.33 -15.74
N GLU A 804 82.29 -16.23 -16.36
CA GLU A 804 82.96 -15.74 -17.57
C GLU A 804 84.37 -15.26 -17.26
N PHE A 805 84.59 -14.76 -16.04
CA PHE A 805 85.94 -14.39 -15.61
C PHE A 805 86.82 -15.62 -15.47
N CYS A 806 86.29 -16.70 -14.89
CA CYS A 806 87.03 -17.95 -14.83
C CYS A 806 87.11 -18.60 -16.21
N TYR A 807 86.10 -18.39 -17.04
CA TYR A 807 86.20 -18.81 -18.44
C TYR A 807 87.24 -17.99 -19.19
N LYS A 808 87.39 -16.72 -18.80
CA LYS A 808 88.49 -15.93 -19.33
C LYS A 808 89.83 -16.42 -18.77
N SER A 809 89.83 -16.84 -17.50
CA SER A 809 91.07 -17.30 -16.88
C SER A 809 91.45 -18.70 -17.35
N ARG A 810 90.45 -19.54 -17.67
CA ARG A 810 90.75 -20.83 -18.27
C ARG A 810 91.25 -20.66 -19.70
N ALA A 811 90.78 -19.62 -20.39
CA ALA A 811 91.29 -19.31 -21.72
C ALA A 811 92.72 -18.79 -21.65
N GLU A 812 93.11 -18.21 -20.51
CA GLU A 812 94.50 -17.82 -20.31
C GLU A 812 95.40 -19.04 -20.19
N ALA A 813 94.92 -20.09 -19.53
CA ALA A 813 95.73 -21.27 -19.29
C ALA A 813 95.96 -22.07 -20.57
N SER A 823 85.32 -30.38 -34.02
CA SER A 823 85.04 -28.97 -33.83
C SER A 823 83.89 -28.52 -34.72
N ARG A 824 84.18 -28.26 -35.99
CA ARG A 824 83.13 -27.92 -36.94
C ARG A 824 82.33 -29.15 -37.34
N ARG A 825 82.90 -30.34 -37.15
CA ARG A 825 82.11 -31.57 -37.23
C ARG A 825 81.36 -31.81 -35.93
N GLY A 826 81.86 -31.24 -34.83
CA GLY A 826 81.20 -31.42 -33.54
C GLY A 826 79.92 -30.60 -33.43
N ARG A 827 79.87 -29.46 -34.11
CA ARG A 827 78.66 -28.63 -34.06
C ARG A 827 77.54 -29.23 -34.88
N ALA A 828 77.89 -29.92 -35.97
CA ALA A 828 76.88 -30.56 -36.80
C ALA A 828 76.29 -31.78 -36.11
N LEU A 829 77.05 -32.41 -35.23
CA LEU A 829 76.59 -33.61 -34.53
C LEU A 829 75.48 -33.26 -33.55
N LEU A 830 75.62 -32.15 -32.82
CA LEU A 830 74.58 -31.76 -31.87
C LEU A 830 73.37 -31.21 -32.60
N ALA A 831 73.57 -30.58 -33.75
CA ALA A 831 72.47 -29.93 -34.47
C ALA A 831 71.49 -30.96 -35.05
N VAL A 832 72.00 -32.13 -35.45
CA VAL A 832 71.10 -33.18 -35.92
C VAL A 832 70.42 -33.86 -34.75
N ALA A 833 71.15 -34.06 -33.64
CA ALA A 833 70.61 -34.77 -32.49
C ALA A 833 69.54 -33.93 -31.78
N LEU A 834 69.63 -32.61 -31.87
CA LEU A 834 68.56 -31.77 -31.34
C LEU A 834 67.36 -31.77 -32.27
N ASN A 835 67.59 -31.94 -33.58
CA ASN A 835 66.50 -32.09 -34.53
C ASN A 835 65.74 -33.39 -34.28
N LEU A 836 66.46 -34.46 -33.94
CA LEU A 836 65.83 -35.74 -33.66
C LEU A 836 65.02 -35.69 -32.37
N LEU A 837 65.42 -34.82 -31.44
CA LEU A 837 64.56 -34.54 -30.30
C LEU A 837 63.29 -33.83 -30.74
N ALA A 838 63.41 -32.93 -31.71
CA ALA A 838 62.25 -32.16 -32.16
C ALA A 838 61.29 -33.02 -32.95
N LEU A 839 61.79 -34.07 -33.60
CA LEU A 839 60.88 -35.04 -34.20
C LEU A 839 60.19 -35.88 -33.13
N LEU A 840 60.95 -36.31 -32.12
CA LEU A 840 60.40 -37.19 -31.10
C LEU A 840 59.44 -36.44 -30.19
N PHE A 841 59.70 -35.17 -29.93
CA PHE A 841 58.85 -34.43 -28.99
C PHE A 841 57.56 -33.99 -29.66
N ALA A 842 57.60 -33.71 -30.97
CA ALA A 842 56.39 -33.29 -31.67
C ALA A 842 55.48 -34.47 -31.98
N THR A 843 56.04 -35.57 -32.46
CA THR A 843 55.22 -36.72 -32.82
C THR A 843 54.63 -37.40 -31.59
N THR A 844 55.30 -37.26 -30.43
CA THR A 844 54.69 -37.69 -29.18
C THR A 844 53.43 -36.88 -28.91
N ALA A 845 53.50 -35.57 -29.13
CA ALA A 845 52.36 -34.69 -28.89
C ALA A 845 51.23 -34.97 -29.87
N PHE A 846 51.57 -35.29 -31.12
CA PHE A 846 50.57 -35.50 -32.15
C PHE A 846 49.80 -36.79 -31.91
N LEU A 847 50.46 -37.78 -31.30
CA LEU A 847 49.81 -39.07 -31.11
C LEU A 847 49.16 -39.18 -29.73
N THR A 848 49.79 -38.62 -28.70
CA THR A 848 49.20 -38.68 -27.36
C THR A 848 47.97 -37.81 -27.25
N THR A 849 46.95 -38.34 -26.56
CA THR A 849 45.74 -37.61 -26.25
C THR A 849 45.76 -37.01 -24.85
N TYR A 850 46.94 -36.63 -24.36
CA TYR A 850 47.09 -36.04 -23.03
C TYR A 850 47.52 -34.57 -23.08
N TRP A 851 47.09 -33.80 -24.08
CA TRP A 851 47.47 -32.39 -24.12
C TRP A 851 46.78 -31.58 -23.03
N CYS A 852 45.50 -31.85 -22.79
CA CYS A 852 44.71 -31.04 -21.90
C CYS A 852 44.17 -31.91 -20.78
N GLN A 853 44.70 -31.71 -19.58
CA GLN A 853 44.30 -32.48 -18.41
C GLN A 853 43.13 -31.76 -17.75
N GLY A 854 41.93 -32.29 -17.95
CA GLY A 854 40.74 -31.66 -17.42
C GLY A 854 39.89 -32.66 -16.67
N THR A 855 38.93 -32.13 -15.91
CA THR A 855 37.98 -32.95 -15.18
C THR A 855 36.58 -32.38 -15.33
N GLN A 856 35.61 -33.28 -15.41
CA GLN A 856 34.21 -32.91 -15.60
C GLN A 856 33.37 -33.70 -14.60
N ARG A 857 32.17 -33.21 -14.31
CA ARG A 857 31.39 -33.77 -13.22
C ARG A 857 29.95 -34.01 -13.63
N VAL A 858 29.35 -35.00 -12.99
CA VAL A 858 27.90 -35.17 -12.97
C VAL A 858 27.44 -34.92 -11.54
N PRO A 859 26.28 -34.26 -11.31
CA PRO A 859 25.84 -33.83 -9.98
C PRO A 859 25.55 -34.97 -9.00
N PHE A 905 27.82 -36.02 -7.00
CA PHE A 905 29.06 -35.30 -6.76
C PHE A 905 30.20 -36.04 -7.44
N GLN A 906 29.85 -36.81 -8.47
CA GLN A 906 30.78 -37.70 -9.15
C GLN A 906 31.57 -36.89 -10.16
N LEU A 907 32.89 -37.06 -10.16
CA LEU A 907 33.79 -36.31 -11.04
C LEU A 907 34.50 -37.27 -11.99
N ARG A 908 34.72 -36.82 -13.22
CA ARG A 908 35.37 -37.63 -14.25
C ARG A 908 36.59 -36.87 -14.77
N ARG A 909 37.78 -37.36 -14.43
CA ARG A 909 39.01 -36.92 -15.07
C ARG A 909 38.99 -37.29 -16.55
N PHE A 910 39.59 -36.44 -17.39
CA PHE A 910 39.74 -36.79 -18.80
C PHE A 910 40.97 -36.12 -19.38
N HIS A 911 41.19 -36.37 -20.66
CA HIS A 911 42.36 -35.90 -21.41
C HIS A 911 42.05 -35.95 -22.89
N THR A 912 42.49 -34.94 -23.63
CA THR A 912 42.22 -34.85 -25.05
C THR A 912 43.43 -34.36 -25.84
N GLY A 913 43.30 -34.40 -27.16
CA GLY A 913 44.28 -33.85 -28.07
C GLY A 913 43.57 -33.14 -29.20
N ILE A 914 44.10 -33.31 -30.42
CA ILE A 914 43.41 -32.80 -31.60
C ILE A 914 42.48 -33.86 -32.20
N TRP A 915 42.83 -35.14 -32.06
CA TRP A 915 42.02 -36.17 -32.70
C TRP A 915 40.95 -36.75 -31.79
N TYR A 916 41.36 -37.40 -30.70
CA TYR A 916 40.43 -38.20 -29.91
C TYR A 916 40.46 -37.73 -28.46
N SER A 917 39.30 -37.31 -27.97
CA SER A 917 39.11 -36.98 -26.56
C SER A 917 38.72 -38.26 -25.83
N CYS A 918 39.60 -38.72 -24.95
CA CYS A 918 39.42 -39.99 -24.24
C CYS A 918 39.08 -39.68 -22.78
N GLU A 919 37.89 -40.06 -22.36
CA GLU A 919 37.36 -39.70 -21.05
C GLU A 919 37.34 -40.93 -20.15
N GLU A 920 37.83 -40.76 -18.91
CA GLU A 920 37.76 -41.84 -17.94
C GLU A 920 36.34 -42.00 -17.42
N GLU A 921 35.93 -43.25 -17.25
CA GLU A 921 34.64 -43.61 -16.65
C GLU A 921 34.89 -44.18 -15.26
N LEU A 922 33.92 -44.00 -14.37
CA LEU A 922 33.98 -44.65 -13.08
C LEU A 922 33.56 -46.11 -13.22
N GLY A 923 33.84 -46.89 -12.18
CA GLY A 923 33.59 -48.32 -12.24
C GLY A 923 34.65 -49.11 -12.95
N GLY A 924 35.80 -48.52 -13.21
CA GLY A 924 36.88 -49.21 -13.88
C GLY A 924 37.86 -48.24 -14.52
N PRO A 925 38.56 -48.68 -15.55
CA PRO A 925 39.50 -47.77 -16.23
C PRO A 925 38.83 -46.74 -17.11
N GLY A 926 37.76 -47.11 -17.81
CA GLY A 926 37.07 -46.19 -18.70
C GLY A 926 37.73 -46.04 -20.06
N GLU A 927 38.35 -44.88 -20.30
CA GLU A 927 38.98 -44.48 -21.56
C GLU A 927 38.05 -44.60 -22.76
N LYS A 928 36.80 -44.18 -22.61
CA LYS A 928 35.95 -43.98 -23.78
C LYS A 928 36.49 -42.84 -24.61
N CYS A 929 36.86 -43.14 -25.86
CA CYS A 929 37.52 -42.16 -26.73
C CYS A 929 36.52 -41.61 -27.74
N ARG A 930 36.37 -40.30 -27.73
CA ARG A 930 35.43 -39.60 -28.60
C ARG A 930 36.19 -38.62 -29.47
N SER A 931 35.75 -38.47 -30.73
CA SER A 931 36.44 -37.63 -31.71
C SER A 931 36.39 -36.15 -31.36
N PHE A 932 37.54 -35.48 -31.44
CA PHE A 932 37.62 -34.09 -31.02
C PHE A 932 37.16 -33.14 -32.12
N ILE A 933 37.25 -33.56 -33.38
CA ILE A 933 37.03 -32.65 -34.50
C ILE A 933 35.56 -32.28 -34.61
N ASP A 934 34.67 -33.28 -34.59
CA ASP A 934 33.23 -33.01 -34.66
C ASP A 934 32.68 -32.53 -33.34
N LEU A 935 33.48 -32.59 -32.27
CA LEU A 935 33.04 -32.19 -30.94
C LEU A 935 32.77 -30.68 -30.85
N ALA A 936 33.48 -29.89 -31.62
CA ALA A 936 33.40 -28.43 -31.57
C ALA A 936 32.17 -27.90 -32.31
N PRO A 937 31.75 -26.65 -32.07
CA PRO A 937 30.84 -25.99 -33.00
C PRO A 937 31.54 -25.57 -34.29
N ALA A 938 30.72 -25.14 -35.25
CA ALA A 938 31.03 -25.32 -36.67
C ALA A 938 32.15 -24.39 -37.15
N SER A 939 32.08 -23.10 -36.82
CA SER A 939 33.07 -22.15 -37.33
C SER A 939 34.42 -22.39 -36.67
N GLU A 940 34.42 -22.72 -35.38
CA GLU A 940 35.64 -23.04 -34.66
C GLU A 940 36.22 -24.36 -35.14
N LYS A 941 35.34 -25.29 -35.52
CA LYS A 941 35.75 -26.51 -36.20
C LYS A 941 36.45 -26.20 -37.51
N GLY A 942 35.95 -25.18 -38.23
CA GLY A 942 36.57 -24.79 -39.48
C GLY A 942 37.97 -24.24 -39.29
N VAL A 943 38.20 -23.56 -38.17
CA VAL A 943 39.55 -23.17 -37.80
C VAL A 943 40.35 -24.43 -37.45
N LEU A 944 39.71 -25.38 -36.78
CA LEU A 944 40.39 -26.59 -36.32
C LEU A 944 40.77 -27.49 -37.49
N TRP A 945 40.03 -27.41 -38.60
CA TRP A 945 40.44 -28.08 -39.83
C TRP A 945 41.79 -27.57 -40.32
N LEU A 946 42.06 -26.28 -40.09
CA LEU A 946 43.30 -25.71 -40.57
C LEU A 946 44.43 -25.94 -39.58
N SER A 947 44.09 -26.15 -38.30
CA SER A 947 45.11 -26.31 -37.28
C SER A 947 45.84 -27.64 -37.40
N VAL A 948 45.09 -28.72 -37.68
CA VAL A 948 45.70 -30.04 -37.77
C VAL A 948 46.59 -30.13 -39.00
N VAL A 949 46.10 -29.59 -40.12
CA VAL A 949 46.91 -29.48 -41.34
C VAL A 949 48.15 -28.64 -41.08
N SER A 950 48.02 -27.61 -40.26
CA SER A 950 49.18 -26.80 -39.88
C SER A 950 50.16 -27.59 -39.03
N GLU A 951 49.68 -28.57 -38.26
CA GLU A 951 50.57 -29.36 -37.43
C GLU A 951 51.19 -30.52 -38.23
N VAL A 952 50.39 -31.15 -39.10
CA VAL A 952 50.91 -32.22 -39.95
C VAL A 952 51.97 -31.68 -40.90
N LEU A 953 51.79 -30.45 -41.37
CA LEU A 953 52.80 -29.82 -42.20
C LEU A 953 54.01 -29.42 -41.37
N TYR A 954 53.83 -29.21 -40.07
CA TYR A 954 54.97 -28.95 -39.19
C TYR A 954 55.79 -30.20 -38.98
N ILE A 955 55.14 -31.36 -38.83
CA ILE A 955 55.88 -32.59 -38.61
C ILE A 955 56.61 -33.00 -39.87
N LEU A 956 55.93 -32.97 -41.03
CA LEU A 956 56.54 -33.42 -42.27
C LEU A 956 57.63 -32.48 -42.74
N LEU A 957 57.50 -31.18 -42.46
CA LEU A 957 58.57 -30.26 -42.84
C LEU A 957 59.66 -30.23 -41.77
N LEU A 958 59.41 -30.85 -40.62
CA LEU A 958 60.53 -31.17 -39.75
C LEU A 958 61.28 -32.37 -40.29
N VAL A 959 60.56 -33.30 -40.94
CA VAL A 959 61.20 -34.46 -41.56
C VAL A 959 62.05 -34.04 -42.74
N VAL A 960 61.60 -33.03 -43.49
CA VAL A 960 62.43 -32.42 -44.54
C VAL A 960 63.64 -31.72 -43.90
N GLY A 961 63.50 -31.28 -42.65
CA GLY A 961 64.59 -30.61 -41.98
C GLY A 961 65.79 -31.52 -41.70
N PHE A 962 65.60 -32.55 -40.87
CA PHE A 962 66.76 -33.29 -40.39
C PHE A 962 67.28 -34.26 -41.44
N SER A 963 66.48 -34.56 -42.46
CA SER A 963 66.96 -35.45 -43.53
C SER A 963 68.04 -34.78 -44.35
N LEU A 964 67.90 -33.48 -44.60
CA LEU A 964 68.97 -32.73 -45.24
C LEU A 964 70.08 -32.41 -44.23
N MET A 965 69.77 -32.48 -42.93
CA MET A 965 70.82 -32.44 -41.92
C MET A 965 71.57 -33.76 -41.84
N CYS A 966 70.98 -34.83 -42.38
CA CYS A 966 71.74 -36.07 -42.53
C CYS A 966 72.68 -35.99 -43.72
N LEU A 967 72.41 -35.10 -44.67
CA LEU A 967 73.37 -34.83 -45.75
C LEU A 967 74.46 -33.86 -45.28
N GLU A 968 74.27 -33.24 -44.11
CA GLU A 968 75.28 -32.35 -43.55
C GLU A 968 76.51 -33.12 -43.11
N LEU A 969 76.35 -34.41 -42.78
CA LEU A 969 77.41 -35.24 -42.21
C LEU A 969 78.57 -35.40 -43.18
N LEU A 970 79.77 -35.52 -42.62
CA LEU A 970 80.98 -35.49 -43.43
C LEU A 970 81.14 -36.81 -44.19
N HIS A 971 80.65 -37.91 -43.63
CA HIS A 971 80.68 -39.18 -44.33
C HIS A 971 79.59 -39.25 -45.40
N SER A 972 78.61 -38.35 -45.33
CA SER A 972 77.53 -38.31 -46.30
C SER A 972 77.98 -37.72 -47.63
N SER A 973 76.98 -37.38 -48.46
CA SER A 973 77.03 -37.20 -49.94
C SER A 973 78.22 -36.37 -50.41
N SER A 974 78.39 -35.11 -49.99
CA SER A 974 79.46 -34.30 -50.54
C SER A 974 79.88 -33.19 -49.57
N VAL A 975 81.17 -32.86 -49.64
CA VAL A 975 81.68 -31.64 -49.01
C VAL A 975 81.42 -30.43 -49.89
N ILE A 976 81.74 -30.57 -51.18
CA ILE A 976 81.53 -29.49 -52.14
C ILE A 976 80.03 -29.31 -52.38
N ASP A 977 79.59 -28.05 -52.41
CA ASP A 977 78.17 -27.64 -52.44
C ASP A 977 77.41 -28.20 -51.23
N GLY A 978 78.11 -28.29 -50.10
CA GLY A 978 77.52 -28.72 -48.86
C GLY A 978 77.07 -27.54 -48.04
N LEU A 979 77.65 -26.37 -48.33
CA LEU A 979 77.28 -25.16 -47.61
C LEU A 979 75.84 -24.74 -47.91
N LYS A 980 75.46 -24.79 -49.19
CA LYS A 980 74.10 -24.39 -49.55
C LYS A 980 73.09 -25.49 -49.21
N LEU A 981 73.56 -26.73 -49.05
CA LEU A 981 72.70 -27.77 -48.48
C LEU A 981 72.39 -27.46 -47.02
N ASN A 982 73.36 -26.90 -46.30
CA ASN A 982 73.12 -26.50 -44.92
C ASN A 982 72.30 -25.24 -44.86
N ALA A 983 72.21 -24.52 -45.98
CA ALA A 983 71.48 -23.26 -46.03
C ALA A 983 69.99 -23.48 -46.19
N PHE A 984 69.58 -24.36 -47.09
CA PHE A 984 68.16 -24.52 -47.37
C PHE A 984 67.46 -25.30 -46.27
N ALA A 985 68.19 -26.18 -45.59
CA ALA A 985 67.59 -27.00 -44.55
C ALA A 985 67.24 -26.16 -43.33
N ALA A 986 68.14 -25.27 -42.93
CA ALA A 986 67.89 -24.43 -41.78
C ALA A 986 66.83 -23.38 -42.07
N VAL A 987 66.67 -23.00 -43.35
CA VAL A 987 65.51 -22.25 -43.78
C VAL A 987 64.24 -23.06 -43.53
N PHE A 988 64.27 -24.36 -43.83
CA PHE A 988 63.09 -25.20 -43.69
C PHE A 988 62.75 -25.45 -42.22
N THR A 989 63.75 -25.50 -41.34
CA THR A 989 63.46 -25.71 -39.92
C THR A 989 62.84 -24.47 -39.29
N VAL A 990 63.20 -23.28 -39.78
CA VAL A 990 62.50 -22.07 -39.38
C VAL A 990 61.09 -22.08 -39.93
N LEU A 991 60.95 -22.39 -41.22
CA LEU A 991 59.64 -22.49 -41.85
C LEU A 991 58.82 -23.64 -41.29
N SER A 992 59.49 -24.62 -40.66
CA SER A 992 58.78 -25.64 -39.91
C SER A 992 58.12 -25.03 -38.68
N GLY A 993 58.93 -24.46 -37.78
CA GLY A 993 58.42 -24.07 -36.47
C GLY A 993 57.54 -22.83 -36.51
N LEU A 994 57.69 -22.00 -37.54
CA LEU A 994 56.78 -20.88 -37.70
C LEU A 994 55.39 -21.35 -38.01
N LEU A 995 55.26 -22.30 -38.93
CA LEU A 995 54.00 -23.01 -39.11
C LEU A 995 53.71 -23.89 -37.91
N GLY A 996 54.76 -24.29 -37.18
CA GLY A 996 54.56 -25.07 -35.99
C GLY A 996 53.91 -24.32 -34.85
N MET A 997 54.45 -23.12 -34.53
CA MET A 997 53.94 -22.38 -33.39
C MET A 997 52.50 -21.93 -33.61
N VAL A 998 52.18 -21.53 -34.86
CA VAL A 998 50.81 -21.14 -35.21
C VAL A 998 49.86 -22.33 -35.07
N ALA A 999 50.35 -23.53 -35.36
CA ALA A 999 49.55 -24.73 -35.15
C ALA A 999 49.28 -24.95 -33.66
N HIS A 1000 50.26 -24.64 -32.81
CA HIS A 1000 49.99 -24.68 -31.39
C HIS A 1000 49.15 -23.49 -30.94
N MET A 1001 49.19 -22.40 -31.72
CA MET A 1001 48.34 -21.26 -31.40
C MET A 1001 46.88 -21.56 -31.71
N MET A 1002 46.61 -22.14 -32.87
CA MET A 1002 45.23 -22.27 -33.32
C MET A 1002 44.49 -23.36 -32.56
N TYR A 1003 45.20 -24.31 -31.96
CA TYR A 1003 44.54 -25.27 -31.09
C TYR A 1003 44.07 -24.62 -29.80
N THR A 1004 44.98 -23.89 -29.14
CA THR A 1004 44.70 -23.39 -27.79
C THR A 1004 43.61 -22.32 -27.83
N GLN A 1005 43.47 -21.62 -28.94
CA GLN A 1005 42.35 -20.70 -29.10
C GLN A 1005 41.05 -21.46 -29.26
N VAL A 1006 41.04 -22.48 -30.14
CA VAL A 1006 39.79 -23.18 -30.46
C VAL A 1006 39.35 -24.07 -29.31
N PHE A 1007 40.31 -24.73 -28.65
CA PHE A 1007 39.99 -25.54 -27.47
C PHE A 1007 39.41 -24.69 -26.35
N GLN A 1008 39.87 -23.44 -26.23
CA GLN A 1008 39.33 -22.53 -25.22
C GLN A 1008 37.89 -22.19 -25.51
N VAL A 1009 37.50 -22.12 -26.78
CA VAL A 1009 36.11 -21.87 -27.12
C VAL A 1009 35.26 -23.08 -26.77
N THR A 1010 35.80 -24.28 -26.98
CA THR A 1010 35.08 -25.51 -26.68
C THR A 1010 34.87 -25.68 -25.18
N VAL A 1011 35.82 -25.19 -24.39
CA VAL A 1011 35.61 -25.10 -22.95
C VAL A 1011 34.48 -24.14 -22.64
N SER A 1012 34.47 -22.99 -23.31
CA SER A 1012 33.42 -21.99 -23.07
C SER A 1012 32.11 -22.42 -23.72
N LEU A 1013 32.09 -22.55 -25.04
CA LEU A 1013 30.89 -22.93 -25.77
C LEU A 1013 31.11 -24.27 -26.43
N GLY A 1014 30.58 -25.32 -25.80
CA GLY A 1014 30.57 -26.65 -26.36
C GLY A 1014 29.26 -27.34 -26.03
N PRO A 1015 29.04 -28.55 -26.55
CA PRO A 1015 27.80 -29.26 -26.25
C PRO A 1015 27.71 -29.64 -24.78
N GLU A 1016 26.48 -29.62 -24.25
CA GLU A 1016 26.22 -29.79 -22.82
C GLU A 1016 26.42 -31.26 -22.43
N ASP A 1017 26.34 -31.53 -21.12
CA ASP A 1017 26.57 -32.72 -20.30
C ASP A 1017 28.05 -32.92 -20.05
N TRP A 1018 28.85 -31.95 -20.48
CA TRP A 1018 30.28 -31.96 -20.22
C TRP A 1018 30.78 -30.51 -20.26
N ARG A 1019 31.26 -30.03 -19.12
CA ARG A 1019 31.91 -28.73 -18.99
C ARG A 1019 33.11 -28.90 -18.08
N PRO A 1020 34.32 -28.74 -18.60
CA PRO A 1020 35.51 -29.01 -17.79
C PRO A 1020 35.75 -27.92 -16.75
N HIS A 1021 36.08 -28.35 -15.53
CA HIS A 1021 36.39 -27.39 -14.48
C HIS A 1021 37.74 -26.72 -14.70
N SER A 1022 38.73 -27.50 -15.10
CA SER A 1022 40.07 -26.98 -15.32
C SER A 1022 40.50 -27.28 -16.75
N TRP A 1023 40.91 -26.23 -17.45
CA TRP A 1023 41.45 -26.32 -18.81
C TRP A 1023 42.95 -26.52 -18.81
N ASP A 1024 43.50 -27.11 -17.74
CA ASP A 1024 44.94 -27.10 -17.48
C ASP A 1024 45.69 -27.92 -18.51
N TYR A 1025 46.74 -27.31 -19.05
CA TYR A 1025 47.55 -27.98 -20.05
C TYR A 1025 48.54 -28.90 -19.34
N GLY A 1026 48.53 -30.17 -19.71
CA GLY A 1026 49.37 -31.15 -19.07
C GLY A 1026 50.63 -31.45 -19.84
N TRP A 1027 51.18 -32.63 -19.57
CA TRP A 1027 52.40 -33.07 -20.24
C TRP A 1027 52.12 -33.38 -21.71
N SER A 1028 53.20 -33.52 -22.47
CA SER A 1028 53.31 -33.70 -23.91
C SER A 1028 52.96 -32.44 -24.70
N PHE A 1029 52.43 -31.42 -24.03
CA PHE A 1029 52.17 -30.15 -24.69
C PHE A 1029 53.19 -29.11 -24.25
N CYS A 1030 53.66 -29.22 -23.02
CA CYS A 1030 54.93 -28.59 -22.66
C CYS A 1030 56.05 -29.16 -23.51
N LEU A 1031 55.98 -30.46 -23.79
CA LEU A 1031 56.91 -31.09 -24.72
C LEU A 1031 56.72 -30.55 -26.13
N ALA A 1032 55.48 -30.19 -26.48
CA ALA A 1032 55.23 -29.56 -27.77
C ALA A 1032 55.86 -28.18 -27.84
N TRP A 1033 55.94 -27.48 -26.71
CA TRP A 1033 56.69 -26.23 -26.70
C TRP A 1033 58.19 -26.48 -26.66
N GLY A 1034 58.60 -27.58 -26.02
CA GLY A 1034 60.01 -27.94 -26.05
C GLY A 1034 60.47 -28.37 -27.43
N SER A 1035 59.54 -28.90 -28.23
CA SER A 1035 59.83 -29.22 -29.63
C SER A 1035 60.17 -27.97 -30.42
N PHE A 1036 59.29 -26.96 -30.32
CA PHE A 1036 59.54 -25.68 -30.99
C PHE A 1036 60.74 -24.96 -30.39
N THR A 1037 61.02 -25.21 -29.11
CA THR A 1037 62.24 -24.69 -28.49
C THR A 1037 63.47 -25.30 -29.14
N CYS A 1038 63.51 -26.62 -29.27
CA CYS A 1038 64.69 -27.28 -29.79
C CYS A 1038 64.76 -27.20 -31.32
N CYS A 1039 63.68 -26.74 -31.96
CA CYS A 1039 63.77 -26.43 -33.38
C CYS A 1039 64.71 -25.26 -33.62
N MET A 1040 64.81 -24.35 -32.65
CA MET A 1040 65.55 -23.11 -32.87
C MET A 1040 67.02 -23.25 -32.51
N ALA A 1041 67.32 -23.94 -31.41
CA ALA A 1041 68.71 -24.08 -30.97
C ALA A 1041 69.51 -24.93 -31.94
N ALA A 1042 68.86 -25.91 -32.57
CA ALA A 1042 69.52 -26.66 -33.63
C ALA A 1042 69.68 -25.81 -34.89
N SER A 1043 68.77 -24.85 -35.10
CA SER A 1043 68.80 -24.08 -36.34
C SER A 1043 69.80 -22.95 -36.27
N VAL A 1044 70.08 -22.44 -35.07
CA VAL A 1044 71.05 -21.35 -34.98
C VAL A 1044 72.47 -21.91 -35.00
N THR A 1045 72.63 -23.16 -34.58
CA THR A 1045 73.97 -23.75 -34.56
C THR A 1045 74.42 -24.12 -35.96
N THR A 1046 73.47 -24.53 -36.82
CA THR A 1046 73.81 -24.74 -38.21
C THR A 1046 73.89 -23.42 -38.97
N LEU A 1047 73.22 -22.38 -38.47
CA LEU A 1047 73.53 -21.03 -38.91
C LEU A 1047 74.90 -20.59 -38.44
N ASN A 1048 75.28 -20.98 -37.22
CA ASN A 1048 76.63 -20.78 -36.75
C ASN A 1048 77.62 -21.61 -37.57
N SER A 1049 77.20 -22.82 -37.98
CA SER A 1049 78.04 -23.64 -38.84
C SER A 1049 78.07 -23.11 -40.27
N TYR A 1050 77.07 -22.31 -40.64
CA TYR A 1050 77.05 -21.75 -41.98
C TYR A 1050 77.99 -20.55 -42.10
N THR A 1051 78.13 -19.77 -41.03
CA THR A 1051 78.89 -18.53 -41.12
C THR A 1051 80.37 -18.74 -40.84
N LYS A 1052 80.73 -19.74 -40.04
CA LYS A 1052 82.14 -19.92 -39.69
C LYS A 1052 82.88 -20.63 -40.81
N ASN B 1 -64.69 -51.37 24.08
CA ASN B 1 -63.91 -51.56 25.29
C ASN B 1 -63.23 -50.23 25.63
N SER B 2 -63.08 -49.93 26.92
CA SER B 2 -62.61 -48.64 27.39
C SER B 2 -61.28 -48.77 28.12
N ILE B 3 -60.23 -48.18 27.55
CA ILE B 3 -58.90 -48.15 28.15
C ILE B 3 -58.78 -46.81 28.89
N GLN B 4 -58.49 -46.87 30.19
CA GLN B 4 -58.29 -45.65 30.96
C GLN B 4 -56.85 -45.16 30.79
N ILE B 5 -56.70 -43.94 30.29
CA ILE B 5 -55.38 -43.32 30.20
C ILE B 5 -55.36 -42.10 31.11
N GLY B 6 -54.19 -41.51 31.24
CA GLY B 6 -53.98 -40.41 32.16
C GLY B 6 -53.34 -39.21 31.50
N GLY B 7 -53.94 -38.04 31.73
CA GLY B 7 -53.46 -36.81 31.14
C GLY B 7 -53.00 -35.77 32.13
N LEU B 8 -51.70 -35.48 32.13
CA LEU B 8 -51.11 -34.45 32.96
C LEU B 8 -50.85 -33.24 32.08
N PHE B 9 -51.56 -32.14 32.32
CA PHE B 9 -51.42 -31.00 31.46
C PHE B 9 -51.11 -29.75 32.25
N PRO B 10 -50.23 -28.89 31.75
CA PRO B 10 -49.88 -27.66 32.48
C PRO B 10 -51.01 -26.67 32.45
N ARG B 11 -51.01 -25.79 33.45
CA ARG B 11 -51.97 -24.70 33.48
C ARG B 11 -51.61 -23.66 32.42
N GLY B 12 -52.57 -23.37 31.53
CA GLY B 12 -52.34 -22.45 30.45
C GLY B 12 -51.76 -23.07 29.19
N ALA B 13 -51.60 -24.40 29.15
CA ALA B 13 -51.15 -25.09 27.96
C ALA B 13 -52.35 -25.52 27.13
N ASP B 14 -53.11 -24.55 26.63
CA ASP B 14 -54.40 -24.84 26.01
C ASP B 14 -54.25 -25.50 24.65
N GLN B 15 -53.26 -25.07 23.86
CA GLN B 15 -53.12 -25.60 22.52
C GLN B 15 -52.64 -27.04 22.54
N GLU B 16 -51.83 -27.41 23.54
CA GLU B 16 -51.50 -28.81 23.73
C GLU B 16 -52.71 -29.61 24.18
N TYR B 17 -53.60 -28.98 24.96
CA TYR B 17 -54.82 -29.65 25.36
C TYR B 17 -55.82 -29.72 24.20
N SER B 18 -55.79 -28.71 23.33
CA SER B 18 -56.71 -28.69 22.19
C SER B 18 -56.32 -29.72 21.14
N ALA B 19 -55.02 -29.91 20.93
CA ALA B 19 -54.58 -30.90 19.94
C ALA B 19 -54.75 -32.32 20.45
N PHE B 20 -55.04 -32.48 21.74
CA PHE B 20 -55.32 -33.80 22.27
C PHE B 20 -56.69 -34.29 21.80
N ARG B 21 -57.71 -33.44 21.90
CA ARG B 21 -59.07 -33.88 21.57
C ARG B 21 -59.25 -34.03 20.07
N VAL B 22 -58.44 -33.34 19.27
CA VAL B 22 -58.47 -33.52 17.82
C VAL B 22 -58.00 -34.92 17.45
N GLY B 23 -56.99 -35.42 18.18
CA GLY B 23 -56.62 -36.82 18.03
C GLY B 23 -57.68 -37.75 18.58
N MET B 24 -58.48 -37.28 19.56
CA MET B 24 -59.49 -38.13 20.16
C MET B 24 -60.66 -38.37 19.22
N VAL B 25 -61.06 -37.35 18.47
CA VAL B 25 -62.16 -37.54 17.53
C VAL B 25 -61.69 -38.32 16.31
N GLN B 26 -60.59 -37.90 15.70
CA GLN B 26 -60.16 -38.48 14.43
C GLN B 26 -59.49 -39.84 14.56
N PHE B 27 -58.55 -40.03 15.48
CA PHE B 27 -57.73 -41.22 15.49
C PHE B 27 -58.34 -42.39 16.27
N SER B 28 -59.37 -42.14 17.07
CA SER B 28 -60.06 -43.22 17.76
C SER B 28 -60.91 -43.96 16.73
N THR B 29 -60.37 -45.05 16.20
CA THR B 29 -61.11 -45.89 15.27
C THR B 29 -62.29 -46.55 15.97
N SER B 30 -63.27 -46.99 15.17
CA SER B 30 -64.57 -47.39 15.73
C SER B 30 -64.51 -48.71 16.49
N GLU B 31 -63.41 -49.45 16.36
CA GLU B 31 -63.35 -50.76 17.02
C GLU B 31 -63.15 -50.60 18.53
N PHE B 32 -62.45 -49.55 18.95
CA PHE B 32 -62.19 -49.34 20.38
C PHE B 32 -61.93 -47.88 20.65
N ARG B 33 -62.35 -47.44 21.84
CA ARG B 33 -62.08 -46.09 22.30
C ARG B 33 -61.25 -46.17 23.56
N LEU B 34 -60.74 -45.02 23.99
CA LEU B 34 -59.91 -44.91 25.19
C LEU B 34 -60.35 -43.71 26.01
N THR B 35 -60.62 -43.96 27.29
CA THR B 35 -61.14 -42.92 28.17
C THR B 35 -60.05 -41.91 28.49
N PRO B 36 -60.23 -40.62 28.17
CA PRO B 36 -59.13 -39.65 28.28
C PRO B 36 -58.65 -39.34 29.70
N HIS B 37 -59.56 -38.91 30.59
CA HIS B 37 -59.31 -38.66 32.02
C HIS B 37 -58.19 -37.63 32.23
N ILE B 38 -58.42 -36.41 31.78
CA ILE B 38 -57.43 -35.34 31.91
C ILE B 38 -57.43 -34.80 33.34
N ASP B 39 -56.23 -34.59 33.88
CA ASP B 39 -56.06 -33.90 35.15
C ASP B 39 -55.26 -32.63 34.93
N ASN B 40 -55.60 -31.59 35.71
CA ASN B 40 -54.96 -30.29 35.63
C ASN B 40 -54.01 -30.12 36.80
N LEU B 41 -52.79 -29.64 36.52
CA LEU B 41 -51.81 -29.41 37.57
C LEU B 41 -50.78 -28.39 37.09
N GLU B 42 -50.08 -27.81 38.06
CA GLU B 42 -48.90 -27.01 37.78
C GLU B 42 -47.69 -27.93 37.71
N VAL B 43 -46.87 -27.78 36.67
CA VAL B 43 -45.83 -28.76 36.39
C VAL B 43 -44.63 -28.54 37.31
N ALA B 44 -44.52 -27.36 37.92
CA ALA B 44 -43.30 -27.02 38.65
C ALA B 44 -43.21 -27.72 39.98
N ASN B 45 -44.22 -27.59 40.83
CA ASN B 45 -44.18 -28.20 42.15
C ASN B 45 -44.31 -29.71 42.07
N SER B 46 -43.29 -30.43 42.53
CA SER B 46 -43.33 -31.89 42.46
C SER B 46 -44.23 -32.48 43.54
N PHE B 47 -44.73 -31.65 44.46
CA PHE B 47 -45.80 -32.08 45.35
C PHE B 47 -47.06 -32.35 44.56
N ALA B 48 -47.35 -31.50 43.57
CA ALA B 48 -48.57 -31.64 42.80
C ALA B 48 -48.46 -32.78 41.79
N VAL B 49 -47.28 -32.96 41.20
CA VAL B 49 -47.12 -34.02 40.21
C VAL B 49 -47.10 -35.38 40.90
N THR B 50 -46.68 -35.42 42.17
CA THR B 50 -46.81 -36.63 42.96
C THR B 50 -48.28 -36.92 43.25
N ASN B 51 -49.08 -35.87 43.41
CA ASN B 51 -50.46 -36.01 43.83
C ASN B 51 -51.32 -36.66 42.74
N ALA B 52 -51.22 -36.16 41.52
CA ALA B 52 -52.05 -36.67 40.45
C ALA B 52 -51.48 -37.95 39.86
N PHE B 53 -50.21 -38.26 40.15
CA PHE B 53 -49.65 -39.52 39.68
C PHE B 53 -50.23 -40.69 40.44
N CYS B 54 -50.26 -40.59 41.77
CA CYS B 54 -50.86 -41.66 42.57
C CYS B 54 -52.37 -41.65 42.44
N SER B 55 -52.96 -40.51 42.11
CA SER B 55 -54.40 -40.45 41.88
C SER B 55 -54.77 -41.22 40.61
N GLN B 56 -53.92 -41.18 39.59
CA GLN B 56 -54.16 -42.01 38.42
C GLN B 56 -53.81 -43.47 38.72
N PHE B 57 -52.93 -43.70 39.69
CA PHE B 57 -52.70 -45.07 40.13
C PHE B 57 -53.86 -45.57 40.98
N SER B 58 -54.52 -44.66 41.70
CA SER B 58 -55.67 -45.06 42.51
C SER B 58 -56.87 -45.38 41.64
N ARG B 59 -57.07 -44.64 40.55
CA ARG B 59 -58.09 -44.99 39.58
C ARG B 59 -57.68 -46.12 38.65
N GLY B 60 -56.40 -46.26 38.36
CA GLY B 60 -55.94 -47.31 37.48
C GLY B 60 -55.87 -46.85 36.05
N VAL B 61 -54.66 -46.76 35.49
CA VAL B 61 -54.44 -46.30 34.13
C VAL B 61 -53.41 -47.21 33.48
N TYR B 62 -53.51 -47.39 32.17
CA TYR B 62 -52.63 -48.33 31.48
C TYR B 62 -51.46 -47.62 30.82
N ALA B 63 -51.63 -46.34 30.53
CA ALA B 63 -50.57 -45.51 29.97
C ALA B 63 -50.86 -44.06 30.32
N ILE B 64 -49.81 -43.32 30.61
CA ILE B 64 -49.93 -41.95 31.08
C ILE B 64 -49.35 -41.01 30.04
N PHE B 65 -50.09 -39.95 29.73
CA PHE B 65 -49.62 -38.88 28.87
C PHE B 65 -49.45 -37.64 29.71
N GLY B 66 -48.35 -36.92 29.49
CA GLY B 66 -48.08 -35.80 30.37
C GLY B 66 -46.98 -34.90 29.85
N PHE B 67 -46.74 -33.85 30.62
CA PHE B 67 -45.66 -32.91 30.38
C PHE B 67 -44.87 -32.77 31.66
N TYR B 68 -43.55 -32.85 31.56
CA TYR B 68 -42.68 -32.63 32.70
C TYR B 68 -41.72 -31.49 32.38
N ASP B 69 -41.49 -30.64 33.37
CA ASP B 69 -40.48 -29.61 33.29
C ASP B 69 -39.13 -30.23 33.68
N LYS B 70 -38.06 -29.44 33.65
CA LYS B 70 -36.81 -29.91 34.24
C LYS B 70 -36.92 -29.99 35.75
N LYS B 71 -37.80 -29.19 36.34
CA LYS B 71 -37.97 -29.19 37.79
C LYS B 71 -38.50 -30.53 38.30
N SER B 72 -39.39 -31.18 37.56
CA SER B 72 -40.02 -32.40 38.06
C SER B 72 -39.76 -33.61 37.17
N VAL B 73 -38.63 -33.65 36.46
CA VAL B 73 -38.37 -34.75 35.56
C VAL B 73 -38.08 -36.03 36.34
N ASN B 74 -37.40 -35.93 37.48
CA ASN B 74 -36.96 -37.13 38.17
C ASN B 74 -38.01 -37.62 39.15
N THR B 75 -39.16 -36.95 39.21
CA THR B 75 -40.30 -37.53 39.90
C THR B 75 -40.97 -38.57 39.02
N ILE B 76 -41.03 -38.30 37.72
CA ILE B 76 -41.75 -39.18 36.81
C ILE B 76 -40.91 -40.40 36.44
N THR B 77 -39.66 -40.18 36.02
CA THR B 77 -38.85 -41.26 35.50
C THR B 77 -38.42 -42.22 36.61
N SER B 78 -38.45 -41.77 37.85
CA SER B 78 -38.16 -42.67 38.97
C SER B 78 -39.41 -43.46 39.37
N PHE B 79 -40.57 -42.81 39.37
CA PHE B 79 -41.82 -43.49 39.69
C PHE B 79 -42.14 -44.58 38.68
N CYS B 80 -41.99 -44.29 37.39
CA CYS B 80 -42.45 -45.21 36.36
C CYS B 80 -41.50 -46.39 36.22
N GLY B 81 -40.28 -46.26 36.72
CA GLY B 81 -39.40 -47.41 36.79
C GLY B 81 -39.74 -48.33 37.95
N THR B 82 -40.42 -47.80 38.96
CA THR B 82 -40.74 -48.59 40.15
C THR B 82 -42.20 -48.97 40.24
N LEU B 83 -43.04 -48.51 39.33
CA LEU B 83 -44.40 -49.01 39.25
C LEU B 83 -44.75 -49.56 37.88
N HIS B 84 -43.83 -49.48 36.90
CA HIS B 84 -43.92 -50.12 35.58
C HIS B 84 -45.03 -49.52 34.71
N VAL B 85 -45.62 -48.43 35.16
CA VAL B 85 -46.70 -47.76 34.47
C VAL B 85 -46.05 -46.77 33.51
N SER B 86 -46.00 -47.13 32.23
CA SER B 86 -45.18 -46.41 31.26
C SER B 86 -45.72 -45.03 30.97
N PHE B 87 -44.90 -44.23 30.29
CA PHE B 87 -45.08 -42.78 30.23
C PHE B 87 -44.68 -42.27 28.86
N ILE B 88 -45.63 -41.67 28.15
CA ILE B 88 -45.40 -41.15 26.79
C ILE B 88 -45.63 -39.65 26.85
N THR B 89 -44.75 -38.88 26.22
CA THR B 89 -44.70 -37.45 26.48
C THR B 89 -43.97 -36.68 25.39
N PRO B 90 -44.33 -35.41 25.18
CA PRO B 90 -43.63 -34.58 24.19
C PRO B 90 -42.50 -33.72 24.73
N SER B 91 -42.17 -33.81 26.01
CA SER B 91 -41.18 -32.92 26.61
C SER B 91 -39.77 -33.31 26.16
N PHE B 92 -38.77 -32.62 26.70
CA PHE B 92 -37.40 -32.80 26.24
C PHE B 92 -36.87 -34.14 26.75
N PRO B 93 -35.95 -34.78 26.01
CA PRO B 93 -35.48 -36.11 26.43
C PRO B 93 -34.60 -36.03 27.66
N THR B 94 -34.69 -37.06 28.50
CA THR B 94 -33.92 -37.07 29.73
C THR B 94 -32.45 -37.35 29.44
N ASP B 95 -31.62 -37.10 30.45
CA ASP B 95 -30.19 -37.34 30.32
C ASP B 95 -29.89 -38.83 30.35
N GLY B 96 -29.11 -39.28 29.38
CA GLY B 96 -28.76 -40.69 29.32
C GLY B 96 -29.94 -41.54 28.89
N THR B 97 -30.09 -42.71 29.52
CA THR B 97 -31.11 -43.68 29.16
C THR B 97 -31.93 -44.05 30.40
N HIS B 98 -33.06 -43.37 30.56
CA HIS B 98 -34.02 -43.81 31.57
C HIS B 98 -35.05 -44.74 30.93
N PRO B 99 -35.45 -45.81 31.60
CA PRO B 99 -36.40 -46.76 31.01
C PRO B 99 -37.83 -46.29 31.20
N PHE B 100 -38.75 -47.07 30.63
CA PHE B 100 -40.21 -46.97 30.78
C PHE B 100 -40.82 -45.67 30.25
N VAL B 101 -40.04 -44.78 29.65
CA VAL B 101 -40.50 -43.47 29.25
C VAL B 101 -40.30 -43.31 27.76
N ILE B 102 -41.39 -43.04 27.04
CA ILE B 102 -41.36 -42.87 25.60
C ILE B 102 -41.32 -41.38 25.29
N GLN B 103 -40.18 -40.93 24.77
CA GLN B 103 -39.98 -39.53 24.42
C GLN B 103 -40.46 -39.33 22.98
N MET B 104 -41.57 -38.63 22.82
CA MET B 104 -42.04 -38.31 21.47
C MET B 104 -41.15 -37.25 20.82
N ARG B 105 -40.56 -36.37 21.62
CA ARG B 105 -39.77 -35.30 21.06
C ARG B 105 -38.45 -35.86 20.53
N PRO B 106 -38.01 -35.47 19.35
CA PRO B 106 -36.72 -35.94 18.86
C PRO B 106 -35.58 -35.25 19.58
N ASP B 107 -34.44 -35.92 19.62
CA ASP B 107 -33.23 -35.31 20.15
C ASP B 107 -32.71 -34.35 19.09
N LEU B 108 -31.85 -33.42 19.49
CA LEU B 108 -31.55 -32.30 18.62
C LEU B 108 -30.05 -32.06 18.52
N LYS B 109 -29.30 -32.66 19.45
CA LYS B 109 -27.97 -32.16 19.79
C LYS B 109 -26.97 -32.41 18.68
N GLY B 110 -27.23 -33.39 17.83
CA GLY B 110 -26.36 -33.60 16.68
C GLY B 110 -26.54 -32.55 15.62
N ALA B 111 -27.78 -32.10 15.42
CA ALA B 111 -28.09 -31.20 14.31
C ALA B 111 -27.50 -29.82 14.54
N LEU B 112 -27.53 -29.34 15.78
CA LEU B 112 -26.91 -28.06 16.09
C LEU B 112 -25.40 -28.14 15.93
N LEU B 113 -24.81 -29.28 16.31
CA LEU B 113 -23.41 -29.54 15.99
C LEU B 113 -23.21 -29.70 14.50
N SER B 114 -24.22 -30.23 13.80
CA SER B 114 -24.09 -30.41 12.36
C SER B 114 -24.11 -29.07 11.65
N LEU B 115 -24.95 -28.14 12.13
CA LEU B 115 -25.20 -26.92 11.39
C LEU B 115 -24.01 -25.96 11.48
N ILE B 116 -23.33 -25.95 12.63
CA ILE B 116 -22.18 -25.07 12.81
C ILE B 116 -21.03 -25.50 11.93
N GLU B 117 -20.91 -26.81 11.71
CA GLU B 117 -19.98 -27.34 10.71
C GLU B 117 -20.33 -26.84 9.32
N TYR B 118 -21.63 -26.70 9.04
CA TYR B 118 -22.05 -26.28 7.71
C TYR B 118 -21.68 -24.82 7.45
N TYR B 119 -21.95 -23.95 8.41
CA TYR B 119 -21.64 -22.54 8.19
C TYR B 119 -20.22 -22.18 8.61
N GLN B 120 -19.44 -23.15 9.12
CA GLN B 120 -18.02 -23.01 9.42
C GLN B 120 -17.72 -21.89 10.42
N TRP B 121 -18.21 -22.03 11.64
CA TRP B 121 -18.08 -20.97 12.64
C TRP B 121 -16.93 -21.24 13.58
N ASP B 122 -16.58 -20.22 14.36
CA ASP B 122 -15.59 -20.35 15.41
C ASP B 122 -15.93 -19.65 16.70
N LYS B 123 -16.88 -18.73 16.70
CA LYS B 123 -17.09 -17.84 17.83
C LYS B 123 -18.52 -17.85 18.34
N PHE B 124 -19.23 -18.96 18.21
CA PHE B 124 -20.65 -18.90 18.48
C PHE B 124 -20.95 -18.83 19.96
N ALA B 125 -21.58 -17.74 20.36
CA ALA B 125 -22.09 -17.57 21.70
C ALA B 125 -23.41 -18.32 21.79
N TYR B 126 -23.64 -18.98 22.91
CA TYR B 126 -24.73 -19.93 23.05
C TYR B 126 -25.58 -19.55 24.24
N LEU B 127 -26.68 -18.83 24.01
CA LEU B 127 -27.53 -18.37 25.09
C LEU B 127 -28.55 -19.47 25.38
N TYR B 128 -28.51 -20.02 26.58
CA TYR B 128 -29.35 -21.15 26.95
C TYR B 128 -30.39 -20.73 27.99
N ASP B 129 -31.11 -21.72 28.49
CA ASP B 129 -32.13 -21.51 29.49
C ASP B 129 -32.17 -22.69 30.43
N SER B 130 -32.58 -22.45 31.68
CA SER B 130 -32.53 -23.48 32.70
C SER B 130 -33.69 -24.46 32.59
N ASP B 131 -34.91 -23.94 32.44
CA ASP B 131 -36.09 -24.78 32.52
C ASP B 131 -36.28 -25.65 31.28
N ARG B 132 -35.59 -25.32 30.19
CA ARG B 132 -35.58 -26.28 29.08
C ARG B 132 -34.59 -27.40 29.39
N GLY B 133 -33.49 -27.08 30.03
CA GLY B 133 -32.54 -28.09 30.42
C GLY B 133 -31.13 -27.62 30.16
N LEU B 134 -30.18 -28.46 30.53
CA LEU B 134 -28.77 -28.13 30.31
C LEU B 134 -28.07 -29.16 29.45
N SER B 135 -28.77 -30.23 29.04
CA SER B 135 -28.13 -31.35 28.36
C SER B 135 -27.62 -30.94 26.99
N THR B 136 -28.26 -29.95 26.36
CA THR B 136 -27.78 -29.50 25.07
C THR B 136 -26.52 -28.67 25.23
N LEU B 137 -26.37 -27.97 26.35
CA LEU B 137 -25.15 -27.23 26.62
C LEU B 137 -23.97 -28.17 26.82
N GLN B 138 -24.19 -29.29 27.52
CA GLN B 138 -23.11 -30.23 27.79
C GLN B 138 -22.62 -30.90 26.52
N ALA B 139 -23.49 -31.02 25.53
CA ALA B 139 -23.08 -31.66 24.28
C ALA B 139 -22.28 -30.71 23.41
N VAL B 140 -22.49 -29.41 23.56
CA VAL B 140 -21.80 -28.48 22.67
C VAL B 140 -20.72 -27.71 23.41
N LEU B 141 -20.39 -28.15 24.63
CA LEU B 141 -19.14 -27.70 25.25
C LEU B 141 -18.01 -28.67 24.96
N ASP B 142 -18.22 -29.96 25.22
CA ASP B 142 -17.16 -30.93 25.03
C ASP B 142 -16.87 -31.17 23.55
N SER B 143 -17.90 -31.09 22.71
CA SER B 143 -17.66 -31.17 21.27
C SER B 143 -16.98 -29.90 20.78
N ALA B 144 -17.22 -28.78 21.45
CA ALA B 144 -16.44 -27.59 21.14
C ALA B 144 -15.09 -27.62 21.86
N ALA B 145 -14.97 -28.46 22.89
CA ALA B 145 -13.63 -28.75 23.40
C ALA B 145 -12.87 -29.64 22.43
N GLU B 146 -13.60 -30.50 21.70
CA GLU B 146 -12.95 -31.48 20.86
C GLU B 146 -12.45 -30.86 19.55
N LYS B 147 -13.23 -29.93 18.99
CA LYS B 147 -12.91 -29.33 17.71
C LYS B 147 -12.54 -27.86 17.83
N LYS B 148 -12.51 -27.32 19.05
CA LYS B 148 -11.80 -26.09 19.41
C LYS B 148 -12.36 -24.84 18.74
N TRP B 149 -13.62 -24.53 19.02
CA TRP B 149 -14.17 -23.21 18.74
C TRP B 149 -14.75 -22.64 20.03
N GLN B 150 -14.55 -21.34 20.25
CA GLN B 150 -14.93 -20.73 21.50
C GLN B 150 -16.44 -20.70 21.67
N VAL B 151 -16.89 -20.97 22.89
CA VAL B 151 -18.29 -20.92 23.25
C VAL B 151 -18.43 -19.98 24.43
N THR B 152 -19.08 -18.85 24.22
CA THR B 152 -19.35 -17.92 25.32
C THR B 152 -20.75 -18.17 25.83
N ALA B 153 -20.91 -19.36 26.43
CA ALA B 153 -22.22 -19.79 26.88
C ALA B 153 -22.67 -19.00 28.09
N ILE B 154 -23.56 -18.04 27.87
CA ILE B 154 -24.04 -17.16 28.92
C ILE B 154 -25.46 -17.58 29.28
N ASN B 155 -25.71 -17.78 30.57
CA ASN B 155 -27.07 -18.01 31.01
C ASN B 155 -27.89 -16.74 30.84
N VAL B 156 -29.16 -16.92 30.49
CA VAL B 156 -30.11 -15.84 30.40
C VAL B 156 -31.43 -16.20 31.09
N GLY B 157 -31.56 -17.42 31.61
CA GLY B 157 -32.81 -17.83 32.21
C GLY B 157 -33.04 -17.26 33.59
N ASN B 158 -32.03 -16.61 34.18
CA ASN B 158 -32.15 -16.11 35.54
C ASN B 158 -32.99 -14.84 35.64
N ILE B 159 -33.41 -14.27 34.51
CA ILE B 159 -33.86 -12.89 34.53
C ILE B 159 -35.28 -12.79 35.02
N ASN B 160 -35.50 -11.89 35.96
CA ASN B 160 -36.81 -11.62 36.56
C ASN B 160 -37.60 -10.68 35.66
N ASN B 161 -38.91 -10.63 35.91
CA ASN B 161 -39.79 -9.87 35.01
C ASN B 161 -39.85 -8.40 35.39
N ASP B 162 -39.20 -8.02 36.49
CA ASP B 162 -39.17 -6.61 36.85
C ASP B 162 -38.11 -5.84 36.06
N LYS B 163 -37.00 -6.50 35.75
CA LYS B 163 -35.84 -5.84 35.21
C LYS B 163 -35.32 -6.60 34.00
N LYS B 164 -36.22 -6.87 33.04
CA LYS B 164 -35.81 -7.58 31.83
C LYS B 164 -34.88 -6.74 30.98
N ASP B 165 -35.31 -5.53 30.66
CA ASP B 165 -34.71 -4.77 29.55
C ASP B 165 -33.27 -4.35 29.86
N GLU B 166 -32.92 -4.24 31.13
CA GLU B 166 -31.56 -3.81 31.48
C GLU B 166 -30.56 -4.95 31.28
N THR B 167 -30.92 -6.15 31.72
CA THR B 167 -29.95 -7.24 31.69
C THR B 167 -29.79 -7.82 30.29
N TYR B 168 -30.87 -7.86 29.50
CA TYR B 168 -30.75 -8.27 28.11
C TYR B 168 -29.85 -7.33 27.33
N ARG B 169 -29.93 -6.03 27.61
CA ARG B 169 -29.07 -5.10 26.91
C ARG B 169 -27.63 -5.23 27.38
N SER B 170 -27.43 -5.37 28.69
CA SER B 170 -26.07 -5.52 29.22
C SER B 170 -25.47 -6.86 28.80
N LEU B 171 -26.32 -7.82 28.45
CA LEU B 171 -25.86 -9.04 27.81
C LEU B 171 -25.27 -8.76 26.43
N PHE B 172 -26.06 -8.17 25.53
CA PHE B 172 -25.60 -7.99 24.17
C PHE B 172 -24.55 -6.90 24.05
N GLN B 173 -24.48 -6.00 25.04
CA GLN B 173 -23.34 -5.09 25.10
C GLN B 173 -22.04 -5.83 25.35
N ASP B 174 -22.10 -6.98 26.03
CA ASP B 174 -20.89 -7.74 26.28
C ASP B 174 -20.48 -8.57 25.06
N LEU B 175 -21.45 -9.01 24.27
CA LEU B 175 -21.10 -9.70 23.03
C LEU B 175 -20.66 -8.70 21.96
N GLU B 176 -21.00 -7.43 22.14
CA GLU B 176 -20.53 -6.42 21.20
C GLU B 176 -19.06 -6.11 21.42
N LEU B 177 -18.65 -6.00 22.70
CA LEU B 177 -17.26 -5.66 22.99
C LEU B 177 -16.34 -6.84 22.76
N LYS B 178 -16.90 -8.04 22.70
CA LYS B 178 -16.10 -9.23 22.43
C LYS B 178 -16.06 -9.48 20.92
N LYS B 179 -16.80 -8.65 20.17
CA LYS B 179 -17.05 -8.79 18.74
C LYS B 179 -17.63 -10.16 18.43
N GLU B 180 -18.86 -10.40 18.88
CA GLU B 180 -19.54 -11.66 18.64
C GLU B 180 -20.71 -11.42 17.71
N ARG B 181 -20.56 -11.87 16.46
CA ARG B 181 -21.57 -11.67 15.45
C ARG B 181 -22.34 -12.94 15.13
N ARG B 182 -22.20 -13.97 15.95
CA ARG B 182 -22.92 -15.22 15.76
C ARG B 182 -23.50 -15.62 17.09
N VAL B 183 -24.81 -15.76 17.15
CA VAL B 183 -25.52 -16.02 18.38
C VAL B 183 -26.37 -17.25 18.14
N ILE B 184 -26.49 -18.12 19.15
CA ILE B 184 -27.44 -19.21 19.10
C ILE B 184 -28.37 -19.07 20.30
N LEU B 185 -29.65 -19.03 20.04
CA LEU B 185 -30.64 -19.03 21.10
C LEU B 185 -31.05 -20.48 21.29
N ASP B 186 -31.45 -20.83 22.50
CA ASP B 186 -31.98 -22.17 22.78
C ASP B 186 -32.92 -22.02 23.95
N CYS B 187 -34.20 -21.82 23.65
CA CYS B 187 -35.16 -21.62 24.72
C CYS B 187 -36.49 -22.22 24.31
N GLU B 188 -37.42 -22.19 25.25
CA GLU B 188 -38.82 -22.35 24.92
C GLU B 188 -39.28 -21.08 24.19
N ARG B 189 -40.37 -21.23 23.41
CA ARG B 189 -40.89 -20.18 22.53
C ARG B 189 -41.16 -18.87 23.27
N ASP B 190 -41.61 -18.95 24.52
CA ASP B 190 -42.01 -17.76 25.25
C ASP B 190 -40.80 -16.88 25.59
N LYS B 191 -39.62 -17.48 25.67
CA LYS B 191 -38.42 -16.69 25.91
C LYS B 191 -37.86 -16.16 24.60
N VAL B 192 -38.03 -16.92 23.50
CA VAL B 192 -37.36 -16.60 22.23
C VAL B 192 -37.90 -15.30 21.65
N ASN B 193 -39.21 -15.09 21.76
CA ASN B 193 -39.77 -13.80 21.36
C ASN B 193 -39.26 -12.68 22.26
N ASP B 194 -38.97 -12.98 23.52
CA ASP B 194 -38.52 -11.93 24.42
C ASP B 194 -37.09 -11.53 24.14
N ILE B 195 -36.22 -12.48 23.78
CA ILE B 195 -34.86 -12.12 23.41
C ILE B 195 -34.86 -11.37 22.10
N VAL B 196 -35.63 -11.86 21.13
CA VAL B 196 -35.51 -11.32 19.77
C VAL B 196 -36.19 -9.96 19.67
N ASP B 197 -37.06 -9.62 20.63
CA ASP B 197 -37.57 -8.25 20.70
C ASP B 197 -36.56 -7.33 21.37
N GLN B 198 -35.74 -7.86 22.27
CA GLN B 198 -34.66 -7.03 22.79
C GLN B 198 -33.50 -6.98 21.82
N VAL B 199 -33.46 -7.88 20.84
CA VAL B 199 -32.53 -7.72 19.74
C VAL B 199 -32.98 -6.59 18.84
N ILE B 200 -34.29 -6.51 18.56
CA ILE B 200 -34.79 -5.63 17.51
C ILE B 200 -34.72 -4.18 17.95
N THR B 201 -34.60 -3.94 19.25
CA THR B 201 -34.48 -2.57 19.73
C THR B 201 -33.02 -2.16 19.81
N ILE B 202 -32.14 -3.09 20.14
CA ILE B 202 -30.74 -2.74 20.31
C ILE B 202 -30.04 -2.88 18.96
N GLY B 203 -30.78 -3.38 17.97
CA GLY B 203 -30.31 -3.31 16.60
C GLY B 203 -29.17 -4.26 16.26
N LYS B 204 -29.35 -5.55 16.50
CA LYS B 204 -28.37 -6.55 16.13
C LYS B 204 -28.85 -7.48 15.04
N HIS B 205 -29.70 -7.00 14.12
CA HIS B 205 -30.31 -7.86 13.12
C HIS B 205 -30.02 -7.40 11.69
N VAL B 206 -28.95 -6.66 11.50
CA VAL B 206 -28.54 -6.10 10.22
C VAL B 206 -27.78 -7.21 9.48
N LYS B 207 -27.42 -6.99 8.21
CA LYS B 207 -26.44 -7.82 7.55
C LYS B 207 -25.12 -7.80 8.34
N GLY B 208 -24.63 -9.00 8.66
CA GLY B 208 -23.45 -9.15 9.48
C GLY B 208 -23.65 -9.96 10.74
N TYR B 209 -24.88 -10.06 11.24
CA TYR B 209 -25.19 -10.94 12.37
C TYR B 209 -25.90 -12.17 11.83
N HIS B 210 -25.81 -13.26 12.58
CA HIS B 210 -26.40 -14.53 12.19
C HIS B 210 -26.97 -15.17 13.44
N TYR B 211 -28.10 -15.84 13.30
CA TYR B 211 -28.78 -16.43 14.44
C TYR B 211 -29.11 -17.88 14.16
N ILE B 212 -29.31 -18.66 15.21
CA ILE B 212 -29.95 -19.96 15.10
C ILE B 212 -30.94 -20.07 16.25
N ILE B 213 -32.21 -19.83 15.99
CA ILE B 213 -33.21 -20.27 16.96
C ILE B 213 -33.25 -21.78 16.89
N ALA B 214 -33.14 -22.45 18.03
CA ALA B 214 -32.77 -23.85 18.02
C ALA B 214 -33.74 -24.75 18.76
N ASN B 215 -34.96 -24.31 18.99
CA ASN B 215 -35.99 -25.27 19.35
C ASN B 215 -36.63 -25.82 18.08
N LEU B 216 -37.58 -26.72 18.26
CA LEU B 216 -38.14 -27.40 17.10
C LEU B 216 -39.20 -26.55 16.41
N GLY B 217 -39.79 -25.60 17.11
CA GLY B 217 -40.73 -24.70 16.47
C GLY B 217 -40.06 -23.44 15.99
N PHE B 218 -39.70 -23.40 14.72
CA PHE B 218 -38.96 -22.27 14.19
C PHE B 218 -39.88 -21.25 13.55
N THR B 219 -40.93 -21.71 12.88
CA THR B 219 -41.92 -20.78 12.36
C THR B 219 -42.99 -20.50 13.40
N ASP B 220 -42.97 -21.22 14.52
CA ASP B 220 -43.97 -21.00 15.55
C ASP B 220 -43.75 -19.68 16.26
N GLY B 221 -42.50 -19.32 16.50
CA GLY B 221 -42.20 -17.96 16.91
C GLY B 221 -42.47 -16.99 15.78
N ASP B 222 -42.82 -15.75 16.13
CA ASP B 222 -43.08 -14.75 15.11
C ASP B 222 -41.78 -14.34 14.43
N LEU B 223 -41.75 -14.50 13.11
CA LEU B 223 -40.59 -14.16 12.31
C LEU B 223 -41.00 -13.20 11.21
N LEU B 224 -41.79 -12.21 11.57
CA LEU B 224 -42.00 -11.07 10.70
C LEU B 224 -41.29 -9.89 11.36
N LYS B 225 -40.83 -10.10 12.59
CA LYS B 225 -40.13 -9.03 13.30
C LYS B 225 -38.69 -8.92 12.84
N ILE B 226 -38.00 -10.04 12.66
CA ILE B 226 -36.64 -10.04 12.17
C ILE B 226 -36.56 -10.51 10.73
N GLN B 227 -37.66 -10.44 10.00
CA GLN B 227 -37.64 -10.98 8.64
C GLN B 227 -36.88 -10.05 7.73
N PHE B 228 -37.36 -8.83 7.55
CA PHE B 228 -36.91 -7.94 6.50
C PHE B 228 -35.54 -7.34 6.75
N GLY B 229 -34.97 -7.50 7.95
CA GLY B 229 -33.81 -6.72 8.32
C GLY B 229 -32.53 -7.13 7.62
N GLY B 230 -32.26 -8.42 7.56
CA GLY B 230 -31.00 -8.90 7.01
C GLY B 230 -30.19 -9.76 7.95
N ALA B 231 -30.80 -10.39 8.93
CA ALA B 231 -30.12 -11.34 9.78
C ALA B 231 -30.46 -12.73 9.27
N GLU B 232 -29.45 -13.49 8.87
CA GLU B 232 -29.72 -14.81 8.34
C GLU B 232 -30.11 -15.76 9.46
N VAL B 233 -31.41 -15.95 9.64
CA VAL B 233 -31.89 -16.70 10.79
C VAL B 233 -32.20 -18.13 10.39
N SER B 234 -31.25 -19.03 10.63
CA SER B 234 -31.50 -20.44 10.41
C SER B 234 -32.33 -21.01 11.55
N GLY B 235 -32.79 -22.23 11.39
CA GLY B 235 -33.60 -22.84 12.43
C GLY B 235 -33.63 -24.34 12.32
N PHE B 236 -34.59 -24.94 13.01
CA PHE B 236 -34.84 -26.37 12.91
C PHE B 236 -36.32 -26.64 13.06
N GLN B 237 -36.86 -27.46 12.16
CA GLN B 237 -38.30 -27.74 12.13
C GLN B 237 -38.56 -29.18 11.71
N ILE B 238 -39.43 -29.85 12.46
CA ILE B 238 -39.86 -31.19 12.12
C ILE B 238 -41.27 -31.23 11.54
N VAL B 239 -42.12 -30.26 11.86
CA VAL B 239 -43.50 -30.27 11.43
C VAL B 239 -43.54 -29.52 10.11
N ASP B 240 -43.40 -30.25 9.00
CA ASP B 240 -43.17 -29.65 7.70
C ASP B 240 -44.48 -29.54 6.95
N TYR B 241 -44.86 -28.29 6.60
CA TYR B 241 -46.17 -28.02 6.02
C TYR B 241 -46.27 -28.40 4.56
N ASP B 242 -45.17 -28.85 3.95
CA ASP B 242 -45.20 -29.18 2.53
C ASP B 242 -45.83 -30.56 2.31
N ASP B 243 -45.86 -31.38 3.35
CA ASP B 243 -46.39 -32.74 3.23
C ASP B 243 -47.90 -32.72 3.07
N SER B 244 -48.43 -33.78 2.45
CA SER B 244 -49.86 -33.91 2.25
C SER B 244 -50.61 -34.02 3.58
N LEU B 245 -50.10 -34.86 4.49
CA LEU B 245 -50.78 -35.14 5.75
C LEU B 245 -50.85 -33.91 6.63
N VAL B 246 -49.79 -33.10 6.63
CA VAL B 246 -49.79 -31.86 7.40
C VAL B 246 -50.72 -30.84 6.77
N SER B 247 -50.66 -30.72 5.44
CA SER B 247 -51.56 -29.81 4.73
C SER B 247 -53.02 -30.27 4.86
N LYS B 248 -53.23 -31.57 5.02
CA LYS B 248 -54.56 -32.07 5.34
C LYS B 248 -54.96 -31.68 6.76
N PHE B 249 -53.99 -31.60 7.67
CA PHE B 249 -54.32 -31.28 9.05
C PHE B 249 -54.62 -29.79 9.22
N ILE B 250 -53.86 -28.93 8.54
CA ILE B 250 -54.06 -27.49 8.63
C ILE B 250 -55.46 -27.10 8.14
N GLU B 251 -55.93 -27.79 7.10
CA GLU B 251 -57.32 -27.64 6.68
C GLU B 251 -58.28 -28.11 7.75
N ARG B 252 -57.95 -29.21 8.45
CA ARG B 252 -58.81 -29.66 9.53
C ARG B 252 -58.72 -28.75 10.74
N TRP B 253 -57.51 -28.27 11.04
CA TRP B 253 -57.30 -27.46 12.24
C TRP B 253 -57.93 -26.09 12.10
N SER B 254 -58.05 -25.60 10.87
CA SER B 254 -58.65 -24.27 10.66
C SER B 254 -60.17 -24.31 10.76
N THR B 255 -60.77 -25.50 10.65
CA THR B 255 -62.23 -25.62 10.65
C THR B 255 -62.79 -25.89 12.03
N LEU B 256 -62.09 -25.51 13.09
CA LEU B 256 -62.55 -25.75 14.44
C LEU B 256 -62.73 -24.41 15.14
N GLU B 257 -63.78 -24.31 15.95
CA GLU B 257 -64.17 -23.02 16.53
C GLU B 257 -63.21 -22.61 17.64
N GLU B 258 -63.12 -21.28 17.83
CA GLU B 258 -62.15 -20.70 18.75
C GLU B 258 -62.47 -21.03 20.20
N LYS B 259 -63.74 -20.94 20.57
CA LYS B 259 -64.12 -21.20 21.96
C LYS B 259 -64.14 -22.69 22.27
N GLU B 260 -64.20 -23.54 21.24
CA GLU B 260 -64.19 -24.98 21.45
C GLU B 260 -62.76 -25.49 21.58
N TYR B 261 -61.88 -25.05 20.68
CA TYR B 261 -60.44 -25.33 20.78
C TYR B 261 -59.72 -23.99 20.77
N PRO B 262 -59.12 -23.56 21.89
CA PRO B 262 -58.31 -22.35 21.85
C PRO B 262 -57.09 -22.55 20.98
N GLY B 263 -56.77 -21.53 20.19
CA GLY B 263 -55.71 -21.65 19.22
C GLY B 263 -56.02 -22.51 18.02
N ALA B 264 -57.31 -22.72 17.70
CA ALA B 264 -57.64 -23.51 16.52
C ALA B 264 -57.55 -22.69 15.24
N HIS B 265 -58.06 -21.45 15.26
CA HIS B 265 -58.02 -20.61 14.05
C HIS B 265 -56.61 -20.04 13.87
N THR B 266 -55.70 -20.92 13.45
CA THR B 266 -54.35 -20.57 13.08
C THR B 266 -54.00 -21.33 11.81
N ALA B 267 -52.99 -20.84 11.11
CA ALA B 267 -52.45 -21.55 9.96
C ALA B 267 -51.21 -22.36 10.32
N THR B 268 -50.66 -22.17 11.51
CA THR B 268 -49.48 -22.87 11.97
C THR B 268 -49.81 -23.62 13.25
N ILE B 269 -49.04 -24.66 13.53
CA ILE B 269 -49.28 -25.53 14.68
C ILE B 269 -47.98 -25.65 15.48
N LYS B 270 -48.09 -25.57 16.80
CA LYS B 270 -46.91 -25.65 17.65
C LYS B 270 -46.36 -27.07 17.68
N TYR B 271 -45.04 -27.18 17.87
CA TYR B 271 -44.37 -28.47 17.79
C TYR B 271 -44.75 -29.37 18.95
N THR B 272 -45.02 -28.77 20.12
CA THR B 272 -45.51 -29.55 21.25
C THR B 272 -46.90 -30.10 20.97
N SER B 273 -47.78 -29.27 20.42
CA SER B 273 -49.13 -29.73 20.11
C SER B 273 -49.12 -30.69 18.93
N ALA B 274 -48.15 -30.54 18.03
CA ALA B 274 -48.06 -31.45 16.89
C ALA B 274 -47.63 -32.83 17.33
N LEU B 275 -46.65 -32.90 18.24
CA LEU B 275 -46.26 -34.21 18.77
C LEU B 275 -47.32 -34.74 19.72
N THR B 276 -48.09 -33.86 20.34
CA THR B 276 -49.26 -34.29 21.09
C THR B 276 -50.27 -34.94 20.16
N TYR B 277 -50.39 -34.43 18.94
CA TYR B 277 -51.29 -35.02 17.95
C TYR B 277 -50.76 -36.37 17.46
N ASP B 278 -49.44 -36.50 17.31
CA ASP B 278 -48.91 -37.76 16.82
C ASP B 278 -48.82 -38.81 17.93
N ALA B 279 -48.82 -38.36 19.19
CA ALA B 279 -48.70 -39.32 20.29
C ALA B 279 -50.00 -40.11 20.48
N VAL B 280 -51.14 -39.46 20.23
CA VAL B 280 -52.43 -40.13 20.39
C VAL B 280 -52.61 -41.19 19.31
N GLN B 281 -51.96 -41.01 18.16
CA GLN B 281 -51.86 -42.10 17.18
C GLN B 281 -51.04 -43.26 17.73
N VAL B 282 -49.90 -42.96 18.34
CA VAL B 282 -48.98 -44.01 18.78
C VAL B 282 -49.55 -44.77 19.98
N MET B 283 -50.27 -44.05 20.86
CA MET B 283 -50.98 -44.70 21.95
C MET B 283 -52.07 -45.62 21.43
N THR B 284 -52.82 -45.17 20.43
CA THR B 284 -53.95 -45.95 19.92
C THR B 284 -53.45 -47.13 19.08
N GLU B 285 -52.30 -46.95 18.40
CA GLU B 285 -51.70 -48.06 17.65
C GLU B 285 -51.23 -49.16 18.59
N ALA B 286 -50.85 -48.81 19.82
CA ALA B 286 -50.40 -49.81 20.77
C ALA B 286 -51.54 -50.68 21.25
N PHE B 287 -52.64 -50.05 21.69
CA PHE B 287 -53.77 -50.82 22.20
C PHE B 287 -54.52 -51.55 21.10
N ARG B 288 -54.37 -51.09 19.86
CA ARG B 288 -54.87 -51.86 18.72
C ARG B 288 -54.06 -53.15 18.56
N ASN B 289 -52.74 -53.02 18.57
CA ASN B 289 -51.89 -54.20 18.39
C ASN B 289 -51.84 -55.04 19.66
N LEU B 290 -52.29 -54.47 20.78
CA LEU B 290 -52.43 -55.25 22.00
C LEU B 290 -53.62 -56.20 21.91
N ARG B 291 -54.70 -55.78 21.25
CA ARG B 291 -55.90 -56.60 21.21
C ARG B 291 -55.86 -57.59 20.04
N LYS B 292 -55.07 -57.29 19.01
CA LYS B 292 -54.98 -58.20 17.87
C LYS B 292 -54.20 -59.46 18.23
N GLN B 293 -53.27 -59.35 19.18
CA GLN B 293 -52.59 -60.54 19.67
C GLN B 293 -53.36 -61.07 20.88
N ARG B 294 -54.40 -60.32 21.29
CA ARG B 294 -55.33 -60.66 22.38
C ARG B 294 -54.62 -60.82 23.71
N ILE B 295 -53.54 -60.06 23.93
CA ILE B 295 -52.86 -60.10 25.21
C ILE B 295 -53.72 -59.39 26.25
N GLU B 296 -54.26 -60.16 27.19
CA GLU B 296 -55.28 -59.67 28.09
C GLU B 296 -54.63 -58.85 29.19
N ILE B 297 -55.24 -57.71 29.50
CA ILE B 297 -54.68 -56.73 30.43
C ILE B 297 -55.46 -56.85 31.73
N SER B 298 -54.88 -57.62 32.66
CA SER B 298 -55.51 -57.83 33.96
C SER B 298 -55.26 -56.63 34.86
N ARG B 299 -56.35 -56.10 35.42
CA ARG B 299 -56.31 -54.91 36.25
C ARG B 299 -56.73 -55.26 37.67
N ARG B 300 -56.07 -54.64 38.64
CA ARG B 300 -56.53 -54.71 40.02
C ARG B 300 -57.89 -54.03 40.15
N GLY B 301 -58.78 -54.65 40.92
CA GLY B 301 -60.13 -54.11 41.06
C GLY B 301 -60.15 -52.79 41.81
N ASN B 302 -59.49 -52.75 42.96
CA ASN B 302 -59.30 -51.52 43.71
C ASN B 302 -57.83 -51.42 44.05
N ALA B 303 -57.13 -50.49 43.40
CA ALA B 303 -55.67 -50.49 43.45
C ALA B 303 -55.14 -50.01 44.80
N GLY B 304 -55.73 -48.96 45.35
CA GLY B 304 -55.32 -48.50 46.65
C GLY B 304 -54.26 -47.41 46.57
N ASP B 305 -53.29 -47.53 47.47
CA ASP B 305 -52.29 -46.49 47.70
C ASP B 305 -51.01 -46.81 46.93
N CYS B 306 -50.34 -45.76 46.45
CA CYS B 306 -49.00 -45.92 45.90
C CYS B 306 -47.95 -45.98 46.99
N LEU B 307 -48.29 -45.53 48.20
CA LEU B 307 -47.36 -45.48 49.32
C LEU B 307 -47.44 -46.79 50.09
N ALA B 308 -46.72 -47.79 49.60
CA ALA B 308 -46.71 -49.11 50.21
C ALA B 308 -45.28 -49.54 50.47
N ASN B 309 -45.09 -50.30 51.55
CA ASN B 309 -43.87 -51.06 51.72
C ASN B 309 -43.87 -52.08 50.60
N PRO B 310 -42.72 -52.42 49.98
CA PRO B 310 -42.52 -52.20 48.54
C PRO B 310 -43.72 -52.44 47.63
N ALA B 311 -43.98 -51.45 46.78
CA ALA B 311 -45.19 -51.45 45.97
C ALA B 311 -45.08 -52.47 44.85
N VAL B 312 -46.08 -53.33 44.77
CA VAL B 312 -45.98 -54.50 43.88
C VAL B 312 -46.17 -54.05 42.43
N PRO B 313 -45.30 -54.46 41.52
CA PRO B 313 -45.55 -54.19 40.09
C PRO B 313 -46.62 -55.12 39.54
N TRP B 314 -47.13 -54.83 38.35
CA TRP B 314 -48.05 -55.74 37.69
C TRP B 314 -47.59 -55.95 36.26
N GLY B 315 -47.33 -57.21 35.92
CA GLY B 315 -46.55 -57.54 34.73
C GLY B 315 -47.32 -57.43 33.43
N GLN B 316 -48.60 -57.07 33.49
CA GLN B 316 -49.31 -56.69 32.28
C GLN B 316 -48.81 -55.33 31.77
N GLY B 317 -48.22 -54.54 32.66
CA GLY B 317 -47.57 -53.32 32.22
C GLY B 317 -46.33 -53.59 31.40
N VAL B 318 -45.67 -54.73 31.63
CA VAL B 318 -44.54 -55.13 30.81
C VAL B 318 -45.00 -55.43 29.39
N GLU B 319 -46.22 -55.96 29.26
CA GLU B 319 -46.82 -56.15 27.96
C GLU B 319 -47.13 -54.81 27.29
N ILE B 320 -47.53 -53.82 28.11
CA ILE B 320 -47.92 -52.51 27.57
C ILE B 320 -46.72 -51.79 26.98
N GLU B 321 -45.59 -51.81 27.69
CA GLU B 321 -44.43 -51.03 27.28
C GLU B 321 -43.79 -51.58 26.01
N ARG B 322 -43.90 -52.88 25.80
CA ARG B 322 -43.42 -53.46 24.55
C ARG B 322 -44.34 -53.10 23.40
N ALA B 323 -45.65 -53.02 23.70
CA ALA B 323 -46.61 -52.57 22.70
C ALA B 323 -46.43 -51.10 22.37
N LEU B 324 -46.02 -50.29 23.36
CA LEU B 324 -45.73 -48.89 23.09
C LEU B 324 -44.46 -48.73 22.27
N LYS B 325 -43.46 -49.58 22.50
CA LYS B 325 -42.20 -49.45 21.78
C LYS B 325 -42.31 -50.02 20.37
N GLN B 326 -42.95 -51.17 20.22
CA GLN B 326 -43.03 -51.80 18.91
C GLN B 326 -44.12 -51.18 18.04
N VAL B 327 -43.95 -49.91 17.66
CA VAL B 327 -44.86 -49.19 16.79
C VAL B 327 -44.04 -48.41 15.78
N GLN B 328 -44.28 -48.66 14.50
CA GLN B 328 -43.77 -47.80 13.43
C GLN B 328 -44.95 -47.36 12.58
N VAL B 329 -45.39 -46.12 12.78
CA VAL B 329 -46.46 -45.51 12.00
C VAL B 329 -46.01 -44.13 11.56
N GLU B 330 -46.66 -43.60 10.54
CA GLU B 330 -46.34 -42.26 10.08
C GLU B 330 -47.16 -41.23 10.84
N GLY B 331 -46.63 -40.01 10.91
CA GLY B 331 -47.28 -38.92 11.60
C GLY B 331 -46.95 -37.59 10.95
N LEU B 332 -47.24 -36.52 11.69
CA LEU B 332 -46.83 -35.19 11.25
C LEU B 332 -45.32 -35.06 11.24
N SER B 333 -44.66 -35.71 12.18
CA SER B 333 -43.21 -35.57 12.32
C SER B 333 -42.48 -36.31 11.21
N GLY B 334 -42.90 -37.52 10.89
CA GLY B 334 -42.24 -38.31 9.87
C GLY B 334 -42.34 -39.79 10.20
N ASN B 335 -41.22 -40.48 10.00
CA ASN B 335 -41.16 -41.91 10.29
C ASN B 335 -40.82 -42.12 11.76
N ILE B 336 -41.82 -42.47 12.55
CA ILE B 336 -41.64 -42.70 13.98
C ILE B 336 -40.98 -44.07 14.13
N LYS B 337 -39.70 -44.06 14.48
CA LYS B 337 -38.96 -45.29 14.78
C LYS B 337 -38.41 -45.19 16.20
N PHE B 338 -39.02 -45.94 17.11
CA PHE B 338 -38.61 -46.00 18.50
C PHE B 338 -37.54 -47.08 18.67
N ASP B 339 -36.51 -46.79 19.46
CA ASP B 339 -35.64 -47.85 19.91
C ASP B 339 -36.18 -48.46 21.20
N GLN B 340 -35.35 -49.28 21.85
CA GLN B 340 -35.72 -49.83 23.14
C GLN B 340 -35.52 -48.83 24.26
N ASN B 341 -34.87 -47.71 23.97
CA ASN B 341 -34.65 -46.69 24.99
C ASN B 341 -35.88 -45.82 25.19
N GLY B 342 -36.62 -45.57 24.11
CA GLY B 342 -37.74 -44.65 24.14
C GLY B 342 -37.52 -43.40 23.31
N LYS B 343 -36.39 -43.29 22.63
CA LYS B 343 -36.06 -42.13 21.81
C LYS B 343 -36.59 -42.33 20.40
N ARG B 344 -36.16 -41.44 19.51
CA ARG B 344 -36.47 -41.62 18.10
C ARG B 344 -35.20 -41.67 17.26
N ILE B 345 -35.25 -42.45 16.18
CA ILE B 345 -34.24 -42.48 15.13
C ILE B 345 -34.97 -42.58 13.80
N ASN B 346 -34.19 -42.46 12.71
CA ASN B 346 -34.70 -42.37 11.32
C ASN B 346 -35.71 -41.24 11.18
N TYR B 347 -35.41 -40.09 11.78
CA TYR B 347 -36.28 -38.94 11.70
C TYR B 347 -35.55 -37.82 10.94
N THR B 348 -36.33 -36.98 10.29
CA THR B 348 -35.78 -35.88 9.50
C THR B 348 -36.03 -34.57 10.23
N ILE B 349 -34.97 -33.80 10.42
CA ILE B 349 -35.10 -32.42 10.87
C ILE B 349 -34.77 -31.52 9.69
N ASN B 350 -35.73 -30.69 9.32
CA ASN B 350 -35.60 -29.80 8.17
C ASN B 350 -34.87 -28.54 8.60
N ILE B 351 -33.61 -28.40 8.16
CA ILE B 351 -32.92 -27.13 8.31
C ILE B 351 -33.62 -26.09 7.48
N MET B 352 -34.03 -25.00 8.09
CA MET B 352 -34.85 -24.02 7.42
C MET B 352 -34.35 -22.62 7.71
N GLU B 353 -33.93 -21.93 6.65
CA GLU B 353 -33.39 -20.59 6.78
C GLU B 353 -34.52 -19.58 6.79
N LEU B 354 -34.16 -18.32 6.63
CA LEU B 354 -35.14 -17.24 6.53
C LEU B 354 -34.68 -16.27 5.46
N LYS B 355 -35.19 -16.45 4.26
CA LYS B 355 -35.10 -15.46 3.20
C LYS B 355 -36.29 -14.52 3.32
N THR B 356 -36.24 -13.40 2.60
CA THR B 356 -37.06 -12.24 2.95
C THR B 356 -38.55 -12.48 2.73
N ASN B 357 -38.91 -13.34 1.77
CA ASN B 357 -40.31 -13.63 1.54
C ASN B 357 -40.89 -14.62 2.55
N GLY B 358 -40.05 -15.25 3.36
CA GLY B 358 -40.52 -16.20 4.34
C GLY B 358 -39.55 -17.35 4.56
N PRO B 359 -39.94 -18.30 5.42
CA PRO B 359 -39.06 -19.43 5.70
C PRO B 359 -38.96 -20.40 4.53
N ARG B 360 -37.73 -20.81 4.22
CA ARG B 360 -37.45 -21.74 3.14
C ARG B 360 -36.53 -22.85 3.61
N LYS B 361 -36.84 -24.08 3.22
CA LYS B 361 -36.06 -25.25 3.59
C LYS B 361 -34.82 -25.33 2.71
N ILE B 362 -33.70 -25.75 3.28
CA ILE B 362 -32.47 -25.96 2.52
C ILE B 362 -31.90 -27.37 2.73
N GLY B 363 -32.67 -28.29 3.25
CA GLY B 363 -32.18 -29.65 3.40
C GLY B 363 -32.82 -30.35 4.58
N TYR B 364 -32.20 -31.45 4.95
CA TYR B 364 -32.70 -32.27 6.05
C TYR B 364 -31.53 -32.90 6.81
N TRP B 365 -31.76 -33.10 8.09
CA TRP B 365 -30.81 -33.76 8.97
C TRP B 365 -31.40 -35.07 9.47
N SER B 366 -30.57 -36.09 9.56
CA SER B 366 -30.94 -37.34 10.20
C SER B 366 -29.73 -37.83 10.97
N GLU B 367 -29.81 -39.06 11.47
CA GLU B 367 -28.63 -39.64 12.10
C GLU B 367 -27.66 -40.15 11.05
N VAL B 368 -28.16 -40.53 9.86
CA VAL B 368 -27.33 -41.08 8.81
C VAL B 368 -26.53 -39.96 8.14
N ASP B 369 -27.23 -39.01 7.53
CA ASP B 369 -26.60 -37.91 6.82
C ASP B 369 -26.80 -36.62 7.61
N LYS B 370 -25.75 -35.81 7.70
CA LYS B 370 -25.83 -34.60 8.52
C LYS B 370 -26.43 -33.44 7.73
N MET B 371 -25.74 -32.98 6.70
CA MET B 371 -26.17 -31.80 5.94
C MET B 371 -26.37 -32.16 4.49
N VAL B 372 -27.60 -32.06 4.02
CA VAL B 372 -27.95 -32.33 2.63
C VAL B 372 -28.32 -31.00 1.99
N LEU B 373 -27.83 -30.77 0.79
CA LEU B 373 -28.02 -29.50 0.10
C LEU B 373 -29.08 -29.68 -0.99
N THR B 374 -30.34 -29.48 -0.62
CA THR B 374 -31.41 -29.47 -1.60
C THR B 374 -31.36 -28.16 -2.39
N GLU B 375 -31.46 -28.27 -3.72
CA GLU B 375 -31.41 -27.12 -4.61
C GLU B 375 -32.64 -26.22 -4.42
N THR B 385 -22.82 -22.96 -10.72
CA THR B 385 -21.38 -22.96 -10.98
C THR B 385 -21.07 -22.43 -12.36
N VAL B 386 -19.98 -21.68 -12.48
CA VAL B 386 -19.51 -21.12 -13.74
C VAL B 386 -18.15 -21.74 -13.99
N VAL B 387 -18.07 -22.63 -14.99
CA VAL B 387 -16.81 -23.29 -15.30
C VAL B 387 -15.87 -22.30 -15.97
N VAL B 388 -14.73 -22.04 -15.33
CA VAL B 388 -13.75 -21.07 -15.80
C VAL B 388 -12.62 -21.82 -16.46
N THR B 389 -12.45 -21.62 -17.77
CA THR B 389 -11.31 -22.20 -18.49
C THR B 389 -10.15 -21.20 -18.43
N THR B 390 -9.00 -21.69 -17.98
CA THR B 390 -7.76 -20.93 -17.92
C THR B 390 -6.64 -21.82 -18.43
N ILE B 391 -5.75 -21.26 -19.25
CA ILE B 391 -4.64 -22.03 -19.75
C ILE B 391 -3.49 -21.97 -18.75
N LEU B 392 -2.63 -22.98 -18.78
CA LEU B 392 -1.57 -23.13 -17.78
C LEU B 392 -0.33 -22.38 -18.29
N GLU B 393 -0.15 -21.15 -17.82
CA GLU B 393 0.99 -20.32 -18.22
C GLU B 393 1.31 -19.32 -17.13
N SER B 394 2.55 -19.34 -16.66
CA SER B 394 3.03 -18.33 -15.72
C SER B 394 3.12 -16.97 -16.42
N PRO B 395 2.86 -15.87 -15.70
CA PRO B 395 2.45 -15.76 -14.30
C PRO B 395 0.95 -15.67 -14.15
N TYR B 396 0.23 -15.86 -15.25
CA TYR B 396 -1.22 -15.66 -15.21
C TYR B 396 -1.92 -16.80 -14.49
N VAL B 397 -1.53 -18.04 -14.79
CA VAL B 397 -1.99 -19.21 -14.04
C VAL B 397 -0.78 -20.08 -13.73
N MET B 398 -0.53 -20.31 -12.44
CA MET B 398 0.63 -21.06 -12.00
C MET B 398 0.18 -22.25 -11.16
N MET B 399 1.12 -23.15 -10.93
CA MET B 399 0.90 -24.34 -10.13
C MET B 399 1.39 -24.09 -8.72
N LYS B 400 0.57 -24.46 -7.73
CA LYS B 400 0.98 -24.35 -6.34
C LYS B 400 2.07 -25.39 -6.05
N LYS B 401 2.80 -25.17 -4.95
CA LYS B 401 3.92 -26.03 -4.58
C LYS B 401 3.45 -27.46 -4.30
N ASN B 402 2.39 -27.61 -3.52
CA ASN B 402 1.75 -28.91 -3.34
C ASN B 402 0.50 -28.98 -4.24
N HIS B 403 0.76 -28.99 -5.55
CA HIS B 403 -0.35 -28.95 -6.51
C HIS B 403 -1.07 -30.30 -6.58
N GLU B 404 -0.40 -31.38 -6.20
CA GLU B 404 -1.11 -32.64 -6.07
C GLU B 404 -1.94 -32.67 -4.80
N MET B 405 -1.52 -31.92 -3.77
CA MET B 405 -2.27 -31.91 -2.53
C MET B 405 -3.53 -31.05 -2.65
N LEU B 406 -3.39 -29.83 -3.16
CA LEU B 406 -4.54 -28.95 -3.28
C LEU B 406 -5.27 -29.20 -4.59
N GLU B 407 -6.58 -28.95 -4.58
CA GLU B 407 -7.41 -29.22 -5.75
C GLU B 407 -8.30 -28.01 -6.05
N GLY B 408 -8.70 -27.91 -7.31
CA GLY B 408 -9.69 -26.94 -7.71
C GLY B 408 -9.15 -25.52 -7.67
N ASN B 409 -9.79 -24.69 -6.83
CA ASN B 409 -9.37 -23.30 -6.73
C ASN B 409 -8.07 -23.17 -5.95
N GLU B 410 -7.83 -24.08 -5.01
CA GLU B 410 -6.64 -23.97 -4.17
C GLU B 410 -5.40 -24.44 -4.90
N ARG B 411 -5.58 -25.22 -5.96
CA ARG B 411 -4.44 -25.72 -6.74
C ARG B 411 -3.80 -24.59 -7.54
N TYR B 412 -4.60 -23.64 -8.02
CA TYR B 412 -4.11 -22.70 -9.01
C TYR B 412 -3.88 -21.32 -8.41
N GLU B 413 -2.71 -20.77 -8.73
CA GLU B 413 -2.34 -19.42 -8.34
C GLU B 413 -2.00 -18.66 -9.62
N GLY B 414 -1.95 -17.34 -9.53
CA GLY B 414 -1.53 -16.50 -10.63
C GLY B 414 -2.37 -15.25 -10.74
N TYR B 415 -2.21 -14.60 -11.89
CA TYR B 415 -2.83 -13.29 -12.08
C TYR B 415 -4.27 -13.42 -12.56
N CYS B 416 -4.53 -14.28 -13.54
CA CYS B 416 -5.89 -14.50 -14.00
C CYS B 416 -6.72 -15.26 -12.96
N VAL B 417 -6.05 -16.01 -12.09
CA VAL B 417 -6.74 -16.68 -10.99
C VAL B 417 -7.26 -15.63 -10.00
N ASP B 418 -6.39 -14.73 -9.57
CA ASP B 418 -6.80 -13.65 -8.67
C ASP B 418 -7.76 -12.69 -9.37
N LEU B 419 -7.61 -12.54 -10.69
CA LEU B 419 -8.54 -11.73 -11.46
C LEU B 419 -9.92 -12.38 -11.49
N ALA B 420 -9.96 -13.71 -11.52
CA ALA B 420 -11.24 -14.40 -11.47
C ALA B 420 -11.88 -14.27 -10.09
N ALA B 421 -11.06 -14.20 -9.04
CA ALA B 421 -11.60 -14.17 -7.69
C ALA B 421 -12.23 -12.82 -7.36
N GLU B 422 -11.63 -11.74 -7.85
CA GLU B 422 -12.20 -10.42 -7.59
C GLU B 422 -13.45 -10.18 -8.42
N ILE B 423 -13.55 -10.82 -9.58
CA ILE B 423 -14.77 -10.74 -10.36
C ILE B 423 -15.89 -11.57 -9.74
N ALA B 424 -15.57 -12.81 -9.35
CA ALA B 424 -16.60 -13.74 -8.87
C ALA B 424 -17.07 -13.38 -7.47
N LYS B 425 -16.27 -12.62 -6.73
CA LYS B 425 -16.74 -12.03 -5.48
C LYS B 425 -17.86 -11.03 -5.74
N HIS B 426 -17.66 -10.19 -6.74
CA HIS B 426 -18.60 -9.11 -6.99
C HIS B 426 -19.77 -9.59 -7.84
N CYS B 427 -19.50 -10.39 -8.86
CA CYS B 427 -20.56 -10.93 -9.71
C CYS B 427 -21.18 -12.20 -9.13
N GLY B 428 -20.75 -12.61 -7.93
CA GLY B 428 -21.43 -13.60 -7.12
C GLY B 428 -21.49 -15.04 -7.60
N PHE B 429 -20.73 -15.39 -8.63
CA PHE B 429 -20.84 -16.71 -9.24
C PHE B 429 -19.74 -17.64 -8.71
N LYS B 430 -20.10 -18.91 -8.53
CA LYS B 430 -19.10 -19.93 -8.22
C LYS B 430 -18.19 -20.14 -9.42
N TYR B 431 -16.89 -20.05 -9.19
CA TYR B 431 -15.91 -20.22 -10.25
C TYR B 431 -15.15 -21.52 -10.00
N LYS B 432 -14.99 -22.33 -11.04
CA LYS B 432 -14.17 -23.53 -10.96
C LYS B 432 -13.11 -23.46 -12.05
N LEU B 433 -11.86 -23.62 -11.65
CA LEU B 433 -10.70 -23.36 -12.49
C LEU B 433 -10.30 -24.64 -13.22
N THR B 434 -10.51 -24.64 -14.54
CA THR B 434 -10.35 -25.83 -15.36
C THR B 434 -9.31 -25.58 -16.44
N ILE B 435 -8.46 -26.59 -16.68
CA ILE B 435 -7.54 -26.54 -17.80
C ILE B 435 -8.31 -26.74 -19.09
N VAL B 436 -7.94 -25.97 -20.13
CA VAL B 436 -8.40 -26.27 -21.48
C VAL B 436 -7.89 -27.64 -21.88
N GLY B 437 -8.80 -28.47 -22.38
CA GLY B 437 -8.50 -29.88 -22.57
C GLY B 437 -7.48 -30.14 -23.66
N ASP B 438 -7.42 -29.25 -24.65
CA ASP B 438 -6.43 -29.42 -25.71
C ASP B 438 -5.16 -28.66 -25.41
N GLY B 439 -5.25 -27.50 -24.76
CA GLY B 439 -4.08 -26.75 -24.37
C GLY B 439 -3.69 -25.60 -25.28
N LYS B 440 -4.50 -25.28 -26.28
CA LYS B 440 -4.14 -24.23 -27.22
C LYS B 440 -4.88 -22.93 -26.89
N TYR B 441 -4.28 -21.81 -27.31
CA TYR B 441 -4.87 -20.51 -27.01
C TYR B 441 -6.12 -20.26 -27.85
N GLY B 442 -6.17 -20.83 -29.04
CA GLY B 442 -7.35 -20.71 -29.87
C GLY B 442 -7.05 -20.45 -31.33
N ALA B 443 -7.63 -21.26 -32.21
CA ALA B 443 -7.40 -21.13 -33.64
C ALA B 443 -8.57 -21.75 -34.38
N ARG B 444 -8.72 -21.38 -35.63
CA ARG B 444 -9.63 -22.06 -36.54
C ARG B 444 -8.83 -22.56 -37.72
N ASP B 445 -9.09 -23.79 -38.15
CA ASP B 445 -8.60 -24.22 -39.44
C ASP B 445 -9.41 -23.51 -40.52
N ALA B 446 -8.72 -22.90 -41.48
CA ALA B 446 -9.41 -22.21 -42.56
C ALA B 446 -10.15 -23.21 -43.47
N ASP B 447 -9.68 -24.46 -43.49
CA ASP B 447 -10.36 -25.49 -44.25
C ASP B 447 -11.64 -25.93 -43.56
N THR B 448 -11.52 -26.46 -42.33
CA THR B 448 -12.65 -27.13 -41.70
C THR B 448 -13.59 -26.16 -41.01
N LYS B 449 -13.16 -24.91 -40.80
CA LYS B 449 -13.92 -23.84 -40.12
C LYS B 449 -14.34 -24.25 -38.70
N ILE B 450 -13.42 -24.86 -37.97
CA ILE B 450 -13.69 -25.37 -36.62
C ILE B 450 -12.75 -24.68 -35.65
N TRP B 451 -13.32 -24.08 -34.61
CA TRP B 451 -12.51 -23.47 -33.57
C TRP B 451 -12.11 -24.51 -32.53
N ASN B 452 -10.83 -24.51 -32.16
CA ASN B 452 -10.30 -25.40 -31.12
C ASN B 452 -9.49 -24.60 -30.12
N GLY B 453 -9.25 -25.20 -28.95
CA GLY B 453 -8.53 -24.50 -27.91
C GLY B 453 -9.48 -23.90 -26.89
N MET B 454 -9.13 -22.74 -26.33
CA MET B 454 -10.03 -22.06 -25.41
C MET B 454 -11.21 -21.44 -26.16
N VAL B 455 -10.99 -21.06 -27.42
CA VAL B 455 -12.04 -20.42 -28.21
C VAL B 455 -13.13 -21.42 -28.56
N GLY B 456 -12.74 -22.63 -28.97
CA GLY B 456 -13.72 -23.61 -29.39
C GLY B 456 -14.57 -24.15 -28.25
N GLU B 457 -14.09 -23.99 -27.02
CA GLU B 457 -14.86 -24.44 -25.86
C GLU B 457 -15.99 -23.47 -25.55
N LEU B 458 -15.77 -22.17 -25.73
CA LEU B 458 -16.80 -21.20 -25.39
C LEU B 458 -17.83 -21.06 -26.50
N VAL B 459 -17.42 -21.26 -27.75
CA VAL B 459 -18.35 -21.18 -28.87
C VAL B 459 -19.31 -22.37 -28.84
N TYR B 460 -18.77 -23.57 -28.63
CA TYR B 460 -19.59 -24.78 -28.61
C TYR B 460 -20.37 -24.95 -27.32
N GLY B 461 -20.02 -24.20 -26.27
CA GLY B 461 -20.77 -24.20 -25.03
C GLY B 461 -20.19 -25.07 -23.94
N LYS B 462 -19.01 -25.66 -24.14
CA LYS B 462 -18.45 -26.56 -23.13
C LYS B 462 -18.03 -25.80 -21.88
N ALA B 463 -17.24 -24.74 -22.03
CA ALA B 463 -16.79 -23.92 -20.92
C ALA B 463 -17.69 -22.71 -20.80
N ASP B 464 -17.67 -22.07 -19.63
CA ASP B 464 -18.63 -20.98 -19.39
C ASP B 464 -18.00 -19.61 -19.61
N ILE B 465 -16.76 -19.42 -19.16
CA ILE B 465 -16.07 -18.13 -19.32
C ILE B 465 -14.57 -18.40 -19.34
N ALA B 466 -13.82 -17.50 -19.98
CA ALA B 466 -12.36 -17.58 -20.05
C ALA B 466 -11.76 -16.28 -19.56
N ILE B 467 -11.22 -16.30 -18.34
CA ILE B 467 -10.47 -15.18 -17.80
C ILE B 467 -9.00 -15.57 -17.97
N ALA B 468 -8.40 -15.11 -19.05
CA ALA B 468 -7.17 -15.73 -19.55
C ALA B 468 -6.41 -14.75 -20.43
N PRO B 469 -5.13 -15.01 -20.77
CA PRO B 469 -4.47 -14.21 -21.83
C PRO B 469 -5.00 -14.48 -23.23
N LEU B 470 -6.13 -13.85 -23.55
CA LEU B 470 -6.74 -14.00 -24.86
C LEU B 470 -6.80 -12.63 -25.52
N THR B 471 -6.27 -12.54 -26.73
CA THR B 471 -6.26 -11.29 -27.48
C THR B 471 -7.65 -11.03 -28.05
N ILE B 472 -8.03 -9.75 -28.10
CA ILE B 472 -9.27 -9.36 -28.76
C ILE B 472 -8.93 -9.08 -30.22
N THR B 473 -9.18 -10.07 -31.08
CA THR B 473 -9.03 -9.91 -32.51
C THR B 473 -10.40 -9.95 -33.17
N LEU B 474 -10.44 -9.64 -34.46
CA LEU B 474 -11.72 -9.56 -35.17
C LEU B 474 -12.33 -10.95 -35.36
N VAL B 475 -11.50 -11.95 -35.63
CA VAL B 475 -12.02 -13.32 -35.80
C VAL B 475 -12.45 -13.90 -34.46
N ARG B 476 -11.94 -13.33 -33.36
CA ARG B 476 -12.43 -13.74 -32.05
C ARG B 476 -13.62 -12.90 -31.61
N GLU B 477 -13.72 -11.66 -32.12
CA GLU B 477 -14.84 -10.80 -31.75
C GLU B 477 -16.14 -11.31 -32.37
N GLU B 478 -16.08 -11.89 -33.56
CA GLU B 478 -17.28 -12.35 -34.25
C GLU B 478 -17.89 -13.56 -33.57
N VAL B 479 -17.07 -14.41 -32.95
CA VAL B 479 -17.58 -15.66 -32.40
C VAL B 479 -17.91 -15.52 -30.92
N ILE B 480 -17.15 -14.72 -30.16
CA ILE B 480 -17.39 -14.51 -28.74
C ILE B 480 -17.20 -13.04 -28.41
N ASP B 481 -17.82 -12.59 -27.31
CA ASP B 481 -17.83 -11.17 -26.97
C ASP B 481 -16.79 -10.86 -25.89
N PHE B 482 -16.18 -9.68 -25.98
CA PHE B 482 -15.11 -9.28 -25.08
C PHE B 482 -15.48 -8.00 -24.36
N SER B 483 -14.93 -7.82 -23.16
CA SER B 483 -15.10 -6.57 -22.45
C SER B 483 -13.94 -5.62 -22.78
N LYS B 484 -13.93 -4.49 -22.08
CA LYS B 484 -12.83 -3.54 -22.21
C LYS B 484 -11.54 -4.15 -21.66
N PRO B 485 -10.39 -3.78 -22.20
CA PRO B 485 -9.14 -4.46 -21.82
C PRO B 485 -8.72 -4.18 -20.38
N PHE B 486 -8.46 -5.26 -19.65
CA PHE B 486 -7.86 -5.11 -18.32
C PHE B 486 -6.36 -4.90 -18.40
N MET B 487 -5.77 -5.18 -19.57
CA MET B 487 -4.34 -5.02 -19.79
C MET B 487 -4.09 -4.71 -21.27
N SER B 488 -3.08 -3.89 -21.51
CA SER B 488 -2.65 -3.56 -22.87
C SER B 488 -1.22 -4.03 -23.06
N LEU B 489 -0.85 -4.29 -24.30
CA LEU B 489 0.37 -5.04 -24.58
C LEU B 489 0.86 -4.78 -26.01
N GLY B 490 1.91 -5.50 -26.36
CA GLY B 490 2.43 -5.52 -27.73
C GLY B 490 3.18 -6.80 -27.99
N ILE B 491 3.42 -7.07 -29.27
CA ILE B 491 4.22 -8.22 -29.64
C ILE B 491 5.69 -7.87 -29.61
N SER B 492 6.45 -8.51 -28.73
CA SER B 492 7.89 -8.30 -28.66
C SER B 492 8.59 -9.50 -29.26
N ILE B 493 9.90 -9.39 -29.39
CA ILE B 493 10.74 -10.48 -29.87
C ILE B 493 11.74 -10.81 -28.77
N MET B 494 11.78 -12.08 -28.37
CA MET B 494 12.68 -12.53 -27.31
C MET B 494 13.80 -13.35 -27.93
N ILE B 495 15.04 -12.93 -27.68
CA ILE B 495 16.21 -13.65 -28.16
C ILE B 495 17.03 -14.07 -26.95
N LYS B 496 17.99 -14.94 -27.19
CA LYS B 496 18.98 -15.26 -26.18
C LYS B 496 19.85 -14.04 -25.94
N LYS B 497 20.12 -13.74 -24.67
CA LYS B 497 20.88 -12.55 -24.32
C LYS B 497 22.31 -12.70 -24.82
N PRO B 498 22.80 -11.78 -25.65
CA PRO B 498 24.07 -12.00 -26.34
C PRO B 498 25.26 -11.92 -25.39
N GLN B 499 25.83 -13.07 -25.09
CA GLN B 499 27.06 -13.18 -24.33
C GLN B 499 28.20 -12.67 -25.19
N LYS B 500 29.34 -12.38 -24.56
CA LYS B 500 30.48 -11.92 -25.33
C LYS B 500 31.01 -13.04 -26.21
N SER B 501 31.19 -12.73 -27.49
CA SER B 501 31.66 -13.72 -28.44
C SER B 501 33.15 -13.94 -28.25
N LYS B 502 33.65 -14.98 -28.90
CA LYS B 502 35.08 -14.99 -29.17
C LYS B 502 35.41 -13.79 -30.05
N PRO B 503 36.39 -12.98 -29.68
CA PRO B 503 36.77 -11.86 -30.54
C PRO B 503 37.41 -12.36 -31.82
N GLY B 504 37.36 -11.53 -32.85
CA GLY B 504 37.79 -11.97 -34.16
C GLY B 504 39.30 -12.06 -34.28
N VAL B 505 39.74 -12.40 -35.49
CA VAL B 505 41.17 -12.41 -35.81
C VAL B 505 41.74 -11.00 -35.67
N PHE B 506 41.08 -10.02 -36.29
CA PHE B 506 41.57 -8.65 -36.25
C PHE B 506 40.87 -7.81 -35.18
N SER B 507 40.59 -8.39 -34.01
CA SER B 507 39.95 -7.66 -32.93
C SER B 507 40.92 -6.84 -32.10
N PHE B 508 42.21 -6.87 -32.40
CA PHE B 508 43.14 -6.02 -31.67
C PHE B 508 42.98 -4.56 -32.07
N LEU B 509 42.61 -4.32 -33.32
CA LEU B 509 42.46 -2.96 -33.83
C LEU B 509 41.06 -2.41 -33.61
N ASP B 510 40.29 -3.01 -32.73
CA ASP B 510 38.97 -2.48 -32.36
C ASP B 510 38.95 -1.06 -31.78
N PRO B 511 39.90 -0.62 -30.91
CA PRO B 511 39.71 0.72 -30.33
C PRO B 511 39.95 1.88 -31.29
N LEU B 512 40.56 1.64 -32.43
CA LEU B 512 40.69 2.70 -33.42
C LEU B 512 39.92 2.33 -34.69
N ALA B 513 39.38 3.34 -35.35
CA ALA B 513 38.60 3.12 -36.55
C ALA B 513 39.49 2.67 -37.69
N TYR B 514 38.88 1.95 -38.64
CA TYR B 514 39.55 1.58 -39.88
C TYR B 514 40.00 2.82 -40.64
N GLU B 515 39.22 3.90 -40.53
CA GLU B 515 39.56 5.14 -41.22
C GLU B 515 40.81 5.79 -40.61
N ILE B 516 41.11 5.47 -39.35
CA ILE B 516 42.28 6.08 -38.73
C ILE B 516 43.55 5.38 -39.21
N TRP B 517 43.54 4.04 -39.22
CA TRP B 517 44.73 3.28 -39.61
C TRP B 517 45.09 3.53 -41.07
N MET B 518 44.09 3.70 -41.93
CA MET B 518 44.35 4.08 -43.32
C MET B 518 45.00 5.45 -43.40
N CYS B 519 44.49 6.41 -42.64
CA CYS B 519 45.03 7.76 -42.69
C CYS B 519 46.39 7.85 -42.01
N ILE B 520 46.69 6.91 -41.11
CA ILE B 520 48.04 6.84 -40.56
C ILE B 520 49.02 6.38 -41.63
N VAL B 521 48.69 5.29 -42.33
CA VAL B 521 49.59 4.71 -43.33
C VAL B 521 49.74 5.65 -44.51
N PHE B 522 48.66 6.35 -44.88
CA PHE B 522 48.74 7.40 -45.89
C PHE B 522 49.67 8.52 -45.43
N ALA B 523 49.62 8.88 -44.15
CA ALA B 523 50.51 9.91 -43.64
C ALA B 523 51.90 9.34 -43.35
N TYR B 524 51.99 8.04 -43.07
CA TYR B 524 53.29 7.39 -42.86
C TYR B 524 54.12 7.42 -44.13
N ILE B 525 53.48 7.31 -45.29
CA ILE B 525 54.17 7.47 -46.55
C ILE B 525 54.67 8.90 -46.71
N GLY B 526 53.79 9.87 -46.46
CA GLY B 526 54.07 11.24 -46.85
C GLY B 526 55.15 11.91 -46.03
N VAL B 527 55.18 11.65 -44.73
CA VAL B 527 56.21 12.23 -43.86
C VAL B 527 57.57 11.65 -44.22
N SER B 528 57.60 10.38 -44.63
CA SER B 528 58.84 9.79 -45.12
C SER B 528 59.29 10.43 -46.43
N VAL B 529 58.34 10.73 -47.33
CA VAL B 529 58.69 11.31 -48.63
C VAL B 529 59.21 12.73 -48.49
N VAL B 530 58.56 13.52 -47.63
CA VAL B 530 58.95 14.93 -47.45
C VAL B 530 60.33 15.04 -46.83
N LEU B 531 60.70 14.08 -45.97
CA LEU B 531 62.01 14.11 -45.35
C LEU B 531 63.12 13.81 -46.35
N PHE B 532 62.87 12.91 -47.31
CA PHE B 532 63.89 12.63 -48.32
C PHE B 532 63.96 13.76 -49.35
N LEU B 533 62.85 14.44 -49.60
CA LEU B 533 62.87 15.61 -50.47
C LEU B 533 63.68 16.74 -49.84
N VAL B 534 63.64 16.85 -48.52
CA VAL B 534 64.55 17.75 -47.81
C VAL B 534 65.99 17.29 -47.99
N SER B 535 66.21 15.97 -47.96
CA SER B 535 67.55 15.42 -48.15
C SER B 535 68.05 15.65 -49.57
N ARG B 536 67.15 15.69 -50.54
CA ARG B 536 67.56 15.98 -51.91
C ARG B 536 67.79 17.48 -52.10
N PHE B 537 66.98 18.31 -51.43
CA PHE B 537 67.17 19.75 -51.44
C PHE B 537 68.48 20.16 -50.76
N SER B 538 68.57 19.90 -49.45
CA SER B 538 69.69 20.42 -48.66
C SER B 538 70.71 19.32 -48.41
N PRO B 539 71.96 19.49 -48.86
CA PRO B 539 72.99 18.50 -48.51
C PRO B 539 73.37 18.53 -47.04
N TYR B 540 73.39 19.72 -46.44
CA TYR B 540 73.82 19.89 -45.06
C TYR B 540 72.61 20.09 -44.14
N SER B 558 78.82 15.57 -46.85
CA SER B 558 78.79 15.33 -48.29
C SER B 558 77.63 14.40 -48.66
N THR B 559 77.43 13.39 -47.83
CA THR B 559 76.42 12.38 -48.12
C THR B 559 75.11 12.69 -47.41
N ASN B 560 74.00 12.26 -48.02
CA ASN B 560 72.71 12.20 -47.35
C ASN B 560 72.46 10.75 -46.96
N GLU B 561 72.73 10.42 -45.68
CA GLU B 561 72.44 9.07 -45.20
C GLU B 561 70.95 8.83 -45.11
N PHE B 562 70.17 9.91 -45.00
CA PHE B 562 68.71 9.85 -44.97
C PHE B 562 68.19 9.66 -46.40
N GLY B 563 68.41 8.46 -46.92
CA GLY B 563 67.83 8.07 -48.18
C GLY B 563 66.36 7.74 -48.01
N ILE B 564 65.69 7.52 -49.14
CA ILE B 564 64.27 7.19 -49.12
C ILE B 564 64.07 5.80 -48.53
N PHE B 565 65.07 4.93 -48.68
CA PHE B 565 65.08 3.67 -47.97
C PHE B 565 65.27 3.88 -46.47
N ASN B 566 66.06 4.87 -46.09
CA ASN B 566 66.21 5.21 -44.67
C ASN B 566 65.04 6.03 -44.17
N SER B 567 64.36 6.77 -45.05
CA SER B 567 63.34 7.71 -44.59
C SER B 567 62.07 7.00 -44.16
N LEU B 568 61.77 5.83 -44.74
CA LEU B 568 60.68 5.05 -44.19
C LEU B 568 61.09 4.41 -42.87
N TRP B 569 62.39 4.20 -42.67
CA TRP B 569 62.86 3.56 -41.46
C TRP B 569 62.77 4.50 -40.27
N PHE B 570 63.29 5.72 -40.41
CA PHE B 570 63.25 6.64 -39.29
C PHE B 570 61.83 7.13 -39.05
N SER B 571 61.00 7.13 -40.08
CA SER B 571 59.58 7.38 -39.87
C SER B 571 58.95 6.24 -39.07
N LEU B 572 59.45 5.01 -39.24
CA LEU B 572 58.84 3.88 -38.57
C LEU B 572 59.30 3.76 -37.14
N GLY B 573 60.56 4.14 -36.86
CA GLY B 573 61.05 4.03 -35.49
C GLY B 573 60.40 5.02 -34.54
N ALA B 574 60.04 6.19 -35.06
CA ALA B 574 59.32 7.15 -34.25
C ALA B 574 57.91 6.68 -33.96
N PHE B 575 57.28 6.02 -34.93
CA PHE B 575 55.88 5.67 -34.76
C PHE B 575 55.71 4.46 -33.86
N MET B 576 56.71 3.61 -33.79
CA MET B 576 56.64 2.46 -32.90
C MET B 576 57.42 2.67 -31.62
N GLN B 577 57.72 3.91 -31.25
CA GLN B 577 58.29 4.34 -29.98
C GLN B 577 59.71 3.83 -29.74
N GLN B 578 60.48 3.52 -30.78
CA GLN B 578 61.90 3.21 -30.62
C GLN B 578 62.68 4.17 -31.50
N GLY B 579 63.17 5.25 -30.90
CA GLY B 579 63.87 6.26 -31.65
C GLY B 579 65.20 5.77 -32.18
N CYS B 580 65.35 5.87 -33.50
CA CYS B 580 66.43 5.22 -34.22
C CYS B 580 67.73 5.99 -34.04
N ASP B 581 68.82 5.38 -34.49
CA ASP B 581 70.15 5.91 -34.21
C ASP B 581 70.45 7.16 -35.03
N ILE B 582 69.91 7.23 -36.25
CA ILE B 582 70.09 8.41 -37.09
C ILE B 582 69.28 9.57 -36.52
N SER B 583 69.75 10.79 -36.77
CA SER B 583 69.10 12.00 -36.28
C SER B 583 69.22 13.10 -37.32
N PRO B 584 68.12 13.80 -37.62
CA PRO B 584 68.14 14.79 -38.71
C PRO B 584 68.95 16.03 -38.35
N ARG B 585 69.75 16.50 -39.32
CA ARG B 585 70.66 17.61 -39.10
C ARG B 585 70.27 18.84 -39.92
N SER B 586 68.99 18.98 -40.27
CA SER B 586 68.51 20.13 -41.01
C SER B 586 67.34 20.75 -40.27
N LEU B 587 67.22 22.07 -40.37
CA LEU B 587 66.13 22.79 -39.71
C LEU B 587 64.78 22.38 -40.27
N SER B 588 64.63 22.38 -41.59
CA SER B 588 63.39 21.91 -42.20
C SER B 588 63.22 20.40 -42.01
N GLY B 589 64.34 19.69 -41.86
CA GLY B 589 64.25 18.28 -41.50
C GLY B 589 63.81 18.07 -40.05
N ARG B 590 64.29 18.92 -39.14
CA ARG B 590 63.91 18.76 -37.74
C ARG B 590 62.50 19.27 -37.48
N ILE B 591 61.97 20.10 -38.39
CA ILE B 591 60.54 20.38 -38.33
C ILE B 591 59.76 19.12 -38.70
N VAL B 592 60.24 18.36 -39.68
CA VAL B 592 59.64 17.07 -40.00
C VAL B 592 59.81 16.10 -38.85
N GLY B 593 61.03 16.01 -38.30
CA GLY B 593 61.26 15.16 -37.14
C GLY B 593 60.56 15.64 -35.89
N GLY B 594 60.27 16.95 -35.84
CA GLY B 594 59.52 17.48 -34.72
C GLY B 594 58.04 17.13 -34.76
N VAL B 595 57.38 17.42 -35.88
CA VAL B 595 55.92 17.30 -35.92
C VAL B 595 55.51 15.84 -36.05
N TRP B 596 56.41 14.98 -36.52
CA TRP B 596 56.08 13.57 -36.60
C TRP B 596 56.11 12.92 -35.23
N TRP B 597 56.91 13.47 -34.32
CA TRP B 597 56.95 12.94 -32.96
C TRP B 597 55.67 13.22 -32.21
N PHE B 598 55.15 14.45 -32.31
CA PHE B 598 53.94 14.79 -31.59
C PHE B 598 52.72 14.12 -32.20
N PHE B 599 52.83 13.66 -33.45
CA PHE B 599 51.77 12.82 -34.00
C PHE B 599 51.70 11.49 -33.30
N THR B 600 52.84 10.92 -32.92
CA THR B 600 52.83 9.58 -32.35
C THR B 600 52.41 9.60 -30.89
N LEU B 601 52.80 10.64 -30.15
CA LEU B 601 52.52 10.69 -28.72
C LEU B 601 51.03 10.85 -28.48
N ILE B 602 50.30 11.42 -29.44
CA ILE B 602 48.86 11.47 -29.32
C ILE B 602 48.25 10.13 -29.64
N ILE B 603 48.60 9.54 -30.80
CA ILE B 603 47.89 8.38 -31.33
C ILE B 603 48.08 7.16 -30.45
N ILE B 604 49.31 6.91 -30.00
CA ILE B 604 49.57 5.76 -29.15
C ILE B 604 48.91 5.94 -27.79
N SER B 605 48.89 7.17 -27.28
CA SER B 605 48.14 7.42 -26.05
C SER B 605 46.65 7.41 -26.31
N SER B 606 46.23 7.73 -27.53
CA SER B 606 44.83 7.53 -27.86
C SER B 606 44.49 6.06 -27.93
N TYR B 607 45.45 5.24 -28.35
CA TYR B 607 45.19 3.81 -28.48
C TYR B 607 45.12 3.13 -27.13
N THR B 608 46.03 3.48 -26.22
CA THR B 608 46.01 2.91 -24.88
C THR B 608 44.78 3.35 -24.12
N ALA B 609 44.33 4.58 -24.36
CA ALA B 609 43.16 5.08 -23.68
C ALA B 609 41.91 4.34 -24.11
N ASN B 610 41.71 4.17 -25.40
CA ASN B 610 40.45 3.60 -25.85
C ASN B 610 40.40 2.10 -25.63
N LEU B 611 41.57 1.45 -25.54
CA LEU B 611 41.54 0.03 -25.26
C LEU B 611 41.25 -0.22 -23.77
N ALA B 612 41.52 0.80 -22.93
CA ALA B 612 41.04 0.73 -21.56
C ALA B 612 39.53 0.86 -21.49
N ALA B 613 38.93 1.46 -22.51
CA ALA B 613 37.48 1.63 -22.49
C ALA B 613 36.76 0.31 -22.74
N PHE B 614 37.31 -0.53 -23.62
CA PHE B 614 36.62 -1.78 -23.96
C PHE B 614 36.72 -2.81 -22.85
N LEU B 615 37.86 -2.85 -22.16
CA LEU B 615 38.02 -3.89 -21.15
C LEU B 615 37.34 -3.51 -19.85
N THR B 616 37.21 -2.22 -19.57
CA THR B 616 36.55 -1.80 -18.34
C THR B 616 35.05 -1.79 -18.50
N VAL B 617 34.54 -0.98 -19.41
CA VAL B 617 33.10 -0.84 -19.59
C VAL B 617 32.70 -1.48 -20.91
N GLU B 618 31.98 -2.58 -20.84
CA GLU B 618 31.65 -3.39 -22.00
C GLU B 618 30.18 -3.22 -22.34
N ARG B 619 29.87 -3.21 -23.63
CA ARG B 619 28.50 -3.19 -24.10
C ARG B 619 28.30 -4.35 -25.05
N MET B 620 27.58 -5.37 -24.58
CA MET B 620 27.28 -6.52 -25.41
C MET B 620 26.17 -6.12 -26.37
N VAL B 621 26.56 -5.85 -27.62
CA VAL B 621 25.61 -5.28 -28.58
C VAL B 621 24.69 -6.38 -29.10
N SER B 622 23.40 -6.05 -29.16
CA SER B 622 22.37 -6.93 -29.68
C SER B 622 22.60 -7.16 -31.16
N PRO B 623 22.62 -8.42 -31.62
CA PRO B 623 22.81 -8.69 -33.07
C PRO B 623 21.68 -8.18 -33.95
N ILE B 624 20.48 -8.01 -33.37
CA ILE B 624 19.31 -7.50 -34.09
C ILE B 624 18.65 -6.45 -33.20
N GLU B 625 17.99 -5.48 -33.82
CA GLU B 625 17.34 -4.42 -33.07
C GLU B 625 15.98 -4.02 -33.63
N SER B 626 15.49 -4.68 -34.68
CA SER B 626 14.16 -4.40 -35.21
C SER B 626 13.67 -5.59 -36.00
N ALA B 627 12.40 -5.52 -36.37
CA ALA B 627 11.84 -6.50 -37.31
C ALA B 627 12.36 -6.26 -38.71
N GLU B 628 12.84 -5.04 -38.99
CA GLU B 628 13.47 -4.72 -40.26
C GLU B 628 14.68 -5.62 -40.51
N ASP B 629 15.56 -5.74 -39.51
CA ASP B 629 16.82 -6.45 -39.72
C ASP B 629 16.61 -7.96 -39.71
N LEU B 630 15.57 -8.41 -39.02
CA LEU B 630 15.15 -9.81 -39.15
C LEU B 630 14.55 -10.08 -40.53
N SER B 631 13.97 -9.04 -41.15
CA SER B 631 13.50 -9.18 -42.51
C SER B 631 14.63 -9.01 -43.52
N LYS B 632 15.69 -8.32 -43.14
CA LYS B 632 16.86 -8.24 -44.00
C LYS B 632 17.72 -9.46 -43.93
N GLN B 633 17.68 -10.27 -42.88
CA GLN B 633 18.64 -11.35 -42.80
C GLN B 633 18.03 -12.51 -42.02
N THR B 634 18.24 -13.72 -42.55
CA THR B 634 17.76 -14.95 -41.94
C THR B 634 18.88 -15.79 -41.33
N GLU B 635 19.92 -15.14 -40.79
CA GLU B 635 20.96 -15.87 -40.09
C GLU B 635 20.43 -16.51 -38.81
N ILE B 636 19.49 -15.87 -38.14
CA ILE B 636 18.86 -16.40 -36.94
C ILE B 636 17.38 -16.59 -37.24
N ALA B 637 16.91 -17.82 -37.10
CA ALA B 637 15.53 -18.14 -37.41
C ALA B 637 14.59 -17.56 -36.36
N TYR B 638 13.35 -17.34 -36.75
CA TYR B 638 12.35 -16.73 -35.87
C TYR B 638 10.98 -17.32 -36.15
N GLY B 639 10.19 -17.51 -35.09
CA GLY B 639 8.86 -18.05 -35.24
C GLY B 639 7.95 -17.64 -34.09
N THR B 640 6.71 -18.13 -34.15
CA THR B 640 5.69 -17.85 -33.15
C THR B 640 5.12 -19.16 -32.62
N LEU B 641 4.02 -19.06 -31.89
CA LEU B 641 3.34 -20.26 -31.42
C LEU B 641 2.37 -20.74 -32.49
N ASP B 642 2.17 -22.07 -32.56
CA ASP B 642 1.51 -22.65 -33.73
C ASP B 642 0.00 -22.43 -33.71
N SER B 643 -0.56 -22.09 -32.56
CA SER B 643 -2.00 -21.86 -32.46
C SER B 643 -2.25 -20.66 -31.56
N GLY B 644 -2.38 -19.48 -32.16
CA GLY B 644 -2.56 -18.28 -31.37
C GLY B 644 -2.83 -17.09 -32.26
N SER B 645 -3.31 -16.02 -31.62
CA SER B 645 -3.69 -14.81 -32.33
C SER B 645 -2.48 -14.11 -32.95
N THR B 646 -1.30 -14.32 -32.37
CA THR B 646 -0.09 -13.69 -32.88
C THR B 646 0.29 -14.27 -34.25
N LYS B 647 0.27 -15.60 -34.38
CA LYS B 647 0.39 -16.24 -35.68
C LYS B 647 -0.75 -15.84 -36.60
N GLU B 648 -1.96 -15.73 -36.05
CA GLU B 648 -3.11 -15.31 -36.86
C GLU B 648 -2.99 -13.85 -37.26
N PHE B 649 -2.31 -13.03 -36.45
CA PHE B 649 -2.10 -11.64 -36.85
C PHE B 649 -1.14 -11.53 -38.03
N PHE B 650 -0.09 -12.35 -38.05
CA PHE B 650 0.88 -12.25 -39.15
C PHE B 650 0.30 -12.78 -40.45
N ARG B 651 -0.62 -13.75 -40.39
CA ARG B 651 -1.22 -14.28 -41.62
C ARG B 651 -2.10 -13.23 -42.29
N ARG B 652 -2.81 -12.42 -41.51
CA ARG B 652 -3.69 -11.40 -42.03
C ARG B 652 -3.01 -10.04 -42.19
N SER B 653 -1.69 -10.00 -42.19
CA SER B 653 -0.98 -8.73 -42.21
C SER B 653 -0.81 -8.21 -43.64
N LYS B 654 -0.96 -6.89 -43.81
CA LYS B 654 -0.76 -6.25 -45.09
C LYS B 654 0.39 -5.26 -45.08
N ILE B 655 1.07 -5.10 -43.96
CA ILE B 655 2.28 -4.29 -43.87
C ILE B 655 3.39 -5.04 -44.60
N ALA B 656 4.18 -4.29 -45.39
CA ALA B 656 5.15 -4.88 -46.30
C ALA B 656 6.27 -5.61 -45.55
N VAL B 657 6.50 -5.22 -44.30
CA VAL B 657 7.46 -5.94 -43.49
C VAL B 657 6.87 -7.24 -42.96
N PHE B 658 5.66 -7.17 -42.41
CA PHE B 658 5.09 -8.30 -41.70
C PHE B 658 4.66 -9.41 -42.65
N ASP B 659 4.22 -9.04 -43.86
CA ASP B 659 3.89 -10.05 -44.86
C ASP B 659 5.14 -10.82 -45.28
N LYS B 660 6.27 -10.11 -45.41
CA LYS B 660 7.55 -10.79 -45.62
C LYS B 660 7.91 -11.64 -44.41
N MET B 661 7.56 -11.17 -43.21
CA MET B 661 7.82 -11.96 -42.02
C MET B 661 6.94 -13.21 -41.96
N TRP B 662 5.70 -13.11 -42.46
CA TRP B 662 4.82 -14.27 -42.46
C TRP B 662 5.21 -15.30 -43.51
N THR B 663 5.82 -14.84 -44.62
CA THR B 663 6.15 -15.77 -45.69
C THR B 663 7.31 -16.68 -45.32
N TYR B 664 8.28 -16.18 -44.55
CA TYR B 664 9.43 -17.01 -44.23
C TYR B 664 9.08 -18.06 -43.18
N MET B 665 8.09 -17.77 -42.33
CA MET B 665 7.68 -18.70 -41.28
C MET B 665 7.17 -20.02 -41.86
N ARG B 666 6.46 -19.95 -42.99
CA ARG B 666 5.89 -21.15 -43.57
C ARG B 666 6.79 -21.75 -44.65
N SER B 667 7.71 -20.97 -45.22
CA SER B 667 8.43 -21.40 -46.42
C SER B 667 9.48 -22.46 -46.15
N ALA B 668 10.51 -22.14 -45.39
CA ALA B 668 11.51 -23.13 -45.03
C ALA B 668 11.26 -23.61 -43.60
N GLU B 669 10.93 -24.90 -43.46
CA GLU B 669 10.58 -25.37 -42.14
C GLU B 669 11.26 -26.66 -41.72
N PRO B 670 12.42 -26.57 -41.05
CA PRO B 670 12.56 -27.38 -39.84
C PRO B 670 11.72 -26.65 -38.79
N SER B 671 11.27 -27.31 -37.74
CA SER B 671 10.01 -26.94 -37.08
C SER B 671 10.05 -25.55 -36.47
N VAL B 672 9.44 -24.60 -37.18
CA VAL B 672 9.48 -23.20 -36.84
C VAL B 672 8.54 -22.87 -35.69
N PHE B 673 7.26 -23.18 -35.85
CA PHE B 673 6.29 -22.87 -34.82
C PHE B 673 6.42 -23.86 -33.67
N VAL B 674 5.96 -23.43 -32.50
CA VAL B 674 5.95 -24.28 -31.32
C VAL B 674 4.53 -24.37 -30.79
N ARG B 675 4.27 -25.42 -30.02
CA ARG B 675 2.91 -25.61 -29.50
C ARG B 675 2.76 -25.02 -28.11
N THR B 676 3.87 -24.71 -27.44
CA THR B 676 3.79 -24.16 -26.10
C THR B 676 4.77 -22.99 -26.01
N THR B 677 4.37 -21.98 -25.21
CA THR B 677 5.24 -20.83 -24.96
C THR B 677 6.53 -21.24 -24.25
N ALA B 678 6.41 -22.06 -23.19
CA ALA B 678 7.58 -22.53 -22.47
C ALA B 678 8.43 -23.47 -23.32
N GLU B 679 7.80 -24.11 -24.32
CA GLU B 679 8.57 -24.88 -25.30
C GLU B 679 9.44 -23.95 -26.15
N GLY B 680 8.88 -22.80 -26.56
CA GLY B 680 9.67 -21.84 -27.31
C GLY B 680 10.75 -21.18 -26.46
N VAL B 681 10.45 -20.97 -25.17
CA VAL B 681 11.45 -20.49 -24.23
C VAL B 681 12.60 -21.48 -24.11
N ALA B 682 12.28 -22.77 -24.08
CA ALA B 682 13.31 -23.80 -24.11
C ALA B 682 13.96 -23.87 -25.50
N ARG B 683 13.24 -23.45 -26.54
CA ARG B 683 13.79 -23.51 -27.88
C ARG B 683 14.83 -22.42 -28.10
N VAL B 684 14.58 -21.21 -27.57
CA VAL B 684 15.53 -20.11 -27.73
C VAL B 684 16.80 -20.37 -26.95
N ARG B 685 16.65 -20.71 -25.67
CA ARG B 685 17.78 -20.75 -24.73
C ARG B 685 18.78 -21.85 -25.07
N LYS B 686 18.32 -22.92 -25.72
CA LYS B 686 19.20 -24.02 -26.11
C LYS B 686 19.65 -23.90 -27.56
N SER B 687 19.25 -22.85 -28.26
CA SER B 687 19.65 -22.65 -29.65
C SER B 687 21.01 -21.98 -29.78
N LYS B 688 21.59 -21.53 -28.66
CA LYS B 688 22.78 -20.67 -28.62
C LYS B 688 22.62 -19.43 -29.49
N GLY B 689 21.45 -18.79 -29.37
CA GLY B 689 21.17 -17.57 -30.10
C GLY B 689 20.66 -17.75 -31.50
N LYS B 690 20.30 -18.97 -31.91
CA LYS B 690 19.89 -19.24 -33.27
C LYS B 690 18.39 -19.33 -33.45
N TYR B 691 17.59 -19.07 -32.41
CA TYR B 691 16.15 -18.96 -32.58
C TYR B 691 15.65 -17.79 -31.74
N ALA B 692 14.75 -17.00 -32.33
CA ALA B 692 14.10 -15.89 -31.65
C ALA B 692 12.61 -16.16 -31.60
N TYR B 693 12.03 -16.14 -30.40
CA TYR B 693 10.62 -16.44 -30.21
C TYR B 693 9.81 -15.16 -30.11
N LEU B 694 8.84 -15.01 -31.01
CA LEU B 694 8.00 -13.82 -31.06
C LEU B 694 6.80 -14.06 -30.16
N LEU B 695 6.61 -13.19 -29.17
CA LEU B 695 5.52 -13.36 -28.22
C LEU B 695 5.10 -12.01 -27.67
N GLU B 696 4.29 -12.06 -26.63
CA GLU B 696 3.63 -10.88 -26.12
C GLU B 696 4.51 -10.18 -25.09
N SER B 697 4.22 -8.90 -24.84
CA SER B 697 5.10 -8.06 -24.04
C SER B 697 5.13 -8.49 -22.58
N THR B 698 3.96 -8.59 -21.96
CA THR B 698 3.91 -8.94 -20.55
C THR B 698 4.18 -10.42 -20.33
N MET B 699 4.10 -11.21 -21.41
CA MET B 699 4.70 -12.54 -21.39
C MET B 699 6.22 -12.43 -21.27
N ASN B 700 6.81 -11.40 -21.88
CA ASN B 700 8.25 -11.39 -22.07
C ASN B 700 8.97 -10.77 -20.89
N GLU B 701 8.30 -9.88 -20.15
CA GLU B 701 8.93 -9.27 -18.98
C GLU B 701 9.03 -10.25 -17.82
N TYR B 702 8.17 -11.27 -17.81
CA TYR B 702 8.21 -12.24 -16.72
C TYR B 702 9.34 -13.24 -16.93
N ILE B 703 9.68 -13.53 -18.18
CA ILE B 703 10.79 -14.43 -18.46
C ILE B 703 12.11 -13.75 -18.16
N GLU B 704 12.17 -12.43 -18.33
CA GLU B 704 13.42 -11.70 -18.14
C GLU B 704 13.74 -11.51 -16.66
N GLN B 705 12.73 -11.37 -15.81
CA GLN B 705 12.93 -11.27 -14.36
C GLN B 705 12.73 -12.60 -13.65
N ARG B 706 13.01 -13.70 -14.33
CA ARG B 706 12.96 -15.03 -13.73
C ARG B 706 14.38 -15.57 -13.75
N LYS B 707 14.66 -16.57 -12.92
CA LYS B 707 15.88 -17.35 -13.11
C LYS B 707 15.79 -18.07 -14.45
N PRO B 708 16.89 -18.20 -15.20
CA PRO B 708 18.24 -17.70 -14.89
C PRO B 708 18.51 -16.33 -15.48
N CYS B 709 17.46 -15.58 -15.86
CA CYS B 709 17.52 -14.31 -16.57
C CYS B 709 18.51 -14.33 -17.74
N ASP B 710 18.18 -15.17 -18.73
CA ASP B 710 19.06 -15.52 -19.83
C ASP B 710 18.60 -14.91 -21.16
N THR B 711 17.46 -14.23 -21.18
CA THR B 711 16.89 -13.69 -22.40
C THR B 711 16.46 -12.25 -22.17
N MET B 712 16.33 -11.50 -23.26
CA MET B 712 16.04 -10.08 -23.18
C MET B 712 15.12 -9.64 -24.31
N LYS B 713 14.43 -8.53 -24.09
CA LYS B 713 13.64 -7.91 -25.15
C LYS B 713 14.55 -7.21 -26.15
N VAL B 714 14.14 -7.20 -27.41
CA VAL B 714 14.81 -6.42 -28.43
C VAL B 714 13.81 -5.50 -29.10
N GLY B 715 14.29 -4.30 -29.43
CA GLY B 715 13.46 -3.32 -30.10
C GLY B 715 12.32 -2.84 -29.22
N GLY B 716 11.11 -2.95 -29.76
CA GLY B 716 9.92 -2.55 -29.03
C GLY B 716 8.72 -3.29 -29.55
N ASN B 717 7.55 -2.84 -29.11
CA ASN B 717 6.31 -3.50 -29.48
C ASN B 717 5.99 -3.27 -30.95
N LEU B 718 5.55 -4.33 -31.61
CA LEU B 718 5.27 -4.25 -33.04
C LEU B 718 3.92 -3.58 -33.30
N ASP B 719 2.98 -3.71 -32.37
CA ASP B 719 1.59 -3.35 -32.60
C ASP B 719 0.82 -3.26 -31.29
N SER B 720 -0.33 -2.60 -31.33
CA SER B 720 -1.23 -2.55 -30.19
C SER B 720 -2.20 -3.72 -30.18
N LYS B 721 -2.33 -4.38 -29.03
CA LYS B 721 -3.28 -5.46 -28.81
C LYS B 721 -3.96 -5.27 -27.46
N GLY B 722 -4.80 -6.23 -27.09
CA GLY B 722 -5.55 -6.15 -25.85
C GLY B 722 -5.77 -7.48 -25.15
N TYR B 723 -5.75 -7.48 -23.82
CA TYR B 723 -6.16 -8.63 -23.02
C TYR B 723 -7.54 -8.35 -22.45
N GLY B 724 -8.50 -9.23 -22.75
CA GLY B 724 -9.85 -9.04 -22.30
C GLY B 724 -10.48 -10.34 -21.87
N ILE B 725 -11.56 -10.22 -21.10
CA ILE B 725 -12.28 -11.40 -20.64
C ILE B 725 -13.19 -11.89 -21.75
N ALA B 726 -13.00 -13.15 -22.13
CA ALA B 726 -13.74 -13.78 -23.21
C ALA B 726 -15.10 -14.24 -22.71
N THR B 727 -16.17 -13.65 -23.23
CA THR B 727 -17.51 -14.08 -22.93
C THR B 727 -18.14 -14.69 -24.17
N PRO B 728 -18.83 -15.83 -24.05
CA PRO B 728 -19.47 -16.44 -25.23
C PRO B 728 -20.57 -15.56 -25.80
N LYS B 729 -20.86 -15.75 -27.08
CA LYS B 729 -21.83 -14.89 -27.75
C LYS B 729 -23.24 -15.15 -27.23
N GLY B 730 -23.78 -14.15 -26.53
CA GLY B 730 -25.02 -14.31 -25.80
C GLY B 730 -24.85 -14.73 -24.36
N SER B 731 -23.71 -14.46 -23.74
CA SER B 731 -23.50 -14.82 -22.36
C SER B 731 -24.31 -13.92 -21.43
N SER B 732 -24.88 -14.52 -20.38
CA SER B 732 -25.50 -13.74 -19.32
C SER B 732 -24.45 -12.91 -18.59
N LEU B 733 -23.23 -13.43 -18.48
CA LEU B 733 -22.11 -12.68 -17.91
C LEU B 733 -21.38 -11.88 -18.97
N GLY B 734 -22.10 -11.12 -19.78
CA GLY B 734 -21.48 -10.19 -20.71
C GLY B 734 -21.51 -8.79 -20.15
N THR B 735 -22.66 -8.44 -19.55
CA THR B 735 -22.80 -7.17 -18.86
C THR B 735 -22.18 -7.13 -17.45
N PRO B 736 -22.39 -8.11 -16.54
CA PRO B 736 -21.81 -7.93 -15.19
C PRO B 736 -20.30 -8.03 -15.14
N VAL B 737 -19.70 -8.85 -16.00
CA VAL B 737 -18.24 -8.92 -16.09
C VAL B 737 -17.68 -7.61 -16.59
N ASN B 738 -18.34 -7.00 -17.59
CA ASN B 738 -17.88 -5.71 -18.11
C ASN B 738 -18.03 -4.61 -17.07
N LEU B 739 -19.04 -4.70 -16.20
CA LEU B 739 -19.13 -3.74 -15.10
C LEU B 739 -18.09 -4.06 -14.02
N ALA B 740 -17.71 -5.33 -13.91
CA ALA B 740 -16.65 -5.70 -12.97
C ALA B 740 -15.28 -5.24 -13.48
N VAL B 741 -15.13 -5.17 -14.81
CA VAL B 741 -13.91 -4.60 -15.40
C VAL B 741 -13.74 -3.15 -14.99
N LEU B 742 -14.83 -2.39 -15.01
CA LEU B 742 -14.76 -0.96 -14.72
C LEU B 742 -14.47 -0.72 -13.24
N LYS B 743 -15.09 -1.53 -12.36
CA LYS B 743 -15.00 -1.28 -10.92
C LYS B 743 -13.61 -1.62 -10.39
N LEU B 744 -12.97 -2.64 -10.94
CA LEU B 744 -11.59 -2.93 -10.57
C LEU B 744 -10.64 -1.86 -11.10
N SER B 745 -10.96 -1.29 -12.26
CA SER B 745 -10.11 -0.25 -12.83
C SER B 745 -10.27 1.08 -12.08
N GLU B 746 -11.51 1.40 -11.67
CA GLU B 746 -11.77 2.67 -10.99
C GLU B 746 -11.12 2.70 -9.61
N GLN B 747 -10.96 1.55 -8.99
CA GLN B 747 -10.22 1.46 -7.74
C GLN B 747 -8.73 1.26 -7.98
N GLY B 748 -8.32 1.12 -9.24
CA GLY B 748 -6.93 0.84 -9.57
C GLY B 748 -6.51 -0.56 -9.17
N VAL B 749 -7.50 -1.45 -9.00
CA VAL B 749 -7.21 -2.76 -8.42
C VAL B 749 -6.61 -3.67 -9.49
N LEU B 750 -6.90 -3.40 -10.77
CA LEU B 750 -6.17 -4.04 -11.85
C LEU B 750 -4.69 -3.68 -11.78
N ASP B 751 -4.40 -2.41 -11.49
CA ASP B 751 -3.01 -1.96 -11.47
C ASP B 751 -2.30 -2.42 -10.19
N LYS B 752 -3.03 -2.46 -9.06
CA LYS B 752 -2.38 -2.87 -7.82
C LYS B 752 -2.14 -4.37 -7.76
N LEU B 753 -2.75 -5.13 -8.66
CA LEU B 753 -2.35 -6.52 -8.83
C LEU B 753 -1.11 -6.62 -9.70
N LYS B 754 -1.04 -5.79 -10.74
CA LYS B 754 0.05 -5.88 -11.70
C LYS B 754 1.36 -5.45 -11.07
N ASN B 755 1.35 -4.38 -10.27
CA ASN B 755 2.60 -3.94 -9.67
C ASN B 755 3.04 -4.91 -8.58
N LYS B 756 2.10 -5.62 -7.97
CA LYS B 756 2.48 -6.50 -6.89
C LYS B 756 3.10 -7.79 -7.44
N TRP B 757 2.47 -8.43 -8.42
CA TRP B 757 2.90 -9.78 -8.79
C TRP B 757 4.16 -9.78 -9.66
N TRP B 758 4.33 -8.77 -10.50
CA TRP B 758 5.53 -8.73 -11.35
C TRP B 758 6.77 -8.33 -10.55
N TYR B 759 6.59 -7.59 -9.46
CA TYR B 759 7.75 -6.96 -8.85
C TYR B 759 8.21 -7.66 -7.57
N ASP B 760 7.31 -8.37 -6.87
CA ASP B 760 7.80 -9.23 -5.81
C ASP B 760 8.49 -10.47 -6.37
N LYS B 761 8.12 -10.88 -7.58
CA LYS B 761 8.79 -11.96 -8.29
C LYS B 761 10.04 -11.47 -9.02
N GLY B 762 10.15 -10.17 -9.28
CA GLY B 762 11.32 -9.63 -9.97
C GLY B 762 12.57 -9.62 -9.12
N GLU B 763 13.10 -10.81 -8.82
CA GLU B 763 14.25 -10.92 -7.94
C GLU B 763 15.57 -10.84 -8.71
N CYS B 764 15.61 -11.38 -9.92
CA CYS B 764 16.67 -11.02 -10.86
C CYS B 764 16.25 -9.73 -11.57
N GLY B 765 16.33 -8.63 -10.83
CA GLY B 765 16.19 -7.32 -11.44
C GLY B 765 17.42 -7.04 -12.25
N ALA B 766 17.25 -6.60 -13.51
CA ALA B 766 18.27 -6.45 -14.58
C ALA B 766 19.52 -5.73 -14.07
N LYS B 767 19.41 -4.85 -13.08
CA LYS B 767 20.50 -4.26 -12.31
C LYS B 767 21.57 -5.25 -11.82
N ASP B 768 21.18 -6.49 -11.49
CA ASP B 768 22.11 -7.39 -10.83
C ASP B 768 23.16 -7.95 -11.79
N SER B 769 22.76 -8.22 -13.04
CA SER B 769 23.72 -8.66 -14.04
C SER B 769 24.52 -7.49 -14.57
N GLY B 770 23.93 -6.29 -14.54
CA GLY B 770 24.67 -5.10 -14.93
C GLY B 770 25.71 -4.68 -13.90
N SER B 771 25.38 -4.82 -12.61
CA SER B 771 26.31 -4.43 -11.57
C SER B 771 27.41 -5.46 -11.38
N LYS B 772 27.16 -6.72 -11.76
CA LYS B 772 28.14 -7.79 -11.60
C LYS B 772 29.11 -7.77 -12.80
N GLU B 773 30.13 -6.94 -12.68
CA GLU B 773 31.23 -6.98 -13.62
C GLU B 773 32.43 -7.65 -12.97
N LYS B 774 33.28 -8.27 -13.80
CA LYS B 774 34.30 -9.17 -13.33
C LYS B 774 35.69 -8.61 -13.64
N THR B 775 36.66 -9.15 -12.92
CA THR B 775 38.07 -8.80 -13.11
C THR B 775 38.71 -9.86 -13.99
N SER B 776 38.64 -9.67 -15.30
CA SER B 776 39.04 -10.69 -16.25
C SER B 776 40.36 -10.31 -16.89
N ALA B 777 41.32 -11.24 -16.85
CA ALA B 777 42.55 -11.06 -17.59
C ALA B 777 42.30 -11.27 -19.07
N LEU B 778 43.19 -10.71 -19.90
CA LEU B 778 43.14 -11.01 -21.31
C LEU B 778 43.50 -12.46 -21.55
N SER B 779 42.68 -13.15 -22.32
CA SER B 779 43.01 -14.47 -22.81
C SER B 779 43.83 -14.32 -24.08
N LEU B 780 44.27 -15.46 -24.62
CA LEU B 780 45.09 -15.43 -25.82
C LEU B 780 44.24 -15.11 -27.05
N SER B 781 42.92 -15.31 -26.94
CA SER B 781 42.02 -15.02 -28.05
C SER B 781 41.86 -13.53 -28.28
N ASN B 782 42.15 -12.71 -27.26
CA ASN B 782 41.90 -11.28 -27.38
C ASN B 782 42.94 -10.61 -28.26
N VAL B 783 44.19 -11.05 -28.17
CA VAL B 783 45.26 -10.47 -28.98
C VAL B 783 45.73 -11.49 -30.01
N ALA B 784 44.80 -12.36 -30.43
CA ALA B 784 45.15 -13.57 -31.17
C ALA B 784 45.74 -13.27 -32.54
N GLY B 785 45.22 -12.26 -33.22
CA GLY B 785 45.67 -12.00 -34.58
C GLY B 785 47.04 -11.35 -34.64
N VAL B 786 47.49 -10.80 -33.51
CA VAL B 786 48.78 -10.10 -33.49
C VAL B 786 49.92 -11.10 -33.65
N PHE B 787 49.78 -12.29 -33.06
CA PHE B 787 50.75 -13.36 -33.30
C PHE B 787 50.68 -13.85 -34.73
N TYR B 788 49.49 -13.78 -35.33
CA TYR B 788 49.33 -14.25 -36.70
C TYR B 788 50.03 -13.32 -37.67
N ILE B 789 49.88 -12.01 -37.48
CA ILE B 789 50.54 -11.07 -38.36
C ILE B 789 52.00 -10.91 -37.97
N LEU B 790 52.39 -11.41 -36.80
CA LEU B 790 53.81 -11.51 -36.49
C LEU B 790 54.48 -12.56 -37.36
N VAL B 791 53.94 -13.76 -37.38
CA VAL B 791 54.53 -14.85 -38.15
C VAL B 791 54.39 -14.56 -39.65
N GLY B 792 53.29 -13.94 -40.05
CA GLY B 792 53.14 -13.52 -41.44
C GLY B 792 54.15 -12.46 -41.83
N GLY B 793 54.52 -11.60 -40.88
CA GLY B 793 55.61 -10.67 -41.13
C GLY B 793 56.96 -11.34 -41.10
N LEU B 794 57.07 -12.47 -40.40
CA LEU B 794 58.33 -13.21 -40.38
C LEU B 794 58.59 -13.89 -41.71
N GLY B 795 57.59 -14.63 -42.21
CA GLY B 795 57.78 -15.36 -43.45
C GLY B 795 57.92 -14.46 -44.66
N LEU B 796 57.32 -13.26 -44.59
CA LEU B 796 57.53 -12.26 -45.64
C LEU B 796 58.97 -11.81 -45.68
N ALA B 797 59.59 -11.63 -44.52
CA ALA B 797 61.01 -11.31 -44.47
C ALA B 797 61.85 -12.49 -44.91
N MET B 798 61.36 -13.71 -44.66
CA MET B 798 62.02 -14.91 -45.20
C MET B 798 61.88 -14.95 -46.71
N LEU B 799 60.78 -14.41 -47.24
CA LEU B 799 60.59 -14.34 -48.69
C LEU B 799 61.51 -13.30 -49.30
N VAL B 800 61.73 -12.18 -48.60
CA VAL B 800 62.56 -11.12 -49.17
C VAL B 800 64.03 -11.46 -49.05
N ALA B 801 64.43 -12.11 -47.95
CA ALA B 801 65.83 -12.45 -47.74
C ALA B 801 66.31 -13.50 -48.74
N LEU B 802 65.38 -14.30 -49.27
CA LEU B 802 65.71 -15.19 -50.37
C LEU B 802 65.92 -14.41 -51.66
N ILE B 803 64.97 -13.52 -52.00
CA ILE B 803 64.94 -12.94 -53.34
C ILE B 803 65.85 -11.72 -53.45
N GLU B 804 66.47 -11.30 -52.35
CA GLU B 804 67.48 -10.27 -52.45
C GLU B 804 68.87 -10.87 -52.69
N PHE B 805 69.12 -12.06 -52.14
CA PHE B 805 70.40 -12.72 -52.39
C PHE B 805 70.45 -13.31 -53.80
N CYS B 806 69.30 -13.69 -54.34
CA CYS B 806 69.26 -14.29 -55.67
C CYS B 806 69.55 -13.27 -56.76
N TYR B 807 69.08 -12.03 -56.58
CA TYR B 807 69.26 -11.02 -57.61
C TYR B 807 70.69 -10.51 -57.65
N LYS B 808 71.32 -10.37 -56.48
CA LYS B 808 72.71 -9.93 -56.44
C LYS B 808 73.64 -11.04 -56.94
N SER B 809 73.22 -12.30 -56.79
CA SER B 809 74.02 -13.40 -57.31
C SER B 809 73.87 -13.52 -58.82
N ARG B 810 72.76 -13.02 -59.37
CA ARG B 810 72.64 -12.92 -60.82
C ARG B 810 73.43 -11.75 -61.37
N ALA B 811 73.35 -10.59 -60.71
CA ALA B 811 74.08 -9.42 -61.13
C ALA B 811 75.45 -9.35 -60.44
N ASN C 1 -86.06 22.92 -24.30
CA ASN C 1 -85.83 23.24 -22.90
C ASN C 1 -84.70 24.27 -22.80
N SER C 2 -84.99 25.38 -22.13
CA SER C 2 -84.03 26.47 -21.95
C SER C 2 -83.32 26.32 -20.61
N ILE C 3 -82.38 25.37 -20.57
CA ILE C 3 -81.71 25.04 -19.33
C ILE C 3 -80.71 26.14 -18.96
N GLN C 4 -80.43 26.24 -17.67
CA GLN C 4 -79.64 27.33 -17.10
C GLN C 4 -78.33 26.76 -16.54
N ILE C 5 -77.21 27.41 -16.86
CA ILE C 5 -75.92 27.10 -16.26
C ILE C 5 -75.32 28.40 -15.75
N GLY C 6 -74.45 28.28 -14.74
CA GLY C 6 -73.81 29.45 -14.19
C GLY C 6 -72.44 29.67 -14.79
N GLY C 7 -71.94 30.89 -14.66
CA GLY C 7 -70.62 31.21 -15.16
C GLY C 7 -69.74 31.88 -14.13
N LEU C 8 -68.60 31.27 -13.83
CA LEU C 8 -67.62 31.85 -12.91
C LEU C 8 -66.38 32.17 -13.72
N PHE C 9 -66.39 33.33 -14.39
CA PHE C 9 -65.28 33.69 -15.23
C PHE C 9 -64.43 34.75 -14.55
N PRO C 10 -63.12 34.56 -14.52
CA PRO C 10 -62.24 35.55 -13.90
C PRO C 10 -62.21 36.84 -14.70
N ARG C 11 -62.06 37.95 -13.99
CA ARG C 11 -62.00 39.25 -14.63
C ARG C 11 -60.73 39.38 -15.45
N GLY C 12 -60.89 39.55 -16.76
CA GLY C 12 -59.79 39.57 -17.69
C GLY C 12 -59.74 38.41 -18.66
N ALA C 13 -60.70 37.50 -18.60
CA ALA C 13 -60.77 36.37 -19.52
C ALA C 13 -61.60 36.70 -20.74
N ASP C 14 -61.21 37.77 -21.44
CA ASP C 14 -62.00 38.28 -22.55
C ASP C 14 -61.96 37.34 -23.75
N GLN C 15 -60.84 36.65 -23.94
CA GLN C 15 -60.80 35.64 -25.00
C GLN C 15 -61.57 34.40 -24.59
N GLU C 16 -61.53 34.04 -23.30
CA GLU C 16 -62.28 32.88 -22.85
C GLU C 16 -63.78 33.14 -22.85
N TYR C 17 -64.19 34.35 -22.49
CA TYR C 17 -65.62 34.67 -22.52
C TYR C 17 -66.11 34.79 -23.95
N SER C 18 -65.24 35.19 -24.87
CA SER C 18 -65.62 35.27 -26.27
C SER C 18 -65.83 33.89 -26.86
N ALA C 19 -64.89 32.97 -26.63
CA ALA C 19 -65.02 31.64 -27.17
C ALA C 19 -66.10 30.84 -26.45
N PHE C 20 -66.51 31.30 -25.27
CA PHE C 20 -67.71 30.76 -24.65
C PHE C 20 -68.95 31.08 -25.48
N ARG C 21 -69.03 32.30 -25.99
CA ARG C 21 -70.22 32.71 -26.72
C ARG C 21 -70.25 32.15 -28.13
N VAL C 22 -69.07 31.83 -28.69
CA VAL C 22 -69.02 31.29 -30.05
C VAL C 22 -69.64 29.90 -30.09
N GLY C 23 -69.39 29.10 -29.05
CA GLY C 23 -70.09 27.84 -28.93
C GLY C 23 -71.58 28.02 -28.70
N MET C 24 -71.96 29.11 -28.04
CA MET C 24 -73.37 29.44 -27.88
C MET C 24 -73.99 29.81 -29.22
N VAL C 25 -73.19 30.38 -30.13
CA VAL C 25 -73.68 30.65 -31.47
C VAL C 25 -73.77 29.37 -32.28
N GLN C 26 -72.68 28.60 -32.35
CA GLN C 26 -72.62 27.50 -33.29
C GLN C 26 -73.37 26.26 -32.81
N PHE C 27 -73.54 26.08 -31.50
CA PHE C 27 -74.22 24.89 -31.02
C PHE C 27 -75.61 25.25 -30.53
N SER C 28 -76.31 26.12 -31.25
CA SER C 28 -77.65 26.57 -30.89
C SER C 28 -78.69 25.68 -31.57
N THR C 29 -79.37 24.86 -30.77
CA THR C 29 -80.55 24.12 -31.20
C THR C 29 -81.73 24.52 -30.32
N SER C 30 -82.94 24.39 -30.83
CA SER C 30 -84.09 24.99 -30.18
C SER C 30 -84.58 24.14 -29.00
N GLU C 31 -84.49 22.81 -29.12
CA GLU C 31 -84.90 21.96 -28.01
C GLU C 31 -83.90 22.05 -26.86
N PHE C 32 -82.61 22.10 -27.17
CA PHE C 32 -81.57 22.25 -26.16
C PHE C 32 -80.73 23.48 -26.52
N ARG C 33 -81.18 24.64 -26.05
CA ARG C 33 -80.35 25.84 -26.03
C ARG C 33 -79.88 26.05 -24.60
N LEU C 34 -78.58 26.25 -24.44
CA LEU C 34 -78.06 26.60 -23.13
C LEU C 34 -78.37 28.05 -22.85
N THR C 35 -78.40 28.43 -21.57
CA THR C 35 -78.57 29.82 -21.23
C THR C 35 -77.57 30.18 -20.13
N PRO C 36 -76.70 31.15 -20.37
CA PRO C 36 -75.69 31.49 -19.36
C PRO C 36 -76.12 32.55 -18.37
N HIS C 37 -75.89 32.30 -17.09
CA HIS C 37 -75.89 33.35 -16.08
C HIS C 37 -74.45 33.56 -15.66
N ILE C 38 -73.90 34.72 -15.99
CA ILE C 38 -72.47 34.96 -15.97
C ILE C 38 -72.15 35.92 -14.84
N ASP C 39 -71.13 35.59 -14.05
CA ASP C 39 -70.68 36.44 -12.97
C ASP C 39 -69.16 36.56 -13.04
N ASN C 40 -68.68 37.80 -13.15
CA ASN C 40 -67.26 38.08 -13.15
C ASN C 40 -66.79 38.32 -11.73
N LEU C 41 -65.60 37.86 -11.41
CA LEU C 41 -65.09 37.86 -10.05
C LEU C 41 -63.59 37.65 -10.07
N GLU C 42 -62.93 38.13 -9.03
CA GLU C 42 -61.58 37.64 -8.76
C GLU C 42 -61.69 36.20 -8.30
N VAL C 43 -60.66 35.40 -8.56
CA VAL C 43 -60.77 33.97 -8.32
C VAL C 43 -59.87 33.56 -7.16
N ALA C 44 -58.99 34.45 -6.71
CA ALA C 44 -58.23 34.18 -5.49
C ALA C 44 -59.09 34.38 -4.26
N ASN C 45 -60.05 35.30 -4.32
CA ASN C 45 -61.00 35.53 -3.23
C ASN C 45 -61.94 34.33 -3.09
N SER C 46 -61.67 33.47 -2.12
CA SER C 46 -62.51 32.29 -1.94
C SER C 46 -63.87 32.66 -1.38
N PHE C 47 -63.97 33.81 -0.72
CA PHE C 47 -65.28 34.32 -0.32
C PHE C 47 -66.12 34.68 -1.53
N ALA C 48 -65.48 35.24 -2.56
CA ALA C 48 -66.19 35.57 -3.79
C ALA C 48 -66.62 34.30 -4.52
N VAL C 49 -65.76 33.29 -4.50
CA VAL C 49 -66.06 32.02 -5.16
C VAL C 49 -67.20 31.30 -4.45
N THR C 50 -67.27 31.46 -3.13
CA THR C 50 -68.39 30.91 -2.38
C THR C 50 -69.67 31.68 -2.69
N ASN C 51 -69.59 33.01 -2.76
CA ASN C 51 -70.78 33.84 -2.95
C ASN C 51 -71.38 33.66 -4.33
N ALA C 52 -70.53 33.53 -5.34
CA ALA C 52 -71.05 33.25 -6.68
C ALA C 52 -71.64 31.86 -6.75
N PHE C 53 -71.13 30.95 -5.93
CA PHE C 53 -71.64 29.59 -5.97
C PHE C 53 -73.02 29.50 -5.34
N CYS C 54 -73.19 30.11 -4.18
CA CYS C 54 -74.47 30.03 -3.48
C CYS C 54 -75.55 30.86 -4.17
N SER C 55 -75.18 32.01 -4.73
CA SER C 55 -76.15 32.83 -5.44
C SER C 55 -76.66 32.12 -6.69
N GLN C 56 -75.77 31.39 -7.37
CA GLN C 56 -76.21 30.63 -8.53
C GLN C 56 -76.94 29.37 -8.12
N PHE C 57 -76.64 28.84 -6.94
CA PHE C 57 -77.40 27.70 -6.45
C PHE C 57 -78.80 28.11 -6.03
N SER C 58 -78.99 29.40 -5.74
CA SER C 58 -80.32 29.93 -5.53
C SER C 58 -81.09 30.08 -6.84
N ARG C 59 -80.38 30.34 -7.95
CA ARG C 59 -81.06 30.62 -9.20
C ARG C 59 -81.54 29.37 -9.92
N GLY C 60 -81.30 28.18 -9.36
CA GLY C 60 -81.74 26.97 -10.00
C GLY C 60 -80.94 26.61 -11.24
N VAL C 61 -79.66 26.27 -11.05
CA VAL C 61 -78.75 25.94 -12.13
C VAL C 61 -78.65 24.44 -12.26
N TYR C 62 -78.36 23.96 -13.47
CA TYR C 62 -78.22 22.53 -13.69
C TYR C 62 -76.77 22.09 -13.58
N ALA C 63 -75.85 22.93 -14.05
CA ALA C 63 -74.42 22.67 -13.87
C ALA C 63 -73.72 24.01 -13.80
N ILE C 64 -72.50 23.99 -13.28
CA ILE C 64 -71.71 25.20 -13.08
C ILE C 64 -70.43 25.08 -13.90
N PHE C 65 -70.24 26.02 -14.82
CA PHE C 65 -69.04 26.14 -15.62
C PHE C 65 -68.26 27.36 -15.15
N GLY C 66 -67.01 27.17 -14.78
CA GLY C 66 -66.21 28.26 -14.25
C GLY C 66 -64.76 27.86 -14.15
N PHE C 67 -63.94 28.80 -13.67
CA PHE C 67 -62.52 28.55 -13.50
C PHE C 67 -62.22 28.53 -12.01
N TYR C 68 -61.02 28.10 -11.64
CA TYR C 68 -60.52 28.22 -10.28
C TYR C 68 -59.01 28.16 -10.29
N ASP C 69 -58.39 28.97 -9.44
CA ASP C 69 -56.95 29.06 -9.34
C ASP C 69 -56.47 28.11 -8.24
N LYS C 70 -55.19 28.21 -7.85
CA LYS C 70 -54.68 27.36 -6.78
C LYS C 70 -55.28 27.73 -5.43
N LYS C 71 -55.69 28.99 -5.26
CA LYS C 71 -56.21 29.44 -3.97
C LYS C 71 -57.55 28.78 -3.65
N SER C 72 -58.48 28.78 -4.60
CA SER C 72 -59.81 28.28 -4.28
C SER C 72 -60.10 26.98 -4.99
N VAL C 73 -59.10 26.10 -5.09
CA VAL C 73 -59.29 24.78 -5.68
C VAL C 73 -60.17 23.90 -4.80
N ASN C 74 -60.07 24.06 -3.48
CA ASN C 74 -60.75 23.12 -2.60
C ASN C 74 -62.19 23.52 -2.34
N THR C 75 -62.50 24.81 -2.51
CA THR C 75 -63.82 25.31 -2.16
C THR C 75 -64.87 24.78 -3.13
N ILE C 76 -64.50 24.59 -4.38
CA ILE C 76 -65.44 24.05 -5.35
C ILE C 76 -65.54 22.55 -5.22
N THR C 77 -64.40 21.87 -4.99
CA THR C 77 -64.41 20.43 -4.89
C THR C 77 -65.06 19.95 -3.60
N SER C 78 -65.08 20.79 -2.58
CA SER C 78 -65.82 20.44 -1.37
C SER C 78 -67.32 20.66 -1.57
N PHE C 79 -67.70 21.80 -2.16
CA PHE C 79 -69.10 22.13 -2.35
C PHE C 79 -69.77 21.18 -3.33
N CYS C 80 -69.14 20.95 -4.48
CA CYS C 80 -69.76 20.13 -5.52
C CYS C 80 -69.75 18.65 -5.13
N GLY C 81 -68.90 18.29 -4.17
CA GLY C 81 -68.97 16.93 -3.64
C GLY C 81 -70.18 16.72 -2.76
N THR C 82 -70.47 17.67 -1.88
CA THR C 82 -71.58 17.50 -0.95
C THR C 82 -72.91 17.84 -1.63
N LEU C 83 -72.94 18.88 -2.44
CA LEU C 83 -74.20 19.39 -2.97
C LEU C 83 -74.60 18.77 -4.29
N HIS C 84 -73.73 17.94 -4.87
CA HIS C 84 -74.04 17.06 -6.00
C HIS C 84 -74.42 17.83 -7.28
N VAL C 85 -73.92 19.05 -7.41
CA VAL C 85 -74.00 19.78 -8.68
C VAL C 85 -72.67 19.58 -9.38
N SER C 86 -72.72 19.41 -10.70
CA SER C 86 -71.51 19.00 -11.41
C SER C 86 -70.79 20.22 -11.97
N PHE C 87 -69.47 20.12 -11.99
CA PHE C 87 -68.59 21.25 -12.27
C PHE C 87 -67.62 20.86 -13.36
N ILE C 88 -67.79 21.45 -14.54
CA ILE C 88 -66.91 21.20 -15.68
C ILE C 88 -66.01 22.41 -15.85
N THR C 89 -64.70 22.19 -15.99
CA THR C 89 -63.77 23.29 -15.85
C THR C 89 -62.55 23.15 -16.75
N PRO C 90 -62.07 24.26 -17.30
CA PRO C 90 -60.77 24.27 -17.99
C PRO C 90 -59.58 24.55 -17.08
N SER C 91 -59.72 24.47 -15.77
CA SER C 91 -58.62 24.80 -14.89
C SER C 91 -57.63 23.64 -14.82
N PHE C 92 -56.68 23.74 -13.89
CA PHE C 92 -55.69 22.69 -13.77
C PHE C 92 -56.29 21.50 -13.03
N PRO C 93 -55.85 20.28 -13.31
CA PRO C 93 -56.52 19.11 -12.72
C PRO C 93 -56.12 18.96 -11.26
N THR C 94 -57.09 18.62 -10.44
CA THR C 94 -56.82 18.44 -9.02
C THR C 94 -56.06 17.14 -8.80
N ASP C 95 -55.09 17.19 -7.91
CA ASP C 95 -54.36 15.99 -7.50
C ASP C 95 -55.30 14.98 -6.84
N GLY C 96 -55.16 13.72 -7.24
CA GLY C 96 -56.00 12.68 -6.71
C GLY C 96 -57.43 12.75 -7.21
N THR C 97 -58.24 11.82 -6.74
CA THR C 97 -59.64 11.76 -7.14
C THR C 97 -60.45 12.83 -6.44
N HIS C 98 -61.53 13.26 -7.08
CA HIS C 98 -62.50 14.17 -6.52
C HIS C 98 -63.85 13.88 -7.14
N PRO C 99 -64.91 13.84 -6.33
CA PRO C 99 -66.23 13.50 -6.85
C PRO C 99 -66.86 14.67 -7.58
N PHE C 100 -67.65 14.34 -8.61
CA PHE C 100 -68.62 15.25 -9.23
C PHE C 100 -67.97 16.44 -9.94
N VAL C 101 -66.67 16.38 -10.18
CA VAL C 101 -65.95 17.45 -10.86
C VAL C 101 -65.28 16.86 -12.08
N ILE C 102 -65.45 17.52 -13.22
CA ILE C 102 -64.96 17.02 -14.50
C ILE C 102 -63.95 18.02 -15.04
N GLN C 103 -62.70 17.62 -15.12
CA GLN C 103 -61.63 18.49 -15.58
C GLN C 103 -61.52 18.35 -17.09
N MET C 104 -61.65 19.46 -17.80
CA MET C 104 -61.55 19.39 -19.25
C MET C 104 -60.11 19.33 -19.71
N ARG C 105 -59.23 20.11 -19.08
CA ARG C 105 -57.82 20.09 -19.39
C ARG C 105 -57.21 18.74 -19.04
N PRO C 106 -56.45 18.12 -19.93
CA PRO C 106 -55.88 16.82 -19.61
C PRO C 106 -54.69 16.95 -18.70
N ASP C 107 -54.22 15.81 -18.23
CA ASP C 107 -53.01 15.79 -17.43
C ASP C 107 -51.80 16.05 -18.31
N LEU C 108 -50.69 16.36 -17.65
CA LEU C 108 -49.49 16.78 -18.33
C LEU C 108 -48.25 16.06 -17.81
N LYS C 109 -48.28 15.55 -16.59
CA LYS C 109 -47.09 15.02 -15.94
C LYS C 109 -46.61 13.75 -16.60
N GLY C 110 -47.52 13.02 -17.23
CA GLY C 110 -47.11 11.86 -18.01
C GLY C 110 -46.25 12.23 -19.20
N ALA C 111 -46.65 13.26 -19.94
CA ALA C 111 -45.91 13.64 -21.14
C ALA C 111 -44.59 14.31 -20.79
N LEU C 112 -44.54 15.01 -19.67
CA LEU C 112 -43.29 15.68 -19.32
C LEU C 112 -42.29 14.66 -18.79
N LEU C 113 -42.77 13.53 -18.28
CA LEU C 113 -41.85 12.46 -17.89
C LEU C 113 -41.46 11.60 -19.07
N SER C 114 -42.27 11.62 -20.15
CA SER C 114 -41.89 10.88 -21.34
C SER C 114 -40.94 11.70 -22.20
N LEU C 115 -41.05 13.02 -22.15
CA LEU C 115 -40.22 13.88 -22.98
C LEU C 115 -38.78 13.90 -22.49
N ILE C 116 -38.58 13.99 -21.18
CA ILE C 116 -37.23 14.07 -20.62
C ILE C 116 -36.48 12.77 -20.86
N GLU C 117 -37.19 11.64 -20.78
CA GLU C 117 -36.58 10.35 -21.09
C GLU C 117 -36.21 10.25 -22.56
N TYR C 118 -36.95 10.95 -23.42
CA TYR C 118 -36.66 10.95 -24.85
C TYR C 118 -35.44 11.81 -25.18
N TYR C 119 -35.17 12.84 -24.40
CA TYR C 119 -33.99 13.66 -24.64
C TYR C 119 -32.77 13.19 -23.88
N GLN C 120 -32.89 12.09 -23.12
CA GLN C 120 -31.80 11.47 -22.36
C GLN C 120 -31.18 12.43 -21.34
N TRP C 121 -31.98 13.26 -20.69
CA TRP C 121 -31.43 14.19 -19.72
C TRP C 121 -31.28 13.53 -18.37
N ASP C 122 -30.33 14.05 -17.58
CA ASP C 122 -30.31 13.77 -16.16
C ASP C 122 -29.98 14.96 -15.29
N LYS C 123 -29.56 16.09 -15.87
CA LYS C 123 -29.15 17.27 -15.09
C LYS C 123 -29.89 18.48 -15.64
N PHE C 124 -31.03 18.79 -15.06
CA PHE C 124 -31.84 19.89 -15.56
C PHE C 124 -32.47 20.66 -14.42
N ALA C 125 -32.42 21.97 -14.51
CA ALA C 125 -33.13 22.82 -13.57
C ALA C 125 -34.62 22.80 -13.87
N TYR C 126 -35.37 23.55 -13.08
CA TYR C 126 -36.83 23.52 -13.14
C TYR C 126 -37.34 24.77 -12.45
N LEU C 127 -38.04 25.62 -13.18
CA LEU C 127 -38.50 26.88 -12.62
C LEU C 127 -40.02 26.89 -12.59
N TYR C 128 -40.59 26.38 -11.52
CA TYR C 128 -42.03 26.21 -11.37
C TYR C 128 -42.67 27.50 -10.92
N ASP C 129 -43.99 27.54 -10.99
CA ASP C 129 -44.79 28.63 -10.44
C ASP C 129 -45.76 28.05 -9.43
N SER C 130 -46.02 28.79 -8.36
CA SER C 130 -46.84 28.27 -7.27
C SER C 130 -48.32 28.23 -7.64
N ASP C 131 -48.76 29.17 -8.47
CA ASP C 131 -50.21 29.40 -8.60
C ASP C 131 -50.84 28.49 -9.64
N ARG C 132 -50.04 27.86 -10.49
CA ARG C 132 -50.59 26.80 -11.32
C ARG C 132 -50.84 25.56 -10.47
N GLY C 133 -50.08 25.42 -9.39
CA GLY C 133 -50.17 24.27 -8.52
C GLY C 133 -48.78 23.85 -8.12
N LEU C 134 -48.67 22.75 -7.38
CA LEU C 134 -47.38 22.15 -7.12
C LEU C 134 -47.37 20.71 -7.61
N SER C 135 -48.33 20.33 -8.45
CA SER C 135 -48.54 18.94 -8.79
C SER C 135 -47.42 18.39 -9.65
N THR C 136 -46.96 19.19 -10.61
CA THR C 136 -45.91 18.73 -11.50
C THR C 136 -44.57 18.65 -10.80
N LEU C 137 -44.35 19.50 -9.80
CA LEU C 137 -43.11 19.44 -9.05
C LEU C 137 -43.06 18.18 -8.19
N GLN C 138 -44.21 17.73 -7.71
CA GLN C 138 -44.27 16.50 -6.92
C GLN C 138 -43.97 15.29 -7.79
N ALA C 139 -44.31 15.37 -9.08
CA ALA C 139 -44.21 14.19 -9.94
C ALA C 139 -42.76 13.92 -10.33
N VAL C 140 -42.00 14.96 -10.64
CA VAL C 140 -40.65 14.72 -11.15
C VAL C 140 -39.69 14.45 -9.99
N LEU C 141 -40.02 14.94 -8.79
CA LEU C 141 -39.16 14.68 -7.65
C LEU C 141 -39.30 13.25 -7.16
N ASP C 142 -40.46 12.63 -7.38
CA ASP C 142 -40.56 11.19 -7.20
C ASP C 142 -39.70 10.46 -8.23
N SER C 143 -39.69 10.95 -9.47
CA SER C 143 -38.85 10.35 -10.49
C SER C 143 -37.40 10.79 -10.35
N ALA C 144 -37.13 11.76 -9.47
CA ALA C 144 -35.75 12.14 -9.18
C ALA C 144 -35.03 11.04 -8.42
N ALA C 145 -35.75 10.29 -7.59
CA ALA C 145 -35.13 9.18 -6.90
C ALA C 145 -34.93 7.98 -7.82
N GLU C 146 -35.82 7.80 -8.79
CA GLU C 146 -35.89 6.55 -9.53
C GLU C 146 -34.86 6.45 -10.64
N LYS C 147 -34.40 7.56 -11.21
CA LYS C 147 -33.52 7.49 -12.37
C LYS C 147 -32.35 8.46 -12.31
N LYS C 148 -31.93 8.88 -11.12
CA LYS C 148 -30.76 9.72 -10.85
C LYS C 148 -30.85 11.08 -11.54
N TRP C 149 -32.02 11.72 -11.52
CA TRP C 149 -32.11 13.08 -12.00
C TRP C 149 -31.72 14.05 -10.89
N GLN C 150 -30.70 14.86 -11.14
CA GLN C 150 -30.28 15.86 -10.16
C GLN C 150 -31.00 17.16 -10.46
N VAL C 151 -32.31 17.15 -10.24
CA VAL C 151 -33.19 18.28 -10.50
C VAL C 151 -32.86 19.40 -9.54
N THR C 152 -32.73 20.61 -10.06
CA THR C 152 -32.49 21.79 -9.25
C THR C 152 -33.71 22.69 -9.38
N ALA C 153 -34.74 22.41 -8.60
CA ALA C 153 -36.03 23.06 -8.75
C ALA C 153 -36.05 24.32 -7.92
N ILE C 154 -36.21 25.46 -8.57
CA ILE C 154 -36.14 26.76 -7.92
C ILE C 154 -37.43 27.49 -8.21
N ASN C 155 -38.06 28.05 -7.16
CA ASN C 155 -39.29 28.80 -7.36
C ASN C 155 -38.99 30.11 -8.07
N VAL C 156 -39.99 30.61 -8.79
CA VAL C 156 -39.89 31.89 -9.46
C VAL C 156 -41.12 32.77 -9.22
N GLY C 157 -42.19 32.21 -8.64
CA GLY C 157 -43.45 32.94 -8.58
C GLY C 157 -43.51 33.96 -7.46
N ASN C 158 -42.70 33.76 -6.42
CA ASN C 158 -42.67 34.73 -5.33
C ASN C 158 -42.03 36.04 -5.76
N ILE C 159 -41.17 35.97 -6.77
CA ILE C 159 -40.57 37.18 -7.31
C ILE C 159 -41.65 37.98 -8.04
N ASN C 160 -41.79 39.24 -7.66
CA ASN C 160 -42.90 40.06 -8.11
C ASN C 160 -42.37 41.37 -8.68
N ASN C 161 -43.29 42.33 -8.88
CA ASN C 161 -42.98 43.57 -9.58
C ASN C 161 -42.11 44.52 -8.75
N ASP C 162 -41.78 44.15 -7.50
CA ASP C 162 -40.86 44.95 -6.70
C ASP C 162 -39.46 44.95 -7.30
N LYS C 163 -38.91 43.76 -7.56
CA LYS C 163 -37.54 43.62 -8.06
C LYS C 163 -37.56 42.64 -9.23
N LYS C 164 -37.62 43.19 -10.45
CA LYS C 164 -37.85 42.37 -11.63
C LYS C 164 -36.57 41.89 -12.29
N ASP C 165 -35.74 42.81 -12.78
CA ASP C 165 -34.64 42.43 -13.65
C ASP C 165 -33.41 42.01 -12.85
N GLU C 166 -33.29 42.50 -11.62
CA GLU C 166 -32.14 42.15 -10.79
C GLU C 166 -32.23 40.71 -10.30
N THR C 167 -33.43 40.27 -9.94
CA THR C 167 -33.56 38.97 -9.32
C THR C 167 -33.49 37.85 -10.35
N TYR C 168 -34.10 38.05 -11.52
CA TYR C 168 -34.14 37.01 -12.55
C TYR C 168 -32.76 36.71 -13.12
N ARG C 169 -31.92 37.74 -13.24
CA ARG C 169 -30.57 37.50 -13.75
C ARG C 169 -29.72 36.80 -12.70
N SER C 170 -30.01 37.05 -11.41
CA SER C 170 -29.32 36.34 -10.34
C SER C 170 -29.77 34.89 -10.29
N LEU C 171 -31.02 34.64 -10.67
CA LEU C 171 -31.52 33.28 -10.77
C LEU C 171 -30.81 32.52 -11.87
N PHE C 172 -30.56 33.17 -13.00
CA PHE C 172 -29.86 32.51 -14.08
C PHE C 172 -28.38 32.36 -13.77
N GLN C 173 -27.83 33.25 -12.94
CA GLN C 173 -26.42 33.15 -12.54
C GLN C 173 -26.19 31.92 -11.70
N ASP C 174 -27.09 31.63 -10.75
CA ASP C 174 -26.92 30.48 -9.88
C ASP C 174 -27.14 29.17 -10.63
N LEU C 175 -27.75 29.24 -11.81
CA LEU C 175 -27.79 28.08 -12.71
C LEU C 175 -26.51 28.00 -13.54
N GLU C 176 -25.98 29.15 -13.95
CA GLU C 176 -24.82 29.15 -14.82
C GLU C 176 -23.54 28.87 -14.05
N LEU C 177 -23.46 29.36 -12.79
CA LEU C 177 -22.28 29.10 -11.97
C LEU C 177 -22.14 27.62 -11.62
N LYS C 178 -23.26 26.91 -11.50
CA LYS C 178 -23.18 25.47 -11.37
C LYS C 178 -23.33 24.75 -12.70
N LYS C 179 -23.38 25.51 -13.80
CA LYS C 179 -23.46 25.01 -15.18
C LYS C 179 -24.70 24.16 -15.42
N GLU C 180 -25.85 24.81 -15.30
CA GLU C 180 -27.13 24.24 -15.70
C GLU C 180 -27.44 24.68 -17.12
N ARG C 181 -27.80 23.72 -17.96
CA ARG C 181 -28.01 23.96 -19.38
C ARG C 181 -29.45 23.79 -19.81
N ARG C 182 -30.24 23.03 -19.08
CA ARG C 182 -31.52 22.53 -19.57
C ARG C 182 -32.62 23.03 -18.65
N VAL C 183 -33.19 24.18 -18.96
CA VAL C 183 -34.03 24.90 -18.03
C VAL C 183 -35.48 24.69 -18.43
N ILE C 184 -36.16 23.76 -17.78
CA ILE C 184 -37.57 23.55 -18.04
C ILE C 184 -38.34 24.57 -17.23
N LEU C 185 -38.60 25.74 -17.80
CA LEU C 185 -39.48 26.67 -17.12
C LEU C 185 -40.90 26.25 -17.38
N ASP C 186 -41.77 26.50 -16.42
CA ASP C 186 -43.09 25.90 -16.46
C ASP C 186 -44.06 26.71 -15.62
N CYS C 187 -44.94 27.44 -16.29
CA CYS C 187 -45.78 28.43 -15.64
C CYS C 187 -46.87 28.92 -16.57
N GLU C 188 -47.65 29.91 -16.13
CA GLU C 188 -48.64 30.52 -17.00
C GLU C 188 -47.97 31.41 -18.03
N ARG C 189 -48.77 31.86 -19.00
CA ARG C 189 -48.20 32.41 -20.24
C ARG C 189 -47.56 33.77 -20.01
N ASP C 190 -47.99 34.51 -18.99
CA ASP C 190 -47.39 35.80 -18.72
C ASP C 190 -46.01 35.65 -18.07
N LYS C 191 -45.86 34.64 -17.22
CA LYS C 191 -44.55 34.37 -16.64
C LYS C 191 -43.64 33.69 -17.67
N VAL C 192 -44.24 32.97 -18.63
CA VAL C 192 -43.50 32.50 -19.80
C VAL C 192 -42.96 33.69 -20.59
N ASN C 193 -43.83 34.66 -20.89
CA ASN C 193 -43.44 35.84 -21.63
C ASN C 193 -42.43 36.68 -20.86
N ASP C 194 -42.50 36.64 -19.54
CA ASP C 194 -41.58 37.42 -18.74
C ASP C 194 -40.19 36.79 -18.73
N ILE C 195 -40.11 35.48 -18.48
CA ILE C 195 -38.81 34.83 -18.28
C ILE C 195 -38.05 34.72 -19.59
N VAL C 196 -38.75 34.41 -20.68
CA VAL C 196 -38.11 34.32 -22.00
C VAL C 196 -37.62 35.71 -22.43
N ASP C 197 -38.29 36.76 -21.97
CA ASP C 197 -37.80 38.12 -22.22
C ASP C 197 -36.52 38.38 -21.44
N GLN C 198 -36.44 37.89 -20.20
CA GLN C 198 -35.25 38.14 -19.38
C GLN C 198 -34.14 37.14 -19.70
N VAL C 199 -34.43 36.13 -20.51
CA VAL C 199 -33.37 35.27 -21.03
C VAL C 199 -32.53 36.03 -22.06
N ILE C 200 -33.19 36.68 -23.01
CA ILE C 200 -32.50 37.28 -24.14
C ILE C 200 -31.78 38.55 -23.72
N THR C 201 -32.27 39.20 -22.66
CA THR C 201 -31.64 40.43 -22.17
C THR C 201 -30.24 40.16 -21.64
N ILE C 202 -30.06 39.07 -20.90
CA ILE C 202 -28.73 38.71 -20.44
C ILE C 202 -28.07 37.81 -21.48
N GLY C 203 -28.78 37.53 -22.57
CA GLY C 203 -28.18 36.78 -23.66
C GLY C 203 -27.97 35.31 -23.36
N LYS C 204 -28.96 34.66 -22.77
CA LYS C 204 -28.89 33.24 -22.49
C LYS C 204 -29.65 32.44 -23.55
N HIS C 205 -29.57 32.88 -24.81
CA HIS C 205 -30.30 32.28 -25.93
C HIS C 205 -29.39 31.59 -26.93
N VAL C 206 -28.09 31.52 -26.66
CA VAL C 206 -27.14 30.93 -27.61
C VAL C 206 -27.32 29.41 -27.66
N LYS C 207 -26.67 28.80 -28.66
CA LYS C 207 -26.70 27.35 -28.79
C LYS C 207 -26.04 26.67 -27.60
N GLY C 208 -26.74 25.69 -27.04
CA GLY C 208 -26.32 24.99 -25.84
C GLY C 208 -27.32 25.04 -24.72
N TYR C 209 -28.21 26.03 -24.73
CA TYR C 209 -29.27 26.17 -23.75
C TYR C 209 -30.53 25.60 -24.36
N HIS C 210 -31.14 24.64 -23.68
CA HIS C 210 -32.32 23.94 -24.19
C HIS C 210 -33.47 24.16 -23.22
N TYR C 211 -34.60 24.62 -23.73
CA TYR C 211 -35.76 24.97 -22.90
C TYR C 211 -36.91 24.05 -23.22
N ILE C 212 -37.77 23.79 -22.24
CA ILE C 212 -39.06 23.14 -22.47
C ILE C 212 -40.13 23.99 -21.80
N ILE C 213 -40.69 24.95 -22.53
CA ILE C 213 -41.82 25.72 -22.02
C ILE C 213 -43.00 24.79 -22.03
N ALA C 214 -43.53 24.48 -20.84
CA ALA C 214 -44.31 23.26 -20.67
C ALA C 214 -45.71 23.53 -20.16
N ASN C 215 -46.28 24.64 -20.61
CA ASN C 215 -47.72 24.81 -20.53
C ASN C 215 -48.29 24.45 -21.88
N LEU C 216 -49.58 24.11 -21.91
CA LEU C 216 -50.14 23.50 -23.11
C LEU C 216 -50.26 24.49 -24.26
N GLY C 217 -50.26 25.79 -23.98
CA GLY C 217 -50.28 26.77 -25.05
C GLY C 217 -48.91 27.25 -25.49
N PHE C 218 -48.15 26.39 -26.18
CA PHE C 218 -46.79 26.76 -26.55
C PHE C 218 -46.78 27.83 -27.63
N THR C 219 -47.72 27.79 -28.57
CA THR C 219 -47.74 28.80 -29.62
C THR C 219 -48.43 30.09 -29.15
N ASP C 220 -48.98 30.08 -27.93
CA ASP C 220 -49.64 31.27 -27.40
C ASP C 220 -48.63 32.35 -27.01
N GLY C 221 -47.43 31.96 -26.63
CA GLY C 221 -46.45 32.92 -26.16
C GLY C 221 -45.66 33.56 -27.28
N ASP C 222 -45.03 34.68 -26.95
CA ASP C 222 -44.18 35.40 -27.90
C ASP C 222 -42.89 34.63 -28.10
N LEU C 223 -42.95 33.61 -28.95
CA LEU C 223 -41.81 32.74 -29.20
C LEU C 223 -40.94 33.27 -30.34
N LEU C 224 -41.27 34.43 -30.90
CA LEU C 224 -40.55 34.93 -32.06
C LEU C 224 -39.16 35.40 -31.68
N LYS C 225 -39.00 35.96 -30.48
CA LYS C 225 -37.73 36.55 -30.10
C LYS C 225 -36.70 35.49 -29.76
N ILE C 226 -37.15 34.26 -29.45
CA ILE C 226 -36.20 33.21 -29.10
C ILE C 226 -35.87 32.36 -30.31
N GLN C 227 -36.57 32.59 -31.43
CA GLN C 227 -36.42 31.74 -32.60
C GLN C 227 -35.07 31.95 -33.28
N PHE C 228 -34.57 33.20 -33.27
CA PHE C 228 -33.34 33.49 -33.99
C PHE C 228 -32.10 33.46 -33.10
N GLY C 229 -32.29 33.39 -31.78
CA GLY C 229 -31.16 33.49 -30.88
C GLY C 229 -30.29 32.25 -30.88
N GLY C 230 -30.87 31.09 -31.21
CA GLY C 230 -30.10 29.87 -31.35
C GLY C 230 -30.42 28.77 -30.37
N ALA C 231 -31.19 29.05 -29.32
CA ALA C 231 -31.59 28.01 -28.37
C ALA C 231 -32.63 27.09 -29.01
N GLU C 232 -32.70 25.86 -28.49
CA GLU C 232 -33.60 24.84 -29.05
C GLU C 232 -34.75 24.61 -28.09
N VAL C 233 -35.87 25.30 -28.33
CA VAL C 233 -37.00 25.35 -27.42
C VAL C 233 -38.04 24.33 -27.86
N SER C 234 -38.26 23.30 -27.03
CA SER C 234 -39.34 22.36 -27.30
C SER C 234 -40.64 22.92 -26.73
N GLY C 235 -41.69 22.10 -26.69
CA GLY C 235 -42.96 22.62 -26.22
C GLY C 235 -43.99 21.54 -26.05
N PHE C 236 -45.22 21.97 -25.82
CA PHE C 236 -46.38 21.10 -25.75
C PHE C 236 -47.59 21.82 -26.31
N GLN C 237 -48.43 21.09 -27.04
CA GLN C 237 -49.54 21.71 -27.73
C GLN C 237 -50.68 20.71 -27.89
N ILE C 238 -51.89 21.16 -27.56
CA ILE C 238 -53.07 20.33 -27.69
C ILE C 238 -54.01 20.85 -28.77
N VAL C 239 -53.88 22.09 -29.18
CA VAL C 239 -54.74 22.67 -30.21
C VAL C 239 -53.92 22.76 -31.47
N ASP C 240 -54.17 21.87 -32.41
CA ASP C 240 -53.33 21.73 -33.59
C ASP C 240 -54.05 22.37 -34.77
N TYR C 241 -53.36 23.31 -35.43
CA TYR C 241 -54.02 24.14 -36.44
C TYR C 241 -54.21 23.40 -37.76
N ASP C 242 -53.58 22.25 -37.93
CA ASP C 242 -53.52 21.64 -39.26
C ASP C 242 -54.85 21.00 -39.64
N ASP C 243 -55.58 20.44 -38.69
CA ASP C 243 -56.83 19.76 -39.01
C ASP C 243 -57.91 20.76 -39.39
N SER C 244 -58.87 20.29 -40.18
CA SER C 244 -59.89 21.18 -40.76
C SER C 244 -60.87 21.66 -39.71
N LEU C 245 -61.16 20.81 -38.71
CA LEU C 245 -62.12 21.16 -37.67
C LEU C 245 -61.62 22.33 -36.83
N VAL C 246 -60.32 22.37 -36.59
CA VAL C 246 -59.71 23.57 -36.03
C VAL C 246 -59.68 24.68 -37.07
N SER C 247 -59.39 24.33 -38.32
CA SER C 247 -59.18 25.35 -39.34
C SER C 247 -60.49 26.02 -39.75
N LYS C 248 -61.61 25.29 -39.66
CA LYS C 248 -62.91 25.92 -39.88
C LYS C 248 -63.23 26.89 -38.75
N PHE C 249 -62.74 26.59 -37.54
CA PHE C 249 -62.97 27.49 -36.42
C PHE C 249 -62.21 28.80 -36.60
N ILE C 250 -60.95 28.73 -37.03
CA ILE C 250 -60.12 29.92 -37.20
C ILE C 250 -60.68 30.80 -38.30
N GLU C 251 -61.23 30.19 -39.35
CA GLU C 251 -61.95 30.94 -40.37
C GLU C 251 -63.17 31.64 -39.78
N ARG C 252 -63.86 30.99 -38.85
CA ARG C 252 -64.93 31.68 -38.14
C ARG C 252 -64.35 32.67 -37.13
N TRP C 253 -63.18 32.34 -36.57
CA TRP C 253 -62.60 33.16 -35.50
C TRP C 253 -62.05 34.46 -36.05
N SER C 254 -61.41 34.41 -37.21
CA SER C 254 -60.85 35.62 -37.81
C SER C 254 -61.93 36.53 -38.36
N THR C 255 -63.13 36.01 -38.59
CA THR C 255 -64.25 36.80 -39.08
C THR C 255 -65.13 37.30 -37.95
N LEU C 256 -64.56 37.60 -36.80
CA LEU C 256 -65.29 38.21 -35.70
C LEU C 256 -64.65 39.53 -35.33
N GLU C 257 -65.48 40.52 -35.04
CA GLU C 257 -64.98 41.86 -34.76
C GLU C 257 -64.38 41.95 -33.37
N GLU C 258 -63.60 43.00 -33.14
CA GLU C 258 -63.03 43.24 -31.82
C GLU C 258 -64.08 43.76 -30.85
N LYS C 259 -65.15 44.36 -31.37
CA LYS C 259 -66.12 45.01 -30.52
C LYS C 259 -67.12 44.01 -29.93
N GLU C 260 -67.69 43.16 -30.78
CA GLU C 260 -68.63 42.15 -30.28
C GLU C 260 -67.91 41.05 -29.53
N TYR C 261 -66.70 40.70 -29.96
CA TYR C 261 -65.92 39.64 -29.34
C TYR C 261 -64.54 40.17 -29.03
N PRO C 262 -64.28 40.58 -27.78
CA PRO C 262 -62.98 41.19 -27.47
C PRO C 262 -61.85 40.16 -27.49
N GLY C 263 -60.72 40.57 -28.04
CA GLY C 263 -59.56 39.70 -28.15
C GLY C 263 -59.78 38.50 -29.03
N ALA C 264 -60.56 38.65 -30.10
CA ALA C 264 -60.91 37.50 -30.92
C ALA C 264 -60.47 37.62 -32.38
N HIS C 265 -60.10 38.80 -32.86
CA HIS C 265 -59.63 38.93 -34.23
C HIS C 265 -58.11 38.69 -34.29
N THR C 266 -57.76 37.44 -34.03
CA THR C 266 -56.37 36.99 -34.04
C THR C 266 -56.27 35.73 -34.86
N ALA C 267 -55.03 35.35 -35.17
CA ALA C 267 -54.82 34.09 -35.88
C ALA C 267 -54.82 32.91 -34.92
N THR C 268 -54.18 33.07 -33.76
CA THR C 268 -54.01 32.00 -32.79
C THR C 268 -55.21 31.90 -31.87
N ILE C 269 -55.29 30.78 -31.16
CA ILE C 269 -56.32 30.55 -30.16
C ILE C 269 -55.64 29.99 -28.92
N LYS C 270 -56.12 30.36 -27.74
CA LYS C 270 -55.46 29.87 -26.54
C LYS C 270 -56.12 28.60 -26.03
N TYR C 271 -55.33 27.80 -25.32
CA TYR C 271 -55.77 26.47 -24.90
C TYR C 271 -56.87 26.56 -23.85
N THR C 272 -56.85 27.61 -23.02
CA THR C 272 -57.97 27.85 -22.12
C THR C 272 -59.21 28.25 -22.90
N SER C 273 -59.04 29.09 -23.90
CA SER C 273 -60.17 29.53 -24.71
C SER C 273 -60.67 28.40 -25.60
N ALA C 274 -59.80 27.51 -26.02
CA ALA C 274 -60.21 26.45 -26.92
C ALA C 274 -60.98 25.38 -26.19
N LEU C 275 -60.52 24.98 -25.00
CA LEU C 275 -61.23 23.99 -24.22
C LEU C 275 -62.54 24.56 -23.68
N THR C 276 -62.62 25.88 -23.55
CA THR C 276 -63.89 26.54 -23.30
C THR C 276 -64.88 26.26 -24.41
N TYR C 277 -64.44 26.38 -25.66
CA TYR C 277 -65.29 26.06 -26.80
C TYR C 277 -65.64 24.58 -26.83
N ASP C 278 -64.73 23.73 -26.36
CA ASP C 278 -65.01 22.31 -26.35
C ASP C 278 -65.96 21.95 -25.23
N ALA C 279 -65.92 22.68 -24.12
CA ALA C 279 -66.71 22.32 -22.96
C ALA C 279 -68.20 22.60 -23.17
N VAL C 280 -68.51 23.64 -23.94
CA VAL C 280 -69.91 23.94 -24.24
C VAL C 280 -70.50 22.86 -25.13
N GLN C 281 -69.68 22.35 -26.06
CA GLN C 281 -70.08 21.22 -26.90
C GLN C 281 -70.36 19.97 -26.06
N VAL C 282 -69.65 19.82 -24.93
CA VAL C 282 -69.85 18.67 -24.05
C VAL C 282 -71.23 18.75 -23.40
N MET C 283 -71.54 19.88 -22.78
CA MET C 283 -72.81 20.00 -22.06
C MET C 283 -74.00 20.05 -23.02
N THR C 284 -73.78 20.53 -24.24
CA THR C 284 -74.84 20.52 -25.25
C THR C 284 -75.19 19.10 -25.64
N GLU C 285 -74.17 18.25 -25.83
CA GLU C 285 -74.42 16.85 -26.10
C GLU C 285 -74.91 16.12 -24.86
N ALA C 286 -74.58 16.65 -23.68
CA ALA C 286 -74.90 15.95 -22.44
C ALA C 286 -76.40 15.98 -22.14
N PHE C 287 -76.98 17.18 -22.10
CA PHE C 287 -78.39 17.27 -21.73
C PHE C 287 -79.30 16.78 -22.85
N ARG C 288 -78.80 16.77 -24.08
CA ARG C 288 -79.54 16.15 -25.18
C ARG C 288 -79.59 14.64 -25.01
N ASN C 289 -78.60 14.08 -24.32
CA ASN C 289 -78.56 12.63 -24.12
C ASN C 289 -79.41 12.23 -22.92
N LEU C 290 -80.13 13.17 -22.30
CA LEU C 290 -81.11 12.83 -21.28
C LEU C 290 -82.43 12.38 -21.90
N ARG C 291 -82.94 13.17 -22.84
CA ARG C 291 -84.24 12.87 -23.45
C ARG C 291 -84.11 11.74 -24.46
N LYS C 292 -82.93 11.57 -25.06
CA LYS C 292 -82.73 10.52 -26.04
C LYS C 292 -82.83 9.13 -25.42
N GLN C 293 -82.20 8.93 -24.28
CA GLN C 293 -82.20 7.65 -23.59
C GLN C 293 -83.29 7.55 -22.54
N ARG C 294 -84.24 8.50 -22.54
CA ARG C 294 -85.40 8.57 -21.65
C ARG C 294 -84.99 8.68 -20.18
N ILE C 295 -84.32 9.76 -19.82
CA ILE C 295 -84.13 10.13 -18.42
C ILE C 295 -84.59 11.58 -18.29
N GLU C 296 -85.52 11.85 -17.38
CA GLU C 296 -86.11 13.17 -17.26
C GLU C 296 -85.50 13.93 -16.10
N ILE C 297 -85.31 15.24 -16.30
CA ILE C 297 -84.77 16.14 -15.29
C ILE C 297 -85.86 17.14 -14.92
N SER C 298 -86.08 17.33 -13.61
CA SER C 298 -87.12 18.21 -13.12
C SER C 298 -86.61 19.07 -11.97
N ARG C 299 -86.88 20.36 -12.03
CA ARG C 299 -86.56 21.27 -10.93
C ARG C 299 -87.60 21.10 -9.82
N ARG C 300 -87.13 20.92 -8.58
CA ARG C 300 -88.06 20.75 -7.46
C ARG C 300 -88.62 22.09 -7.00
N GLY C 301 -87.86 23.16 -7.16
CA GLY C 301 -88.28 24.48 -6.72
C GLY C 301 -87.09 25.26 -6.20
N ASN C 302 -87.34 26.01 -5.13
CA ASN C 302 -86.27 26.76 -4.48
C ASN C 302 -85.29 25.80 -3.82
N ALA C 303 -84.01 25.99 -4.13
CA ALA C 303 -82.97 25.16 -3.51
C ALA C 303 -82.66 25.60 -2.10
N GLY C 304 -82.34 26.89 -1.93
CA GLY C 304 -82.10 27.40 -0.60
C GLY C 304 -80.80 28.18 -0.46
N ASP C 305 -80.39 28.32 0.80
CA ASP C 305 -79.21 29.08 1.17
C ASP C 305 -78.01 28.14 1.23
N CYS C 306 -77.74 27.49 0.09
CA CYS C 306 -76.84 26.34 -0.06
C CYS C 306 -77.08 25.23 0.96
N LEU C 307 -78.33 25.10 1.42
CA LEU C 307 -78.81 23.99 2.26
C LEU C 307 -77.99 23.85 3.54
N ALA C 308 -77.78 24.99 4.22
CA ALA C 308 -76.81 25.16 5.29
C ALA C 308 -77.00 24.22 6.48
N ASN C 309 -78.11 24.35 7.19
CA ASN C 309 -78.51 23.36 8.20
C ASN C 309 -78.80 22.06 7.48
N PRO C 310 -78.44 20.87 8.05
CA PRO C 310 -77.72 19.77 7.37
C PRO C 310 -78.08 19.40 5.93
N ALA C 311 -77.06 18.90 5.24
CA ALA C 311 -77.02 18.91 3.78
C ALA C 311 -78.08 18.02 3.15
N VAL C 312 -78.73 18.55 2.12
CA VAL C 312 -79.77 17.85 1.37
C VAL C 312 -79.13 17.51 0.02
N PRO C 313 -79.23 16.27 -0.46
CA PRO C 313 -78.34 15.84 -1.55
C PRO C 313 -78.64 16.42 -2.93
N TRP C 314 -79.92 16.72 -3.25
CA TRP C 314 -80.35 17.01 -4.64
C TRP C 314 -79.99 15.84 -5.56
N GLY C 315 -80.68 14.72 -5.37
CA GLY C 315 -80.35 13.46 -6.00
C GLY C 315 -80.40 13.39 -7.52
N GLN C 316 -81.04 14.36 -8.18
CA GLN C 316 -81.01 14.35 -9.64
C GLN C 316 -79.66 14.73 -10.21
N GLY C 317 -78.78 15.32 -9.40
CA GLY C 317 -77.45 15.64 -9.86
C GLY C 317 -76.59 14.40 -10.09
N VAL C 318 -76.93 13.31 -9.42
CA VAL C 318 -76.28 12.02 -9.67
C VAL C 318 -76.56 11.58 -11.10
N GLU C 319 -77.77 11.85 -11.59
CA GLU C 319 -78.13 11.52 -12.97
C GLU C 319 -77.35 12.39 -13.96
N ILE C 320 -77.02 13.62 -13.56
CA ILE C 320 -76.45 14.59 -14.50
C ILE C 320 -75.02 14.20 -14.85
N GLU C 321 -74.23 13.76 -13.86
CA GLU C 321 -72.83 13.47 -14.13
C GLU C 321 -72.66 12.19 -14.92
N ARG C 322 -73.65 11.29 -14.85
CA ARG C 322 -73.56 10.04 -15.61
C ARG C 322 -73.67 10.31 -17.10
N ALA C 323 -74.45 11.32 -17.47
CA ALA C 323 -74.51 11.75 -18.86
C ALA C 323 -73.31 12.61 -19.22
N LEU C 324 -72.80 13.40 -18.27
CA LEU C 324 -71.61 14.20 -18.51
C LEU C 324 -70.39 13.31 -18.74
N LYS C 325 -70.33 12.18 -18.05
CA LYS C 325 -69.29 11.21 -18.37
C LYS C 325 -69.61 10.48 -19.67
N GLN C 326 -70.89 10.35 -20.01
CA GLN C 326 -71.30 9.71 -21.25
C GLN C 326 -71.21 10.71 -22.40
N VAL C 327 -70.00 11.12 -22.74
CA VAL C 327 -69.74 12.04 -23.85
C VAL C 327 -68.56 11.49 -24.62
N GLN C 328 -68.65 11.47 -25.95
CA GLN C 328 -67.49 11.23 -26.80
C GLN C 328 -67.69 12.01 -28.09
N VAL C 329 -67.16 13.24 -28.12
CA VAL C 329 -67.34 14.14 -29.25
C VAL C 329 -65.98 14.57 -29.78
N GLU C 330 -65.99 15.20 -30.94
CA GLU C 330 -64.78 15.76 -31.54
C GLU C 330 -64.70 17.24 -31.23
N GLY C 331 -63.57 17.66 -30.65
CA GLY C 331 -63.40 19.04 -30.27
C GLY C 331 -62.08 19.58 -30.79
N LEU C 332 -61.79 20.81 -30.39
CA LEU C 332 -60.56 21.47 -30.83
C LEU C 332 -59.34 20.78 -30.26
N SER C 333 -59.45 20.23 -29.07
CA SER C 333 -58.39 19.37 -28.56
C SER C 333 -58.43 18.01 -29.26
N GLY C 334 -59.61 17.57 -29.65
CA GLY C 334 -59.73 16.30 -30.34
C GLY C 334 -60.81 15.40 -29.77
N ASN C 335 -60.45 14.13 -29.57
CA ASN C 335 -61.39 13.18 -28.99
C ASN C 335 -61.43 13.29 -27.48
N ILE C 336 -62.60 13.05 -26.91
CA ILE C 336 -62.86 13.28 -25.49
C ILE C 336 -63.46 12.02 -24.88
N LYS C 337 -62.85 11.53 -23.80
CA LYS C 337 -63.40 10.42 -23.04
C LYS C 337 -63.09 10.63 -21.56
N PHE C 338 -64.07 10.34 -20.72
CA PHE C 338 -64.00 10.60 -19.29
C PHE C 338 -64.10 9.30 -18.51
N ASP C 339 -63.28 9.16 -17.47
CA ASP C 339 -63.38 8.04 -16.55
C ASP C 339 -64.41 8.30 -15.46
N GLN C 340 -64.44 7.40 -14.48
CA GLN C 340 -65.30 7.61 -13.32
C GLN C 340 -64.69 8.64 -12.38
N ASN C 341 -63.38 8.89 -12.50
CA ASN C 341 -62.76 9.96 -11.73
C ASN C 341 -63.26 11.31 -12.20
N GLY C 342 -63.35 11.50 -13.50
CA GLY C 342 -63.57 12.80 -14.09
C GLY C 342 -62.37 13.32 -14.84
N LYS C 343 -61.30 12.55 -14.91
CA LYS C 343 -60.12 12.95 -15.65
C LYS C 343 -60.27 12.51 -17.11
N ARG C 344 -59.64 13.26 -17.99
CA ARG C 344 -59.75 12.99 -19.41
C ARG C 344 -58.74 11.94 -19.85
N ILE C 345 -59.19 11.00 -20.68
CA ILE C 345 -58.32 9.98 -21.26
C ILE C 345 -58.49 9.96 -22.76
N ASN C 346 -57.74 9.04 -23.40
CA ASN C 346 -57.79 8.73 -24.83
C ASN C 346 -57.42 9.94 -25.69
N TYR C 347 -56.54 10.81 -25.19
CA TYR C 347 -56.24 12.09 -25.80
C TYR C 347 -54.85 12.10 -26.43
N THR C 348 -54.57 13.18 -27.16
CA THR C 348 -53.28 13.37 -27.82
C THR C 348 -52.67 14.69 -27.38
N ILE C 349 -51.42 14.65 -26.94
CA ILE C 349 -50.62 15.84 -26.73
C ILE C 349 -49.55 15.88 -27.80
N ASN C 350 -49.46 17.00 -28.52
CA ASN C 350 -48.64 17.09 -29.70
C ASN C 350 -47.37 17.87 -29.38
N ILE C 351 -46.26 17.14 -29.26
CA ILE C 351 -44.97 17.76 -28.97
C ILE C 351 -44.56 18.64 -30.12
N MET C 352 -44.22 19.89 -29.84
CA MET C 352 -43.75 20.80 -30.87
C MET C 352 -42.37 21.33 -30.50
N GLU C 353 -41.42 21.14 -31.39
CA GLU C 353 -40.09 21.70 -31.25
C GLU C 353 -39.98 22.93 -32.11
N LEU C 354 -39.35 23.99 -31.60
CA LEU C 354 -39.19 25.20 -32.38
C LEU C 354 -38.00 25.03 -33.30
N LYS C 355 -38.28 24.65 -34.55
CA LYS C 355 -37.28 24.71 -35.60
C LYS C 355 -37.11 26.15 -36.07
N THR C 356 -36.17 26.35 -37.00
CA THR C 356 -35.84 27.69 -37.43
C THR C 356 -36.97 28.31 -38.25
N ASN C 357 -37.72 27.48 -38.98
CA ASN C 357 -38.87 27.99 -39.73
C ASN C 357 -40.00 28.39 -38.81
N GLY C 358 -40.14 27.71 -37.67
CA GLY C 358 -41.17 28.02 -36.71
C GLY C 358 -41.60 26.82 -35.90
N PRO C 359 -42.79 26.91 -35.29
CA PRO C 359 -43.30 25.77 -34.52
C PRO C 359 -43.64 24.59 -35.42
N ARG C 360 -43.19 23.41 -35.01
CA ARG C 360 -43.25 22.24 -35.87
C ARG C 360 -43.52 20.99 -35.05
N LYS C 361 -44.54 20.23 -35.45
CA LYS C 361 -44.99 19.04 -34.75
C LYS C 361 -44.05 17.88 -35.02
N ILE C 362 -43.24 17.50 -34.02
CA ILE C 362 -42.28 16.43 -34.23
C ILE C 362 -42.73 15.10 -33.64
N GLY C 363 -44.02 14.93 -33.37
CA GLY C 363 -44.50 13.68 -32.82
C GLY C 363 -45.87 13.85 -32.21
N TYR C 364 -46.21 12.89 -31.36
CA TYR C 364 -47.44 12.94 -30.58
C TYR C 364 -47.25 12.12 -29.31
N TRP C 365 -47.86 12.57 -28.22
CA TRP C 365 -47.87 11.84 -26.97
C TRP C 365 -49.28 11.32 -26.70
N SER C 366 -49.38 10.16 -26.07
CA SER C 366 -50.65 9.66 -25.59
C SER C 366 -50.37 8.73 -24.41
N GLU C 367 -51.41 8.01 -23.97
CA GLU C 367 -51.23 7.08 -22.86
C GLU C 367 -50.66 5.75 -23.35
N VAL C 368 -51.26 5.18 -24.39
CA VAL C 368 -50.91 3.81 -24.77
C VAL C 368 -49.75 3.78 -25.76
N ASP C 369 -49.73 4.69 -26.72
CA ASP C 369 -48.70 4.73 -27.76
C ASP C 369 -47.59 5.70 -27.39
N LYS C 370 -46.80 5.37 -26.36
CA LYS C 370 -46.16 6.26 -25.36
C LYS C 370 -45.56 7.51 -26.03
N MET C 371 -44.60 7.38 -26.93
CA MET C 371 -44.10 8.53 -27.68
C MET C 371 -43.51 8.06 -29.00
N VAL C 372 -44.13 8.48 -30.10
CA VAL C 372 -43.74 8.05 -31.44
C VAL C 372 -43.35 9.30 -32.22
N LEU C 373 -42.27 9.20 -32.98
CA LEU C 373 -41.91 10.28 -33.89
C LEU C 373 -42.80 10.23 -35.13
N THR C 374 -43.06 11.40 -35.70
CA THR C 374 -43.80 11.47 -36.96
C THR C 374 -42.82 11.45 -38.12
N GLU C 375 -43.28 11.79 -39.33
CA GLU C 375 -42.47 11.61 -40.54
C GLU C 375 -41.24 12.52 -40.55
N ASP C 376 -41.34 13.72 -39.95
CA ASP C 376 -40.21 14.62 -39.67
C ASP C 376 -39.49 15.08 -40.93
N ASP C 377 -40.25 15.32 -41.99
CA ASP C 377 -39.70 15.85 -43.24
C ASP C 377 -40.20 17.27 -43.41
N THR C 378 -39.25 18.22 -43.44
CA THR C 378 -39.60 19.63 -43.49
C THR C 378 -40.19 20.01 -44.84
N SER C 379 -40.84 21.17 -44.88
CA SER C 379 -41.35 21.70 -46.14
C SER C 379 -40.21 22.11 -47.05
N GLY C 380 -39.16 22.71 -46.49
CA GLY C 380 -37.92 22.93 -47.20
C GLY C 380 -36.77 22.29 -46.46
N LEU C 381 -36.05 21.39 -47.11
CA LEU C 381 -34.99 20.63 -46.45
C LEU C 381 -33.79 21.53 -46.26
N GLU C 382 -33.66 22.08 -45.06
CA GLU C 382 -32.53 22.93 -44.67
C GLU C 382 -32.00 22.35 -43.37
N GLN C 383 -31.07 21.40 -43.51
CA GLN C 383 -30.54 20.70 -42.34
C GLN C 383 -29.70 21.65 -41.49
N LYS C 384 -29.81 21.49 -40.17
CA LYS C 384 -29.03 22.27 -39.24
C LYS C 384 -27.54 22.02 -39.43
N THR C 385 -26.79 23.11 -39.56
CA THR C 385 -25.36 23.01 -39.81
C THR C 385 -24.65 22.50 -38.56
N VAL C 386 -24.14 21.27 -38.64
CA VAL C 386 -23.52 20.60 -37.52
C VAL C 386 -22.19 21.27 -37.23
N VAL C 387 -22.10 21.97 -36.11
CA VAL C 387 -20.86 22.64 -35.76
C VAL C 387 -19.86 21.60 -35.29
N VAL C 388 -18.65 21.63 -35.87
CA VAL C 388 -17.57 20.72 -35.50
C VAL C 388 -16.57 21.54 -34.70
N THR C 389 -16.07 20.97 -33.61
CA THR C 389 -14.98 21.59 -32.87
C THR C 389 -13.71 20.77 -33.03
N THR C 390 -12.57 21.44 -32.95
CA THR C 390 -11.28 20.79 -32.91
C THR C 390 -10.26 21.77 -32.34
N ILE C 391 -9.12 21.23 -31.94
CA ILE C 391 -8.03 22.04 -31.41
C ILE C 391 -6.95 22.09 -32.48
N LEU C 392 -6.20 23.19 -32.50
CA LEU C 392 -5.13 23.34 -33.48
C LEU C 392 -3.91 22.59 -32.96
N GLU C 393 -3.83 21.32 -33.35
CA GLU C 393 -2.69 20.47 -33.07
C GLU C 393 -2.26 19.79 -34.36
N SER C 394 -1.23 20.29 -34.96
CA SER C 394 -0.66 19.72 -36.17
C SER C 394 0.06 18.45 -35.79
N PRO C 395 0.09 17.41 -36.64
CA PRO C 395 -0.33 17.30 -38.04
C PRO C 395 -1.82 17.01 -38.24
N TYR C 396 -2.61 17.09 -37.18
CA TYR C 396 -4.01 16.68 -37.30
C TYR C 396 -4.90 17.84 -37.74
N VAL C 397 -4.76 19.00 -37.10
CA VAL C 397 -5.44 20.21 -37.53
C VAL C 397 -4.43 21.34 -37.57
N MET C 398 -4.28 21.97 -38.74
CA MET C 398 -3.20 22.90 -39.00
C MET C 398 -3.77 24.15 -39.64
N MET C 399 -3.24 25.30 -39.24
CA MET C 399 -3.57 26.55 -39.91
C MET C 399 -3.01 26.56 -41.33
N LYS C 400 -3.73 27.22 -42.24
CA LYS C 400 -3.27 27.37 -43.61
C LYS C 400 -2.00 28.23 -43.70
N LYS C 401 -1.40 28.22 -44.89
CA LYS C 401 -0.25 29.08 -45.14
C LYS C 401 -0.65 30.55 -45.14
N ASN C 402 -1.89 30.84 -45.58
CA ASN C 402 -2.43 32.19 -45.61
C ASN C 402 -3.76 32.18 -44.86
N HIS C 403 -3.71 32.46 -43.56
CA HIS C 403 -4.92 32.42 -42.75
C HIS C 403 -5.83 33.60 -43.05
N GLU C 404 -5.28 34.69 -43.58
CA GLU C 404 -6.09 35.85 -43.89
C GLU C 404 -6.72 35.74 -45.27
N MET C 405 -5.98 35.18 -46.24
CA MET C 405 -6.47 35.13 -47.62
C MET C 405 -7.57 34.10 -47.79
N LEU C 406 -7.44 32.95 -47.15
CA LEU C 406 -8.47 31.93 -47.27
C LEU C 406 -9.56 32.20 -46.26
N GLU C 407 -10.64 31.42 -46.33
CA GLU C 407 -11.86 31.77 -45.63
C GLU C 407 -12.63 30.52 -45.21
N GLY C 408 -13.25 30.61 -44.04
CA GLY C 408 -14.26 29.64 -43.63
C GLY C 408 -13.66 28.36 -43.11
N ASN C 409 -14.21 27.24 -43.58
CA ASN C 409 -13.64 25.94 -43.26
C ASN C 409 -12.34 25.69 -44.02
N GLU C 410 -12.09 26.49 -45.06
CA GLU C 410 -10.79 26.45 -45.74
C GLU C 410 -9.73 27.29 -45.03
N ARG C 411 -10.01 27.75 -43.81
CA ARG C 411 -8.94 28.36 -43.01
C ARG C 411 -8.06 27.29 -42.37
N TYR C 412 -8.50 26.04 -42.41
CA TYR C 412 -7.82 24.96 -41.71
C TYR C 412 -7.55 23.78 -42.64
N GLU C 413 -6.45 23.08 -42.36
CA GLU C 413 -5.94 22.01 -43.19
C GLU C 413 -5.33 20.93 -42.32
N GLY C 414 -5.17 19.74 -42.88
CA GLY C 414 -4.48 18.68 -42.16
C GLY C 414 -5.19 17.36 -42.31
N TYR C 415 -4.77 16.42 -41.46
CA TYR C 415 -5.29 15.06 -41.48
C TYR C 415 -6.76 15.01 -41.09
N CYS C 416 -7.12 15.63 -39.96
CA CYS C 416 -8.49 15.55 -39.49
C CYS C 416 -9.41 16.44 -40.31
N VAL C 417 -8.85 17.44 -40.97
CA VAL C 417 -9.63 18.28 -41.88
C VAL C 417 -10.12 17.48 -43.06
N ASP C 418 -9.24 16.68 -43.66
CA ASP C 418 -9.64 15.81 -44.75
C ASP C 418 -10.54 14.68 -44.26
N LEU C 419 -10.33 14.24 -43.02
CA LEU C 419 -11.19 13.21 -42.44
C LEU C 419 -12.60 13.73 -42.23
N ALA C 420 -12.73 14.99 -41.81
CA ALA C 420 -14.05 15.57 -41.56
C ALA C 420 -14.83 15.75 -42.85
N ALA C 421 -14.12 15.93 -43.97
CA ALA C 421 -14.79 15.98 -45.26
C ALA C 421 -15.40 14.62 -45.63
N GLU C 422 -14.69 13.53 -45.31
CA GLU C 422 -15.17 12.23 -45.72
C GLU C 422 -16.27 11.72 -44.81
N ILE C 423 -16.28 12.18 -43.55
CA ILE C 423 -17.43 11.91 -42.68
C ILE C 423 -18.64 12.66 -43.19
N ALA C 424 -18.43 13.85 -43.75
CA ALA C 424 -19.53 14.65 -44.29
C ALA C 424 -20.13 14.00 -45.53
N LYS C 425 -19.30 13.30 -46.31
CA LYS C 425 -19.79 12.71 -47.54
C LYS C 425 -20.64 11.48 -47.25
N HIS C 426 -20.25 10.69 -46.25
CA HIS C 426 -20.98 9.46 -45.97
C HIS C 426 -22.31 9.74 -45.28
N CYS C 427 -22.36 10.75 -44.43
CA CYS C 427 -23.56 11.05 -43.66
C CYS C 427 -24.39 12.18 -44.26
N GLY C 428 -23.81 13.01 -45.11
CA GLY C 428 -24.59 14.03 -45.79
C GLY C 428 -25.03 15.17 -44.90
N PHE C 429 -24.09 15.93 -44.37
CA PHE C 429 -24.40 17.08 -43.53
C PHE C 429 -23.44 18.21 -43.84
N LYS C 430 -23.94 19.44 -43.80
CA LYS C 430 -23.06 20.60 -43.82
C LYS C 430 -22.36 20.74 -42.47
N TYR C 431 -21.06 21.05 -42.51
CA TYR C 431 -20.29 21.20 -41.28
C TYR C 431 -19.50 22.50 -41.32
N LYS C 432 -19.35 23.13 -40.16
CA LYS C 432 -18.59 24.36 -40.04
C LYS C 432 -17.55 24.16 -38.96
N LEU C 433 -16.28 24.35 -39.31
CA LEU C 433 -15.19 24.06 -38.38
C LEU C 433 -15.02 25.20 -37.40
N THR C 434 -14.74 24.85 -36.14
CA THR C 434 -14.53 25.81 -35.07
C THR C 434 -13.36 25.37 -34.22
N ILE C 435 -12.84 26.29 -33.44
CA ILE C 435 -11.68 26.05 -32.59
C ILE C 435 -12.10 26.26 -31.14
N VAL C 436 -11.61 25.40 -30.25
CA VAL C 436 -11.81 25.63 -28.83
C VAL C 436 -11.07 26.88 -28.39
N GLY C 437 -11.79 27.79 -27.74
CA GLY C 437 -11.18 29.02 -27.27
C GLY C 437 -10.26 28.77 -26.08
N ASP C 438 -10.53 27.70 -25.33
CA ASP C 438 -9.73 27.40 -24.15
C ASP C 438 -8.34 26.92 -24.53
N GLY C 439 -8.19 26.40 -25.74
CA GLY C 439 -6.89 25.97 -26.24
C GLY C 439 -6.36 24.69 -25.64
N LYS C 440 -7.19 23.95 -24.90
CA LYS C 440 -6.75 22.75 -24.22
C LYS C 440 -7.81 21.67 -24.35
N TYR C 441 -7.36 20.42 -24.29
CA TYR C 441 -8.29 19.28 -24.36
C TYR C 441 -9.21 19.27 -23.15
N GLY C 442 -8.65 19.45 -21.96
CA GLY C 442 -9.44 19.59 -20.76
C GLY C 442 -9.90 18.28 -20.17
N ALA C 443 -10.01 18.28 -18.85
CA ALA C 443 -10.62 17.19 -18.11
C ALA C 443 -11.32 17.81 -16.92
N ARG C 444 -12.12 17.00 -16.23
CA ARG C 444 -12.93 17.52 -15.14
C ARG C 444 -12.06 17.92 -13.96
N ASP C 445 -12.38 19.05 -13.36
CA ASP C 445 -11.56 19.61 -12.31
C ASP C 445 -12.04 19.06 -10.97
N ALA C 446 -11.20 19.22 -9.94
CA ALA C 446 -11.47 18.58 -8.65
C ALA C 446 -12.60 19.29 -7.90
N ASP C 447 -12.45 20.60 -7.66
CA ASP C 447 -13.37 21.30 -6.76
C ASP C 447 -14.66 21.71 -7.47
N THR C 448 -14.56 22.18 -8.71
CA THR C 448 -15.74 22.69 -9.41
C THR C 448 -16.58 21.57 -10.00
N LYS C 449 -15.98 20.38 -10.17
CA LYS C 449 -16.63 19.16 -10.65
C LYS C 449 -17.19 19.30 -12.07
N ILE C 450 -16.63 20.21 -12.88
CA ILE C 450 -17.14 20.48 -14.22
C ILE C 450 -16.03 20.23 -15.24
N TRP C 451 -16.42 20.02 -16.48
CA TRP C 451 -15.47 19.87 -17.56
C TRP C 451 -15.09 21.22 -18.15
N ASN C 452 -14.05 21.23 -18.98
CA ASN C 452 -13.64 22.42 -19.71
C ASN C 452 -12.98 22.02 -21.02
N GLY C 453 -12.69 23.02 -21.85
CA GLY C 453 -12.00 22.78 -23.09
C GLY C 453 -12.88 22.15 -24.14
N MET C 454 -12.30 21.18 -24.85
CA MET C 454 -13.01 20.52 -25.95
C MET C 454 -14.15 19.65 -25.43
N VAL C 455 -13.87 18.79 -24.45
CA VAL C 455 -14.91 17.94 -23.89
C VAL C 455 -15.91 18.79 -23.11
N GLY C 456 -15.46 19.95 -22.62
CA GLY C 456 -16.38 20.93 -22.08
C GLY C 456 -17.40 21.43 -23.09
N GLU C 457 -17.04 21.42 -24.38
CA GLU C 457 -17.98 21.83 -25.41
C GLU C 457 -18.89 20.68 -25.83
N LEU C 458 -18.44 19.44 -25.62
CA LEU C 458 -19.29 18.33 -26.03
C LEU C 458 -20.29 17.95 -24.95
N VAL C 459 -19.94 18.15 -23.68
CA VAL C 459 -20.89 17.85 -22.61
C VAL C 459 -22.00 18.90 -22.59
N TYR C 460 -21.63 20.17 -22.72
CA TYR C 460 -22.60 21.23 -22.50
C TYR C 460 -23.48 21.45 -23.72
N GLY C 461 -22.88 21.54 -24.91
CA GLY C 461 -23.67 21.65 -26.11
C GLY C 461 -23.23 22.74 -27.07
N LYS C 462 -22.10 23.40 -26.78
CA LYS C 462 -21.61 24.45 -27.66
C LYS C 462 -21.02 23.87 -28.94
N ALA C 463 -20.81 22.57 -28.97
CA ALA C 463 -20.31 21.85 -30.14
C ALA C 463 -21.25 20.69 -30.42
N ASP C 464 -21.11 20.08 -31.60
CA ASP C 464 -22.00 18.99 -31.95
C ASP C 464 -21.24 17.72 -32.30
N ILE C 465 -19.98 17.84 -32.72
CA ILE C 465 -19.11 16.70 -32.95
C ILE C 465 -17.67 17.20 -32.89
N ALA C 466 -16.74 16.30 -32.60
CA ALA C 466 -15.33 16.65 -32.51
C ALA C 466 -14.49 15.64 -33.28
N ILE C 467 -14.18 15.97 -34.53
CA ILE C 467 -13.13 15.29 -35.27
C ILE C 467 -11.87 16.02 -34.84
N ALA C 468 -11.02 15.32 -34.10
CA ALA C 468 -10.05 15.99 -33.23
C ALA C 468 -9.03 14.96 -32.78
N PRO C 469 -7.92 15.39 -32.19
CA PRO C 469 -6.99 14.39 -31.61
C PRO C 469 -7.41 13.96 -30.21
N LEU C 470 -8.60 13.39 -30.07
CA LEU C 470 -9.18 13.13 -28.77
C LEU C 470 -8.91 11.68 -28.39
N THR C 471 -8.64 11.43 -27.12
CA THR C 471 -8.23 10.10 -26.68
C THR C 471 -9.34 9.43 -25.90
N ILE C 472 -9.57 8.15 -26.20
CA ILE C 472 -10.61 7.37 -25.52
C ILE C 472 -10.20 7.16 -24.06
N THR C 473 -10.99 7.73 -23.15
CA THR C 473 -10.68 7.71 -21.73
C THR C 473 -11.92 7.24 -21.00
N LEU C 474 -11.71 6.52 -19.89
CA LEU C 474 -12.82 5.94 -19.16
C LEU C 474 -13.67 7.01 -18.49
N VAL C 475 -13.04 8.06 -17.98
CA VAL C 475 -13.82 9.17 -17.44
C VAL C 475 -14.44 10.00 -18.57
N ARG C 476 -13.87 9.90 -19.77
CA ARG C 476 -14.47 10.56 -20.91
C ARG C 476 -15.51 9.69 -21.57
N GLU C 477 -15.53 8.39 -21.24
CA GLU C 477 -16.54 7.51 -21.82
C GLU C 477 -17.91 7.79 -21.23
N GLU C 478 -17.97 8.15 -19.95
CA GLU C 478 -19.24 8.20 -19.25
C GLU C 478 -20.03 9.46 -19.61
N VAL C 479 -19.36 10.54 -19.99
CA VAL C 479 -20.08 11.80 -20.17
C VAL C 479 -20.35 12.09 -21.65
N ILE C 480 -19.56 11.55 -22.56
CA ILE C 480 -19.75 11.76 -23.99
C ILE C 480 -19.41 10.48 -24.72
N ASP C 481 -20.05 10.29 -25.87
CA ASP C 481 -19.86 9.05 -26.63
C ASP C 481 -18.55 9.09 -27.39
N PHE C 482 -18.14 7.93 -27.88
CA PHE C 482 -17.01 7.80 -28.77
C PHE C 482 -17.37 6.91 -29.94
N SER C 483 -16.63 7.07 -31.03
CA SER C 483 -16.80 6.18 -32.16
C SER C 483 -15.82 5.02 -32.09
N LYS C 484 -15.71 4.31 -33.20
CA LYS C 484 -14.74 3.24 -33.31
C LYS C 484 -13.34 3.82 -33.35
N PRO C 485 -12.35 3.17 -32.73
CA PRO C 485 -10.96 3.66 -32.83
C PRO C 485 -10.41 3.59 -34.24
N PHE C 486 -10.17 4.76 -34.83
CA PHE C 486 -9.68 4.81 -36.21
C PHE C 486 -8.17 4.91 -36.28
N MET C 487 -7.53 5.23 -35.15
CA MET C 487 -6.08 5.30 -35.08
C MET C 487 -5.62 4.77 -33.73
N SER C 488 -4.63 3.88 -33.76
CA SER C 488 -4.06 3.29 -32.56
C SER C 488 -2.79 4.02 -32.17
N LEU C 489 -2.58 4.18 -30.87
CA LEU C 489 -1.45 4.95 -30.37
C LEU C 489 -1.14 4.53 -28.95
N GLY C 490 -0.09 5.13 -28.40
CA GLY C 490 0.28 4.89 -27.02
C GLY C 490 1.09 6.04 -26.47
N ILE C 491 1.19 6.10 -25.15
CA ILE C 491 2.03 7.11 -24.51
C ILE C 491 3.48 6.68 -24.58
N SER C 492 4.32 7.52 -25.17
CA SER C 492 5.75 7.26 -25.25
C SER C 492 6.51 8.42 -24.65
N ILE C 493 7.82 8.42 -24.82
CA ILE C 493 8.72 9.37 -24.18
C ILE C 493 9.35 10.22 -25.26
N MET C 494 9.51 11.51 -24.99
CA MET C 494 10.33 12.39 -25.81
C MET C 494 11.39 13.06 -24.96
N ILE C 495 12.65 12.83 -25.30
CA ILE C 495 13.77 13.64 -24.83
C ILE C 495 14.34 14.35 -26.04
N LYS C 496 15.22 15.32 -25.79
CA LYS C 496 16.02 15.89 -26.86
C LYS C 496 16.91 14.79 -27.43
N LYS C 497 17.06 14.78 -28.74
CA LYS C 497 17.93 13.80 -29.38
C LYS C 497 19.36 14.03 -28.90
N PRO C 498 20.09 12.97 -28.57
CA PRO C 498 21.53 13.11 -28.29
C PRO C 498 22.25 13.70 -29.49
N GLN C 499 22.86 14.86 -29.27
CA GLN C 499 23.30 15.72 -30.36
C GLN C 499 24.43 15.09 -31.17
N LYS C 500 24.70 15.67 -32.33
CA LYS C 500 25.82 15.22 -33.15
C LYS C 500 27.13 15.41 -32.40
N SER C 501 27.93 14.35 -32.38
CA SER C 501 29.18 14.38 -31.63
C SER C 501 30.15 15.29 -32.35
N LYS C 502 30.22 16.54 -31.91
CA LYS C 502 31.10 17.52 -32.52
C LYS C 502 32.36 17.60 -31.67
N PRO C 503 33.49 17.06 -32.13
CA PRO C 503 34.68 17.06 -31.28
C PRO C 503 35.34 18.42 -31.24
N GLY C 504 35.17 19.20 -32.30
CA GLY C 504 35.99 20.36 -32.51
C GLY C 504 37.29 20.00 -33.20
N VAL C 505 37.92 21.02 -33.78
CA VAL C 505 39.23 20.82 -34.42
C VAL C 505 40.36 20.72 -33.40
N PHE C 506 40.06 20.92 -32.12
CA PHE C 506 41.03 20.83 -31.03
C PHE C 506 40.55 19.87 -29.95
N SER C 507 40.10 18.68 -30.34
CA SER C 507 39.61 17.72 -29.35
C SER C 507 40.72 16.89 -28.73
N PHE C 508 41.88 16.80 -29.37
CA PHE C 508 42.93 15.95 -28.80
C PHE C 508 43.62 16.62 -27.63
N LEU C 509 43.49 17.94 -27.49
CA LEU C 509 44.08 18.67 -26.37
C LEU C 509 43.14 18.73 -25.18
N ASP C 510 42.09 17.92 -25.16
CA ASP C 510 41.06 18.02 -24.14
C ASP C 510 41.38 17.55 -22.72
N PRO C 511 42.05 16.40 -22.47
CA PRO C 511 42.20 15.98 -21.07
C PRO C 511 43.11 16.87 -20.24
N LEU C 512 44.01 17.59 -20.87
CA LEU C 512 44.79 18.60 -20.17
C LEU C 512 44.24 19.98 -20.48
N ALA C 513 44.12 20.82 -19.45
CA ALA C 513 43.65 22.18 -19.66
C ALA C 513 44.66 22.99 -20.45
N TYR C 514 44.17 24.05 -21.10
CA TYR C 514 45.00 24.83 -22.01
C TYR C 514 46.11 25.57 -21.27
N GLU C 515 45.94 25.77 -19.96
CA GLU C 515 46.97 26.41 -19.16
C GLU C 515 48.21 25.52 -19.07
N ILE C 516 48.00 24.21 -18.95
CA ILE C 516 49.11 23.28 -18.74
C ILE C 516 49.95 23.17 -20.01
N TRP C 517 49.29 23.17 -21.18
CA TRP C 517 50.00 23.09 -22.45
C TRP C 517 50.91 24.29 -22.66
N MET C 518 50.48 25.46 -22.21
CA MET C 518 51.37 26.62 -22.21
C MET C 518 52.48 26.45 -21.18
N CYS C 519 52.12 26.01 -19.97
CA CYS C 519 53.11 25.89 -18.91
C CYS C 519 54.10 24.77 -19.18
N ILE C 520 53.76 23.82 -20.06
CA ILE C 520 54.78 22.90 -20.57
C ILE C 520 55.75 23.66 -21.47
N VAL C 521 55.22 24.39 -22.45
CA VAL C 521 56.03 24.97 -23.51
C VAL C 521 56.93 26.07 -22.96
N PHE C 522 56.40 26.91 -22.06
CA PHE C 522 57.25 27.92 -21.43
C PHE C 522 58.28 27.26 -20.51
N ALA C 523 58.00 26.06 -20.00
CA ALA C 523 59.03 25.34 -19.25
C ALA C 523 59.89 24.50 -20.18
N TYR C 524 59.37 24.14 -21.34
CA TYR C 524 60.18 23.48 -22.36
C TYR C 524 61.30 24.38 -22.85
N ILE C 525 60.99 25.64 -23.12
CA ILE C 525 62.03 26.59 -23.51
C ILE C 525 62.96 26.84 -22.34
N GLY C 526 62.41 26.85 -21.12
CA GLY C 526 63.21 27.19 -19.94
C GLY C 526 64.29 26.17 -19.64
N VAL C 527 63.97 24.89 -19.74
CA VAL C 527 64.95 23.84 -19.49
C VAL C 527 66.01 23.83 -20.61
N SER C 528 65.58 24.04 -21.84
CA SER C 528 66.51 24.09 -22.97
C SER C 528 67.40 25.33 -22.90
N VAL C 529 66.90 26.44 -22.37
CA VAL C 529 67.74 27.61 -22.12
C VAL C 529 68.77 27.30 -21.04
N VAL C 530 68.34 26.62 -19.97
CA VAL C 530 69.25 26.26 -18.89
C VAL C 530 70.30 25.27 -19.39
N LEU C 531 69.88 24.27 -20.17
CA LEU C 531 70.81 23.27 -20.70
C LEU C 531 71.81 23.90 -21.66
N PHE C 532 71.41 24.96 -22.36
CA PHE C 532 72.36 25.66 -23.23
C PHE C 532 73.36 26.47 -22.43
N LEU C 533 72.92 27.00 -21.28
CA LEU C 533 73.81 27.75 -20.41
C LEU C 533 74.79 26.82 -19.72
N VAL C 534 74.35 25.60 -19.37
CA VAL C 534 75.17 24.68 -18.59
C VAL C 534 76.36 24.19 -19.41
N SER C 535 76.13 23.92 -20.70
CA SER C 535 77.17 23.33 -21.55
C SER C 535 78.33 24.29 -21.79
N ARG C 536 78.04 25.59 -21.89
CA ARG C 536 79.07 26.57 -22.16
C ARG C 536 79.92 26.87 -20.91
N PHE C 537 79.28 27.01 -19.74
CA PHE C 537 80.00 27.35 -18.52
C PHE C 537 80.94 26.27 -18.00
N SER C 538 80.50 25.02 -18.00
CA SER C 538 81.31 23.98 -17.39
C SER C 538 82.43 23.54 -18.33
N PRO C 539 83.59 23.16 -17.81
CA PRO C 539 84.67 22.68 -18.70
C PRO C 539 84.39 21.31 -19.29
N TYR C 540 83.69 20.45 -18.53
CA TYR C 540 83.45 19.00 -18.80
C TYR C 540 84.63 18.24 -19.42
N SER C 558 87.54 22.04 -25.64
CA SER C 558 86.89 20.81 -26.08
C SER C 558 85.91 21.12 -27.20
N THR C 559 84.84 20.32 -27.29
CA THR C 559 83.84 20.50 -28.34
C THR C 559 82.47 20.44 -27.64
N ASN C 560 81.50 21.23 -28.11
CA ASN C 560 80.22 21.33 -27.43
C ASN C 560 79.09 21.07 -28.41
N GLU C 561 78.47 19.90 -28.31
CA GLU C 561 77.39 19.51 -29.21
C GLU C 561 76.02 19.91 -28.69
N PHE C 562 75.93 21.01 -27.96
CA PHE C 562 74.71 21.43 -27.29
C PHE C 562 74.38 22.88 -27.59
N GLY C 563 74.40 23.25 -28.87
CA GLY C 563 74.14 24.61 -29.28
C GLY C 563 72.69 25.02 -29.10
N ILE C 564 72.38 26.28 -29.45
CA ILE C 564 71.02 26.78 -29.25
C ILE C 564 70.08 26.18 -30.30
N PHE C 565 70.63 25.65 -31.39
CA PHE C 565 69.83 24.87 -32.30
C PHE C 565 69.71 23.43 -31.83
N ASN C 566 70.72 22.95 -31.11
CA ASN C 566 70.76 21.54 -30.73
C ASN C 566 70.06 21.30 -29.40
N SER C 567 70.15 22.26 -28.47
CA SER C 567 69.53 22.06 -27.16
C SER C 567 68.01 22.11 -27.23
N LEU C 568 67.46 22.85 -28.20
CA LEU C 568 66.03 22.81 -28.41
C LEU C 568 65.60 21.50 -29.07
N TRP C 569 66.55 20.78 -29.67
CA TRP C 569 66.20 19.51 -30.31
C TRP C 569 66.31 18.35 -29.34
N PHE C 570 67.27 18.40 -28.41
CA PHE C 570 67.42 17.31 -27.45
C PHE C 570 66.28 17.28 -26.45
N SER C 571 65.75 18.45 -26.09
CA SER C 571 64.70 18.50 -25.09
C SER C 571 63.37 18.07 -25.67
N LEU C 572 63.23 18.16 -26.99
CA LEU C 572 61.97 17.77 -27.62
C LEU C 572 61.84 16.25 -27.67
N GLY C 573 62.94 15.56 -28.01
CA GLY C 573 62.89 14.11 -28.09
C GLY C 573 62.74 13.46 -26.73
N ALA C 574 63.23 14.12 -25.69
CA ALA C 574 62.93 13.67 -24.34
C ALA C 574 61.45 13.83 -24.03
N PHE C 575 60.84 14.92 -24.47
CA PHE C 575 59.46 15.18 -24.10
C PHE C 575 58.50 14.33 -24.91
N MET C 576 58.87 13.96 -26.12
CA MET C 576 58.01 13.08 -26.90
C MET C 576 58.39 11.62 -26.74
N GLN C 577 59.29 11.32 -25.82
CA GLN C 577 59.77 10.00 -25.40
C GLN C 577 60.48 9.26 -26.51
N GLN C 578 61.03 9.94 -27.50
CA GLN C 578 61.76 9.26 -28.55
C GLN C 578 63.23 9.15 -28.19
N GLY C 579 63.77 10.17 -27.55
CA GLY C 579 65.20 10.24 -27.29
C GLY C 579 65.93 10.92 -28.43
N CYS C 580 67.23 11.13 -28.21
CA CYS C 580 68.05 11.81 -29.19
C CYS C 580 69.46 11.25 -29.14
N ASP C 581 70.27 11.64 -30.12
CA ASP C 581 71.57 10.99 -30.30
C ASP C 581 72.60 11.50 -29.30
N ILE C 582 72.59 12.81 -29.01
CA ILE C 582 73.61 13.37 -28.14
C ILE C 582 73.29 13.06 -26.69
N SER C 583 74.34 12.99 -25.86
CA SER C 583 74.21 12.69 -24.46
C SER C 583 74.87 13.78 -23.63
N PRO C 584 74.20 14.33 -22.62
CA PRO C 584 74.85 15.28 -21.71
C PRO C 584 75.94 14.58 -20.92
N ARG C 585 77.11 15.22 -20.86
CA ARG C 585 78.30 14.61 -20.29
C ARG C 585 78.77 15.26 -18.99
N SER C 586 78.43 16.52 -18.76
CA SER C 586 78.73 17.13 -17.46
C SER C 586 77.66 16.71 -16.45
N LEU C 587 78.08 16.66 -15.17
CA LEU C 587 77.17 16.19 -14.13
C LEU C 587 76.02 17.18 -13.94
N SER C 588 76.30 18.47 -14.05
CA SER C 588 75.22 19.45 -14.07
C SER C 588 74.40 19.35 -15.35
N GLY C 589 75.00 18.85 -16.43
CA GLY C 589 74.24 18.58 -17.64
C GLY C 589 73.38 17.33 -17.52
N ARG C 590 73.82 16.36 -16.71
CA ARG C 590 73.02 15.15 -16.53
C ARG C 590 71.89 15.38 -15.54
N ILE C 591 72.04 16.38 -14.66
CA ILE C 591 70.95 16.76 -13.77
C ILE C 591 69.81 17.38 -14.56
N VAL C 592 70.13 18.33 -15.45
CA VAL C 592 69.10 19.05 -16.19
C VAL C 592 68.44 18.13 -17.22
N GLY C 593 69.15 17.08 -17.64
CA GLY C 593 68.49 16.04 -18.42
C GLY C 593 67.58 15.17 -17.57
N GLY C 594 68.03 14.81 -16.38
CA GLY C 594 67.28 13.86 -15.57
C GLY C 594 66.00 14.44 -14.99
N VAL C 595 66.02 15.74 -14.68
CA VAL C 595 64.83 16.34 -14.08
C VAL C 595 63.76 16.58 -15.13
N TRP C 596 64.18 16.97 -16.33
CA TRP C 596 63.25 17.09 -17.45
C TRP C 596 62.67 15.73 -17.83
N TRP C 597 63.45 14.68 -17.64
CA TRP C 597 62.94 13.32 -17.83
C TRP C 597 61.80 12.99 -16.87
N PHE C 598 61.96 13.31 -15.58
CA PHE C 598 60.91 12.99 -14.63
C PHE C 598 59.71 13.91 -14.81
N PHE C 599 59.90 15.04 -15.48
CA PHE C 599 58.77 15.87 -15.85
C PHE C 599 57.93 15.20 -16.93
N THR C 600 58.58 14.62 -17.94
CA THR C 600 57.81 14.16 -19.09
C THR C 600 57.20 12.81 -18.83
N LEU C 601 57.61 12.13 -17.76
CA LEU C 601 57.02 10.83 -17.45
C LEU C 601 55.77 11.00 -16.62
N ILE C 602 55.66 12.11 -15.89
CA ILE C 602 54.45 12.35 -15.12
C ILE C 602 53.37 12.93 -16.02
N ILE C 603 53.74 13.87 -16.89
CA ILE C 603 52.75 14.60 -17.69
C ILE C 603 52.08 13.68 -18.71
N ILE C 604 52.88 12.89 -19.43
CA ILE C 604 52.32 12.00 -20.44
C ILE C 604 51.47 10.92 -19.80
N SER C 605 51.94 10.36 -18.67
CA SER C 605 51.15 9.37 -17.97
C SER C 605 49.92 10.00 -17.34
N SER C 606 49.98 11.28 -16.99
CA SER C 606 48.76 11.97 -16.63
C SER C 606 47.88 12.18 -17.84
N TYR C 607 48.49 12.40 -19.00
CA TYR C 607 47.69 12.62 -20.21
C TYR C 607 47.00 11.34 -20.65
N THR C 608 47.70 10.21 -20.60
CA THR C 608 47.12 8.98 -21.09
C THR C 608 46.06 8.46 -20.13
N ALA C 609 46.26 8.67 -18.82
CA ALA C 609 45.26 8.25 -17.85
C ALA C 609 44.00 9.10 -17.97
N ASN C 610 44.16 10.40 -18.22
CA ASN C 610 42.98 11.24 -18.27
C ASN C 610 42.24 11.08 -19.60
N LEU C 611 42.95 10.72 -20.67
CA LEU C 611 42.27 10.44 -21.92
C LEU C 611 41.58 9.09 -21.86
N ALA C 612 42.07 8.20 -21.00
CA ALA C 612 41.29 7.02 -20.67
C ALA C 612 40.12 7.38 -19.77
N ALA C 613 40.26 8.46 -19.00
CA ALA C 613 39.21 8.80 -18.06
C ALA C 613 37.99 9.37 -18.75
N PHE C 614 38.18 10.06 -19.88
CA PHE C 614 37.02 10.51 -20.65
C PHE C 614 36.28 9.31 -21.24
N LEU C 615 37.01 8.45 -21.95
CA LEU C 615 36.34 7.43 -22.75
C LEU C 615 35.90 6.25 -21.90
N THR C 616 36.23 6.25 -20.62
CA THR C 616 35.55 5.35 -19.70
C THR C 616 34.18 5.90 -19.34
N VAL C 617 34.10 7.21 -19.09
CA VAL C 617 32.83 7.85 -18.77
C VAL C 617 31.90 7.83 -19.96
N GLU C 618 32.45 7.97 -21.17
CA GLU C 618 31.64 8.06 -22.38
C GLU C 618 30.94 6.75 -22.72
N ARG C 619 31.35 5.65 -22.09
CA ARG C 619 30.60 4.42 -22.27
C ARG C 619 29.64 4.16 -21.11
N MET C 620 29.85 4.81 -19.96
CA MET C 620 28.87 4.76 -18.89
C MET C 620 27.94 5.96 -18.92
N VAL C 621 27.33 6.22 -20.07
CA VAL C 621 26.39 7.33 -20.16
C VAL C 621 24.99 6.90 -19.73
N SER C 622 24.68 5.62 -19.92
CA SER C 622 23.31 5.07 -19.76
C SER C 622 22.27 5.89 -20.56
N PRO C 623 22.22 5.73 -21.89
CA PRO C 623 21.31 6.52 -22.72
C PRO C 623 19.85 6.10 -22.57
N ILE C 624 19.15 6.76 -21.63
CA ILE C 624 17.89 6.37 -20.99
C ILE C 624 16.83 5.88 -21.97
N GLU C 625 16.37 4.63 -21.76
CA GLU C 625 15.68 3.91 -22.82
C GLU C 625 14.22 3.63 -22.46
N SER C 626 13.88 3.64 -21.18
CA SER C 626 12.52 3.31 -20.78
C SER C 626 12.17 4.05 -19.50
N ALA C 627 10.93 3.83 -19.04
CA ALA C 627 10.40 4.58 -17.90
C ALA C 627 11.03 4.12 -16.59
N GLU C 628 11.45 2.86 -16.50
CA GLU C 628 12.21 2.42 -15.34
C GLU C 628 13.54 3.14 -15.27
N ASP C 629 14.16 3.40 -16.41
CA ASP C 629 15.37 4.20 -16.43
C ASP C 629 15.06 5.69 -16.30
N LEU C 630 13.82 6.08 -16.61
CA LEU C 630 13.40 7.44 -16.27
C LEU C 630 13.23 7.59 -14.77
N SER C 631 12.44 6.70 -14.15
CA SER C 631 11.97 6.94 -12.79
C SER C 631 13.09 6.76 -11.76
N LYS C 632 14.15 6.06 -12.13
CA LYS C 632 15.25 5.83 -11.21
C LYS C 632 16.32 6.90 -11.27
N GLN C 633 16.13 7.97 -12.03
CA GLN C 633 17.14 9.02 -12.12
C GLN C 633 16.46 10.37 -12.22
N THR C 634 16.79 11.26 -11.28
CA THR C 634 16.18 12.58 -11.19
C THR C 634 17.02 13.66 -11.86
N GLU C 635 17.96 13.27 -12.73
CA GLU C 635 18.68 14.25 -13.53
C GLU C 635 17.76 14.91 -14.53
N ILE C 636 16.76 14.18 -15.01
CA ILE C 636 15.89 14.62 -16.08
C ILE C 636 14.54 14.99 -15.48
N ALA C 637 13.90 16.01 -16.02
CA ALA C 637 12.56 16.38 -15.54
C ALA C 637 11.48 15.81 -16.46
N TYR C 638 10.31 15.50 -15.89
CA TYR C 638 9.21 14.86 -16.60
C TYR C 638 7.99 15.78 -16.53
N GLY C 639 7.59 16.33 -17.68
CA GLY C 639 6.38 17.12 -17.75
C GLY C 639 5.45 16.64 -18.84
N THR C 640 4.15 16.90 -18.64
CA THR C 640 3.12 16.61 -19.62
C THR C 640 2.28 17.87 -19.83
N LEU C 641 1.15 17.70 -20.50
CA LEU C 641 0.29 18.84 -20.81
C LEU C 641 -0.48 19.27 -19.56
N ASP C 642 -0.92 20.53 -19.54
CA ASP C 642 -1.64 21.06 -18.38
C ASP C 642 -2.97 20.37 -18.16
N SER C 643 -3.61 19.90 -19.23
CA SER C 643 -4.90 19.22 -19.12
C SER C 643 -5.09 18.30 -20.30
N GLY C 644 -5.01 17.00 -20.07
CA GLY C 644 -5.14 16.07 -21.16
C GLY C 644 -5.19 14.65 -20.64
N SER C 645 -5.19 13.72 -21.59
CA SER C 645 -5.34 12.32 -21.25
C SER C 645 -4.05 11.72 -20.71
N THR C 646 -2.93 12.42 -20.89
CA THR C 646 -1.65 11.90 -20.42
C THR C 646 -1.45 12.19 -18.93
N LYS C 647 -1.70 13.44 -18.51
CA LYS C 647 -1.56 13.80 -17.10
C LYS C 647 -2.54 13.03 -16.24
N GLU C 648 -3.78 12.88 -16.72
CA GLU C 648 -4.77 12.15 -15.94
C GLU C 648 -4.47 10.66 -15.90
N PHE C 649 -3.72 10.15 -16.90
CA PHE C 649 -3.35 8.74 -16.90
C PHE C 649 -2.40 8.43 -15.76
N PHE C 650 -1.49 9.35 -15.45
CA PHE C 650 -0.56 9.10 -14.35
C PHE C 650 -1.19 9.47 -13.01
N ARG C 651 -2.30 10.21 -13.02
CA ARG C 651 -2.99 10.50 -11.77
C ARG C 651 -3.66 9.25 -11.22
N ARG C 652 -4.53 8.63 -12.01
CA ARG C 652 -5.25 7.45 -11.55
C ARG C 652 -4.48 6.15 -11.73
N SER C 653 -3.22 6.20 -12.14
CA SER C 653 -2.42 4.99 -12.24
C SER C 653 -2.03 4.50 -10.86
N LYS C 654 -1.80 3.19 -10.75
CA LYS C 654 -1.30 2.59 -9.51
C LYS C 654 -0.14 1.63 -9.72
N ILE C 655 0.43 1.58 -10.92
CA ILE C 655 1.69 0.86 -11.11
C ILE C 655 2.77 1.60 -10.35
N ALA C 656 3.68 0.84 -9.74
CA ALA C 656 4.67 1.42 -8.81
C ALA C 656 5.62 2.37 -9.51
N VAL C 657 6.04 2.02 -10.72
CA VAL C 657 6.83 2.94 -11.54
C VAL C 657 6.00 4.16 -11.91
N PHE C 658 4.73 3.94 -12.25
CA PHE C 658 3.88 5.05 -12.65
C PHE C 658 3.47 5.89 -11.44
N ASP C 659 3.35 5.26 -10.27
CA ASP C 659 3.06 6.00 -9.05
C ASP C 659 4.20 6.94 -8.68
N LYS C 660 5.43 6.44 -8.78
CA LYS C 660 6.59 7.20 -8.34
C LYS C 660 6.85 8.40 -9.25
N MET C 661 6.45 8.29 -10.51
CA MET C 661 6.52 9.43 -11.41
C MET C 661 5.51 10.50 -11.02
N TRP C 662 4.29 10.08 -10.67
CA TRP C 662 3.24 11.05 -10.36
C TRP C 662 3.51 11.75 -9.03
N THR C 663 4.22 11.07 -8.12
CA THR C 663 4.70 11.76 -6.93
C THR C 663 5.78 12.78 -7.29
N TYR C 664 6.49 12.57 -8.39
CA TYR C 664 7.45 13.56 -8.85
C TYR C 664 6.79 14.65 -9.66
N MET C 665 5.80 14.29 -10.49
CA MET C 665 5.10 15.28 -11.32
C MET C 665 4.37 16.31 -10.46
N ARG C 666 3.78 15.88 -9.36
CA ARG C 666 3.18 16.80 -8.41
C ARG C 666 4.26 17.64 -7.72
N SER C 667 5.42 17.04 -7.47
CA SER C 667 6.50 17.71 -6.73
C SER C 667 7.38 18.46 -7.72
N ALA C 668 6.83 19.52 -8.30
CA ALA C 668 7.45 20.24 -9.39
C ALA C 668 7.82 21.65 -8.94
N GLU C 669 9.12 21.90 -8.83
CA GLU C 669 9.64 23.23 -8.55
C GLU C 669 10.75 23.53 -9.54
N PRO C 670 10.49 24.31 -10.60
CA PRO C 670 9.20 24.87 -11.02
C PRO C 670 8.28 23.84 -11.69
N SER C 671 7.13 24.29 -12.17
CA SER C 671 6.12 23.39 -12.72
C SER C 671 6.64 22.70 -13.98
N VAL C 672 6.53 21.38 -14.00
CA VAL C 672 6.99 20.62 -15.16
C VAL C 672 5.97 20.71 -16.29
N PHE C 673 4.72 20.99 -15.95
CA PHE C 673 3.65 20.92 -16.94
C PHE C 673 3.70 22.13 -17.87
N VAL C 674 3.03 22.01 -19.02
CA VAL C 674 3.03 23.02 -20.07
C VAL C 674 1.62 23.21 -20.57
N ARG C 675 1.36 24.38 -21.17
CA ARG C 675 0.02 24.71 -21.64
C ARG C 675 -0.38 23.93 -22.87
N THR C 676 0.33 24.10 -23.98
CA THR C 676 0.02 23.38 -25.19
C THR C 676 1.22 22.55 -25.60
N THR C 677 1.01 21.68 -26.60
CA THR C 677 2.06 20.78 -27.03
C THR C 677 3.20 21.55 -27.70
N ALA C 678 2.87 22.58 -28.46
CA ALA C 678 3.88 23.31 -29.22
C ALA C 678 4.81 24.08 -28.30
N GLU C 679 4.31 24.50 -27.13
CA GLU C 679 5.21 25.09 -26.15
C GLU C 679 6.04 24.02 -25.46
N GLY C 680 5.43 22.88 -25.14
CA GLY C 680 6.12 21.87 -24.36
C GLY C 680 7.25 21.20 -25.12
N VAL C 681 7.08 21.02 -26.43
CA VAL C 681 8.16 20.47 -27.23
C VAL C 681 9.25 21.52 -27.43
N ALA C 682 8.90 22.80 -27.31
CA ALA C 682 9.89 23.85 -27.49
C ALA C 682 10.80 23.97 -26.28
N ARG C 683 10.30 23.58 -25.10
CA ARG C 683 11.16 23.53 -23.92
C ARG C 683 12.22 22.46 -24.07
N VAL C 684 11.89 21.37 -24.77
CA VAL C 684 12.85 20.30 -25.01
C VAL C 684 13.98 20.79 -25.92
N ARG C 685 13.66 21.69 -26.86
CA ARG C 685 14.68 22.25 -27.73
C ARG C 685 15.65 23.16 -26.97
N LYS C 686 15.21 23.74 -25.85
CA LYS C 686 16.06 24.70 -25.16
C LYS C 686 16.70 24.16 -23.87
N SER C 687 16.17 23.09 -23.30
CA SER C 687 16.67 22.64 -22.00
C SER C 687 17.86 21.70 -22.10
N LYS C 688 18.30 21.37 -23.30
CA LYS C 688 19.56 20.63 -23.57
C LYS C 688 19.58 19.26 -22.93
N GLY C 689 18.48 18.53 -23.10
CA GLY C 689 18.42 17.15 -22.66
C GLY C 689 18.24 16.95 -21.17
N LYS C 690 17.88 17.98 -20.42
CA LYS C 690 17.59 17.84 -19.01
C LYS C 690 16.10 17.77 -18.73
N TYR C 691 15.26 17.92 -19.75
CA TYR C 691 13.82 17.98 -19.59
C TYR C 691 13.16 17.04 -20.58
N ALA C 692 12.51 16.01 -20.07
CA ALA C 692 11.78 15.08 -20.90
C ALA C 692 10.31 15.49 -20.89
N TYR C 693 9.69 15.48 -22.05
CA TYR C 693 8.28 15.77 -22.17
C TYR C 693 7.57 14.53 -22.70
N LEU C 694 6.78 13.90 -21.84
CA LEU C 694 6.03 12.70 -22.23
C LEU C 694 4.83 13.14 -23.06
N LEU C 695 4.60 12.45 -24.17
CA LEU C 695 3.43 12.70 -24.98
C LEU C 695 3.13 11.47 -25.82
N GLU C 696 2.06 11.56 -26.58
CA GLU C 696 1.58 10.43 -27.35
C GLU C 696 2.48 10.14 -28.55
N SER C 697 2.39 8.92 -29.04
CA SER C 697 3.37 8.40 -29.99
C SER C 697 3.22 9.04 -31.37
N THR C 698 1.99 9.23 -31.83
CA THR C 698 1.81 9.73 -33.19
C THR C 698 2.08 11.22 -33.27
N MET C 699 1.98 11.93 -32.14
CA MET C 699 2.55 13.28 -32.10
C MET C 699 4.05 13.23 -31.97
N ASN C 700 4.58 12.16 -31.39
CA ASN C 700 6.03 12.07 -31.22
C ASN C 700 6.71 11.74 -32.54
N GLU C 701 6.03 11.00 -33.42
CA GLU C 701 6.64 10.67 -34.71
C GLU C 701 6.67 11.87 -35.64
N TYR C 702 5.63 12.71 -35.61
CA TYR C 702 5.59 13.82 -36.54
C TYR C 702 6.60 14.89 -36.18
N ILE C 703 6.90 15.05 -34.90
CA ILE C 703 7.90 16.03 -34.51
C ILE C 703 9.30 15.54 -34.89
N GLU C 704 9.51 14.22 -34.90
CA GLU C 704 10.79 13.65 -35.29
C GLU C 704 11.09 13.89 -36.76
N GLN C 705 10.06 13.85 -37.60
CA GLN C 705 10.24 14.00 -39.05
C GLN C 705 10.13 15.45 -39.50
N ARG C 706 10.45 16.42 -38.65
CA ARG C 706 10.47 17.82 -39.04
C ARG C 706 11.68 18.50 -38.41
N LYS C 707 12.21 19.51 -39.12
CA LYS C 707 13.46 20.16 -38.73
C LYS C 707 13.33 20.86 -37.39
N PRO C 708 14.41 20.92 -36.58
CA PRO C 708 15.78 20.42 -36.75
C PRO C 708 15.97 18.90 -36.59
N CYS C 709 14.88 18.14 -36.46
CA CYS C 709 14.90 16.68 -36.27
C CYS C 709 15.73 16.30 -35.04
N ASP C 710 15.59 17.11 -33.99
CA ASP C 710 16.47 17.06 -32.84
C ASP C 710 15.75 16.52 -31.59
N THR C 711 14.68 15.75 -31.77
CA THR C 711 14.04 15.02 -30.69
C THR C 711 13.88 13.58 -31.14
N MET C 712 14.18 12.64 -30.25
CA MET C 712 14.15 11.23 -30.61
C MET C 712 13.24 10.46 -29.67
N LYS C 713 12.36 9.67 -30.25
CA LYS C 713 11.57 8.71 -29.50
C LYS C 713 12.47 7.67 -28.86
N VAL C 714 12.29 7.45 -27.56
CA VAL C 714 13.00 6.41 -26.85
C VAL C 714 11.99 5.41 -26.29
N GLY C 715 12.31 4.14 -26.40
CA GLY C 715 11.46 3.10 -25.87
C GLY C 715 10.22 2.86 -26.70
N GLY C 716 9.40 1.93 -26.19
CA GLY C 716 8.15 1.58 -26.83
C GLY C 716 6.98 2.22 -26.10
N ASN C 717 5.79 1.76 -26.45
CA ASN C 717 4.58 2.32 -25.89
C ASN C 717 4.40 1.90 -24.44
N LEU C 718 4.17 2.89 -23.58
CA LEU C 718 3.88 2.59 -22.18
C LEU C 718 2.45 2.11 -22.01
N ASP C 719 1.59 2.39 -22.98
CA ASP C 719 0.18 2.08 -22.88
C ASP C 719 -0.38 1.95 -24.29
N SER C 720 -1.63 1.53 -24.41
CA SER C 720 -2.33 1.46 -25.68
C SER C 720 -3.69 2.12 -25.56
N LYS C 721 -3.94 3.11 -26.40
CA LYS C 721 -5.20 3.86 -26.38
C LYS C 721 -5.66 4.07 -27.82
N GLY C 722 -6.79 4.78 -27.97
CA GLY C 722 -7.36 4.95 -29.30
C GLY C 722 -7.94 6.34 -29.56
N TYR C 723 -7.74 6.83 -30.78
CA TYR C 723 -8.38 8.08 -31.19
C TYR C 723 -9.78 7.81 -31.74
N GLY C 724 -10.72 8.65 -31.37
CA GLY C 724 -12.10 8.45 -31.73
C GLY C 724 -12.83 9.75 -31.99
N ILE C 725 -13.79 9.69 -32.90
CA ILE C 725 -14.71 10.81 -33.11
C ILE C 725 -15.76 10.80 -32.02
N ALA C 726 -15.90 11.93 -31.34
CA ALA C 726 -16.76 12.00 -30.16
C ALA C 726 -17.95 12.91 -30.42
N THR C 727 -19.10 12.47 -29.92
CA THR C 727 -20.39 13.15 -29.98
C THR C 727 -20.84 13.40 -28.56
N PRO C 728 -21.75 14.34 -28.34
CA PRO C 728 -22.39 14.45 -27.02
C PRO C 728 -23.22 13.21 -26.72
N LYS C 729 -23.36 12.94 -25.42
CA LYS C 729 -24.17 11.81 -24.98
C LYS C 729 -25.63 12.03 -25.31
N GLY C 730 -26.20 11.13 -26.09
CA GLY C 730 -27.61 11.19 -26.39
C GLY C 730 -27.98 11.93 -27.66
N SER C 731 -27.02 12.27 -28.52
CA SER C 731 -27.37 12.75 -29.84
C SER C 731 -27.45 11.57 -30.80
N SER C 732 -28.34 11.69 -31.80
CA SER C 732 -28.53 10.59 -32.73
C SER C 732 -27.45 10.57 -33.81
N LEU C 733 -26.62 11.61 -33.86
CA LEU C 733 -25.58 11.71 -34.87
C LEU C 733 -24.48 10.68 -34.68
N GLY C 734 -24.33 10.13 -33.47
CA GLY C 734 -23.22 9.23 -33.19
C GLY C 734 -23.32 7.90 -33.92
N THR C 735 -24.53 7.50 -34.31
CA THR C 735 -24.69 6.21 -34.97
C THR C 735 -24.31 6.23 -36.46
N PRO C 736 -24.71 7.21 -37.31
CA PRO C 736 -24.20 7.15 -38.70
C PRO C 736 -22.73 7.51 -38.82
N VAL C 737 -22.20 8.29 -37.87
CA VAL C 737 -20.77 8.59 -37.85
C VAL C 737 -19.98 7.33 -37.54
N ASN C 738 -20.50 6.49 -36.64
CA ASN C 738 -19.92 5.19 -36.36
C ASN C 738 -19.95 4.29 -37.60
N LEU C 739 -20.96 4.46 -38.46
CA LEU C 739 -21.00 3.72 -39.71
C LEU C 739 -19.90 4.16 -40.66
N ALA C 740 -19.59 5.46 -40.68
CA ALA C 740 -18.61 5.97 -41.62
C ALA C 740 -17.18 5.60 -41.21
N VAL C 741 -16.95 5.40 -39.92
CA VAL C 741 -15.61 5.05 -39.44
C VAL C 741 -15.25 3.64 -39.88
N LEU C 742 -16.19 2.70 -39.76
CA LEU C 742 -15.97 1.36 -40.27
C LEU C 742 -16.00 1.34 -41.80
N LYS C 743 -16.71 2.30 -42.40
CA LYS C 743 -16.76 2.40 -43.86
C LYS C 743 -15.39 2.74 -44.43
N LEU C 744 -14.74 3.76 -43.88
CA LEU C 744 -13.42 4.16 -44.35
C LEU C 744 -12.35 3.20 -43.87
N SER C 745 -12.67 2.38 -42.86
CA SER C 745 -11.79 1.30 -42.47
C SER C 745 -11.81 0.18 -43.49
N GLU C 746 -13.00 -0.14 -44.03
CA GLU C 746 -13.12 -1.17 -45.06
C GLU C 746 -12.50 -0.72 -46.37
N GLN C 747 -12.68 0.56 -46.72
CA GLN C 747 -12.20 1.12 -47.98
C GLN C 747 -10.68 1.23 -48.02
N GLY C 748 -10.02 1.26 -46.86
CA GLY C 748 -8.60 1.47 -46.82
C GLY C 748 -8.25 2.94 -46.87
N VAL C 749 -9.28 3.79 -46.86
CA VAL C 749 -9.08 5.22 -47.03
C VAL C 749 -8.43 5.83 -45.79
N LEU C 750 -8.71 5.26 -44.61
CA LEU C 750 -8.08 5.72 -43.38
C LEU C 750 -6.57 5.45 -43.41
N ASP C 751 -6.18 4.24 -43.81
CA ASP C 751 -4.76 3.97 -44.00
C ASP C 751 -4.21 4.76 -45.19
N LYS C 752 -5.06 5.07 -46.17
CA LYS C 752 -4.65 5.91 -47.28
C LYS C 752 -4.42 7.34 -46.82
N LEU C 753 -5.30 7.85 -45.96
CA LEU C 753 -5.08 9.17 -45.39
C LEU C 753 -3.89 9.17 -44.45
N LYS C 754 -3.61 8.03 -43.84
CA LYS C 754 -2.51 7.93 -42.89
C LYS C 754 -1.17 8.10 -43.60
N ASN C 755 -0.90 7.24 -44.59
CA ASN C 755 0.40 7.28 -45.25
C ASN C 755 0.48 8.44 -46.26
N LYS C 756 -0.64 9.13 -46.50
CA LYS C 756 -0.63 10.35 -47.29
C LYS C 756 0.19 11.43 -46.59
N TRP C 757 -0.07 11.66 -45.31
CA TRP C 757 0.37 12.90 -44.70
C TRP C 757 1.81 12.81 -44.21
N TRP C 758 2.13 11.77 -43.42
CA TRP C 758 3.45 11.70 -42.80
C TRP C 758 4.54 11.43 -43.81
N TYR C 759 4.21 10.77 -44.93
CA TYR C 759 5.24 10.35 -45.87
C TYR C 759 5.54 11.43 -46.89
N ASP C 760 4.50 12.02 -47.50
CA ASP C 760 4.70 12.97 -48.59
C ASP C 760 5.32 14.28 -48.10
N LYS C 761 5.14 14.61 -46.83
CA LYS C 761 5.77 15.79 -46.26
C LYS C 761 6.86 15.36 -45.30
N GLY C 762 7.58 14.30 -45.66
CA GLY C 762 8.69 13.82 -44.85
C GLY C 762 9.94 14.66 -45.05
N GLU C 763 10.36 15.35 -43.99
CA GLU C 763 11.39 16.37 -44.16
C GLU C 763 12.78 15.75 -44.18
N CYS C 764 13.19 15.14 -43.07
CA CYS C 764 14.54 14.58 -43.00
C CYS C 764 14.50 13.06 -43.11
N GLY C 765 13.76 12.41 -42.22
CA GLY C 765 13.46 10.99 -42.33
C GLY C 765 14.66 10.05 -42.19
N ALA C 766 14.33 8.75 -42.23
CA ALA C 766 15.31 7.65 -42.31
C ALA C 766 16.31 7.66 -41.16
N LYS C 767 15.80 7.54 -39.93
CA LYS C 767 16.67 7.66 -38.77
C LYS C 767 17.30 6.33 -38.40
N ASP C 768 16.64 5.23 -38.72
CA ASP C 768 17.20 3.90 -38.46
C ASP C 768 18.40 3.62 -39.35
N SER C 769 18.38 4.14 -40.58
CA SER C 769 19.55 3.99 -41.46
C SER C 769 20.65 4.96 -41.07
N GLY C 770 20.29 6.10 -40.48
CA GLY C 770 21.29 7.02 -39.98
C GLY C 770 21.95 6.52 -38.70
N SER C 771 21.20 5.79 -37.87
CA SER C 771 21.70 5.24 -36.62
C SER C 771 21.81 3.72 -36.63
N LYS C 772 22.01 3.10 -37.79
CA LYS C 772 22.29 1.66 -37.83
C LYS C 772 23.67 1.35 -37.29
N GLU C 773 24.62 2.25 -37.50
CA GLU C 773 25.97 2.07 -37.00
C GLU C 773 26.04 2.49 -35.54
N LYS C 774 26.68 1.66 -34.73
CA LYS C 774 26.90 1.98 -33.32
C LYS C 774 28.36 2.34 -33.13
N THR C 775 28.61 3.58 -32.68
CA THR C 775 29.95 4.10 -32.54
C THR C 775 30.50 3.70 -31.17
N SER C 776 31.75 3.22 -31.15
CA SER C 776 32.45 2.91 -29.92
C SER C 776 33.89 3.37 -29.92
N ALA C 777 34.49 3.56 -31.09
CA ALA C 777 35.88 3.93 -31.22
C ALA C 777 36.01 5.41 -31.50
N LEU C 778 37.26 5.90 -31.50
CA LEU C 778 37.51 7.26 -31.94
C LEU C 778 37.23 7.37 -33.44
N SER C 779 36.67 8.51 -33.83
CA SER C 779 36.43 8.75 -35.25
C SER C 779 37.71 9.24 -35.92
N LEU C 780 37.56 9.59 -37.20
CA LEU C 780 38.62 10.35 -37.86
C LEU C 780 38.70 11.74 -37.29
N SER C 781 37.55 12.29 -36.86
CA SER C 781 37.49 13.68 -36.44
C SER C 781 38.12 13.88 -35.08
N ASN C 782 38.04 12.87 -34.21
CA ASN C 782 38.43 13.04 -32.81
C ASN C 782 39.91 13.32 -32.63
N VAL C 783 40.75 12.91 -33.56
CA VAL C 783 42.17 13.22 -33.49
C VAL C 783 42.58 13.92 -34.78
N ALA C 784 41.61 14.56 -35.45
CA ALA C 784 41.88 15.20 -36.73
C ALA C 784 42.72 16.46 -36.54
N GLY C 785 42.70 17.03 -35.33
CA GLY C 785 43.54 18.19 -35.05
C GLY C 785 45.01 17.85 -35.06
N VAL C 786 45.34 16.57 -34.84
CA VAL C 786 46.73 16.16 -34.94
C VAL C 786 47.16 16.09 -36.40
N PHE C 787 46.27 15.61 -37.27
CA PHE C 787 46.57 15.55 -38.70
C PHE C 787 46.70 16.95 -39.28
N TYR C 788 45.89 17.89 -38.79
CA TYR C 788 45.98 19.26 -39.28
C TYR C 788 47.26 19.93 -38.79
N ILE C 789 47.78 19.49 -37.64
CA ILE C 789 49.11 19.92 -37.24
C ILE C 789 50.17 19.16 -38.03
N LEU C 790 49.91 17.88 -38.34
CA LEU C 790 50.92 17.08 -39.02
C LEU C 790 51.07 17.50 -40.47
N VAL C 791 49.95 17.63 -41.19
CA VAL C 791 50.00 18.04 -42.59
C VAL C 791 50.48 19.48 -42.70
N GLY C 792 49.92 20.36 -41.87
CA GLY C 792 50.33 21.77 -41.92
C GLY C 792 51.74 21.99 -41.41
N GLY C 793 52.19 21.15 -40.47
CA GLY C 793 53.55 21.28 -39.97
C GLY C 793 54.58 20.89 -41.01
N LEU C 794 54.23 19.95 -41.89
CA LEU C 794 55.09 19.68 -43.05
C LEU C 794 54.99 20.81 -44.07
N GLY C 795 53.84 21.49 -44.10
CA GLY C 795 53.71 22.65 -44.96
C GLY C 795 54.61 23.79 -44.55
N LEU C 796 54.81 23.97 -43.24
CA LEU C 796 55.82 24.91 -42.77
C LEU C 796 57.21 24.35 -42.95
N ALA C 797 57.34 23.02 -42.98
CA ALA C 797 58.64 22.42 -43.29
C ALA C 797 58.99 22.61 -44.75
N MET C 798 57.98 22.71 -45.63
CA MET C 798 58.25 23.08 -47.02
C MET C 798 58.75 24.51 -47.12
N LEU C 799 58.26 25.39 -46.25
CA LEU C 799 58.57 26.81 -46.37
C LEU C 799 59.99 27.11 -45.91
N VAL C 800 60.42 26.48 -44.82
CA VAL C 800 61.76 26.77 -44.28
C VAL C 800 62.83 26.11 -45.16
N ALA C 801 62.47 25.03 -45.84
CA ALA C 801 63.40 24.37 -46.76
C ALA C 801 63.75 25.28 -47.94
N LEU C 802 62.76 25.98 -48.49
CA LEU C 802 63.03 26.89 -49.60
C LEU C 802 63.75 28.14 -49.12
N ILE C 803 63.46 28.58 -47.89
CA ILE C 803 64.08 29.80 -47.37
C ILE C 803 65.55 29.57 -47.03
N GLU C 804 65.84 28.44 -46.37
CA GLU C 804 67.23 28.13 -46.03
C GLU C 804 68.05 27.83 -47.29
N PHE C 805 67.40 27.30 -48.33
CA PHE C 805 68.06 27.10 -49.61
C PHE C 805 68.40 28.43 -50.27
N CYS C 806 67.47 29.40 -50.22
CA CYS C 806 67.77 30.74 -50.71
C CYS C 806 68.72 31.46 -49.77
N TYR C 807 68.65 31.16 -48.47
CA TYR C 807 69.65 31.66 -47.54
C TYR C 807 71.01 31.04 -47.82
N LYS C 808 71.02 29.78 -48.28
CA LYS C 808 72.27 29.19 -48.74
C LYS C 808 72.71 29.83 -50.05
N SER C 809 71.75 30.18 -50.92
CA SER C 809 72.09 30.77 -52.21
C SER C 809 72.50 32.24 -52.06
N ARG C 810 71.93 32.94 -51.07
CA ARG C 810 72.38 34.29 -50.79
C ARG C 810 73.77 34.28 -50.16
N ALA C 811 74.08 33.21 -49.40
CA ALA C 811 75.42 33.05 -48.86
C ALA C 811 76.43 32.74 -49.96
N GLU C 812 75.96 32.15 -51.08
CA GLU C 812 76.83 31.95 -52.23
C GLU C 812 77.19 33.28 -52.88
N ALA C 813 76.25 34.22 -52.94
CA ALA C 813 76.47 35.49 -53.61
C ALA C 813 77.43 36.38 -52.82
N SER C 823 78.59 43.83 -35.33
CA SER C 823 78.46 42.38 -35.35
C SER C 823 78.36 41.82 -33.93
N ARG C 824 79.52 41.68 -33.27
CA ARG C 824 79.52 41.25 -31.87
C ARG C 824 79.09 42.38 -30.94
N ARG C 825 79.18 43.62 -31.41
CA ARG C 825 78.52 44.72 -30.71
C ARG C 825 77.05 44.79 -31.07
N GLY C 826 76.68 44.23 -32.24
CA GLY C 826 75.28 44.24 -32.65
C GLY C 826 74.44 43.25 -31.87
N ARG C 827 75.05 42.15 -31.42
CA ARG C 827 74.30 41.16 -30.66
C ARG C 827 74.04 41.64 -29.24
N ALA C 828 74.95 42.43 -28.68
CA ALA C 828 74.77 42.96 -27.34
C ALA C 828 73.70 44.05 -27.32
N LEU C 829 73.51 44.73 -28.45
CA LEU C 829 72.53 45.81 -28.52
C LEU C 829 71.11 45.27 -28.44
N LEU C 830 70.85 44.15 -29.12
CA LEU C 830 69.51 43.57 -29.07
C LEU C 830 69.27 42.89 -27.72
N ALA C 831 70.32 42.36 -27.11
CA ALA C 831 70.16 41.60 -25.86
C ALA C 831 69.77 42.51 -24.71
N VAL C 832 70.23 43.76 -24.70
CA VAL C 832 69.82 44.70 -23.67
C VAL C 832 68.42 45.21 -23.96
N ALA C 833 68.11 45.45 -25.25
CA ALA C 833 66.81 46.00 -25.61
C ALA C 833 65.68 44.99 -25.40
N LEU C 834 65.98 43.70 -25.49
CA LEU C 834 64.99 42.69 -25.14
C LEU C 834 64.84 42.58 -23.64
N ASN C 835 65.90 42.85 -22.88
CA ASN C 835 65.80 42.90 -21.43
C ASN C 835 64.93 44.07 -20.98
N LEU C 836 65.05 45.20 -21.67
CA LEU C 836 64.24 46.37 -21.32
C LEU C 836 62.76 46.13 -21.66
N LEU C 837 62.49 45.28 -22.64
CA LEU C 837 61.12 44.81 -22.84
C LEU C 837 60.66 43.96 -21.66
N ALA C 838 61.56 43.13 -21.13
CA ALA C 838 61.20 42.24 -20.04
C ALA C 838 60.97 43.00 -18.75
N LEU C 839 61.63 44.15 -18.59
CA LEU C 839 61.32 45.01 -17.46
C LEU C 839 59.97 45.67 -17.66
N LEU C 840 59.71 46.15 -18.88
CA LEU C 840 58.48 46.89 -19.14
C LEU C 840 57.26 45.97 -19.13
N PHE C 841 57.44 44.73 -19.59
CA PHE C 841 56.29 43.83 -19.67
C PHE C 841 55.94 43.24 -18.32
N ALA C 842 56.94 43.06 -17.46
CA ALA C 842 56.68 42.50 -16.13
C ALA C 842 56.10 43.55 -15.18
N THR C 843 56.68 44.75 -15.18
CA THR C 843 56.21 45.79 -14.27
C THR C 843 54.84 46.31 -14.67
N THR C 844 54.49 46.21 -15.96
CA THR C 844 53.12 46.47 -16.38
C THR C 844 52.18 45.48 -15.70
N ALA C 845 52.55 44.21 -15.69
CA ALA C 845 51.73 43.17 -15.09
C ALA C 845 51.61 43.34 -13.59
N PHE C 846 52.70 43.76 -12.94
CA PHE C 846 52.72 43.89 -11.50
C PHE C 846 51.85 45.06 -11.03
N LEU C 847 51.73 46.09 -11.86
CA LEU C 847 50.96 47.26 -11.46
C LEU C 847 49.52 47.20 -11.95
N THR C 848 49.29 46.68 -13.16
CA THR C 848 47.92 46.58 -13.67
C THR C 848 47.12 45.54 -12.91
N THR C 849 45.86 45.88 -12.64
CA THR C 849 44.90 44.97 -12.03
C THR C 849 43.99 44.31 -13.06
N TYR C 850 44.49 44.07 -14.28
CA TYR C 850 43.74 43.44 -15.34
C TYR C 850 44.26 42.05 -15.71
N TRP C 851 44.79 41.28 -14.75
CA TRP C 851 45.27 39.94 -15.08
C TRP C 851 44.13 38.98 -15.40
N CYS C 852 43.05 39.05 -14.64
CA CYS C 852 41.98 38.08 -14.75
C CYS C 852 40.70 38.82 -15.09
N GLN C 853 40.22 38.63 -16.32
CA GLN C 853 39.02 39.27 -16.80
C GLN C 853 37.84 38.36 -16.47
N GLY C 854 37.08 38.74 -15.44
CA GLY C 854 35.97 37.91 -15.00
C GLY C 854 34.72 38.74 -14.86
N THR C 855 33.59 38.03 -14.73
CA THR C 855 32.30 38.66 -14.52
C THR C 855 31.53 37.92 -13.44
N GLN C 856 30.80 38.67 -12.63
CA GLN C 856 30.02 38.12 -11.53
C GLN C 856 28.63 38.73 -11.57
N ARG C 857 27.66 38.06 -10.95
CA ARG C 857 26.27 38.44 -11.13
C ARG C 857 25.54 38.50 -9.80
N VAL C 858 24.54 39.36 -9.75
CA VAL C 858 23.50 39.32 -8.72
C VAL C 858 22.20 38.93 -9.41
N PRO C 859 21.34 38.11 -8.78
CA PRO C 859 20.13 37.55 -9.42
C PRO C 859 19.09 38.57 -9.83
N PHE C 905 19.07 39.82 -12.77
CA PHE C 905 19.85 39.27 -13.88
C PHE C 905 21.02 40.20 -14.16
N GLN C 906 21.41 40.97 -13.14
CA GLN C 906 22.40 42.02 -13.28
C GLN C 906 23.79 41.38 -13.19
N LEU C 907 24.67 41.74 -14.12
CA LEU C 907 26.01 41.18 -14.20
C LEU C 907 27.04 42.28 -13.98
N ARG C 908 28.13 41.93 -13.30
CA ARG C 908 29.21 42.87 -13.01
C ARG C 908 30.52 42.32 -13.56
N ARG C 909 31.02 42.96 -14.61
CA ARG C 909 32.38 42.74 -15.08
C ARG C 909 33.38 43.18 -14.01
N PHE C 910 34.51 42.47 -13.90
CA PHE C 910 35.57 42.90 -13.00
C PHE C 910 36.92 42.45 -13.53
N HIS C 911 37.96 42.80 -12.77
CA HIS C 911 39.35 42.55 -13.11
C HIS C 911 40.19 42.63 -11.85
N THR C 912 41.16 41.74 -11.72
CA THR C 912 42.01 41.68 -10.52
C THR C 912 43.47 41.41 -10.88
N GLY C 913 44.31 41.51 -9.86
CA GLY C 913 45.72 41.15 -9.96
C GLY C 913 46.13 40.41 -8.70
N ILE C 914 47.34 40.73 -8.23
CA ILE C 914 47.78 40.19 -6.94
C ILE C 914 47.43 41.14 -5.80
N TRP C 915 47.38 42.44 -6.07
CA TRP C 915 47.15 43.38 -4.97
C TRP C 915 45.68 43.76 -4.81
N TYR C 916 45.11 44.40 -5.81
CA TYR C 916 43.79 45.01 -5.67
C TYR C 916 42.83 44.48 -6.72
N SER C 917 41.75 43.86 -6.25
CA SER C 917 40.66 43.44 -7.12
C SER C 917 39.70 44.60 -7.28
N CYS C 918 39.61 45.14 -8.49
CA CYS C 918 38.80 46.32 -8.78
C CYS C 918 37.57 45.89 -9.57
N GLU C 919 36.39 46.08 -8.99
CA GLU C 919 35.14 45.58 -9.54
C GLU C 919 34.31 46.74 -10.09
N GLU C 920 33.80 46.58 -11.31
CA GLU C 920 32.90 47.57 -11.88
C GLU C 920 31.53 47.51 -11.20
N GLU C 921 30.96 48.68 -10.95
CA GLU C 921 29.61 48.81 -10.45
C GLU C 921 28.70 49.34 -11.54
N LEU C 922 27.43 48.97 -11.48
CA LEU C 922 26.45 49.56 -12.38
C LEU C 922 26.06 50.94 -11.88
N GLY C 923 25.41 51.70 -12.76
CA GLY C 923 25.08 53.08 -12.46
C GLY C 923 26.20 54.05 -12.66
N GLY C 924 27.27 53.65 -13.35
CA GLY C 924 28.39 54.51 -13.60
C GLY C 924 29.65 53.72 -13.93
N PRO C 925 30.82 54.32 -13.67
CA PRO C 925 32.06 53.59 -13.93
C PRO C 925 32.37 52.52 -12.90
N GLY C 926 32.09 52.79 -11.63
CA GLY C 926 32.38 51.83 -10.57
C GLY C 926 33.82 51.84 -10.11
N GLU C 927 34.58 50.79 -10.45
CA GLU C 927 35.95 50.56 -10.05
C GLU C 927 36.16 50.62 -8.54
N LYS C 928 35.26 50.01 -7.78
CA LYS C 928 35.54 49.76 -6.37
C LYS C 928 36.67 48.75 -6.24
N CYS C 929 37.77 49.17 -5.63
CA CYS C 929 38.97 48.34 -5.55
C CYS C 929 39.08 47.72 -4.17
N ARG C 930 39.16 46.39 -4.14
CA ARG C 930 39.23 45.62 -2.91
C ARG C 930 40.51 44.80 -2.91
N SER C 931 41.12 44.66 -1.74
CA SER C 931 42.42 43.99 -1.59
C SER C 931 42.34 42.49 -1.89
N PHE C 932 43.28 42.01 -2.69
CA PHE C 932 43.22 40.61 -3.13
C PHE C 932 43.82 39.66 -2.10
N ILE C 933 44.73 40.17 -1.26
CA ILE C 933 45.50 39.30 -0.37
C ILE C 933 44.61 38.73 0.73
N ASP C 934 43.85 39.59 1.40
CA ASP C 934 42.96 39.12 2.47
C ASP C 934 41.69 38.50 1.91
N LEU C 935 41.48 38.61 0.60
CA LEU C 935 40.28 38.08 -0.03
C LEU C 935 40.24 36.55 -0.01
N ALA C 936 41.39 35.90 -0.03
CA ALA C 936 41.49 34.45 -0.09
C ALA C 936 41.25 33.80 1.26
N PRO C 937 40.96 32.50 1.31
CA PRO C 937 41.10 31.75 2.58
C PRO C 937 42.55 31.51 2.95
N ALA C 938 42.73 31.02 4.18
CA ALA C 938 43.94 31.32 4.96
C ALA C 938 45.18 30.59 4.44
N SER C 939 45.07 29.29 4.18
CA SER C 939 46.24 28.52 3.76
C SER C 939 46.67 28.90 2.35
N GLU C 940 45.70 29.16 1.48
CA GLU C 940 45.98 29.61 0.12
C GLU C 940 46.53 31.02 0.12
N LYS C 941 46.07 31.83 1.08
CA LYS C 941 46.68 33.14 1.33
C LYS C 941 48.13 32.99 1.73
N GLY C 942 48.45 31.97 2.54
CA GLY C 942 49.83 31.73 2.94
C GLY C 942 50.73 31.37 1.77
N VAL C 943 50.17 30.66 0.78
CA VAL C 943 50.88 30.47 -0.48
C VAL C 943 51.02 31.80 -1.21
N LEU C 944 49.96 32.61 -1.15
CA LEU C 944 49.94 33.87 -1.88
C LEU C 944 50.90 34.89 -1.28
N TRP C 945 51.21 34.77 0.01
CA TRP C 945 52.27 35.55 0.62
C TRP C 945 53.62 35.26 -0.03
N LEU C 946 53.81 34.02 -0.46
CA LEU C 946 55.10 33.65 -1.06
C LEU C 946 55.13 33.99 -2.54
N SER C 947 53.95 34.08 -3.17
CA SER C 947 53.90 34.32 -4.61
C SER C 947 54.30 35.74 -4.96
N VAL C 948 53.84 36.72 -4.17
CA VAL C 948 54.14 38.12 -4.45
C VAL C 948 55.62 38.40 -4.22
N VAL C 949 56.16 37.86 -3.13
CA VAL C 949 57.59 37.94 -2.86
C VAL C 949 58.38 37.26 -3.98
N SER C 950 57.84 36.17 -4.53
CA SER C 950 58.48 35.52 -5.67
C SER C 950 58.44 36.40 -6.91
N GLU C 951 57.42 37.25 -7.03
CA GLU C 951 57.34 38.12 -8.20
C GLU C 951 58.16 39.39 -8.02
N VAL C 952 58.16 39.94 -6.80
CA VAL C 952 58.97 41.12 -6.50
C VAL C 952 60.45 40.80 -6.64
N LEU C 953 60.83 39.57 -6.26
CA LEU C 953 62.21 39.15 -6.43
C LEU C 953 62.50 38.87 -7.91
N TYR C 954 61.46 38.56 -8.70
CA TYR C 954 61.66 38.42 -10.14
C TYR C 954 61.91 39.76 -10.80
N ILE C 955 61.19 40.80 -10.36
CA ILE C 955 61.37 42.13 -10.96
C ILE C 955 62.72 42.70 -10.58
N LEU C 956 63.08 42.62 -9.29
CA LEU C 956 64.32 43.23 -8.83
C LEU C 956 65.54 42.48 -9.35
N LEU C 957 65.44 41.16 -9.52
CA LEU C 957 66.57 40.43 -10.08
C LEU C 957 66.55 40.48 -11.60
N LEU C 958 65.47 41.00 -12.19
CA LEU C 958 65.57 41.43 -13.58
C LEU C 958 66.32 42.75 -13.66
N VAL C 959 66.16 43.60 -12.63
CA VAL C 959 66.86 44.88 -12.59
C VAL C 959 68.36 44.64 -12.39
N VAL C 960 68.72 43.62 -11.61
CA VAL C 960 70.13 43.19 -11.52
C VAL C 960 70.60 42.65 -12.87
N GLY C 961 69.67 42.11 -13.66
CA GLY C 961 70.03 41.57 -14.96
C GLY C 961 70.52 42.62 -15.96
N PHE C 962 69.66 43.57 -16.33
CA PHE C 962 70.02 44.44 -17.45
C PHE C 962 70.99 45.53 -17.03
N SER C 963 71.13 45.77 -15.72
CA SER C 963 72.10 46.78 -15.26
C SER C 963 73.52 46.31 -15.50
N LEU C 964 73.77 45.02 -15.30
CA LEU C 964 75.07 44.46 -15.68
C LEU C 964 75.16 44.25 -17.19
N MET C 965 74.01 44.20 -17.87
CA MET C 965 74.01 44.25 -19.33
C MET C 965 74.30 45.66 -19.84
N CYS C 966 74.13 46.66 -18.98
CA CYS C 966 74.59 48.01 -19.33
C CYS C 966 76.09 48.13 -19.18
N LEU C 967 76.71 47.26 -18.38
CA LEU C 967 78.17 47.19 -18.34
C LEU C 967 78.72 46.35 -19.49
N GLU C 968 77.83 45.65 -20.21
CA GLU C 968 78.24 44.88 -21.38
C GLU C 968 78.67 45.79 -22.53
N LEU C 969 78.14 47.02 -22.56
CA LEU C 969 78.35 47.97 -23.64
C LEU C 969 79.82 48.34 -23.80
N LEU C 970 80.22 48.60 -25.04
CA LEU C 970 81.64 48.79 -25.33
C LEU C 970 82.11 50.15 -24.85
N HIS C 971 81.22 51.14 -24.81
CA HIS C 971 81.57 52.44 -24.26
C HIS C 971 81.57 52.41 -22.74
N SER C 972 80.99 51.37 -22.14
CA SER C 972 80.94 51.25 -20.69
C SER C 972 82.28 50.79 -20.12
N SER C 973 82.23 50.37 -18.85
CA SER C 973 83.34 50.27 -17.86
C SER C 973 84.61 49.65 -18.44
N SER C 974 84.60 48.41 -18.93
CA SER C 974 85.84 47.79 -19.37
C SER C 974 85.59 46.69 -20.41
N VAL C 975 86.57 46.55 -21.31
CA VAL C 975 86.63 45.38 -22.20
C VAL C 975 87.25 44.20 -21.47
N ILE C 976 88.37 44.44 -20.78
CA ILE C 976 89.07 43.41 -20.03
C ILE C 976 88.24 43.04 -18.81
N ASP C 977 88.12 41.72 -18.55
CA ASP C 977 87.22 41.12 -17.55
C ASP C 977 85.77 41.50 -17.81
N GLY C 978 85.43 41.62 -19.09
CA GLY C 978 84.07 41.91 -19.50
C GLY C 978 83.34 40.63 -19.84
N LEU C 979 84.10 39.57 -20.12
CA LEU C 979 83.51 38.27 -20.44
C LEU C 979 82.80 37.68 -19.22
N LYS C 980 83.44 37.73 -18.05
CA LYS C 980 82.81 37.17 -16.86
C LYS C 980 81.74 38.10 -16.31
N LEU C 981 81.77 39.39 -16.67
CA LEU C 981 80.63 40.26 -16.39
C LEU C 981 79.42 39.83 -17.20
N ASN C 982 79.64 39.38 -18.44
CA ASN C 982 78.55 38.88 -19.27
C ASN C 982 78.12 37.50 -18.79
N ALA C 983 78.95 36.85 -17.99
CA ALA C 983 78.67 35.49 -17.52
C ALA C 983 77.72 35.51 -16.33
N PHE C 984 77.97 36.38 -15.35
CA PHE C 984 77.17 36.35 -14.13
C PHE C 984 75.79 36.97 -14.34
N ALA C 985 75.69 37.90 -15.28
CA ALA C 985 74.42 38.57 -15.53
C ALA C 985 73.42 37.62 -16.19
N ALA C 986 73.88 36.84 -17.16
CA ALA C 986 72.99 35.91 -17.85
C ALA C 986 72.63 34.74 -16.95
N VAL C 987 73.48 34.43 -15.97
CA VAL C 987 73.09 33.54 -14.88
C VAL C 987 71.93 34.14 -14.10
N PHE C 988 72.00 35.45 -13.84
CA PHE C 988 70.96 36.10 -13.04
C PHE C 988 69.65 36.22 -13.80
N THR C 989 69.70 36.37 -15.13
CA THR C 989 68.46 36.45 -15.90
C THR C 989 67.76 35.10 -15.98
N VAL C 990 68.52 34.01 -15.96
CA VAL C 990 67.92 32.69 -15.82
C VAL C 990 67.33 32.54 -14.42
N LEU C 991 68.13 32.90 -13.40
CA LEU C 991 67.66 32.84 -12.03
C LEU C 991 66.54 33.84 -11.76
N SER C 992 66.42 34.86 -12.62
CA SER C 992 65.25 35.72 -12.57
C SER C 992 64.00 34.97 -13.00
N GLY C 993 63.99 34.47 -14.24
CA GLY C 993 62.76 33.94 -14.81
C GLY C 993 62.35 32.59 -14.23
N LEU C 994 63.31 31.84 -13.68
CA LEU C 994 62.95 30.61 -12.99
C LEU C 994 62.15 30.90 -11.74
N LEU C 995 62.59 31.88 -10.96
CA LEU C 995 61.76 32.41 -9.89
C LEU C 995 60.58 33.18 -10.46
N GLY C 996 60.73 33.67 -11.69
CA GLY C 996 59.63 34.37 -12.33
C GLY C 996 58.48 33.46 -12.71
N MET C 997 58.78 32.34 -13.38
CA MET C 997 57.71 31.47 -13.87
C MET C 997 56.96 30.83 -12.71
N VAL C 998 57.68 30.46 -11.64
CA VAL C 998 57.04 29.90 -10.44
C VAL C 998 56.13 30.93 -9.79
N ALA C 999 56.50 32.21 -9.86
CA ALA C 999 55.64 33.26 -9.37
C ALA C 999 54.37 33.36 -10.18
N HIS C 1000 54.47 33.15 -11.50
CA HIS C 1000 53.26 33.07 -12.31
C HIS C 1000 52.53 31.76 -12.08
N MET C 1001 53.26 30.72 -11.65
CA MET C 1001 52.61 29.45 -11.34
C MET C 1001 51.79 29.56 -10.06
N MET C 1002 52.35 30.17 -9.01
CA MET C 1002 51.70 30.12 -7.71
C MET C 1002 50.50 31.06 -7.64
N TYR C 1003 50.44 32.06 -8.50
CA TYR C 1003 49.23 32.87 -8.57
C TYR C 1003 48.08 32.09 -9.18
N THR C 1004 48.32 31.47 -10.34
CA THR C 1004 47.24 30.85 -11.10
C THR C 1004 46.66 29.65 -10.38
N GLN C 1005 47.46 29.00 -9.55
CA GLN C 1005 46.93 27.94 -8.71
C GLN C 1005 46.05 28.52 -7.60
N VAL C 1006 46.52 29.56 -6.92
CA VAL C 1006 45.81 30.11 -5.77
C VAL C 1006 44.56 30.86 -6.20
N PHE C 1007 44.66 31.61 -7.30
CA PHE C 1007 43.49 32.30 -7.85
C PHE C 1007 42.40 31.32 -8.26
N GLN C 1008 42.80 30.15 -8.75
CA GLN C 1008 41.84 29.11 -9.14
C GLN C 1008 41.09 28.58 -7.92
N VAL C 1009 41.76 28.53 -6.77
CA VAL C 1009 41.08 28.10 -5.55
C VAL C 1009 40.08 29.16 -5.10
N THR C 1010 40.44 30.44 -5.28
CA THR C 1010 39.54 31.53 -4.89
C THR C 1010 38.32 31.59 -5.77
N VAL C 1011 38.47 31.19 -7.04
CA VAL C 1011 37.30 31.01 -7.89
C VAL C 1011 36.45 29.87 -7.37
N SER C 1012 37.08 28.77 -6.97
CA SER C 1012 36.32 27.64 -6.45
C SER C 1012 35.82 27.91 -5.03
N LEU C 1013 36.74 28.10 -4.10
CA LEU C 1013 36.38 28.33 -2.70
C LEU C 1013 36.82 29.74 -2.31
N GLY C 1014 35.86 30.67 -2.30
CA GLY C 1014 36.07 32.02 -1.82
C GLY C 1014 34.84 32.49 -1.07
N PRO C 1015 34.90 33.67 -0.48
CA PRO C 1015 33.73 34.20 0.24
C PRO C 1015 32.57 34.48 -0.70
N GLU C 1016 31.36 34.25 -0.19
CA GLU C 1016 30.13 34.31 -0.98
C GLU C 1016 29.79 35.76 -1.31
N ASP C 1017 28.75 35.94 -2.15
CA ASP C 1017 28.16 37.12 -2.81
C ASP C 1017 28.98 37.50 -4.04
N TRP C 1018 29.96 36.68 -4.37
CA TRP C 1018 30.76 36.88 -5.57
C TRP C 1018 31.33 35.53 -5.99
N ARG C 1019 30.92 35.06 -7.15
CA ARG C 1019 31.44 33.85 -7.78
C ARG C 1019 31.59 34.14 -9.27
N PRO C 1020 32.82 34.19 -9.78
CA PRO C 1020 33.01 34.57 -11.18
C PRO C 1020 32.59 33.47 -12.14
N HIS C 1021 31.88 33.87 -13.19
CA HIS C 1021 31.48 32.91 -14.21
C HIS C 1021 32.65 32.46 -15.06
N SER C 1022 33.52 33.39 -15.45
CA SER C 1022 34.66 33.07 -16.28
C SER C 1022 35.94 33.50 -15.57
N TRP C 1023 36.87 32.57 -15.44
CA TRP C 1023 38.19 32.81 -14.88
C TRP C 1023 39.19 33.21 -15.94
N ASP C 1024 38.72 33.81 -17.03
CA ASP C 1024 39.52 33.98 -18.23
C ASP C 1024 40.66 34.96 -18.02
N TYR C 1025 41.85 34.54 -18.42
CA TYR C 1025 43.03 35.38 -18.26
C TYR C 1025 43.07 36.38 -19.40
N GLY C 1026 43.16 37.66 -19.05
CA GLY C 1026 43.14 38.71 -20.04
C GLY C 1026 44.51 39.22 -20.39
N TRP C 1027 44.55 40.46 -20.89
CA TRP C 1027 45.79 41.09 -21.27
C TRP C 1027 46.61 41.44 -20.03
N SER C 1028 47.88 41.77 -20.26
CA SER C 1028 48.97 42.05 -19.32
C SER C 1028 49.45 40.80 -18.59
N PHE C 1029 48.74 39.68 -18.75
CA PHE C 1029 49.22 38.42 -18.18
C PHE C 1029 49.75 37.51 -19.28
N CYS C 1030 49.18 37.61 -20.48
CA CYS C 1030 49.88 37.15 -21.67
C CYS C 1030 51.18 37.92 -21.84
N LEU C 1031 51.15 39.21 -21.51
CA LEU C 1031 52.37 40.01 -21.49
C LEU C 1031 53.31 39.54 -20.40
N ALA C 1032 52.76 39.02 -19.29
CA ALA C 1032 53.60 38.44 -18.25
C ALA C 1032 54.27 37.16 -18.74
N TRP C 1033 53.62 36.42 -19.64
CA TRP C 1033 54.29 35.29 -20.25
C TRP C 1033 55.26 35.75 -21.33
N GLY C 1034 54.94 36.85 -22.01
CA GLY C 1034 55.87 37.41 -22.97
C GLY C 1034 57.12 37.97 -22.31
N SER C 1035 56.98 38.42 -21.05
CA SER C 1035 58.13 38.86 -20.27
C SER C 1035 59.09 37.70 -20.03
N PHE C 1036 58.57 36.58 -19.54
CA PHE C 1036 59.38 35.38 -19.33
C PHE C 1036 59.88 34.81 -20.65
N THR C 1037 59.12 35.02 -21.73
CA THR C 1037 59.60 34.65 -23.06
C THR C 1037 60.83 35.46 -23.46
N CYS C 1038 60.75 36.78 -23.30
CA CYS C 1038 61.85 37.63 -23.74
C CYS C 1038 63.00 37.65 -22.73
N CYS C 1039 62.78 37.08 -21.54
CA CYS C 1039 63.90 36.85 -20.63
C CYS C 1039 64.88 35.84 -21.21
N MET C 1040 64.38 34.90 -22.02
CA MET C 1040 65.21 33.78 -22.47
C MET C 1040 65.94 34.12 -23.76
N ALA C 1041 65.27 34.78 -24.71
CA ALA C 1041 65.88 35.10 -26.00
C ALA C 1041 67.01 36.10 -25.83
N ALA C 1042 66.89 37.01 -24.87
CA ALA C 1042 67.99 37.91 -24.55
C ALA C 1042 69.10 37.16 -23.84
N SER C 1043 68.77 36.09 -23.10
CA SER C 1043 69.78 35.41 -22.31
C SER C 1043 70.58 34.42 -23.15
N VAL C 1044 69.99 33.89 -24.21
CA VAL C 1044 70.74 32.95 -25.04
C VAL C 1044 71.64 33.70 -25.99
N THR C 1045 71.29 34.93 -26.33
CA THR C 1045 72.10 35.70 -27.27
C THR C 1045 73.36 36.21 -26.58
N THR C 1046 73.27 36.53 -25.29
CA THR C 1046 74.48 36.86 -24.54
C THR C 1046 75.25 35.61 -24.16
N LEU C 1047 74.58 34.46 -24.08
CA LEU C 1047 75.29 33.18 -24.08
C LEU C 1047 75.96 32.93 -25.42
N ASN C 1048 75.29 33.30 -26.51
CA ASN C 1048 75.92 33.25 -27.82
C ASN C 1048 77.05 34.26 -27.90
N SER C 1049 76.89 35.42 -27.24
CA SER C 1049 77.98 36.41 -27.19
C SER C 1049 79.09 35.96 -26.25
N TYR C 1050 78.78 35.05 -25.32
CA TYR C 1050 79.80 34.57 -24.41
C TYR C 1050 80.69 33.52 -25.06
N THR C 1051 80.13 32.72 -25.97
CA THR C 1051 80.88 31.60 -26.53
C THR C 1051 81.68 32.00 -27.77
N LYS C 1052 81.22 32.99 -28.53
CA LYS C 1052 81.90 33.34 -29.75
C LYS C 1052 83.12 34.21 -29.46
N ASN D 1 -68.79 40.25 32.49
CA ASN D 1 -69.15 40.48 31.11
C ASN D 1 -68.75 39.24 30.30
N SER D 2 -69.52 38.89 29.28
CA SER D 2 -69.36 37.64 28.54
C SER D 2 -68.98 37.92 27.09
N ILE D 3 -67.78 37.52 26.71
CA ILE D 3 -67.29 37.62 25.33
C ILE D 3 -67.54 36.28 24.65
N GLN D 4 -68.28 36.30 23.54
CA GLN D 4 -68.52 35.08 22.79
C GLN D 4 -67.35 34.81 21.85
N ILE D 5 -66.72 33.66 22.01
CA ILE D 5 -65.66 33.23 21.10
C ILE D 5 -66.13 31.97 20.39
N GLY D 6 -65.34 31.54 19.42
CA GLY D 6 -65.70 30.42 18.57
C GLY D 6 -64.62 29.38 18.50
N GLY D 7 -65.03 28.12 18.70
CA GLY D 7 -64.10 27.01 18.70
C GLY D 7 -64.35 25.98 17.61
N LEU D 8 -63.42 25.88 16.67
CA LEU D 8 -63.46 24.88 15.60
C LEU D 8 -62.49 23.79 15.97
N PHE D 9 -63.00 22.60 16.25
CA PHE D 9 -62.11 21.53 16.69
C PHE D 9 -62.29 20.29 15.83
N PRO D 10 -61.21 19.59 15.50
CA PRO D 10 -61.32 18.39 14.67
C PRO D 10 -61.94 17.24 15.44
N ARG D 11 -62.53 16.32 14.69
CA ARG D 11 -63.05 15.11 15.30
C ARG D 11 -61.90 14.20 15.72
N GLY D 12 -61.89 13.83 17.00
CA GLY D 12 -60.83 13.02 17.54
C GLY D 12 -59.62 13.78 18.04
N ALA D 13 -59.68 15.11 18.03
CA ALA D 13 -58.60 15.93 18.58
C ALA D 13 -58.89 16.25 20.03
N ASP D 14 -58.91 15.21 20.87
CA ASP D 14 -59.40 15.35 22.24
C ASP D 14 -58.41 16.11 23.12
N GLN D 15 -57.12 15.87 22.94
CA GLN D 15 -56.13 16.49 23.80
C GLN D 15 -56.02 17.99 23.54
N GLU D 16 -56.23 18.40 22.27
CA GLU D 16 -56.34 19.82 21.99
C GLU D 16 -57.60 20.41 22.59
N TYR D 17 -58.68 19.62 22.64
CA TYR D 17 -59.91 20.08 23.29
C TYR D 17 -59.76 20.09 24.80
N SER D 18 -58.98 19.15 25.33
CA SER D 18 -58.79 19.07 26.78
C SER D 18 -57.92 20.21 27.29
N ALA D 19 -56.90 20.60 26.52
CA ALA D 19 -56.03 21.68 26.95
C ALA D 19 -56.71 23.04 26.80
N PHE D 20 -57.85 23.07 26.12
CA PHE D 20 -58.62 24.31 26.03
C PHE D 20 -59.29 24.63 27.36
N ARG D 21 -59.93 23.64 27.98
CA ARG D 21 -60.69 23.90 29.20
C ARG D 21 -59.77 24.11 30.39
N VAL D 22 -58.54 23.60 30.33
CA VAL D 22 -57.55 23.87 31.36
C VAL D 22 -57.16 25.33 31.36
N GLY D 23 -57.05 25.92 30.17
CA GLY D 23 -56.90 27.36 30.09
C GLY D 23 -58.16 28.10 30.52
N MET D 24 -59.33 27.47 30.38
CA MET D 24 -60.57 28.13 30.73
C MET D 24 -60.74 28.27 32.25
N VAL D 25 -60.33 27.24 33.00
CA VAL D 25 -60.44 27.34 34.44
C VAL D 25 -59.36 28.25 35.00
N GLN D 26 -58.11 28.02 34.61
CA GLN D 26 -56.98 28.73 35.22
C GLN D 26 -56.81 30.16 34.74
N PHE D 27 -56.86 30.41 33.43
CA PHE D 27 -56.46 31.71 32.91
C PHE D 27 -57.60 32.73 32.87
N SER D 28 -58.84 32.30 33.03
CA SER D 28 -59.96 33.23 33.12
C SER D 28 -59.91 33.89 34.48
N THR D 29 -59.31 35.08 34.53
CA THR D 29 -59.28 35.87 35.75
C THR D 29 -60.68 36.32 36.15
N SER D 30 -60.84 36.66 37.44
CA SER D 30 -62.18 36.84 37.99
C SER D 30 -62.86 38.11 37.50
N GLU D 31 -62.13 39.01 36.84
CA GLU D 31 -62.74 40.27 36.41
C GLU D 31 -63.67 40.04 35.21
N PHE D 32 -63.34 39.08 34.35
CA PHE D 32 -64.15 38.83 33.17
C PHE D 32 -63.97 37.40 32.71
N ARG D 33 -65.04 36.83 32.15
CA ARG D 33 -64.99 35.51 31.57
C ARG D 33 -65.34 35.63 30.09
N LEU D 34 -65.14 34.53 29.35
CA LEU D 34 -65.40 34.48 27.92
C LEU D 34 -66.13 33.18 27.60
N THR D 35 -67.26 33.31 26.92
CA THR D 35 -68.10 32.16 26.62
C THR D 35 -67.44 31.28 25.55
N PRO D 36 -67.16 30.00 25.83
CA PRO D 36 -66.34 29.19 24.90
C PRO D 36 -66.99 28.86 23.56
N HIS D 37 -68.19 28.26 23.56
CA HIS D 37 -69.00 27.96 22.37
C HIS D 37 -68.23 27.10 21.36
N ILE D 38 -67.90 25.87 21.78
CA ILE D 38 -67.17 24.95 20.92
C ILE D 38 -68.11 24.33 19.89
N ASP D 39 -67.65 24.25 18.64
CA ASP D 39 -68.34 23.52 17.59
C ASP D 39 -67.47 22.39 17.10
N ASN D 40 -68.10 21.27 16.74
CA ASN D 40 -67.42 20.08 16.26
C ASN D 40 -67.59 19.98 14.75
N LEU D 41 -66.49 19.68 14.05
CA LEU D 41 -66.52 19.54 12.61
C LEU D 41 -65.34 18.70 12.15
N GLU D 42 -65.47 18.17 10.93
CA GLU D 42 -64.34 17.56 10.23
C GLU D 42 -63.59 18.64 9.47
N VAL D 43 -62.27 18.66 9.61
CA VAL D 43 -61.50 19.79 9.12
C VAL D 43 -61.29 19.70 7.60
N ALA D 44 -61.50 18.50 7.03
CA ALA D 44 -61.14 18.28 5.63
C ALA D 44 -62.13 18.93 4.67
N ASN D 45 -63.41 18.59 4.80
CA ASN D 45 -64.40 19.13 3.89
C ASN D 45 -64.65 20.61 4.13
N SER D 46 -64.39 21.43 3.12
CA SER D 46 -64.57 22.88 3.28
C SER D 46 -66.04 23.26 3.21
N PHE D 47 -66.91 22.32 2.87
CA PHE D 47 -68.35 22.55 3.04
C PHE D 47 -68.68 22.68 4.52
N ALA D 48 -68.06 21.86 5.36
CA ALA D 48 -68.37 21.88 6.78
C ALA D 48 -67.73 23.07 7.47
N VAL D 49 -66.52 23.45 7.05
CA VAL D 49 -65.85 24.59 7.68
C VAL D 49 -66.53 25.89 7.27
N THR D 50 -67.14 25.91 6.09
CA THR D 50 -67.97 27.04 5.70
C THR D 50 -69.22 27.11 6.57
N ASN D 51 -69.74 25.94 6.96
CA ASN D 51 -71.02 25.86 7.66
C ASN D 51 -70.90 26.46 9.06
N ALA D 52 -69.89 26.04 9.82
CA ALA D 52 -69.76 26.50 11.20
C ALA D 52 -69.14 27.89 11.27
N PHE D 53 -68.52 28.34 10.18
CA PHE D 53 -67.98 29.69 10.19
C PHE D 53 -69.09 30.73 10.13
N CYS D 54 -70.04 30.54 9.22
CA CYS D 54 -71.16 31.47 9.15
C CYS D 54 -72.12 31.26 10.32
N SER D 55 -72.12 30.06 10.91
CA SER D 55 -72.93 29.82 12.10
C SER D 55 -72.40 30.60 13.30
N GLN D 56 -71.07 30.74 13.40
CA GLN D 56 -70.52 31.61 14.42
C GLN D 56 -70.70 33.08 14.06
N PHE D 57 -70.82 33.37 12.77
CA PHE D 57 -71.17 34.74 12.38
C PHE D 57 -72.65 35.01 12.64
N SER D 58 -73.49 33.98 12.55
CA SER D 58 -74.91 34.16 12.83
C SER D 58 -75.15 34.37 14.32
N ARG D 59 -74.40 33.68 15.18
CA ARG D 59 -74.46 33.93 16.61
C ARG D 59 -73.68 35.16 17.03
N GLY D 60 -72.60 35.50 16.31
CA GLY D 60 -71.81 36.65 16.66
C GLY D 60 -70.67 36.29 17.59
N VAL D 61 -69.44 36.40 17.10
CA VAL D 61 -68.25 36.08 17.87
C VAL D 61 -67.20 37.15 17.63
N TYR D 62 -66.36 37.39 18.63
CA TYR D 62 -65.40 38.48 18.54
C TYR D 62 -64.02 37.99 18.12
N ALA D 63 -63.75 36.72 18.37
CA ALA D 63 -62.51 36.09 17.95
C ALA D 63 -62.76 34.59 17.84
N ILE D 64 -62.14 33.98 16.84
CA ILE D 64 -62.36 32.58 16.51
C ILE D 64 -61.09 31.80 16.77
N PHE D 65 -61.23 30.67 17.45
CA PHE D 65 -60.14 29.73 17.65
C PHE D 65 -60.44 28.47 16.87
N GLY D 66 -59.43 27.93 16.21
CA GLY D 66 -59.73 26.80 15.34
C GLY D 66 -58.48 26.10 14.86
N PHE D 67 -58.71 25.05 14.07
CA PHE D 67 -57.67 24.29 13.42
C PHE D 67 -58.02 24.18 11.95
N TYR D 68 -57.06 24.45 11.09
CA TYR D 68 -57.25 24.29 9.66
C TYR D 68 -56.21 23.31 9.13
N ASP D 69 -56.63 22.44 8.23
CA ASP D 69 -55.73 21.57 7.50
C ASP D 69 -55.18 22.35 6.29
N LYS D 70 -54.31 21.72 5.50
CA LYS D 70 -53.94 22.33 4.23
C LYS D 70 -55.11 22.29 3.26
N LYS D 71 -56.03 21.35 3.43
CA LYS D 71 -57.17 21.24 2.54
C LYS D 71 -58.09 22.45 2.65
N SER D 72 -58.26 23.02 3.84
CA SER D 72 -59.23 24.10 4.01
C SER D 72 -58.58 25.39 4.51
N VAL D 73 -57.32 25.63 4.20
CA VAL D 73 -56.63 26.81 4.71
C VAL D 73 -57.18 28.08 4.04
N ASN D 74 -57.51 28.00 2.75
CA ASN D 74 -57.87 29.20 2.02
C ASN D 74 -59.36 29.48 2.11
N THR D 75 -60.09 28.66 2.85
CA THR D 75 -61.46 29.03 3.23
C THR D 75 -61.43 30.01 4.39
N ILE D 76 -60.50 29.82 5.31
CA ILE D 76 -60.47 30.64 6.52
C ILE D 76 -59.80 31.98 6.24
N THR D 77 -58.62 31.96 5.63
CA THR D 77 -57.84 33.19 5.47
C THR D 77 -58.47 34.12 4.45
N SER D 78 -59.32 33.59 3.57
CA SER D 78 -60.04 34.46 2.65
C SER D 78 -61.29 35.04 3.30
N PHE D 79 -62.01 34.23 4.09
CA PHE D 79 -63.18 34.72 4.81
C PHE D 79 -62.83 35.81 5.81
N CYS D 80 -61.77 35.62 6.58
CA CYS D 80 -61.47 36.53 7.67
C CYS D 80 -60.89 37.84 7.16
N GLY D 81 -60.39 37.85 5.93
CA GLY D 81 -60.00 39.11 5.32
C GLY D 81 -61.19 39.90 4.81
N THR D 82 -62.31 39.22 4.57
CA THR D 82 -63.48 39.88 4.01
C THR D 82 -64.60 40.05 5.01
N LEU D 83 -64.47 39.53 6.22
CA LEU D 83 -65.42 39.84 7.28
C LEU D 83 -64.75 40.41 8.52
N HIS D 84 -63.41 40.53 8.54
CA HIS D 84 -62.61 41.22 9.56
C HIS D 84 -62.66 40.53 10.93
N VAL D 85 -63.25 39.34 10.97
CA VAL D 85 -63.39 38.56 12.19
C VAL D 85 -62.12 37.74 12.32
N SER D 86 -61.23 38.18 13.21
CA SER D 86 -59.87 37.65 13.25
C SER D 86 -59.83 36.22 13.77
N PHE D 87 -58.67 35.58 13.61
CA PHE D 87 -58.56 34.13 13.69
C PHE D 87 -57.22 33.76 14.33
N ILE D 88 -57.28 33.08 15.47
CA ILE D 88 -56.08 32.69 16.22
C ILE D 88 -56.07 31.16 16.26
N THR D 89 -54.91 30.57 16.01
CA THR D 89 -54.86 29.14 15.72
C THR D 89 -53.47 28.55 15.92
N PRO D 90 -53.39 27.25 16.23
CA PRO D 90 -52.09 26.59 16.38
C PRO D 90 -51.58 25.87 15.15
N SER D 91 -52.28 25.92 14.02
CA SER D 91 -51.91 25.16 12.84
C SER D 91 -50.68 25.76 12.17
N PHE D 92 -50.28 25.18 11.04
CA PHE D 92 -49.04 25.58 10.40
C PHE D 92 -49.22 26.95 9.73
N PRO D 93 -48.16 27.75 9.63
CA PRO D 93 -48.31 29.11 9.08
C PRO D 93 -48.58 29.08 7.59
N THR D 94 -49.39 30.03 7.13
CA THR D 94 -49.75 30.08 5.73
C THR D 94 -48.58 30.58 4.89
N ASP D 95 -48.70 30.38 3.58
CA ASP D 95 -47.66 30.83 2.66
C ASP D 95 -47.68 32.33 2.52
N GLY D 96 -46.51 32.96 2.65
CA GLY D 96 -46.42 34.40 2.53
C GLY D 96 -47.06 35.10 3.72
N THR D 97 -47.76 36.19 3.46
CA THR D 97 -48.35 37.04 4.50
C THR D 97 -49.84 37.20 4.25
N HIS D 98 -50.64 36.37 4.89
CA HIS D 98 -52.07 36.62 4.91
C HIS D 98 -52.45 37.43 6.15
N PRO D 99 -53.36 38.39 6.03
CA PRO D 99 -53.72 39.22 7.16
C PRO D 99 -54.77 38.55 8.04
N PHE D 100 -55.11 39.23 9.14
CA PHE D 100 -56.20 38.92 10.07
C PHE D 100 -56.06 37.59 10.80
N VAL D 101 -54.96 36.85 10.60
CA VAL D 101 -54.81 35.51 11.13
C VAL D 101 -53.58 35.47 12.02
N ILE D 102 -53.78 35.11 13.28
CA ILE D 102 -52.71 35.02 14.26
C ILE D 102 -52.24 33.58 14.35
N GLN D 103 -51.04 33.32 13.88
CA GLN D 103 -50.45 31.99 13.91
C GLN D 103 -49.72 31.81 15.24
N MET D 104 -50.27 30.97 16.11
CA MET D 104 -49.58 30.66 17.35
C MET D 104 -48.36 29.79 17.12
N ARG D 105 -48.40 28.95 16.09
CA ARG D 105 -47.30 28.03 15.84
C ARG D 105 -46.11 28.80 15.29
N PRO D 106 -44.91 28.55 15.79
CA PRO D 106 -43.74 29.23 15.24
C PRO D 106 -43.39 28.66 13.88
N ASP D 107 -42.71 29.49 13.08
CA ASP D 107 -42.19 29.02 11.81
C ASP D 107 -40.94 28.21 12.10
N LEU D 108 -40.50 27.38 11.16
CA LEU D 108 -39.51 26.37 11.49
C LEU D 108 -38.38 26.35 10.47
N LYS D 109 -38.61 26.98 9.33
CA LYS D 109 -37.88 26.65 8.11
C LYS D 109 -36.43 27.12 8.18
N GLY D 110 -36.13 28.10 9.02
CA GLY D 110 -34.75 28.49 9.20
C GLY D 110 -33.97 27.48 10.02
N ALA D 111 -34.62 26.88 11.01
CA ALA D 111 -33.91 26.03 11.96
C ALA D 111 -33.46 24.73 11.30
N LEU D 112 -34.31 24.18 10.42
CA LEU D 112 -33.92 22.97 9.69
C LEU D 112 -32.78 23.27 8.73
N LEU D 113 -32.82 24.45 8.10
CA LEU D 113 -31.68 24.93 7.35
C LEU D 113 -30.49 25.21 8.25
N SER D 114 -30.74 25.64 9.49
CA SER D 114 -29.66 25.91 10.41
C SER D 114 -28.98 24.63 10.84
N LEU D 115 -29.76 23.57 11.05
CA LEU D 115 -29.23 22.37 11.67
C LEU D 115 -28.36 21.59 10.71
N ILE D 116 -28.70 21.61 9.42
CA ILE D 116 -27.93 20.88 8.42
C ILE D 116 -26.56 21.52 8.23
N GLU D 117 -26.51 22.85 8.37
CA GLU D 117 -25.24 23.55 8.44
C GLU D 117 -24.41 23.10 9.64
N TYR D 118 -25.08 22.80 10.75
CA TYR D 118 -24.35 22.40 11.95
C TYR D 118 -23.72 21.03 11.78
N TYR D 119 -24.46 20.07 11.26
CA TYR D 119 -23.89 18.73 11.10
C TYR D 119 -23.17 18.55 9.78
N GLN D 120 -23.13 19.58 8.92
CA GLN D 120 -22.36 19.62 7.68
C GLN D 120 -22.71 18.50 6.71
N TRP D 121 -23.94 18.50 6.21
CA TRP D 121 -24.42 17.41 5.37
C TRP D 121 -24.34 17.78 3.91
N ASP D 122 -24.52 16.78 3.05
CA ASP D 122 -24.61 16.99 1.62
C ASP D 122 -25.66 16.16 0.92
N LYS D 123 -26.19 15.12 1.55
CA LYS D 123 -27.01 14.14 0.86
C LYS D 123 -28.35 13.92 1.52
N PHE D 124 -28.90 14.93 2.19
CA PHE D 124 -30.06 14.65 3.02
C PHE D 124 -31.31 14.45 2.18
N ALA D 125 -31.88 13.26 2.29
CA ALA D 125 -33.17 12.93 1.72
C ALA D 125 -34.24 13.50 2.64
N TYR D 126 -35.29 14.04 2.07
CA TYR D 126 -36.27 14.82 2.81
C TYR D 126 -37.65 14.25 2.57
N LEU D 127 -38.13 13.41 3.46
CA LEU D 127 -39.43 12.78 3.31
C LEU D 127 -40.48 13.70 3.89
N TYR D 128 -41.39 14.16 3.06
CA TYR D 128 -42.39 15.14 3.46
C TYR D 128 -43.78 14.53 3.46
N ASP D 129 -44.78 15.37 3.69
CA ASP D 129 -46.17 14.95 3.71
C ASP D 129 -47.04 16.07 3.15
N SER D 130 -48.17 15.69 2.55
CA SER D 130 -49.01 16.66 1.86
C SER D 130 -49.86 17.47 2.83
N ASP D 131 -50.51 16.79 3.78
CA ASP D 131 -51.50 17.46 4.61
C ASP D 131 -50.86 18.36 5.65
N ARG D 132 -49.57 18.21 5.92
CA ARG D 132 -48.90 19.22 6.73
C ARG D 132 -48.60 20.45 5.88
N GLY D 133 -48.26 20.25 4.63
CA GLY D 133 -48.03 21.35 3.73
C GLY D 133 -46.82 21.10 2.89
N LEU D 134 -46.53 22.04 1.99
CA LEU D 134 -45.38 21.92 1.12
C LEU D 134 -44.42 23.09 1.27
N SER D 135 -44.77 24.07 2.12
CA SER D 135 -44.00 25.31 2.20
C SER D 135 -42.61 25.07 2.77
N THR D 136 -42.46 24.04 3.60
CA THR D 136 -41.14 23.74 4.14
C THR D 136 -40.27 23.08 3.08
N LEU D 137 -40.89 22.34 2.14
CA LEU D 137 -40.13 21.77 1.05
C LEU D 137 -39.60 22.85 0.12
N GLN D 138 -40.40 23.88 -0.14
CA GLN D 138 -40.00 24.94 -1.06
C GLN D 138 -38.84 25.75 -0.48
N ALA D 139 -38.75 25.82 0.85
CA ALA D 139 -37.67 26.58 1.46
C ALA D 139 -36.36 25.80 1.43
N VAL D 140 -36.42 24.47 1.40
CA VAL D 140 -35.19 23.70 1.47
C VAL D 140 -34.87 23.05 0.13
N LEU D 141 -35.58 23.45 -0.92
CA LEU D 141 -35.10 23.15 -2.27
C LEU D 141 -34.25 24.28 -2.82
N ASP D 142 -34.77 25.51 -2.77
CA ASP D 142 -34.03 26.64 -3.35
C ASP D 142 -32.82 27.00 -2.51
N SER D 143 -32.92 26.83 -1.19
CA SER D 143 -31.73 27.02 -0.36
C SER D 143 -30.74 25.91 -0.57
N ALA D 144 -31.21 24.71 -0.93
CA ALA D 144 -30.30 23.66 -1.35
C ALA D 144 -29.90 23.85 -2.80
N ALA D 145 -30.67 24.62 -3.57
CA ALA D 145 -30.15 25.07 -4.86
C ALA D 145 -29.07 26.12 -4.67
N GLU D 146 -29.17 26.90 -3.59
CA GLU D 146 -28.25 28.02 -3.41
C GLU D 146 -26.89 27.55 -2.89
N LYS D 147 -26.89 26.56 -2.01
CA LYS D 147 -25.66 26.09 -1.38
C LYS D 147 -25.30 24.68 -1.80
N LYS D 148 -26.09 24.07 -2.71
CA LYS D 148 -25.68 22.94 -3.55
C LYS D 148 -25.41 21.66 -2.75
N TRP D 149 -26.43 21.16 -2.06
CA TRP D 149 -26.41 19.79 -1.55
C TRP D 149 -27.66 19.08 -2.06
N GLN D 150 -27.49 17.82 -2.45
CA GLN D 150 -28.57 17.07 -3.07
C GLN D 150 -29.71 16.82 -2.12
N VAL D 151 -30.93 16.96 -2.63
CA VAL D 151 -32.13 16.68 -1.87
C VAL D 151 -32.94 15.67 -2.66
N THR D 152 -33.08 14.48 -2.12
CA THR D 152 -33.92 13.45 -2.74
C THR D 152 -35.30 13.48 -2.08
N ALA D 153 -35.99 14.58 -2.31
CA ALA D 153 -37.27 14.80 -1.67
C ALA D 153 -38.32 13.88 -2.23
N ILE D 154 -38.65 12.83 -1.49
CA ILE D 154 -39.60 11.83 -1.94
C ILE D 154 -40.88 12.02 -1.15
N ASN D 155 -42.00 12.10 -1.86
CA ASN D 155 -43.29 12.12 -1.18
C ASN D 155 -43.55 10.76 -0.54
N VAL D 156 -44.20 10.78 0.62
CA VAL D 156 -44.64 9.58 1.30
C VAL D 156 -46.08 9.71 1.78
N GLY D 157 -46.71 10.86 1.58
CA GLY D 157 -48.06 11.06 2.08
C GLY D 157 -49.12 10.38 1.25
N ASN D 158 -48.76 9.85 0.08
CA ASN D 158 -49.74 9.25 -0.81
C ASN D 158 -50.21 7.89 -0.35
N ILE D 159 -49.61 7.32 0.69
CA ILE D 159 -49.73 5.89 0.93
C ILE D 159 -51.05 5.57 1.60
N ASN D 160 -51.75 4.59 1.05
CA ASN D 160 -53.02 4.11 1.54
C ASN D 160 -52.80 3.12 2.68
N ASN D 161 -53.86 2.87 3.45
CA ASN D 161 -53.72 2.06 4.65
C ASN D 161 -53.83 0.58 4.35
N ASP D 162 -54.11 0.21 3.09
CA ASP D 162 -54.15 -1.20 2.74
C ASP D 162 -52.76 -1.75 2.48
N LYS D 163 -51.87 -0.93 1.96
CA LYS D 163 -50.59 -1.38 1.45
C LYS D 163 -49.48 -0.49 1.98
N LYS D 164 -49.44 -0.29 3.30
CA LYS D 164 -48.41 0.54 3.90
C LYS D 164 -47.03 -0.11 3.77
N ASP D 165 -46.92 -1.36 4.22
CA ASP D 165 -45.62 -1.94 4.53
C ASP D 165 -44.80 -2.18 3.26
N GLU D 166 -45.45 -2.32 2.11
CA GLU D 166 -44.70 -2.57 0.88
C GLU D 166 -44.05 -1.30 0.36
N THR D 167 -44.77 -0.18 0.38
CA THR D 167 -44.23 1.04 -0.22
C THR D 167 -43.21 1.71 0.67
N TYR D 168 -43.39 1.64 2.00
CA TYR D 168 -42.37 2.16 2.91
C TYR D 168 -41.07 1.40 2.76
N ARG D 169 -41.14 0.09 2.53
CA ARG D 169 -39.91 -0.67 2.35
C ARG D 169 -39.28 -0.38 1.00
N SER D 170 -40.11 -0.29 -0.05
CA SER D 170 -39.57 0.02 -1.37
C SER D 170 -39.04 1.45 -1.44
N LEU D 171 -39.51 2.31 -0.52
CA LEU D 171 -38.91 3.61 -0.33
C LEU D 171 -37.48 3.49 0.18
N PHE D 172 -37.30 2.85 1.34
CA PHE D 172 -35.98 2.83 1.95
C PHE D 172 -35.03 1.91 1.22
N GLN D 173 -35.56 0.97 0.42
CA GLN D 173 -34.69 0.22 -0.48
C GLN D 173 -34.09 1.13 -1.55
N ASP D 174 -34.78 2.21 -1.90
CA ASP D 174 -34.23 3.11 -2.91
C ASP D 174 -33.20 4.07 -2.30
N LEU D 175 -33.36 4.41 -1.03
CA LEU D 175 -32.33 5.22 -0.38
C LEU D 175 -31.13 4.36 0.00
N GLU D 176 -31.31 3.04 0.05
CA GLU D 176 -30.18 2.17 0.30
C GLU D 176 -29.28 2.06 -0.92
N LEU D 177 -29.89 1.92 -2.10
CA LEU D 177 -29.11 1.76 -3.33
C LEU D 177 -28.48 3.08 -3.76
N LYS D 178 -28.97 4.19 -3.24
CA LYS D 178 -28.41 5.49 -3.56
C LYS D 178 -27.33 5.83 -2.51
N LYS D 179 -27.20 4.95 -1.52
CA LYS D 179 -26.35 5.14 -0.33
C LYS D 179 -26.73 6.44 0.37
N GLU D 180 -27.92 6.47 0.96
CA GLU D 180 -28.40 7.64 1.67
C GLU D 180 -28.49 7.30 3.15
N ARG D 181 -27.57 7.85 3.94
CA ARG D 181 -27.52 7.56 5.36
C ARG D 181 -28.00 8.72 6.20
N ARG D 182 -28.62 9.72 5.59
CA ARG D 182 -29.15 10.86 6.32
C ARG D 182 -30.56 11.09 5.83
N VAL D 183 -31.52 11.05 6.73
CA VAL D 183 -32.92 11.13 6.39
C VAL D 183 -33.50 12.24 7.24
N ILE D 184 -34.43 13.02 6.68
CA ILE D 184 -35.20 13.97 7.45
C ILE D 184 -36.67 13.64 7.27
N LEU D 185 -37.36 13.42 8.37
CA LEU D 185 -38.80 13.23 8.34
C LEU D 185 -39.42 14.58 8.59
N ASP D 186 -40.60 14.81 8.04
CA ASP D 186 -41.35 16.04 8.30
C ASP D 186 -42.82 15.69 8.16
N CYS D 187 -43.44 15.34 9.26
CA CYS D 187 -44.84 14.93 9.20
C CYS D 187 -45.55 15.36 10.47
N GLU D 188 -46.85 15.15 10.48
CA GLU D 188 -47.60 15.13 11.73
C GLU D 188 -47.21 13.87 12.48
N ARG D 189 -47.42 13.90 13.82
CA ARG D 189 -47.00 12.85 14.74
C ARG D 189 -47.52 11.47 14.34
N ASP D 190 -48.74 11.41 13.79
CA ASP D 190 -49.37 10.13 13.49
C ASP D 190 -48.67 9.41 12.35
N LYS D 191 -48.00 10.17 11.48
CA LYS D 191 -47.23 9.54 10.42
C LYS D 191 -45.84 9.18 10.90
N VAL D 192 -45.28 9.96 11.83
CA VAL D 192 -43.87 9.82 12.21
C VAL D 192 -43.65 8.50 12.93
N ASN D 193 -44.58 8.09 13.77
CA ASN D 193 -44.50 6.77 14.38
C ASN D 193 -44.63 5.68 13.33
N ASP D 194 -45.38 5.94 12.25
CA ASP D 194 -45.57 4.90 11.24
C ASP D 194 -44.33 4.72 10.39
N ILE D 195 -43.62 5.81 10.08
CA ILE D 195 -42.37 5.66 9.35
C ILE D 195 -41.33 5.00 10.22
N VAL D 196 -41.23 5.43 11.47
CA VAL D 196 -40.10 5.01 12.30
C VAL D 196 -40.30 3.57 12.78
N ASP D 197 -41.54 3.06 12.71
CA ASP D 197 -41.74 1.63 12.93
C ASP D 197 -41.40 0.82 11.70
N GLN D 198 -41.55 1.41 10.52
CA GLN D 198 -41.08 0.70 9.33
C GLN D 198 -39.58 0.87 9.17
N VAL D 199 -38.98 1.83 9.88
CA VAL D 199 -37.53 1.87 9.98
C VAL D 199 -37.04 0.73 10.86
N ILE D 200 -37.72 0.50 11.99
CA ILE D 200 -37.18 -0.39 13.02
C ILE D 200 -37.25 -1.84 12.58
N THR D 201 -38.07 -2.13 11.57
CA THR D 201 -38.14 -3.49 11.07
C THR D 201 -37.14 -3.70 9.95
N ILE D 202 -36.90 -2.68 9.15
CA ILE D 202 -36.01 -2.84 8.01
C ILE D 202 -34.59 -2.51 8.47
N GLY D 203 -34.45 -2.07 9.70
CA GLY D 203 -33.14 -1.99 10.32
C GLY D 203 -32.26 -0.88 9.80
N LYS D 204 -32.74 0.36 9.83
CA LYS D 204 -31.93 1.50 9.44
C LYS D 204 -31.62 2.43 10.61
N HIS D 205 -31.46 1.89 11.82
CA HIS D 205 -31.29 2.72 13.00
C HIS D 205 -30.02 2.39 13.77
N VAL D 206 -29.03 1.81 13.09
CA VAL D 206 -27.75 1.40 13.66
C VAL D 206 -26.87 2.64 13.70
N LYS D 207 -25.69 2.55 14.31
CA LYS D 207 -24.65 3.55 14.11
C LYS D 207 -24.32 3.67 12.62
N GLY D 208 -24.37 4.90 12.13
CA GLY D 208 -24.19 5.17 10.72
C GLY D 208 -25.33 5.86 10.03
N TYR D 209 -26.55 5.77 10.56
CA TYR D 209 -27.68 6.52 10.06
C TYR D 209 -27.96 7.67 11.00
N HIS D 210 -28.59 8.72 10.48
CA HIS D 210 -28.89 9.90 11.24
C HIS D 210 -30.27 10.38 10.83
N TYR D 211 -31.04 10.91 11.77
CA TYR D 211 -32.41 11.32 11.49
C TYR D 211 -32.62 12.72 12.02
N ILE D 212 -33.62 13.40 11.46
CA ILE D 212 -34.18 14.60 12.07
C ILE D 212 -35.68 14.51 11.99
N ILE D 213 -36.34 14.11 13.07
CA ILE D 213 -37.77 14.35 13.13
C ILE D 213 -37.96 15.83 13.29
N ALA D 214 -38.80 16.44 12.47
CA ALA D 214 -38.73 17.88 12.29
C ALA D 214 -40.05 18.59 12.52
N ASN D 215 -40.99 17.97 13.21
CA ASN D 215 -42.09 18.75 13.74
C ASN D 215 -41.70 19.28 15.12
N LEU D 216 -42.60 20.04 15.72
CA LEU D 216 -42.25 20.69 16.98
C LEU D 216 -42.36 19.75 18.17
N GLY D 217 -43.13 18.68 18.05
CA GLY D 217 -43.19 17.70 19.11
C GLY D 217 -42.22 16.57 18.88
N PHE D 218 -41.05 16.67 19.53
CA PHE D 218 -40.00 15.70 19.29
C PHE D 218 -40.04 14.59 20.33
N THR D 219 -40.34 14.94 21.58
CA THR D 219 -40.53 13.91 22.60
C THR D 219 -41.96 13.41 22.62
N ASP D 220 -42.84 14.06 21.86
CA ASP D 220 -44.24 13.64 21.85
C ASP D 220 -44.41 12.33 21.12
N GLY D 221 -43.67 12.13 20.04
CA GLY D 221 -43.56 10.80 19.45
C GLY D 221 -42.81 9.88 20.38
N ASP D 222 -43.13 8.58 20.32
CA ASP D 222 -42.44 7.62 21.15
C ASP D 222 -41.01 7.44 20.68
N LEU D 223 -40.06 7.68 21.58
CA LEU D 223 -38.65 7.56 21.29
C LEU D 223 -38.00 6.62 22.30
N LEU D 224 -38.66 5.50 22.55
CA LEU D 224 -38.02 4.40 23.23
C LEU D 224 -37.85 3.29 22.21
N LYS D 225 -38.44 3.49 21.03
CA LYS D 225 -38.32 2.48 19.98
C LYS D 225 -36.99 2.61 19.26
N ILE D 226 -36.55 3.82 18.96
CA ILE D 226 -35.26 4.04 18.33
C ILE D 226 -34.24 4.59 19.29
N GLN D 227 -34.47 4.43 20.59
CA GLN D 227 -33.56 5.04 21.54
C GLN D 227 -32.24 4.29 21.59
N PHE D 228 -32.29 3.01 21.98
CA PHE D 228 -31.09 2.28 22.34
C PHE D 228 -30.26 1.85 21.15
N GLY D 229 -30.75 2.03 19.92
CA GLY D 229 -30.11 1.39 18.78
C GLY D 229 -28.79 2.02 18.38
N GLY D 230 -28.74 3.34 18.31
CA GLY D 230 -27.55 4.01 17.82
C GLY D 230 -27.78 4.92 16.63
N ALA D 231 -28.99 5.38 16.42
CA ALA D 231 -29.27 6.39 15.40
C ALA D 231 -29.33 7.73 16.08
N GLU D 232 -28.47 8.65 15.68
CA GLU D 232 -28.45 9.95 16.32
C GLU D 232 -29.65 10.77 15.88
N VAL D 233 -30.70 10.76 16.70
CA VAL D 233 -31.95 11.37 16.28
C VAL D 233 -32.07 12.76 16.86
N SER D 234 -31.73 13.77 16.06
CA SER D 234 -31.94 15.14 16.49
C SER D 234 -33.40 15.52 16.32
N GLY D 235 -33.78 16.68 16.82
CA GLY D 235 -35.15 17.10 16.72
C GLY D 235 -35.31 18.59 16.91
N PHE D 236 -36.55 19.01 17.14
CA PHE D 236 -36.85 20.39 17.47
C PHE D 236 -38.01 20.44 18.45
N GLN D 237 -37.85 21.23 19.50
CA GLN D 237 -38.85 21.31 20.56
C GLN D 237 -38.93 22.71 21.13
N ILE D 238 -40.16 23.21 21.27
CA ILE D 238 -40.41 24.51 21.90
C ILE D 238 -40.95 24.37 23.30
N VAL D 239 -41.64 23.29 23.63
CA VAL D 239 -42.27 23.12 24.93
C VAL D 239 -41.26 22.45 25.84
N ASP D 240 -40.47 23.26 26.54
CA ASP D 240 -39.29 22.78 27.25
C ASP D 240 -39.65 22.52 28.71
N TYR D 241 -39.47 21.27 29.15
CA TYR D 241 -39.93 20.85 30.47
C TYR D 241 -38.99 21.30 31.59
N ASP D 242 -37.87 21.94 31.25
CA ASP D 242 -36.92 22.36 32.27
C ASP D 242 -37.39 23.63 32.95
N ASP D 243 -38.27 24.38 32.31
CA ASP D 243 -38.74 25.65 32.85
C ASP D 243 -39.65 25.43 34.04
N SER D 244 -39.72 26.44 34.91
CA SER D 244 -40.58 26.38 36.08
C SER D 244 -42.05 26.32 35.70
N LEU D 245 -42.47 27.16 34.75
CA LEU D 245 -43.88 27.25 34.38
C LEU D 245 -44.39 25.98 33.74
N VAL D 246 -43.55 25.33 32.94
CA VAL D 246 -43.93 24.07 32.32
C VAL D 246 -43.97 22.97 33.37
N SER D 247 -42.97 22.93 34.25
CA SER D 247 -42.95 21.96 35.34
C SER D 247 -44.10 22.19 36.30
N LYS D 248 -44.54 23.44 36.42
CA LYS D 248 -45.75 23.73 37.18
C LYS D 248 -46.98 23.20 36.46
N PHE D 249 -46.95 23.20 35.13
CA PHE D 249 -48.12 22.76 34.38
C PHE D 249 -48.25 21.24 34.38
N ILE D 250 -47.12 20.53 34.28
CA ILE D 250 -47.12 19.06 34.27
C ILE D 250 -47.66 18.52 35.58
N GLU D 251 -47.34 19.20 36.68
CA GLU D 251 -47.96 18.88 37.96
C GLU D 251 -49.47 19.14 37.92
N ARG D 252 -49.89 20.24 37.28
CA ARG D 252 -51.32 20.50 37.16
C ARG D 252 -52.00 19.54 36.19
N TRP D 253 -51.31 19.21 35.09
CA TRP D 253 -51.91 18.37 34.06
C TRP D 253 -52.05 16.93 34.54
N SER D 254 -51.18 16.50 35.45
CA SER D 254 -51.25 15.13 35.94
C SER D 254 -52.38 14.95 36.96
N THR D 255 -52.87 16.05 37.55
CA THR D 255 -53.90 15.96 38.58
C THR D 255 -55.31 16.06 38.04
N LEU D 256 -55.52 15.72 36.78
CA LEU D 256 -56.85 15.81 36.18
C LEU D 256 -57.28 14.43 35.74
N GLU D 257 -58.56 14.12 35.93
CA GLU D 257 -59.05 12.77 35.72
C GLU D 257 -59.14 12.41 34.24
N GLU D 258 -59.03 11.11 33.97
CA GLU D 258 -58.93 10.62 32.60
C GLU D 258 -60.24 10.81 31.84
N LYS D 259 -61.37 10.52 32.48
CA LYS D 259 -62.65 10.64 31.80
C LYS D 259 -63.10 12.10 31.69
N GLU D 260 -62.51 12.98 32.50
CA GLU D 260 -62.86 14.40 32.42
C GLU D 260 -62.05 15.09 31.34
N TYR D 261 -60.75 14.84 31.31
CA TYR D 261 -59.88 15.30 30.23
C TYR D 261 -59.19 14.09 29.64
N PRO D 262 -59.52 13.68 28.42
CA PRO D 262 -58.76 12.60 27.78
C PRO D 262 -57.32 13.02 27.53
N GLY D 263 -56.39 12.11 27.80
CA GLY D 263 -54.99 12.43 27.72
C GLY D 263 -54.47 13.31 28.84
N ALA D 264 -55.15 13.36 29.99
CA ALA D 264 -54.65 14.16 31.09
C ALA D 264 -53.55 13.44 31.87
N HIS D 265 -53.74 12.14 32.16
CA HIS D 265 -52.74 11.39 32.91
C HIS D 265 -51.56 11.04 32.01
N THR D 266 -50.76 12.06 31.70
CA THR D 266 -49.52 11.93 30.97
C THR D 266 -48.48 12.79 31.65
N ALA D 267 -47.22 12.49 31.38
CA ALA D 267 -46.13 13.34 31.84
C ALA D 267 -45.65 14.30 30.75
N THR D 268 -46.10 14.11 29.52
CA THR D 268 -45.71 14.94 28.38
C THR D 268 -46.95 15.56 27.78
N ILE D 269 -46.79 16.68 27.09
CA ILE D 269 -47.89 17.44 26.52
C ILE D 269 -47.58 17.68 25.04
N LYS D 270 -48.60 17.51 24.20
CA LYS D 270 -48.41 17.71 22.76
C LYS D 270 -48.26 19.19 22.43
N TYR D 271 -47.50 19.46 21.36
CA TYR D 271 -47.16 20.84 21.02
C TYR D 271 -48.39 21.61 20.52
N THR D 272 -49.31 20.90 19.87
CA THR D 272 -50.56 21.54 19.48
C THR D 272 -51.40 21.91 20.70
N SER D 273 -51.49 20.99 21.66
CA SER D 273 -52.26 21.28 22.87
C SER D 273 -51.54 22.30 23.74
N ALA D 274 -50.21 22.34 23.67
CA ALA D 274 -49.47 23.32 24.46
C ALA D 274 -49.68 24.72 23.91
N LEU D 275 -49.67 24.88 22.59
CA LEU D 275 -49.96 26.18 22.02
C LEU D 275 -51.44 26.52 22.14
N THR D 276 -52.29 25.49 22.22
CA THR D 276 -53.69 25.71 22.55
C THR D 276 -53.81 26.27 23.97
N TYR D 277 -52.95 25.81 24.87
CA TYR D 277 -52.94 26.34 26.22
C TYR D 277 -52.41 27.77 26.28
N ASP D 278 -51.42 28.10 25.44
CA ASP D 278 -50.88 29.45 25.48
C ASP D 278 -51.76 30.43 24.70
N ALA D 279 -52.60 29.91 23.79
CA ALA D 279 -53.45 30.81 23.00
C ALA D 279 -54.57 31.39 23.85
N VAL D 280 -55.08 30.61 24.80
CA VAL D 280 -56.18 31.08 25.65
C VAL D 280 -55.68 32.17 26.58
N GLN D 281 -54.39 32.15 26.92
CA GLN D 281 -53.78 33.30 27.59
C GLN D 281 -53.77 34.53 26.69
N VAL D 282 -53.38 34.35 25.43
CA VAL D 282 -53.22 35.49 24.51
C VAL D 282 -54.56 36.08 24.14
N MET D 283 -55.58 35.23 24.00
CA MET D 283 -56.94 35.70 23.78
C MET D 283 -57.45 36.50 24.99
N THR D 284 -57.19 36.00 26.20
CA THR D 284 -57.69 36.65 27.39
C THR D 284 -56.92 37.93 27.69
N GLU D 285 -55.63 37.96 27.35
CA GLU D 285 -54.84 39.18 27.49
C GLU D 285 -55.34 40.28 26.57
N ALA D 286 -55.90 39.91 25.42
CA ALA D 286 -56.42 40.91 24.49
C ALA D 286 -57.67 41.57 25.03
N PHE D 287 -58.65 40.78 25.47
CA PHE D 287 -59.90 41.36 25.95
C PHE D 287 -59.72 42.03 27.31
N ARG D 288 -58.67 41.67 28.04
CA ARG D 288 -58.31 42.43 29.23
C ARG D 288 -57.82 43.82 28.85
N ASN D 289 -56.91 43.90 27.89
CA ASN D 289 -56.36 45.18 27.48
C ASN D 289 -57.35 45.94 26.60
N LEU D 290 -58.37 45.25 26.10
CA LEU D 290 -59.46 45.92 25.41
C LEU D 290 -60.34 46.70 26.37
N ARG D 291 -60.55 46.18 27.57
CA ARG D 291 -61.45 46.83 28.51
C ARG D 291 -60.74 47.88 29.35
N LYS D 292 -59.41 47.76 29.50
CA LYS D 292 -58.67 48.74 30.27
C LYS D 292 -58.57 50.06 29.54
N GLN D 293 -58.59 50.03 28.21
CA GLN D 293 -58.65 51.28 27.44
C GLN D 293 -60.12 51.61 27.19
N ARG D 294 -61.00 50.70 27.61
CA ARG D 294 -62.47 50.85 27.53
C ARG D 294 -62.96 51.03 26.10
N ILE D 295 -62.27 50.41 25.14
CA ILE D 295 -62.73 50.47 23.75
C ILE D 295 -63.96 49.59 23.61
N GLU D 296 -65.10 50.21 23.39
CA GLU D 296 -66.39 49.53 23.45
C GLU D 296 -66.61 48.74 22.18
N ILE D 297 -67.09 47.51 22.33
CA ILE D 297 -67.23 46.56 21.24
C ILE D 297 -68.71 46.50 20.89
N SER D 298 -69.09 47.28 19.87
CA SER D 298 -70.47 47.32 19.43
C SER D 298 -70.79 46.13 18.55
N ARG D 299 -71.85 45.40 18.90
CA ARG D 299 -72.25 44.19 18.23
C ARG D 299 -73.60 44.38 17.57
N ARG D 300 -73.76 43.81 16.37
CA ARG D 300 -75.07 43.74 15.75
C ARG D 300 -75.99 42.87 16.59
N GLY D 301 -77.25 43.30 16.74
CA GLY D 301 -78.19 42.57 17.56
C GLY D 301 -78.57 41.22 16.98
N ASN D 302 -78.93 41.21 15.70
CA ASN D 302 -79.15 39.97 14.97
C ASN D 302 -78.38 40.06 13.68
N ALA D 303 -77.31 39.27 13.57
CA ALA D 303 -76.34 39.48 12.50
C ALA D 303 -76.88 38.99 11.15
N GLY D 304 -77.53 37.84 11.14
CA GLY D 304 -78.11 37.35 9.90
C GLY D 304 -77.18 36.43 9.13
N ASP D 305 -77.17 36.63 7.81
CA ASP D 305 -76.50 35.73 6.89
C ASP D 305 -75.12 36.28 6.53
N CYS D 306 -74.17 35.35 6.33
CA CYS D 306 -72.87 35.75 5.76
C CYS D 306 -72.96 35.88 4.25
N LEU D 307 -73.99 35.31 3.63
CA LEU D 307 -74.13 35.32 2.18
C LEU D 307 -74.93 36.57 1.76
N ALA D 308 -74.22 37.68 1.66
CA ALA D 308 -74.83 38.95 1.30
C ALA D 308 -74.11 39.56 0.12
N ASN D 309 -74.86 40.28 -0.72
CA ASN D 309 -74.25 41.18 -1.66
C ASN D 309 -73.59 42.26 -0.82
N PRO D 310 -72.41 42.80 -1.20
CA PRO D 310 -71.21 42.69 -0.34
C PRO D 310 -71.41 42.82 1.15
N ALA D 311 -70.85 41.86 1.88
CA ALA D 311 -71.11 41.73 3.30
C ALA D 311 -70.37 42.82 4.07
N VAL D 312 -71.11 43.54 4.89
CA VAL D 312 -70.57 44.76 5.50
C VAL D 312 -69.61 44.37 6.63
N PRO D 313 -68.41 44.96 6.67
CA PRO D 313 -67.53 44.75 7.81
C PRO D 313 -67.99 45.54 9.02
N TRP D 314 -67.46 45.26 10.20
CA TRP D 314 -67.74 46.07 11.37
C TRP D 314 -66.42 46.43 12.04
N GLY D 315 -66.19 47.74 12.18
CA GLY D 315 -64.86 48.24 12.47
C GLY D 315 -64.43 48.10 13.91
N GLN D 316 -65.30 47.56 14.77
CA GLN D 316 -64.86 47.17 16.09
C GLN D 316 -63.97 45.93 16.01
N GLY D 317 -64.10 45.16 14.93
CA GLY D 317 -63.17 44.08 14.69
C GLY D 317 -61.76 44.57 14.40
N VAL D 318 -61.64 45.77 13.84
CA VAL D 318 -60.33 46.37 13.62
C VAL D 318 -59.68 46.69 14.96
N GLU D 319 -60.50 47.05 15.94
CA GLU D 319 -60.00 47.24 17.30
C GLU D 319 -59.56 45.92 17.90
N ILE D 320 -60.26 44.82 17.57
CA ILE D 320 -59.96 43.51 18.14
C ILE D 320 -58.62 43.00 17.65
N GLU D 321 -58.36 43.13 16.35
CA GLU D 321 -57.15 42.55 15.75
C GLU D 321 -55.89 43.26 16.22
N ARG D 322 -55.99 44.55 16.53
CA ARG D 322 -54.85 45.26 17.08
C ARG D 322 -54.62 44.84 18.52
N ALA D 323 -55.71 44.56 19.24
CA ALA D 323 -55.60 44.05 20.61
C ALA D 323 -55.03 42.63 20.61
N LEU D 324 -55.33 41.85 19.58
CA LEU D 324 -54.75 40.50 19.49
C LEU D 324 -53.27 40.57 19.14
N LYS D 325 -52.88 41.55 18.32
CA LYS D 325 -51.48 41.64 17.91
C LYS D 325 -50.63 42.26 18.99
N GLN D 326 -51.12 43.33 19.64
CA GLN D 326 -50.32 44.02 20.64
C GLN D 326 -50.36 43.30 21.99
N VAL D 327 -49.80 42.10 22.04
CA VAL D 327 -49.69 41.32 23.28
C VAL D 327 -48.30 40.71 23.34
N GLN D 328 -47.58 41.00 24.42
CA GLN D 328 -46.35 40.29 24.75
C GLN D 328 -46.50 39.74 26.16
N VAL D 329 -46.77 38.44 26.27
CA VAL D 329 -46.85 37.74 27.54
C VAL D 329 -46.04 36.46 27.45
N GLU D 330 -45.68 35.91 28.59
CA GLU D 330 -44.94 34.66 28.60
C GLU D 330 -45.90 33.48 28.59
N GLY D 331 -45.40 32.34 28.10
CA GLY D 331 -46.21 31.14 28.02
C GLY D 331 -45.33 29.91 28.15
N LEU D 332 -45.90 28.76 27.77
CA LEU D 332 -45.12 27.53 27.73
C LEU D 332 -44.05 27.62 26.65
N SER D 333 -44.37 28.30 25.54
CA SER D 333 -43.46 28.36 24.41
C SER D 333 -42.25 29.25 24.70
N GLY D 334 -42.50 30.41 25.29
CA GLY D 334 -41.43 31.34 25.58
C GLY D 334 -41.94 32.77 25.51
N ASN D 335 -41.12 33.62 24.88
CA ASN D 335 -41.50 35.02 24.74
C ASN D 335 -42.34 35.19 23.48
N ILE D 336 -43.64 35.35 23.66
CA ILE D 336 -44.57 35.52 22.55
C ILE D 336 -44.42 36.95 22.05
N LYS D 337 -43.79 37.10 20.89
CA LYS D 337 -43.67 38.40 20.22
C LYS D 337 -44.30 38.29 18.84
N PHE D 338 -45.47 38.90 18.68
CA PHE D 338 -46.19 38.93 17.42
C PHE D 338 -45.73 40.13 16.60
N ASP D 339 -45.54 39.94 15.31
CA ASP D 339 -45.42 41.09 14.43
C ASP D 339 -46.80 41.54 13.95
N GLN D 340 -46.81 42.41 12.95
CA GLN D 340 -48.06 42.84 12.35
C GLN D 340 -48.59 41.80 11.36
N ASN D 341 -47.78 40.80 11.03
CA ASN D 341 -48.21 39.77 10.11
C ASN D 341 -49.07 38.73 10.80
N GLY D 342 -48.77 38.44 12.07
CA GLY D 342 -49.43 37.37 12.79
C GLY D 342 -48.51 36.21 13.14
N LYS D 343 -47.24 36.30 12.80
CA LYS D 343 -46.26 35.26 13.07
C LYS D 343 -45.64 35.46 14.45
N ARG D 344 -44.58 34.71 14.70
CA ARG D 344 -43.81 34.92 15.92
C ARG D 344 -42.35 35.20 15.60
N ILE D 345 -41.73 36.03 16.43
CA ILE D 345 -40.29 36.27 16.45
C ILE D 345 -39.85 36.33 17.90
N ASN D 346 -38.53 36.39 18.09
CA ASN D 346 -37.87 36.32 19.41
C ASN D 346 -38.30 35.07 20.18
N TYR D 347 -38.36 33.95 19.48
CA TYR D 347 -38.72 32.67 20.08
C TYR D 347 -37.54 31.73 20.02
N THR D 348 -37.48 30.83 20.99
CA THR D 348 -36.40 29.86 21.08
C THR D 348 -36.90 28.49 20.68
N ILE D 349 -36.21 27.87 19.74
CA ILE D 349 -36.42 26.46 19.44
C ILE D 349 -35.23 25.68 19.97
N ASN D 350 -35.50 24.75 20.87
CA ASN D 350 -34.45 23.97 21.52
C ASN D 350 -34.09 22.78 20.62
N ILE D 351 -32.90 22.85 20.03
CA ILE D 351 -32.35 21.69 19.34
C ILE D 351 -32.09 20.62 20.38
N MET D 352 -32.66 19.44 20.17
CA MET D 352 -32.61 18.40 21.18
C MET D 352 -32.27 17.07 20.53
N GLU D 353 -31.13 16.50 20.92
CA GLU D 353 -30.65 15.25 20.38
C GLU D 353 -31.31 14.10 21.12
N LEU D 354 -30.77 12.91 20.89
CA LEU D 354 -31.21 11.72 21.60
C LEU D 354 -30.00 10.88 21.96
N LYS D 355 -29.51 11.06 23.17
CA LYS D 355 -28.55 10.16 23.79
C LYS D 355 -29.33 9.06 24.51
N THR D 356 -28.61 7.99 24.90
CA THR D 356 -29.26 6.72 25.18
C THR D 356 -30.17 6.76 26.41
N ASN D 357 -29.85 7.62 27.38
CA ASN D 357 -30.68 7.73 28.57
C ASN D 357 -31.94 8.56 28.34
N GLY D 358 -32.03 9.25 27.21
CA GLY D 358 -33.18 10.06 26.91
C GLY D 358 -32.85 11.32 26.12
N PRO D 359 -33.85 12.15 25.87
CA PRO D 359 -33.61 13.37 25.11
C PRO D 359 -32.84 14.42 25.91
N ARG D 360 -31.83 15.01 25.26
CA ARG D 360 -31.01 16.03 25.88
C ARG D 360 -30.87 17.23 24.95
N LYS D 361 -30.98 18.43 25.53
CA LYS D 361 -30.87 19.67 24.78
C LYS D 361 -29.40 19.97 24.51
N ILE D 362 -29.10 20.52 23.32
CA ILE D 362 -27.75 20.95 23.00
C ILE D 362 -27.70 22.39 22.52
N GLY D 363 -28.73 23.17 22.76
CA GLY D 363 -28.69 24.58 22.40
C GLY D 363 -30.07 25.11 22.07
N TYR D 364 -30.07 26.27 21.43
CA TYR D 364 -31.30 26.94 21.07
C TYR D 364 -31.14 27.67 19.75
N TRP D 365 -32.24 27.76 19.02
CA TRP D 365 -32.31 28.49 17.76
C TRP D 365 -33.25 29.67 17.92
N SER D 366 -32.89 30.80 17.32
CA SER D 366 -33.79 31.93 17.22
C SER D 366 -33.58 32.55 15.85
N GLU D 367 -34.16 33.72 15.63
CA GLU D 367 -33.88 34.42 14.39
C GLU D 367 -32.54 35.14 14.45
N VAL D 368 -32.09 35.50 15.65
CA VAL D 368 -30.84 36.22 15.82
C VAL D 368 -29.65 35.27 15.65
N ASP D 369 -29.56 34.27 16.52
CA ASP D 369 -28.47 33.31 16.50
C ASP D 369 -28.99 31.97 16.01
N LYS D 370 -28.23 31.30 15.15
CA LYS D 370 -28.69 30.05 14.58
C LYS D 370 -28.38 28.87 15.48
N MET D 371 -27.10 28.56 15.68
CA MET D 371 -26.70 27.39 16.45
C MET D 371 -25.84 27.81 17.62
N VAL D 372 -26.33 27.56 18.83
CA VAL D 372 -25.62 27.87 20.06
C VAL D 372 -25.23 26.53 20.68
N LEU D 373 -24.00 26.45 21.16
CA LEU D 373 -23.46 25.20 21.71
C LEU D 373 -23.44 25.31 23.23
N THR D 374 -24.53 24.91 23.87
CA THR D 374 -24.56 24.80 25.32
C THR D 374 -23.78 23.57 25.76
N GLU D 375 -22.92 23.75 26.76
CA GLU D 375 -22.09 22.66 27.27
C GLU D 375 -22.94 21.60 27.97
N THR D 385 -11.23 20.13 25.14
CA THR D 385 -10.07 20.34 24.29
C THR D 385 -8.80 19.94 25.01
N VAL D 386 -7.87 19.35 24.27
CA VAL D 386 -6.56 18.96 24.78
C VAL D 386 -5.53 19.77 24.01
N VAL D 387 -4.89 20.72 24.70
CA VAL D 387 -3.90 21.57 24.06
C VAL D 387 -2.64 20.76 23.79
N VAL D 388 -2.28 20.63 22.52
CA VAL D 388 -1.14 19.83 22.09
C VAL D 388 0.01 20.78 21.79
N THR D 389 1.09 20.67 22.56
CA THR D 389 2.30 21.45 22.28
C THR D 389 3.18 20.63 21.35
N THR D 390 3.59 21.24 20.25
CA THR D 390 4.50 20.66 19.27
C THR D 390 5.51 21.72 18.88
N ILE D 391 6.77 21.34 18.78
CA ILE D 391 7.80 22.30 18.39
C ILE D 391 7.88 22.34 16.86
N LEU D 392 8.34 23.46 16.32
CA LEU D 392 8.35 23.69 14.88
C LEU D 392 9.65 23.16 14.30
N GLU D 393 9.61 21.93 13.77
CA GLU D 393 10.79 21.30 13.19
C GLU D 393 10.37 20.29 12.14
N SER D 394 10.89 20.45 10.93
CA SER D 394 10.69 19.47 9.87
C SER D 394 11.43 18.18 10.22
N PRO D 395 10.90 17.01 9.84
CA PRO D 395 9.64 16.76 9.15
C PRO D 395 8.52 16.44 10.11
N TYR D 396 8.78 16.61 11.40
CA TYR D 396 7.79 16.20 12.40
C TYR D 396 6.63 17.19 12.47
N VAL D 397 6.93 18.48 12.47
CA VAL D 397 5.92 19.54 12.35
C VAL D 397 6.41 20.54 11.32
N MET D 398 5.63 20.71 10.25
CA MET D 398 6.00 21.61 9.17
C MET D 398 4.93 22.67 8.97
N MET D 399 5.28 23.67 8.19
CA MET D 399 4.39 24.78 7.87
C MET D 399 3.75 24.51 6.51
N LYS D 400 2.43 24.69 6.42
CA LYS D 400 1.72 24.57 5.16
C LYS D 400 2.13 25.72 4.23
N LYS D 401 1.87 25.54 2.94
CA LYS D 401 2.25 26.53 1.92
C LYS D 401 1.53 27.85 2.14
N ASN D 402 0.23 27.81 2.37
CA ASN D 402 -0.52 28.99 2.79
C ASN D 402 -0.75 28.94 4.30
N HIS D 403 0.36 29.06 5.04
CA HIS D 403 0.30 28.94 6.50
C HIS D 403 -0.34 30.15 7.14
N GLU D 404 -0.30 31.31 6.46
CA GLU D 404 -1.05 32.45 6.94
C GLU D 404 -2.54 32.28 6.65
N MET D 405 -2.88 31.54 5.60
CA MET D 405 -4.29 31.34 5.27
C MET D 405 -4.94 30.33 6.21
N LEU D 406 -4.31 29.18 6.39
CA LEU D 406 -4.88 28.15 7.25
C LEU D 406 -4.47 28.37 8.70
N GLU D 407 -5.35 27.95 9.61
CA GLU D 407 -5.13 28.16 11.03
C GLU D 407 -5.36 26.87 11.80
N GLY D 408 -4.71 26.79 12.96
CA GLY D 408 -4.96 25.70 13.89
C GLY D 408 -4.43 24.38 13.40
N ASN D 409 -5.34 23.43 13.22
CA ASN D 409 -4.94 22.10 12.77
C ASN D 409 -4.58 22.10 11.29
N GLU D 410 -5.21 22.98 10.51
CA GLU D 410 -4.99 22.99 9.07
C GLU D 410 -3.67 23.67 8.73
N ARG D 411 -3.15 24.49 9.64
CA ARG D 411 -1.88 25.18 9.40
C ARG D 411 -0.72 24.20 9.43
N TYR D 412 -0.80 23.19 10.29
CA TYR D 412 0.38 22.38 10.57
C TYR D 412 0.31 21.01 9.90
N GLU D 413 1.42 20.64 9.25
CA GLU D 413 1.59 19.34 8.64
C GLU D 413 2.84 18.72 9.24
N GLY D 414 2.99 17.41 9.05
CA GLY D 414 4.18 16.72 9.49
C GLY D 414 3.86 15.37 10.09
N TYR D 415 4.88 14.81 10.74
CA TYR D 415 4.78 13.45 11.23
C TYR D 415 4.11 13.39 12.60
N CYS D 416 4.53 14.28 13.53
CA CYS D 416 3.89 14.33 14.83
C CYS D 416 2.47 14.90 14.74
N VAL D 417 2.20 15.69 13.71
CA VAL D 417 0.85 16.17 13.47
C VAL D 417 -0.08 15.02 13.09
N ASP D 418 0.34 14.21 12.11
CA ASP D 418 -0.42 13.04 11.72
C ASP D 418 -0.44 11.99 12.84
N LEU D 419 0.62 11.96 13.64
CA LEU D 419 0.65 11.07 14.79
C LEU D 419 -0.37 11.51 15.84
N ALA D 420 -0.57 12.82 15.97
CA ALA D 420 -1.57 13.33 16.89
C ALA D 420 -2.97 13.03 16.38
N ALA D 421 -3.16 13.00 15.06
CA ALA D 421 -4.49 12.82 14.49
C ALA D 421 -4.96 11.39 14.64
N GLU D 422 -4.06 10.42 14.50
CA GLU D 422 -4.45 9.03 14.64
C GLU D 422 -4.68 8.66 16.09
N ILE D 423 -4.01 9.36 17.01
CA ILE D 423 -4.27 9.14 18.43
C ILE D 423 -5.60 9.78 18.84
N ALA D 424 -5.83 11.03 18.42
CA ALA D 424 -7.00 11.77 18.88
C ALA D 424 -8.29 11.26 18.21
N LYS D 425 -8.16 10.58 17.08
CA LYS D 425 -9.30 9.86 16.51
C LYS D 425 -9.73 8.73 17.43
N HIS D 426 -8.76 7.98 17.93
CA HIS D 426 -9.08 6.80 18.73
C HIS D 426 -9.33 7.16 20.18
N CYS D 427 -8.54 8.05 20.75
CA CYS D 427 -8.72 8.49 22.11
C CYS D 427 -9.74 9.62 22.23
N GLY D 428 -10.36 10.02 21.12
CA GLY D 428 -11.55 10.86 21.09
C GLY D 428 -11.45 12.29 21.56
N PHE D 429 -10.24 12.81 21.75
CA PHE D 429 -10.07 14.15 22.33
C PHE D 429 -9.83 15.17 21.24
N LYS D 430 -10.37 16.37 21.44
CA LYS D 430 -10.06 17.50 20.57
C LYS D 430 -8.61 17.90 20.76
N TYR D 431 -7.87 17.98 19.67
CA TYR D 431 -6.46 18.36 19.72
C TYR D 431 -6.31 19.73 19.07
N LYS D 432 -5.56 20.61 19.73
CA LYS D 432 -5.22 21.91 19.17
C LYS D 432 -3.71 22.05 19.15
N LEU D 433 -3.17 22.37 17.99
CA LEU D 433 -1.73 22.32 17.73
C LEU D 433 -1.11 23.68 18.03
N THR D 434 -0.32 23.74 19.10
CA THR D 434 0.20 24.98 19.63
C THR D 434 1.73 24.96 19.63
N ILE D 435 2.34 26.07 19.25
CA ILE D 435 3.77 26.23 19.36
C ILE D 435 4.15 26.39 20.82
N VAL D 436 5.25 25.75 21.23
CA VAL D 436 5.85 26.06 22.51
C VAL D 436 6.31 27.52 22.51
N GLY D 437 5.92 28.23 23.57
CA GLY D 437 6.06 29.68 23.57
C GLY D 437 7.50 30.14 23.61
N ASP D 438 8.37 29.33 24.21
CA ASP D 438 9.78 29.71 24.24
C ASP D 438 10.56 29.11 23.08
N GLY D 439 10.19 27.91 22.64
CA GLY D 439 10.81 27.31 21.48
C GLY D 439 11.90 26.30 21.76
N LYS D 440 12.10 25.92 23.02
CA LYS D 440 13.17 24.99 23.35
C LYS D 440 12.61 23.58 23.58
N TYR D 441 13.47 22.58 23.38
CA TYR D 441 13.05 21.19 23.52
C TYR D 441 12.81 20.82 24.98
N GLY D 442 13.56 21.46 25.88
CA GLY D 442 13.36 21.22 27.30
C GLY D 442 14.64 21.09 28.09
N ALA D 443 14.76 21.87 29.16
CA ALA D 443 15.95 21.85 29.98
C ALA D 443 15.59 22.36 31.36
N ARG D 444 16.45 22.04 32.33
CA ARG D 444 16.37 22.64 33.66
C ARG D 444 17.70 23.32 33.93
N ASP D 445 17.65 24.52 34.48
CA ASP D 445 18.85 25.09 35.06
C ASP D 445 19.16 24.35 36.34
N ALA D 446 20.41 23.89 36.49
CA ALA D 446 20.81 23.18 37.70
C ALA D 446 20.81 24.11 38.90
N ASP D 447 20.97 25.42 38.67
CA ASP D 447 20.90 26.39 39.75
C ASP D 447 19.46 26.62 40.20
N THR D 448 18.60 27.07 39.30
CA THR D 448 17.28 27.54 39.71
C THR D 448 16.27 26.40 39.83
N LYS D 449 16.60 25.22 39.31
CA LYS D 449 15.74 24.02 39.31
C LYS D 449 14.38 24.27 38.65
N ILE D 450 14.40 24.97 37.51
CA ILE D 450 13.18 25.35 36.80
C ILE D 450 13.22 24.74 35.41
N TRP D 451 12.18 24.00 35.06
CA TRP D 451 12.08 23.45 33.72
C TRP D 451 11.46 24.47 32.77
N ASN D 452 12.07 24.63 31.60
CA ASN D 452 11.57 25.52 30.55
C ASN D 452 11.52 24.78 29.22
N GLY D 453 10.77 25.33 28.27
CA GLY D 453 10.61 24.68 27.00
C GLY D 453 9.32 23.89 26.93
N MET D 454 9.33 22.76 26.22
CA MET D 454 8.14 21.92 26.19
C MET D 454 7.96 21.18 27.51
N VAL D 455 9.07 20.91 28.21
CA VAL D 455 9.00 20.17 29.47
C VAL D 455 8.36 21.04 30.56
N GLY D 456 8.75 22.30 30.63
CA GLY D 456 8.24 23.18 31.69
C GLY D 456 6.77 23.52 31.53
N GLU D 457 6.24 23.35 30.31
CA GLU D 457 4.83 23.61 30.08
C GLU D 457 3.95 22.48 30.63
N LEU D 458 4.43 21.24 30.52
CA LEU D 458 3.61 20.12 30.96
C LEU D 458 3.72 19.90 32.46
N VAL D 459 4.87 20.24 33.05
CA VAL D 459 5.03 20.09 34.50
C VAL D 459 4.20 21.14 35.23
N TYR D 460 4.24 22.38 34.77
CA TYR D 460 3.50 23.45 35.41
C TYR D 460 2.02 23.43 35.07
N GLY D 461 1.62 22.69 34.05
CA GLY D 461 0.22 22.51 33.72
C GLY D 461 -0.30 23.38 32.59
N LYS D 462 0.57 24.14 31.93
CA LYS D 462 0.12 25.04 30.88
C LYS D 462 -0.39 24.27 29.65
N ALA D 463 0.41 23.35 29.14
CA ALA D 463 0.04 22.53 27.99
C ALA D 463 -0.49 21.20 28.49
N ASP D 464 -1.23 20.50 27.63
CA ASP D 464 -1.90 19.28 28.07
C ASP D 464 -1.12 18.03 27.70
N ILE D 465 -0.57 17.98 26.48
CA ILE D 465 0.20 16.82 26.03
C ILE D 465 1.20 17.29 24.99
N ALA D 466 2.30 16.55 24.84
CA ALA D 466 3.34 16.83 23.85
C ALA D 466 3.58 15.60 23.00
N ILE D 467 3.08 15.62 21.77
CA ILE D 467 3.38 14.60 20.79
C ILE D 467 4.44 15.20 19.88
N ALA D 468 5.69 14.89 20.17
CA ALA D 468 6.79 15.69 19.69
C ALA D 468 8.09 14.88 19.70
N PRO D 469 9.17 15.36 19.04
CA PRO D 469 10.49 14.71 19.25
C PRO D 469 11.10 14.98 20.63
N LEU D 470 10.64 14.23 21.61
CA LEU D 470 11.14 14.37 22.98
C LEU D 470 11.77 13.06 23.40
N THR D 471 13.01 13.11 23.86
CA THR D 471 13.72 11.93 24.30
C THR D 471 13.22 11.51 25.67
N ILE D 472 13.16 10.19 25.91
CA ILE D 472 12.85 9.67 27.24
C ILE D 472 14.16 9.53 27.99
N THR D 473 14.47 10.52 28.82
CA THR D 473 15.62 10.47 29.70
C THR D 473 15.14 10.35 31.15
N LEU D 474 16.09 10.13 32.06
CA LEU D 474 15.73 9.92 33.46
C LEU D 474 15.24 11.21 34.10
N VAL D 475 15.86 12.34 33.76
CA VAL D 475 15.44 13.62 34.34
C VAL D 475 14.11 14.05 33.73
N ARG D 476 13.74 13.50 32.58
CA ARG D 476 12.41 13.75 32.04
C ARG D 476 11.41 12.73 32.53
N GLU D 477 11.87 11.53 32.89
CA GLU D 477 10.97 10.49 33.39
C GLU D 477 10.43 10.85 34.77
N GLU D 478 11.26 11.51 35.59
CA GLU D 478 10.86 11.83 36.96
C GLU D 478 9.78 12.91 36.99
N VAL D 479 9.79 13.82 36.03
CA VAL D 479 8.86 14.95 36.08
C VAL D 479 7.60 14.68 35.27
N ILE D 480 7.69 13.95 34.16
CA ILE D 480 6.54 13.62 33.33
C ILE D 480 6.65 12.17 32.88
N ASP D 481 5.50 11.58 32.52
CA ASP D 481 5.45 10.15 32.20
C ASP D 481 5.43 9.93 30.69
N PHE D 482 6.07 8.86 30.25
CA PHE D 482 6.23 8.55 28.83
C PHE D 482 5.64 7.19 28.52
N SER D 483 5.18 7.02 27.28
CA SER D 483 4.73 5.71 26.83
C SER D 483 5.90 4.95 26.19
N LYS D 484 5.57 3.80 25.62
CA LYS D 484 6.54 3.02 24.87
C LYS D 484 6.94 3.77 23.61
N PRO D 485 8.17 3.60 23.14
CA PRO D 485 8.66 4.42 22.01
C PRO D 485 7.96 4.11 20.70
N PHE D 486 7.46 5.17 20.05
CA PHE D 486 6.94 5.03 18.70
C PHE D 486 8.06 5.03 17.68
N MET D 487 9.26 5.47 18.08
CA MET D 487 10.42 5.52 17.20
C MET D 487 11.68 5.34 18.04
N SER D 488 12.67 4.69 17.44
CA SER D 488 13.98 4.50 18.05
C SER D 488 15.03 5.18 17.19
N LEU D 489 16.14 5.57 17.80
CA LEU D 489 17.07 6.49 17.18
C LEU D 489 18.45 6.39 17.80
N GLY D 490 19.34 7.28 17.34
CA GLY D 490 20.66 7.43 17.92
C GLY D 490 21.18 8.83 17.64
N ILE D 491 22.22 9.20 18.38
CA ILE D 491 22.87 10.48 18.14
C ILE D 491 23.91 10.32 17.04
N SER D 492 23.71 11.02 15.93
CA SER D 492 24.67 11.00 14.83
C SER D 492 25.42 12.33 14.82
N ILE D 493 26.42 12.41 13.96
CA ILE D 493 27.18 13.64 13.76
C ILE D 493 27.04 14.04 12.30
N MET D 494 26.61 15.28 12.07
CA MET D 494 26.40 15.78 10.72
C MET D 494 27.49 16.77 10.40
N ILE D 495 28.23 16.52 9.31
CA ILE D 495 29.26 17.42 8.84
C ILE D 495 28.90 17.88 7.44
N LYS D 496 29.63 18.90 6.98
CA LYS D 496 29.53 19.30 5.58
C LYS D 496 30.12 18.18 4.73
N LYS D 497 29.43 17.86 3.64
CA LYS D 497 29.88 16.76 2.76
C LYS D 497 31.20 17.14 2.10
N PRO D 498 32.25 16.34 2.27
CA PRO D 498 33.59 16.79 1.86
C PRO D 498 33.73 16.81 0.34
N GLN D 499 33.74 18.02 -0.20
CA GLN D 499 34.03 18.25 -1.62
C GLN D 499 35.50 17.96 -1.86
N LYS D 500 35.87 17.80 -3.13
CA LYS D 500 37.27 17.54 -3.43
C LYS D 500 38.09 18.78 -3.13
N SER D 501 39.17 18.57 -2.38
CA SER D 501 40.04 19.67 -2.00
C SER D 501 40.89 20.10 -3.18
N LYS D 502 41.57 21.22 -3.03
CA LYS D 502 42.72 21.44 -3.87
C LYS D 502 43.75 20.36 -3.56
N PRO D 503 44.27 19.69 -4.56
CA PRO D 503 45.30 18.67 -4.30
C PRO D 503 46.59 19.34 -3.84
N GLY D 504 47.40 18.57 -3.13
CA GLY D 504 48.58 19.14 -2.50
C GLY D 504 49.68 19.46 -3.49
N VAL D 505 50.81 19.93 -2.94
CA VAL D 505 52.01 20.15 -3.73
C VAL D 505 52.50 18.83 -4.32
N PHE D 506 52.63 17.81 -3.49
CA PHE D 506 53.12 16.52 -3.95
C PHE D 506 52.00 15.53 -4.24
N SER D 507 50.89 15.99 -4.82
CA SER D 507 49.78 15.11 -5.14
C SER D 507 49.96 14.39 -6.48
N PHE D 508 51.06 14.61 -7.19
CA PHE D 508 51.29 13.87 -8.41
C PHE D 508 51.67 12.43 -8.10
N LEU D 509 52.34 12.21 -6.97
CA LEU D 509 52.80 10.88 -6.59
C LEU D 509 51.77 10.12 -5.78
N ASP D 510 50.52 10.55 -5.80
CA ASP D 510 49.43 9.82 -5.15
C ASP D 510 49.21 8.38 -5.63
N PRO D 511 49.28 8.02 -6.93
CA PRO D 511 48.94 6.63 -7.28
C PRO D 511 49.94 5.59 -6.85
N LEU D 512 51.15 5.97 -6.48
CA LEU D 512 52.09 5.00 -5.94
C LEU D 512 52.41 5.35 -4.50
N ALA D 513 52.67 4.30 -3.71
CA ALA D 513 52.96 4.49 -2.29
C ALA D 513 54.32 5.13 -2.11
N TYR D 514 54.47 5.81 -0.97
CA TYR D 514 55.77 6.34 -0.58
C TYR D 514 56.80 5.23 -0.43
N GLU D 515 56.34 4.05 -0.01
CA GLU D 515 57.23 2.91 0.14
C GLU D 515 57.75 2.41 -1.19
N ILE D 516 57.02 2.68 -2.27
CA ILE D 516 57.45 2.22 -3.59
C ILE D 516 58.57 3.10 -4.11
N TRP D 517 58.38 4.43 -4.03
CA TRP D 517 59.37 5.37 -4.55
C TRP D 517 60.70 5.27 -3.82
N MET D 518 60.65 5.00 -2.51
CA MET D 518 61.87 4.75 -1.75
C MET D 518 62.57 3.50 -2.23
N CYS D 519 61.81 2.42 -2.45
CA CYS D 519 62.41 1.17 -2.89
C CYS D 519 62.86 1.23 -4.34
N ILE D 520 62.29 2.14 -5.13
CA ILE D 520 62.82 2.37 -6.47
C ILE D 520 64.18 3.02 -6.40
N VAL D 521 64.30 4.11 -5.62
CA VAL D 521 65.56 4.87 -5.52
C VAL D 521 66.65 4.02 -4.86
N PHE D 522 66.26 3.21 -3.87
CA PHE D 522 67.18 2.23 -3.30
C PHE D 522 67.66 1.23 -4.34
N ALA D 523 66.74 0.79 -5.22
CA ALA D 523 67.14 -0.13 -6.28
C ALA D 523 67.80 0.61 -7.44
N TYR D 524 67.48 1.89 -7.61
CA TYR D 524 68.13 2.69 -8.65
C TYR D 524 69.62 2.87 -8.36
N ILE D 525 69.99 2.95 -7.09
CA ILE D 525 71.39 2.97 -6.71
C ILE D 525 72.04 1.64 -7.05
N GLY D 526 71.40 0.53 -6.65
CA GLY D 526 72.06 -0.76 -6.66
C GLY D 526 72.32 -1.31 -8.04
N VAL D 527 71.36 -1.13 -8.95
CA VAL D 527 71.53 -1.61 -10.32
C VAL D 527 72.64 -0.83 -11.02
N SER D 528 72.77 0.45 -10.68
CA SER D 528 73.89 1.24 -11.18
C SER D 528 75.22 0.75 -10.62
N VAL D 529 75.26 0.37 -9.34
CA VAL D 529 76.50 -0.07 -8.71
C VAL D 529 76.95 -1.41 -9.28
N VAL D 530 76.02 -2.34 -9.46
CA VAL D 530 76.34 -3.69 -9.94
C VAL D 530 76.87 -3.64 -11.37
N LEU D 531 76.37 -2.68 -12.16
CA LEU D 531 76.83 -2.57 -13.54
C LEU D 531 78.26 -2.06 -13.62
N PHE D 532 78.65 -1.15 -12.72
CA PHE D 532 80.04 -0.67 -12.73
C PHE D 532 80.98 -1.71 -12.13
N LEU D 533 80.49 -2.52 -11.19
CA LEU D 533 81.30 -3.62 -10.67
C LEU D 533 81.56 -4.66 -11.75
N VAL D 534 80.59 -4.86 -12.67
CA VAL D 534 80.84 -5.66 -13.86
C VAL D 534 81.89 -5.00 -14.73
N SER D 535 81.83 -3.66 -14.84
CA SER D 535 82.81 -2.93 -15.63
C SER D 535 84.21 -3.00 -15.02
N ARG D 536 84.29 -3.10 -13.69
CA ARG D 536 85.59 -3.26 -13.05
C ARG D 536 86.09 -4.68 -13.17
N PHE D 537 85.18 -5.66 -13.10
CA PHE D 537 85.52 -7.06 -13.32
C PHE D 537 85.97 -7.32 -14.75
N SER D 538 85.08 -7.14 -15.71
CA SER D 538 85.35 -7.54 -17.09
C SER D 538 85.71 -6.33 -17.94
N PRO D 539 86.91 -6.29 -18.53
CA PRO D 539 87.22 -5.19 -19.45
C PRO D 539 86.44 -5.26 -20.75
N TYR D 540 86.19 -6.47 -21.25
CA TYR D 540 85.52 -6.66 -22.53
C TYR D 540 84.07 -7.08 -22.31
N SER D 558 89.63 -1.58 -24.60
CA SER D 558 90.60 -1.26 -23.56
C SER D 558 89.95 -0.48 -22.43
N THR D 559 89.07 0.45 -22.79
CA THR D 559 88.44 1.31 -21.82
C THR D 559 87.08 0.78 -21.38
N ASN D 560 86.70 1.10 -20.16
CA ASN D 560 85.32 0.94 -19.69
C ASN D 560 84.68 2.32 -19.71
N GLU D 561 83.89 2.59 -20.75
CA GLU D 561 83.16 3.86 -20.82
C GLU D 561 82.03 3.88 -19.80
N PHE D 562 81.58 2.70 -19.38
CA PHE D 562 80.56 2.55 -18.35
C PHE D 562 81.18 2.75 -16.97
N GLY D 563 81.54 4.00 -16.69
CA GLY D 563 81.99 4.38 -15.38
C GLY D 563 80.81 4.49 -14.43
N ILE D 564 81.14 4.68 -13.15
CA ILE D 564 80.10 4.81 -12.13
C ILE D 564 79.34 6.12 -12.32
N PHE D 565 80.01 7.13 -12.88
CA PHE D 565 79.34 8.34 -13.31
C PHE D 565 78.42 8.07 -14.49
N ASN D 566 78.84 7.18 -15.39
CA ASN D 566 77.97 6.77 -16.49
C ASN D 566 76.92 5.76 -16.06
N SER D 567 77.19 4.99 -15.00
CA SER D 567 76.30 3.89 -14.66
C SER D 567 75.02 4.38 -14.00
N LEU D 568 75.06 5.53 -13.32
CA LEU D 568 73.81 6.13 -12.87
C LEU D 568 73.06 6.74 -14.04
N TRP D 569 73.79 7.12 -15.10
CA TRP D 569 73.15 7.75 -16.25
C TRP D 569 72.37 6.73 -17.07
N PHE D 570 73.00 5.60 -17.41
CA PHE D 570 72.30 4.61 -18.21
C PHE D 570 71.22 3.92 -17.40
N SER D 571 71.39 3.87 -16.08
CA SER D 571 70.29 3.41 -15.23
C SER D 571 69.14 4.40 -15.27
N LEU D 572 69.43 5.69 -15.45
CA LEU D 572 68.38 6.69 -15.40
C LEU D 572 67.65 6.78 -16.73
N GLY D 573 68.36 6.57 -17.85
CA GLY D 573 67.71 6.66 -19.14
C GLY D 573 66.72 5.54 -19.39
N ALA D 574 67.01 4.36 -18.84
CA ALA D 574 66.07 3.26 -18.96
C ALA D 574 64.84 3.51 -18.12
N PHE D 575 65.00 4.13 -16.94
CA PHE D 575 63.88 4.27 -16.04
C PHE D 575 62.94 5.39 -16.48
N MET D 576 63.46 6.37 -17.19
CA MET D 576 62.62 7.43 -17.70
C MET D 576 62.26 7.27 -19.17
N GLN D 577 62.38 6.05 -19.70
CA GLN D 577 61.93 5.63 -21.03
C GLN D 577 62.66 6.31 -22.17
N GLN D 578 63.88 6.80 -21.98
CA GLN D 578 64.69 7.29 -23.08
C GLN D 578 66.00 6.52 -23.09
N GLY D 579 66.05 5.48 -23.92
CA GLY D 579 67.21 4.61 -23.95
C GLY D 579 68.43 5.32 -24.50
N CYS D 580 69.49 5.32 -23.70
CA CYS D 580 70.65 6.17 -23.94
C CYS D 580 71.53 5.57 -25.03
N ASP D 581 72.51 6.36 -25.47
CA ASP D 581 73.30 5.99 -26.65
C ASP D 581 74.27 4.85 -26.35
N ILE D 582 74.77 4.79 -25.13
CA ILE D 582 75.66 3.69 -24.75
C ILE D 582 74.87 2.40 -24.62
N SER D 583 75.54 1.28 -24.86
CA SER D 583 74.91 -0.04 -24.81
C SER D 583 75.89 -1.05 -24.23
N PRO D 584 75.45 -1.89 -23.28
CA PRO D 584 76.38 -2.79 -22.60
C PRO D 584 76.86 -3.92 -23.49
N ARG D 585 78.16 -4.21 -23.42
CA ARG D 585 78.78 -5.21 -24.29
C ARG D 585 79.27 -6.43 -23.51
N SER D 586 78.67 -6.71 -22.37
CA SER D 586 79.03 -7.88 -21.57
C SER D 586 77.78 -8.69 -21.28
N LEU D 587 77.96 -10.02 -21.20
CA LEU D 587 76.84 -10.91 -20.93
C LEU D 587 76.25 -10.66 -19.54
N SER D 588 77.11 -10.60 -18.51
CA SER D 588 76.61 -10.28 -17.18
C SER D 588 76.16 -8.83 -17.10
N GLY D 589 76.72 -7.97 -17.96
CA GLY D 589 76.20 -6.61 -18.08
C GLY D 589 74.84 -6.56 -18.76
N ARG D 590 74.63 -7.38 -19.79
CA ARG D 590 73.35 -7.36 -20.48
C ARG D 590 72.27 -8.08 -19.68
N ILE D 591 72.67 -8.91 -18.72
CA ILE D 591 71.69 -9.40 -17.74
C ILE D 591 71.23 -8.24 -16.86
N VAL D 592 72.17 -7.36 -16.47
CA VAL D 592 71.80 -6.16 -15.75
C VAL D 592 70.95 -5.23 -16.62
N GLY D 593 71.38 -5.02 -17.87
CA GLY D 593 70.60 -4.21 -18.78
C GLY D 593 69.29 -4.87 -19.19
N GLY D 594 69.24 -6.20 -19.09
CA GLY D 594 68.00 -6.90 -19.36
C GLY D 594 66.97 -6.75 -18.26
N VAL D 595 67.36 -7.06 -17.02
CA VAL D 595 66.37 -7.15 -15.94
C VAL D 595 65.97 -5.76 -15.48
N TRP D 596 66.81 -4.74 -15.74
CA TRP D 596 66.43 -3.39 -15.36
C TRP D 596 65.39 -2.83 -16.31
N TRP D 597 65.36 -3.32 -17.54
CA TRP D 597 64.35 -2.88 -18.49
C TRP D 597 62.97 -3.38 -18.11
N PHE D 598 62.86 -4.65 -17.75
CA PHE D 598 61.56 -5.21 -17.41
C PHE D 598 61.07 -4.68 -16.06
N PHE D 599 61.97 -4.13 -15.24
CA PHE D 599 61.53 -3.42 -14.06
C PHE D 599 60.77 -2.15 -14.42
N THR D 600 61.22 -1.45 -15.46
CA THR D 600 60.62 -0.17 -15.78
C THR D 600 59.29 -0.33 -16.50
N LEU D 601 59.18 -1.34 -17.35
CA LEU D 601 57.97 -1.52 -18.14
C LEU D 601 56.78 -1.90 -17.25
N ILE D 602 57.06 -2.52 -16.11
CA ILE D 602 55.99 -2.77 -15.15
C ILE D 602 55.61 -1.50 -14.42
N ILE D 603 56.59 -0.81 -13.83
CA ILE D 603 56.33 0.27 -12.89
C ILE D 603 55.66 1.45 -13.55
N ILE D 604 56.15 1.84 -14.74
CA ILE D 604 55.56 2.96 -15.45
C ILE D 604 54.16 2.62 -15.93
N SER D 605 53.95 1.37 -16.35
CA SER D 605 52.60 0.93 -16.69
C SER D 605 51.76 0.76 -15.43
N SER D 606 52.39 0.45 -14.31
CA SER D 606 51.64 0.47 -13.06
C SER D 606 51.24 1.88 -12.68
N TYR D 607 52.08 2.86 -13.03
CA TYR D 607 51.80 4.24 -12.67
C TYR D 607 50.69 4.82 -13.52
N THR D 608 50.71 4.54 -14.83
CA THR D 608 49.67 5.03 -15.71
C THR D 608 48.33 4.38 -15.39
N ALA D 609 48.38 3.11 -14.96
CA ALA D 609 47.15 2.41 -14.63
C ALA D 609 46.49 2.99 -13.40
N ASN D 610 47.27 3.22 -12.34
CA ASN D 610 46.65 3.62 -11.10
C ASN D 610 46.25 5.09 -11.13
N LEU D 611 46.89 5.88 -11.99
CA LEU D 611 46.47 7.27 -12.09
C LEU D 611 45.18 7.38 -12.90
N ALA D 612 44.89 6.37 -13.73
CA ALA D 612 43.58 6.28 -14.35
C ALA D 612 42.51 5.94 -13.32
N ALA D 613 42.91 5.33 -12.21
CA ALA D 613 41.93 4.95 -11.21
C ALA D 613 41.43 6.18 -10.44
N PHE D 614 42.32 7.14 -10.16
CA PHE D 614 41.92 8.30 -9.36
C PHE D 614 41.04 9.25 -10.16
N LEU D 615 41.32 9.42 -11.44
CA LEU D 615 40.57 10.40 -12.20
C LEU D 615 39.22 9.85 -12.65
N THR D 616 39.13 8.54 -12.82
CA THR D 616 37.86 7.97 -13.23
C THR D 616 36.93 7.75 -12.05
N VAL D 617 37.36 6.93 -11.09
CA VAL D 617 36.51 6.61 -9.94
C VAL D 617 37.10 7.26 -8.71
N GLU D 618 36.39 8.25 -8.18
CA GLU D 618 36.89 9.07 -7.09
C GLU D 618 36.14 8.71 -5.81
N ARG D 619 36.85 8.74 -4.69
CA ARG D 619 36.25 8.56 -3.39
C ARG D 619 36.62 9.74 -2.51
N MET D 620 35.66 10.61 -2.27
CA MET D 620 35.88 11.77 -1.40
C MET D 620 35.87 11.27 0.04
N VAL D 621 37.07 11.13 0.62
CA VAL D 621 37.18 10.50 1.92
C VAL D 621 36.76 11.49 3.01
N SER D 622 35.97 10.99 3.96
CA SER D 622 35.52 11.75 5.11
C SER D 622 36.70 12.09 5.99
N PRO D 623 36.87 13.37 6.38
CA PRO D 623 38.00 13.74 7.25
C PRO D 623 37.92 13.13 8.65
N ILE D 624 36.71 12.76 9.09
CA ILE D 624 36.49 12.14 10.40
C ILE D 624 35.55 10.96 10.19
N GLU D 625 35.68 9.95 11.04
CA GLU D 625 34.84 8.76 10.93
C GLU D 625 34.37 8.21 12.26
N SER D 626 34.69 8.86 13.37
CA SER D 626 34.21 8.43 14.68
C SER D 626 34.27 9.59 15.66
N ALA D 627 33.67 9.36 16.82
CA ALA D 627 33.81 10.30 17.93
C ALA D 627 35.22 10.22 18.52
N GLU D 628 35.90 9.10 18.29
CA GLU D 628 37.30 8.96 18.71
C GLU D 628 38.17 10.02 18.07
N ASP D 629 38.05 10.21 16.76
CA ASP D 629 38.96 11.09 16.04
C ASP D 629 38.60 12.56 16.27
N LEU D 630 37.32 12.82 16.57
CA LEU D 630 36.94 14.15 17.04
C LEU D 630 37.48 14.41 18.44
N SER D 631 37.66 13.35 19.23
CA SER D 631 38.29 13.49 20.53
C SER D 631 39.81 13.56 20.40
N LYS D 632 40.37 12.99 19.34
CA LYS D 632 41.80 13.13 19.11
C LYS D 632 42.16 14.45 18.51
N GLN D 633 41.27 15.18 17.86
CA GLN D 633 41.71 16.39 17.18
C GLN D 633 40.58 17.40 17.14
N THR D 634 40.94 18.65 17.43
CA THR D 634 40.00 19.77 17.42
C THR D 634 40.21 20.71 16.23
N GLU D 635 40.63 20.18 15.09
CA GLU D 635 40.74 21.01 13.89
C GLU D 635 39.37 21.49 13.42
N ILE D 636 38.34 20.68 13.59
CA ILE D 636 36.98 21.04 13.23
C ILE D 636 36.15 21.05 14.51
N ALA D 637 35.55 22.19 14.82
CA ALA D 637 34.78 22.33 16.04
C ALA D 637 33.46 21.57 15.94
N TYR D 638 32.93 21.19 17.10
CA TYR D 638 31.70 20.40 17.15
C TYR D 638 30.87 20.81 18.37
N GLY D 639 29.55 20.82 18.20
CA GLY D 639 28.66 21.18 19.29
C GLY D 639 27.29 20.57 19.12
N THR D 640 26.41 20.89 20.07
CA THR D 640 25.03 20.41 20.08
C THR D 640 24.09 21.60 20.20
N LEU D 641 22.82 21.29 20.48
CA LEU D 641 21.85 22.36 20.71
C LEU D 641 21.88 22.76 22.18
N ASP D 642 21.61 24.05 22.44
CA ASP D 642 21.91 24.62 23.76
C ASP D 642 20.90 24.18 24.82
N SER D 643 19.73 23.70 24.40
CA SER D 643 18.72 23.25 25.34
C SER D 643 18.06 21.99 24.82
N GLY D 644 18.57 20.84 25.26
CA GLY D 644 18.06 19.58 24.78
C GLY D 644 18.67 18.42 25.52
N SER D 645 18.03 17.26 25.36
CA SER D 645 18.45 16.05 26.06
C SER D 645 19.82 15.56 25.58
N THR D 646 20.19 15.90 24.34
CA THR D 646 21.47 15.49 23.79
C THR D 646 22.62 16.19 24.51
N LYS D 647 22.51 17.50 24.69
CA LYS D 647 23.44 18.24 25.54
C LYS D 647 23.37 17.74 26.98
N GLU D 648 22.16 17.43 27.46
CA GLU D 648 22.02 16.90 28.81
C GLU D 648 22.59 15.50 28.93
N PHE D 649 22.60 14.73 27.83
CA PHE D 649 23.21 13.41 27.87
C PHE D 649 24.73 13.51 28.00
N PHE D 650 25.36 14.48 27.32
CA PHE D 650 26.81 14.56 27.39
C PHE D 650 27.29 15.10 28.74
N ARG D 651 26.47 15.92 29.41
CA ARG D 651 26.86 16.42 30.72
C ARG D 651 26.88 15.31 31.76
N ARG D 652 25.96 14.37 31.67
CA ARG D 652 25.86 13.25 32.62
C ARG D 652 26.63 12.02 32.15
N SER D 653 27.54 12.17 31.21
CA SER D 653 28.23 11.01 30.63
C SER D 653 29.43 10.62 31.48
N LYS D 654 29.64 9.31 31.63
CA LYS D 654 30.79 8.77 32.34
C LYS D 654 31.71 7.95 31.45
N ILE D 655 31.38 7.82 30.18
CA ILE D 655 32.27 7.18 29.20
C ILE D 655 33.45 8.12 28.97
N ALA D 656 34.65 7.53 28.91
CA ALA D 656 35.89 8.32 28.88
C ALA D 656 36.01 9.13 27.61
N VAL D 657 35.34 8.72 26.55
CA VAL D 657 35.31 9.52 25.33
C VAL D 657 34.35 10.69 25.48
N PHE D 658 33.14 10.41 25.95
CA PHE D 658 32.07 11.41 25.92
C PHE D 658 32.30 12.50 26.95
N ASP D 659 32.92 12.15 28.08
CA ASP D 659 33.27 13.16 29.08
C ASP D 659 34.32 14.11 28.53
N LYS D 660 35.28 13.58 27.76
CA LYS D 660 36.21 14.44 27.04
C LYS D 660 35.48 15.27 25.99
N MET D 661 34.45 14.69 25.38
CA MET D 661 33.65 15.42 24.41
C MET D 661 32.84 16.53 25.06
N TRP D 662 32.37 16.30 26.29
CA TRP D 662 31.59 17.31 26.98
C TRP D 662 32.47 18.45 27.50
N THR D 663 33.74 18.14 27.82
CA THR D 663 34.61 19.17 28.38
C THR D 663 35.00 20.22 27.34
N TYR D 664 35.19 19.81 26.09
CA TYR D 664 35.63 20.77 25.08
C TYR D 664 34.50 21.70 24.67
N MET D 665 33.25 21.23 24.77
CA MET D 665 32.09 22.03 24.38
C MET D 665 31.96 23.28 25.23
N ARG D 666 32.30 23.19 26.52
CA ARG D 666 32.15 24.34 27.41
C ARG D 666 33.46 25.12 27.55
N SER D 667 34.60 24.51 27.23
CA SER D 667 35.90 25.10 27.58
C SER D 667 36.28 26.29 26.71
N ALA D 668 36.48 26.06 25.42
CA ALA D 668 36.78 27.16 24.51
C ALA D 668 35.53 27.52 23.73
N GLU D 669 35.01 28.73 23.93
CA GLU D 669 33.75 29.07 23.30
C GLU D 669 33.74 30.43 22.59
N PRO D 670 34.06 30.45 21.29
CA PRO D 670 33.19 31.20 20.40
C PRO D 670 31.97 30.30 20.23
N SER D 671 30.80 30.83 19.86
CA SER D 671 29.52 30.24 20.27
C SER D 671 29.32 28.83 19.74
N VAL D 672 29.54 27.85 20.61
CA VAL D 672 29.51 26.45 20.26
C VAL D 672 28.09 25.92 20.12
N PHE D 673 27.29 26.06 21.17
CA PHE D 673 25.93 25.56 21.13
C PHE D 673 25.06 26.48 20.28
N VAL D 674 23.97 25.93 19.77
CA VAL D 674 23.00 26.70 19.01
C VAL D 674 21.64 26.56 19.66
N ARG D 675 20.76 27.50 19.37
CA ARG D 675 19.43 27.47 19.99
C ARG D 675 18.42 26.79 19.10
N THR D 676 18.74 26.59 17.82
CA THR D 676 17.81 25.96 16.90
C THR D 676 18.57 24.93 16.08
N THR D 677 17.89 23.84 15.74
CA THR D 677 18.45 22.80 14.88
C THR D 677 18.76 23.34 13.49
N ALA D 678 17.82 24.07 12.89
CA ALA D 678 18.05 24.66 11.56
C ALA D 678 19.10 25.76 11.61
N GLU D 679 19.30 26.37 12.80
CA GLU D 679 20.42 27.28 12.98
C GLU D 679 21.75 26.54 12.89
N GLY D 680 21.81 25.35 13.50
CA GLY D 680 23.02 24.56 13.40
C GLY D 680 23.25 24.00 12.02
N VAL D 681 22.16 23.68 11.32
CA VAL D 681 22.23 23.28 9.90
C VAL D 681 22.80 24.42 9.07
N ALA D 682 22.37 25.65 9.34
CA ALA D 682 22.97 26.82 8.70
C ALA D 682 24.39 27.06 9.20
N ARG D 683 24.69 26.60 10.41
CA ARG D 683 26.03 26.82 10.96
C ARG D 683 27.05 25.90 10.30
N VAL D 684 26.67 24.64 10.04
CA VAL D 684 27.60 23.70 9.41
C VAL D 684 27.87 24.08 7.97
N ARG D 685 26.80 24.32 7.20
CA ARG D 685 26.90 24.46 5.75
C ARG D 685 27.66 25.71 5.34
N LYS D 686 27.67 26.74 6.18
CA LYS D 686 28.39 27.96 5.89
C LYS D 686 29.75 28.01 6.56
N SER D 687 30.13 26.96 7.28
CA SER D 687 31.42 26.89 7.95
C SER D 687 32.54 26.43 7.03
N LYS D 688 32.21 25.99 5.81
CA LYS D 688 33.12 25.32 4.87
C LYS D 688 33.80 24.12 5.54
N GLY D 689 33.00 23.31 6.25
CA GLY D 689 33.50 22.11 6.88
C GLY D 689 34.13 22.31 8.24
N LYS D 690 34.00 23.49 8.84
CA LYS D 690 34.66 23.78 10.10
C LYS D 690 33.75 23.67 11.32
N TYR D 691 32.50 23.23 11.14
CA TYR D 691 31.64 22.93 12.27
C TYR D 691 30.86 21.66 11.98
N ALA D 692 30.78 20.79 12.99
CA ALA D 692 30.00 19.56 12.92
C ALA D 692 28.90 19.61 13.96
N TYR D 693 27.65 19.44 13.54
CA TYR D 693 26.51 19.53 14.44
C TYR D 693 26.06 18.15 14.88
N LEU D 694 26.06 17.91 16.18
CA LEU D 694 25.69 16.62 16.75
C LEU D 694 24.19 16.64 16.99
N LEU D 695 23.48 15.69 16.39
CA LEU D 695 22.03 15.65 16.52
C LEU D 695 21.53 14.23 16.35
N GLU D 696 20.23 14.10 16.22
CA GLU D 696 19.58 12.81 16.25
C GLU D 696 19.55 12.19 14.87
N SER D 697 19.34 10.86 14.83
CA SER D 697 19.51 10.11 13.59
C SER D 697 18.41 10.44 12.59
N THR D 698 17.16 10.34 13.00
CA THR D 698 16.05 10.59 12.06
C THR D 698 15.89 12.08 11.81
N MET D 699 16.48 12.92 12.67
CA MET D 699 16.71 14.31 12.30
C MET D 699 17.66 14.41 11.12
N ASN D 700 18.65 13.51 11.06
CA ASN D 700 19.78 13.72 10.16
C ASN D 700 19.51 13.13 8.79
N GLU D 701 18.64 12.11 8.70
CA GLU D 701 18.34 11.52 7.40
C GLU D 701 17.43 12.43 6.59
N TYR D 702 16.70 13.32 7.25
CA TYR D 702 15.81 14.22 6.52
C TYR D 702 16.59 15.39 5.91
N ILE D 703 17.68 15.80 6.56
CA ILE D 703 18.51 16.87 6.01
C ILE D 703 19.30 16.35 4.80
N GLU D 704 19.64 15.06 4.82
CA GLU D 704 20.46 14.51 3.75
C GLU D 704 19.66 14.28 2.47
N GLN D 705 18.37 13.95 2.60
CA GLN D 705 17.49 13.79 1.43
C GLN D 705 16.66 15.03 1.16
N ARG D 706 17.17 16.20 1.50
CA ARG D 706 16.53 17.46 1.21
C ARG D 706 17.44 18.20 0.23
N LYS D 707 16.89 19.17 -0.49
CA LYS D 707 17.76 20.13 -1.18
C LYS D 707 18.56 20.91 -0.14
N PRO D 708 19.83 21.24 -0.41
CA PRO D 708 20.60 20.91 -1.61
C PRO D 708 21.40 19.63 -1.48
N CYS D 709 21.06 18.77 -0.51
CA CYS D 709 21.79 17.56 -0.12
C CYS D 709 23.30 17.80 -0.02
N ASP D 710 23.66 18.64 0.95
CA ASP D 710 25.01 19.18 1.12
C ASP D 710 25.72 18.59 2.32
N THR D 711 25.05 17.76 3.12
CA THR D 711 25.61 17.22 4.35
C THR D 711 25.36 15.71 4.41
N MET D 712 26.15 15.03 5.22
CA MET D 712 26.10 13.57 5.29
C MET D 712 26.33 13.09 6.72
N LYS D 713 25.87 11.87 6.99
CA LYS D 713 26.16 11.21 8.25
C LYS D 713 27.59 10.71 8.26
N VAL D 714 28.22 10.73 9.44
CA VAL D 714 29.52 10.11 9.61
C VAL D 714 29.44 9.09 10.73
N GLY D 715 30.17 7.99 10.56
CA GLY D 715 30.22 6.95 11.57
C GLY D 715 28.88 6.27 11.75
N GLY D 716 28.42 6.23 12.98
CA GLY D 716 27.14 5.63 13.30
C GLY D 716 26.59 6.23 14.56
N ASN D 717 25.53 5.60 15.07
CA ASN D 717 24.86 6.09 16.24
C ASN D 717 25.71 5.92 17.49
N LEU D 718 25.74 6.94 18.33
CA LEU D 718 26.58 6.91 19.52
C LEU D 718 25.94 6.08 20.63
N ASP D 719 24.60 6.02 20.66
CA ASP D 719 23.87 5.48 21.79
C ASP D 719 22.43 5.19 21.42
N SER D 720 21.75 4.39 22.24
CA SER D 720 20.33 4.14 22.08
C SER D 720 19.50 5.17 22.84
N LYS D 721 18.49 5.73 22.16
CA LYS D 721 17.53 6.66 22.76
C LYS D 721 16.12 6.29 22.29
N GLY D 722 15.15 7.10 22.69
CA GLY D 722 13.77 6.84 22.34
C GLY D 722 12.92 8.08 22.11
N TYR D 723 11.99 8.00 21.17
CA TYR D 723 10.97 9.03 20.96
C TYR D 723 9.66 8.53 21.54
N GLY D 724 9.09 9.29 22.49
CA GLY D 724 7.87 8.87 23.12
C GLY D 724 6.96 10.05 23.35
N ILE D 725 5.68 9.73 23.58
CA ILE D 725 4.69 10.77 23.84
C ILE D 725 4.79 11.20 25.30
N ALA D 726 5.02 12.49 25.51
CA ALA D 726 5.20 13.07 26.82
C ALA D 726 3.84 13.31 27.47
N THR D 727 3.56 12.61 28.56
CA THR D 727 2.36 12.83 29.33
C THR D 727 2.74 13.42 30.70
N PRO D 728 2.02 14.44 31.16
CA PRO D 728 2.35 15.03 32.47
C PRO D 728 2.11 14.04 33.61
N LYS D 729 2.80 14.26 34.73
CA LYS D 729 2.73 13.31 35.83
C LYS D 729 1.37 13.34 36.50
N GLY D 730 0.63 12.24 36.34
CA GLY D 730 -0.76 12.18 36.72
C GLY D 730 -1.73 12.54 35.62
N SER D 731 -1.35 12.38 34.36
CA SER D 731 -2.25 12.68 33.26
C SER D 731 -3.34 11.63 33.15
N SER D 732 -4.56 12.08 32.85
CA SER D 732 -5.63 11.16 32.51
C SER D 732 -5.32 10.44 31.21
N LEU D 733 -4.64 11.11 30.28
CA LEU D 733 -4.19 10.50 29.05
C LEU D 733 -2.80 9.88 29.21
N GLY D 734 -2.61 9.06 30.24
CA GLY D 734 -1.40 8.30 30.40
C GLY D 734 -1.62 6.87 29.96
N THR D 735 -2.78 6.34 30.33
CA THR D 735 -3.19 5.01 29.88
C THR D 735 -3.78 4.98 28.46
N PRO D 736 -4.70 5.86 28.02
CA PRO D 736 -5.25 5.68 26.66
C PRO D 736 -4.25 5.99 25.55
N VAL D 737 -3.35 6.94 25.77
CA VAL D 737 -2.30 7.22 24.80
C VAL D 737 -1.36 6.02 24.66
N ASN D 738 -1.03 5.39 25.79
CA ASN D 738 -0.16 4.21 25.77
C ASN D 738 -0.84 3.03 25.07
N LEU D 739 -2.17 2.93 25.20
CA LEU D 739 -2.89 1.91 24.44
C LEU D 739 -2.99 2.31 22.96
N ALA D 740 -2.98 3.61 22.68
CA ALA D 740 -2.98 4.06 21.30
C ALA D 740 -1.61 3.84 20.65
N VAL D 741 -0.56 3.85 21.45
CA VAL D 741 0.78 3.51 20.97
C VAL D 741 0.81 2.07 20.47
N LEU D 742 0.19 1.17 21.22
CA LEU D 742 0.23 -0.25 20.88
C LEU D 742 -0.60 -0.53 19.63
N LYS D 743 -1.76 0.11 19.51
CA LYS D 743 -2.69 -0.20 18.43
C LYS D 743 -2.17 0.30 17.08
N LEU D 744 -1.48 1.44 17.07
CA LEU D 744 -0.85 1.89 15.85
C LEU D 744 0.33 1.00 15.47
N SER D 745 1.02 0.45 16.47
CA SER D 745 2.16 -0.43 16.20
C SER D 745 1.69 -1.79 15.72
N GLU D 746 0.60 -2.31 16.30
CA GLU D 746 0.13 -3.64 15.93
C GLU D 746 -0.42 -3.68 14.51
N GLN D 747 -0.91 -2.54 14.03
CA GLN D 747 -1.31 -2.42 12.63
C GLN D 747 -0.15 -2.01 11.74
N GLY D 748 1.01 -1.74 12.34
CA GLY D 748 2.16 -1.24 11.59
C GLY D 748 1.96 0.17 11.09
N VAL D 749 1.05 0.90 11.73
CA VAL D 749 0.65 2.20 11.21
C VAL D 749 1.68 3.26 11.58
N LEU D 750 2.44 3.02 12.65
CA LEU D 750 3.63 3.82 12.92
C LEU D 750 4.63 3.66 11.79
N ASP D 751 4.82 2.44 11.31
CA ASP D 751 5.80 2.18 10.28
C ASP D 751 5.31 2.65 8.91
N LYS D 752 4.01 2.53 8.64
CA LYS D 752 3.51 2.94 7.34
C LYS D 752 3.41 4.46 7.22
N LEU D 753 3.54 5.18 8.33
CA LEU D 753 3.74 6.63 8.23
C LEU D 753 5.20 6.95 7.96
N LYS D 754 6.10 6.21 8.59
CA LYS D 754 7.53 6.50 8.47
C LYS D 754 8.03 6.23 7.07
N ASN D 755 7.61 5.11 6.47
CA ASN D 755 8.09 4.81 5.13
C ASN D 755 7.48 5.76 4.11
N LYS D 756 6.30 6.29 4.40
CA LYS D 756 5.66 7.16 3.42
C LYS D 756 6.29 8.55 3.44
N TRP D 757 6.48 9.16 4.61
CA TRP D 757 6.85 10.58 4.64
C TRP D 757 8.33 10.80 4.35
N TRP D 758 9.20 9.88 4.75
CA TRP D 758 10.62 10.06 4.47
C TRP D 758 10.96 9.79 3.02
N TYR D 759 10.15 8.96 2.34
CA TYR D 759 10.62 8.47 1.05
C TYR D 759 9.91 9.15 -0.12
N ASP D 760 8.70 9.68 0.07
CA ASP D 760 8.15 10.54 -0.97
C ASP D 760 8.84 11.89 -1.00
N LYS D 761 9.41 12.31 0.13
CA LYS D 761 10.23 13.52 0.20
C LYS D 761 11.67 13.26 -0.20
N GLY D 762 12.11 12.01 -0.18
CA GLY D 762 13.47 11.67 -0.56
C GLY D 762 13.72 11.78 -2.05
N GLU D 763 13.70 13.02 -2.57
CA GLU D 763 13.85 13.23 -4.00
C GLU D 763 15.31 13.38 -4.40
N CYS D 764 16.14 14.00 -3.56
CA CYS D 764 17.59 13.84 -3.70
C CYS D 764 17.99 12.56 -2.97
N GLY D 765 17.67 11.44 -3.62
CA GLY D 765 18.18 10.15 -3.16
C GLY D 765 19.66 10.10 -3.50
N ALA D 766 20.49 9.72 -2.52
CA ALA D 766 21.98 9.79 -2.51
C ALA D 766 22.57 9.21 -3.80
N LYS D 767 21.91 8.26 -4.46
CA LYS D 767 22.20 7.79 -5.82
C LYS D 767 22.43 8.89 -6.85
N ASP D 768 21.76 10.04 -6.73
CA ASP D 768 21.80 11.01 -7.81
C ASP D 768 23.13 11.78 -7.85
N SER D 769 23.70 12.07 -6.69
CA SER D 769 25.02 12.70 -6.65
C SER D 769 26.12 11.67 -6.93
N GLY D 770 25.86 10.41 -6.59
CA GLY D 770 26.81 9.36 -6.92
C GLY D 770 26.84 9.03 -8.40
N SER D 771 25.67 9.05 -9.05
CA SER D 771 25.62 8.73 -10.47
C SER D 771 26.08 9.89 -11.34
N LYS D 772 26.03 11.12 -10.81
CA LYS D 772 26.44 12.29 -11.57
C LYS D 772 27.94 12.49 -11.42
N GLU D 773 28.68 11.81 -12.28
CA GLU D 773 30.11 12.06 -12.41
C GLU D 773 30.37 12.85 -13.69
N LYS D 774 31.45 13.62 -13.67
CA LYS D 774 31.69 14.63 -14.70
C LYS D 774 32.94 14.29 -15.49
N THR D 775 33.03 14.92 -16.66
CA THR D 775 34.16 14.78 -17.55
C THR D 775 35.08 15.97 -17.33
N SER D 776 36.00 15.85 -16.38
CA SER D 776 36.81 16.98 -15.94
C SER D 776 38.23 16.83 -16.46
N ALA D 777 38.72 17.86 -17.12
CA ALA D 777 40.12 17.92 -17.51
C ALA D 777 40.98 18.17 -16.29
N LEU D 778 42.26 17.79 -16.37
CA LEU D 778 43.19 18.17 -15.33
C LEU D 778 43.41 19.67 -15.34
N SER D 779 43.30 20.28 -14.17
CA SER D 779 43.69 21.66 -14.00
C SER D 779 45.18 21.70 -13.70
N LEU D 780 45.71 22.92 -13.58
CA LEU D 780 47.13 23.08 -13.32
C LEU D 780 47.47 22.72 -11.88
N SER D 781 46.46 22.72 -11.00
CA SER D 781 46.67 22.39 -9.60
C SER D 781 46.94 20.89 -9.42
N ASN D 782 46.53 20.08 -10.38
CA ASN D 782 46.64 18.63 -10.20
C ASN D 782 48.07 18.16 -10.37
N VAL D 783 48.81 18.77 -11.30
CA VAL D 783 50.20 18.39 -11.54
C VAL D 783 51.11 19.52 -11.09
N ALA D 784 50.66 20.27 -10.09
CA ALA D 784 51.26 21.57 -9.76
C ALA D 784 52.68 21.44 -9.23
N GLY D 785 52.95 20.41 -8.45
CA GLY D 785 54.27 20.29 -7.84
C GLY D 785 55.33 19.85 -8.81
N VAL D 786 54.93 19.31 -9.96
CA VAL D 786 55.89 18.80 -10.93
C VAL D 786 56.65 19.95 -11.58
N PHE D 787 55.96 21.07 -11.82
CA PHE D 787 56.63 22.27 -12.29
C PHE D 787 57.55 22.84 -11.21
N TYR D 788 57.18 22.64 -9.94
CA TYR D 788 57.98 23.18 -8.85
C TYR D 788 59.28 22.40 -8.72
N ILE D 789 59.22 21.08 -8.82
CA ILE D 789 60.44 20.29 -8.74
C ILE D 789 61.18 20.31 -10.06
N LEU D 790 60.53 20.79 -11.13
CA LEU D 790 61.27 21.07 -12.35
C LEU D 790 62.21 22.24 -12.18
N VAL D 791 61.68 23.37 -11.69
CA VAL D 791 62.49 24.57 -11.51
C VAL D 791 63.51 24.37 -10.40
N GLY D 792 63.13 23.62 -9.36
CA GLY D 792 64.09 23.26 -8.31
C GLY D 792 65.20 22.38 -8.83
N GLY D 793 64.89 21.52 -9.80
CA GLY D 793 65.94 20.77 -10.46
C GLY D 793 66.76 21.62 -11.41
N LEU D 794 66.18 22.71 -11.90
CA LEU D 794 66.92 23.61 -12.78
C LEU D 794 67.94 24.42 -12.00
N GLY D 795 67.53 25.02 -10.90
CA GLY D 795 68.44 25.85 -10.12
C GLY D 795 69.52 25.04 -9.43
N LEU D 796 69.23 23.77 -9.13
CA LEU D 796 70.25 22.89 -8.59
C LEU D 796 71.35 22.64 -9.63
N ALA D 797 70.96 22.48 -10.89
CA ALA D 797 71.95 22.35 -11.95
C ALA D 797 72.67 23.67 -12.17
N MET D 798 71.98 24.80 -11.95
CA MET D 798 72.65 26.09 -11.95
C MET D 798 73.63 26.22 -10.81
N LEU D 799 73.32 25.57 -9.68
CA LEU D 799 74.25 25.56 -8.55
C LEU D 799 75.46 24.68 -8.84
N VAL D 800 75.27 23.57 -9.55
CA VAL D 800 76.38 22.66 -9.80
C VAL D 800 77.27 23.21 -10.91
N ALA D 801 76.66 23.83 -11.93
CA ALA D 801 77.43 24.37 -13.07
C ALA D 801 78.33 25.52 -12.64
N LEU D 802 77.95 26.21 -11.56
CA LEU D 802 78.84 27.21 -10.98
C LEU D 802 80.02 26.54 -10.27
N ILE D 803 79.73 25.55 -9.42
CA ILE D 803 80.75 25.07 -8.49
C ILE D 803 81.61 23.99 -9.13
N GLU D 804 81.31 23.60 -10.37
CA GLU D 804 82.22 22.71 -11.09
C GLU D 804 83.26 23.51 -11.88
N PHE D 805 82.88 24.70 -12.37
CA PHE D 805 83.84 25.54 -13.07
C PHE D 805 84.80 26.21 -12.09
N CYS D 806 84.35 26.47 -10.86
CA CYS D 806 85.19 27.14 -9.88
C CYS D 806 86.31 26.22 -9.38
N TYR D 807 86.03 24.93 -9.25
CA TYR D 807 87.03 24.02 -8.71
C TYR D 807 88.11 23.71 -9.74
N LYS D 808 87.73 23.59 -11.01
CA LYS D 808 88.72 23.36 -12.06
C LYS D 808 89.55 24.61 -12.32
N SER D 809 88.98 25.78 -12.05
CA SER D 809 89.74 27.02 -12.19
C SER D 809 90.71 27.20 -11.02
N ARG D 810 90.40 26.58 -9.88
CA ARG D 810 91.37 26.56 -8.79
C ARG D 810 92.47 25.54 -9.04
N ALA D 811 92.11 24.36 -9.51
CA ALA D 811 93.08 23.32 -9.81
C ALA D 811 93.53 23.40 -11.26
#